data_5ISN
#
_entry.id   5ISN
#
_entity_poly.entity_id   1
_entity_poly.type   'polypeptide(L)'
_entity_poly.pdbx_seq_one_letter_code
;MKAPSYHVVRGDIATATEGVIINAANSKGQPGGGVCGALYKKFPESFDLQPIEVGKARLVKGAAKHIIHAVGPNFNKVSE
VEGDKQLAEAYESIAKIVNDNNYKSVAIPLLSTGIFSGNKDRLTQSLNHLLTALDTTDADVAIYCRDKKWEMTLKEAVAR
REHHHHHH
;
_entity_poly.pdbx_strand_id   A
#
# COMPACT_ATOMS: atom_id res chain seq x y z
N ALA A 3 18.22 -0.02 4.27
CA ALA A 3 17.60 1.07 3.50
C ALA A 3 18.12 1.04 2.07
N PRO A 4 17.24 0.98 1.07
CA PRO A 4 17.57 0.79 -0.34
C PRO A 4 17.37 2.09 -1.13
N SER A 5 16.87 2.03 -2.37
CA SER A 5 16.49 3.21 -3.15
C SER A 5 14.96 3.27 -3.21
N TYR A 6 14.43 4.19 -4.02
CA TYR A 6 13.00 4.35 -4.19
C TYR A 6 12.77 4.51 -5.68
N HIS A 7 11.81 3.78 -6.25
CA HIS A 7 11.51 3.83 -7.67
C HIS A 7 10.03 4.13 -7.79
N VAL A 8 9.63 4.95 -8.76
CA VAL A 8 8.23 5.25 -9.00
C VAL A 8 7.85 4.82 -10.42
N VAL A 9 6.68 4.22 -10.58
CA VAL A 9 6.22 3.72 -11.86
C VAL A 9 4.77 4.15 -12.02
N ARG A 10 4.43 4.88 -13.09
CA ARG A 10 3.04 5.25 -13.29
C ARG A 10 2.42 4.07 -14.01
N GLY A 11 1.57 3.34 -13.30
CA GLY A 11 0.91 2.18 -13.80
C GLY A 11 -0.28 1.94 -12.87
N ASP A 12 -0.79 0.72 -12.93
CA ASP A 12 -2.01 0.33 -12.26
C ASP A 12 -1.74 -0.94 -11.44
N ILE A 13 -2.59 -1.19 -10.45
CA ILE A 13 -2.55 -2.39 -9.62
C ILE A 13 -2.71 -3.63 -10.48
N ALA A 14 -3.60 -3.54 -11.46
CA ALA A 14 -3.88 -4.65 -12.36
C ALA A 14 -2.73 -4.91 -13.34
N THR A 15 -1.66 -4.12 -13.26
CA THR A 15 -0.44 -4.32 -14.02
C THR A 15 0.77 -4.35 -13.08
N ALA A 16 0.55 -4.48 -11.77
CA ALA A 16 1.60 -4.42 -10.77
C ALA A 16 2.21 -5.80 -10.60
N THR A 17 2.79 -6.33 -11.67
CA THR A 17 3.36 -7.67 -11.67
C THR A 17 4.73 -7.74 -10.98
N GLU A 18 4.95 -7.02 -9.88
CA GLU A 18 6.24 -6.91 -9.19
C GLU A 18 6.53 -8.14 -8.32
N GLY A 19 5.94 -9.30 -8.66
CA GLY A 19 5.89 -10.42 -7.74
C GLY A 19 4.73 -10.24 -6.77
N VAL A 20 4.62 -9.06 -6.14
CA VAL A 20 3.80 -8.81 -4.99
C VAL A 20 3.14 -7.45 -5.18
N ILE A 21 1.92 -7.33 -4.65
CA ILE A 21 1.06 -6.17 -4.72
C ILE A 21 0.48 -6.00 -3.33
N ILE A 22 0.36 -4.77 -2.83
CA ILE A 22 -0.44 -4.50 -1.64
C ILE A 22 -1.60 -3.65 -2.11
N ASN A 23 -2.80 -3.94 -1.60
CA ASN A 23 -3.99 -3.17 -1.87
C ASN A 23 -4.71 -2.92 -0.55
N ALA A 24 -5.56 -1.91 -0.49
CA ALA A 24 -6.41 -1.74 0.67
C ALA A 24 -7.43 -2.87 0.72
N ALA A 25 -8.01 -3.10 1.89
CA ALA A 25 -9.00 -4.12 2.11
C ALA A 25 -9.90 -3.71 3.27
N ASN A 26 -9.26 -3.28 4.36
CA ASN A 26 -9.97 -2.86 5.56
C ASN A 26 -10.67 -4.07 6.17
N SER A 27 -11.43 -3.86 7.23
CA SER A 27 -12.17 -4.97 7.83
C SER A 27 -13.26 -5.51 6.90
N LYS A 28 -13.53 -4.83 5.78
CA LYS A 28 -14.50 -5.23 4.77
C LYS A 28 -13.88 -6.16 3.72
N GLY A 29 -12.55 -6.23 3.65
CA GLY A 29 -11.87 -7.05 2.67
C GLY A 29 -11.73 -6.38 1.30
N GLN A 30 -12.25 -5.16 1.14
CA GLN A 30 -12.50 -4.56 -0.15
C GLN A 30 -11.65 -3.29 -0.30
N PRO A 31 -10.84 -3.18 -1.36
CA PRO A 31 -10.06 -1.98 -1.61
C PRO A 31 -10.99 -0.82 -1.92
N GLY A 32 -11.05 0.14 -1.00
CA GLY A 32 -11.88 1.32 -1.15
C GLY A 32 -11.47 2.12 -2.39
N GLY A 33 -12.47 2.54 -3.20
CA GLY A 33 -12.26 3.55 -4.23
C GLY A 33 -12.81 3.09 -5.57
N GLY A 34 -12.11 2.16 -6.22
CA GLY A 34 -12.43 1.83 -7.61
C GLY A 34 -11.51 0.77 -8.18
N VAL A 35 -10.27 0.69 -7.69
CA VAL A 35 -9.30 -0.32 -8.14
C VAL A 35 -9.81 -1.74 -7.90
N CYS A 36 -10.77 -1.93 -7.00
CA CYS A 36 -11.49 -3.19 -6.82
C CYS A 36 -11.96 -3.75 -8.16
N GLY A 37 -12.40 -2.89 -9.08
CA GLY A 37 -12.97 -3.28 -10.36
C GLY A 37 -11.88 -3.74 -11.34
N ALA A 38 -10.78 -3.00 -11.42
CA ALA A 38 -9.69 -3.37 -12.33
C ALA A 38 -9.10 -4.69 -11.88
N LEU A 39 -8.80 -4.80 -10.58
CA LEU A 39 -8.21 -5.99 -10.03
C LEU A 39 -9.13 -7.17 -10.25
N TYR A 40 -10.44 -7.01 -10.04
CA TYR A 40 -11.41 -8.04 -10.38
C TYR A 40 -11.38 -8.40 -11.86
N LYS A 41 -11.23 -7.41 -12.74
CA LYS A 41 -11.42 -7.62 -14.16
C LYS A 41 -10.27 -8.45 -14.73
N LYS A 42 -9.10 -8.35 -14.10
CA LYS A 42 -7.90 -9.07 -14.54
C LYS A 42 -7.55 -10.26 -13.63
N PHE A 43 -7.98 -10.20 -12.37
CA PHE A 43 -7.68 -11.17 -11.32
C PHE A 43 -8.90 -11.29 -10.37
N PRO A 44 -10.00 -11.92 -10.77
CA PRO A 44 -11.11 -12.14 -9.86
C PRO A 44 -10.71 -13.06 -8.70
N GLU A 45 -9.57 -13.73 -8.78
CA GLU A 45 -9.08 -14.64 -7.76
C GLU A 45 -8.66 -13.87 -6.51
N SER A 46 -8.19 -12.63 -6.67
CA SER A 46 -7.83 -11.78 -5.52
C SER A 46 -9.05 -11.12 -4.89
N PHE A 47 -10.26 -11.39 -5.37
CA PHE A 47 -11.51 -10.83 -4.88
C PHE A 47 -11.96 -11.70 -3.72
N ASP A 48 -11.10 -11.81 -2.70
CA ASP A 48 -11.33 -12.64 -1.54
C ASP A 48 -12.39 -11.94 -0.70
N LEU A 49 -12.26 -10.61 -0.60
CA LEU A 49 -13.09 -9.68 0.16
C LEU A 49 -13.74 -10.31 1.38
N GLN A 50 -12.89 -11.02 2.13
CA GLN A 50 -13.24 -11.57 3.42
C GLN A 50 -13.23 -10.44 4.45
N PRO A 51 -13.96 -10.60 5.56
CA PRO A 51 -13.75 -9.75 6.72
C PRO A 51 -12.32 -9.97 7.22
N ILE A 52 -11.60 -8.89 7.52
CA ILE A 52 -10.26 -8.94 8.06
C ILE A 52 -10.31 -8.22 9.41
N GLU A 53 -9.30 -8.47 10.23
CA GLU A 53 -9.15 -7.86 11.55
C GLU A 53 -8.89 -6.36 11.40
N VAL A 54 -8.55 -5.66 12.48
CA VAL A 54 -8.38 -4.22 12.43
C VAL A 54 -6.96 -3.88 12.85
N GLY A 55 -6.10 -3.71 11.84
CA GLY A 55 -4.67 -3.45 12.00
C GLY A 55 -3.88 -4.49 11.22
N LYS A 56 -4.45 -5.69 11.08
CA LYS A 56 -3.80 -6.84 10.50
C LYS A 56 -3.91 -6.71 8.98
N ALA A 57 -2.83 -7.01 8.27
CA ALA A 57 -2.89 -7.27 6.85
C ALA A 57 -2.91 -8.79 6.64
N ARG A 58 -3.67 -9.28 5.65
CA ARG A 58 -3.73 -10.68 5.30
C ARG A 58 -3.42 -10.82 3.81
N LEU A 59 -2.51 -11.72 3.43
CA LEU A 59 -2.31 -12.02 2.03
C LEU A 59 -3.50 -12.80 1.50
N VAL A 60 -3.77 -12.70 0.20
CA VAL A 60 -4.84 -13.40 -0.49
C VAL A 60 -4.19 -14.16 -1.65
N LYS A 61 -4.64 -15.38 -1.88
CA LYS A 61 -3.88 -16.35 -2.65
C LYS A 61 -4.59 -16.56 -3.97
N GLY A 62 -4.41 -15.63 -4.92
CA GLY A 62 -5.07 -15.71 -6.18
C GLY A 62 -4.28 -16.64 -7.08
N ALA A 63 -4.98 -17.56 -7.73
CA ALA A 63 -4.38 -18.44 -8.73
C ALA A 63 -3.73 -17.62 -9.85
N ALA A 64 -4.33 -16.48 -10.18
CA ALA A 64 -3.75 -15.53 -11.12
C ALA A 64 -2.44 -14.96 -10.55
N LYS A 65 -2.45 -14.52 -9.30
CA LYS A 65 -1.27 -13.93 -8.65
C LYS A 65 -1.52 -13.87 -7.14
N HIS A 66 -0.44 -13.94 -6.34
CA HIS A 66 -0.53 -13.62 -4.93
C HIS A 66 -0.68 -12.10 -4.78
N ILE A 67 -1.62 -11.66 -3.95
CA ILE A 67 -1.86 -10.25 -3.65
C ILE A 67 -1.80 -10.13 -2.13
N ILE A 68 -1.64 -8.93 -1.60
CA ILE A 68 -1.63 -8.67 -0.16
C ILE A 68 -2.75 -7.68 0.09
N HIS A 69 -3.52 -7.87 1.16
CA HIS A 69 -4.66 -7.03 1.50
C HIS A 69 -4.36 -6.42 2.87
N ALA A 70 -4.50 -5.11 2.99
CA ALA A 70 -4.11 -4.37 4.18
C ALA A 70 -5.31 -3.61 4.73
N VAL A 71 -5.35 -3.41 6.04
CA VAL A 71 -6.38 -2.64 6.67
C VAL A 71 -5.85 -1.23 6.82
N GLY A 72 -6.49 -0.29 6.13
CA GLY A 72 -6.25 1.13 6.29
C GLY A 72 -7.35 1.71 7.17
N PRO A 73 -7.01 2.52 8.18
CA PRO A 73 -7.99 3.16 9.02
C PRO A 73 -8.61 4.34 8.27
N ASN A 74 -9.89 4.64 8.48
CA ASN A 74 -10.46 5.83 7.88
C ASN A 74 -10.22 6.93 8.89
N PHE A 75 -9.18 7.74 8.70
CA PHE A 75 -8.91 8.94 9.51
C PHE A 75 -10.18 9.80 9.59
N ASN A 76 -10.98 9.79 8.51
CA ASN A 76 -12.24 10.51 8.43
C ASN A 76 -13.17 10.22 9.62
N LYS A 77 -13.08 9.01 10.18
CA LYS A 77 -13.84 8.60 11.37
C LYS A 77 -12.96 7.83 12.35
N VAL A 78 -11.67 8.16 12.41
CA VAL A 78 -10.78 7.63 13.43
C VAL A 78 -9.82 8.73 13.88
N SER A 79 -9.54 8.84 15.18
CA SER A 79 -8.72 9.90 15.71
C SER A 79 -7.26 9.65 15.34
N GLU A 80 -6.43 10.70 15.39
CA GLU A 80 -5.00 10.61 15.10
C GLU A 80 -4.33 9.50 15.90
N VAL A 81 -4.80 9.23 17.12
CA VAL A 81 -4.14 8.25 17.97
C VAL A 81 -4.37 6.85 17.41
N GLU A 82 -5.58 6.60 16.90
CA GLU A 82 -5.92 5.28 16.42
C GLU A 82 -5.40 5.10 15.00
N GLY A 83 -5.37 6.16 14.19
CA GLY A 83 -4.86 6.07 12.84
C GLY A 83 -3.35 6.03 12.82
N ASP A 84 -2.66 6.61 13.80
CA ASP A 84 -1.23 6.45 13.91
C ASP A 84 -0.92 4.97 14.12
N LYS A 85 -1.58 4.36 15.11
CA LYS A 85 -1.34 2.96 15.42
C LYS A 85 -1.69 2.12 14.21
N GLN A 86 -2.88 2.29 13.66
CA GLN A 86 -3.37 1.46 12.57
C GLN A 86 -2.48 1.65 11.35
N LEU A 87 -1.96 2.86 11.12
CA LEU A 87 -1.04 3.07 9.99
C LEU A 87 0.23 2.26 10.22
N ALA A 88 0.73 2.24 11.46
CA ALA A 88 1.94 1.51 11.78
C ALA A 88 1.69 0.01 11.88
N GLU A 89 0.46 -0.41 12.16
CA GLU A 89 0.06 -1.81 12.25
C GLU A 89 -0.03 -2.38 10.85
N ALA A 90 -0.54 -1.58 9.91
CA ALA A 90 -0.57 -1.97 8.52
C ALA A 90 0.87 -2.14 8.06
N TYR A 91 1.68 -1.10 8.25
CA TYR A 91 3.07 -1.08 7.90
C TYR A 91 3.89 -2.12 8.67
N GLU A 92 3.49 -2.54 9.87
CA GLU A 92 4.16 -3.64 10.56
C GLU A 92 3.82 -4.94 9.88
N SER A 93 2.56 -5.14 9.54
CA SER A 93 2.16 -6.37 8.87
C SER A 93 2.91 -6.46 7.56
N ILE A 94 3.03 -5.34 6.85
CA ILE A 94 3.68 -5.32 5.54
C ILE A 94 5.16 -5.57 5.74
N ALA A 95 5.79 -4.85 6.67
CA ALA A 95 7.24 -4.83 6.81
C ALA A 95 7.73 -6.19 7.30
N LYS A 96 7.03 -6.75 8.28
CA LYS A 96 7.32 -8.10 8.74
C LYS A 96 7.15 -9.05 7.57
N ILE A 97 6.05 -8.95 6.81
CA ILE A 97 5.81 -9.88 5.70
C ILE A 97 6.92 -9.77 4.65
N VAL A 98 7.46 -8.57 4.44
CA VAL A 98 8.50 -8.34 3.46
C VAL A 98 9.75 -9.11 3.87
N ASN A 99 10.06 -9.10 5.16
CA ASN A 99 11.27 -9.78 5.62
C ASN A 99 11.02 -11.29 5.69
N ASP A 100 9.81 -11.68 6.09
CA ASP A 100 9.42 -13.07 6.27
C ASP A 100 9.52 -13.77 4.92
N ASN A 101 9.06 -13.07 3.89
CA ASN A 101 9.05 -13.61 2.54
C ASN A 101 10.33 -13.29 1.80
N ASN A 102 11.19 -12.48 2.42
CA ASN A 102 12.47 -12.05 1.92
C ASN A 102 12.32 -11.45 0.52
N TYR A 103 11.45 -10.45 0.37
CA TYR A 103 11.38 -9.76 -0.90
C TYR A 103 12.49 -8.73 -1.05
N LYS A 104 12.95 -8.55 -2.30
CA LYS A 104 13.94 -7.56 -2.69
C LYS A 104 13.29 -6.27 -3.14
N SER A 105 12.03 -6.30 -3.56
CA SER A 105 11.40 -5.15 -4.19
C SER A 105 9.92 -5.45 -4.22
N VAL A 106 9.05 -4.46 -3.96
CA VAL A 106 7.64 -4.71 -3.79
C VAL A 106 6.86 -3.52 -4.34
N ALA A 107 5.74 -3.77 -5.04
CA ALA A 107 4.86 -2.69 -5.47
C ALA A 107 3.89 -2.39 -4.32
N ILE A 108 4.07 -1.21 -3.72
CA ILE A 108 3.28 -0.72 -2.61
C ILE A 108 2.68 0.63 -3.03
N PRO A 109 1.35 0.73 -3.15
CA PRO A 109 0.69 1.99 -3.41
C PRO A 109 0.71 2.85 -2.14
N LEU A 110 0.06 4.02 -2.19
CA LEU A 110 0.07 4.99 -1.11
C LEU A 110 -1.37 5.18 -0.66
N LEU A 111 -1.60 5.09 0.64
CA LEU A 111 -2.92 5.05 1.24
C LEU A 111 -3.12 6.32 2.07
N SER A 112 -4.33 6.49 2.61
CA SER A 112 -4.69 7.65 3.43
C SER A 112 -4.57 8.95 2.66
N THR A 113 -5.09 8.97 1.42
CA THR A 113 -4.79 10.01 0.45
C THR A 113 -6.06 10.52 -0.23
N GLY A 114 -7.16 10.56 0.52
CA GLY A 114 -8.42 11.09 0.06
C GLY A 114 -9.56 10.34 0.74
N ILE A 115 -9.63 9.04 0.47
CA ILE A 115 -10.81 8.23 0.75
C ILE A 115 -10.75 7.65 2.17
N PHE A 116 -9.56 7.48 2.75
CA PHE A 116 -9.45 7.03 4.13
C PHE A 116 -9.19 8.23 5.04
N SER A 117 -8.24 9.08 4.65
CA SER A 117 -7.91 10.35 5.30
C SER A 117 -9.15 11.23 5.51
N GLY A 118 -10.06 11.28 4.53
CA GLY A 118 -11.16 12.22 4.56
C GLY A 118 -10.63 13.58 4.11
N ASN A 119 -9.96 14.30 5.02
CA ASN A 119 -9.35 15.57 4.67
C ASN A 119 -8.24 15.91 5.66
N LYS A 120 -6.97 15.79 5.23
CA LYS A 120 -5.75 16.33 5.83
C LYS A 120 -4.54 15.52 5.46
N ASP A 121 -4.44 14.29 5.98
CA ASP A 121 -3.26 13.44 5.85
C ASP A 121 -3.01 13.16 4.37
N ARG A 122 -1.74 13.02 3.94
CA ARG A 122 -1.37 13.07 2.53
C ARG A 122 -0.34 12.02 2.18
N LEU A 123 0.02 11.97 0.90
CA LEU A 123 0.93 10.95 0.42
C LEU A 123 2.33 11.21 0.91
N THR A 124 2.72 12.46 1.04
CA THR A 124 3.96 12.88 1.65
C THR A 124 4.11 12.26 3.03
N GLN A 125 3.02 12.14 3.78
CA GLN A 125 3.10 11.60 5.12
C GLN A 125 3.15 10.09 5.04
N SER A 126 2.25 9.47 4.29
CA SER A 126 2.18 8.02 4.22
C SER A 126 3.48 7.45 3.67
N LEU A 127 4.08 8.19 2.73
CA LEU A 127 5.38 7.96 2.15
C LEU A 127 6.43 8.01 3.23
N ASN A 128 6.38 9.04 4.07
CA ASN A 128 7.38 9.20 5.12
C ASN A 128 7.38 7.97 6.02
N HIS A 129 6.19 7.50 6.37
CA HIS A 129 6.05 6.38 7.27
C HIS A 129 6.37 5.08 6.55
N LEU A 130 6.11 5.03 5.24
CA LEU A 130 6.35 3.84 4.44
C LEU A 130 7.85 3.64 4.29
N LEU A 131 8.58 4.73 4.06
CA LEU A 131 10.02 4.77 4.07
C LEU A 131 10.51 4.37 5.43
N THR A 132 9.88 4.81 6.51
CA THR A 132 10.39 4.49 7.83
C THR A 132 10.33 2.98 8.02
N ALA A 133 9.20 2.38 7.64
CA ALA A 133 9.03 0.95 7.79
C ALA A 133 9.98 0.18 6.87
N LEU A 134 10.17 0.68 5.65
CA LEU A 134 10.99 -0.03 4.67
C LEU A 134 12.46 0.33 4.82
N ASP A 135 12.81 1.33 5.63
CA ASP A 135 14.22 1.65 5.89
C ASP A 135 14.86 0.48 6.63
N THR A 136 14.03 -0.18 7.46
CA THR A 136 14.31 -1.40 8.18
C THR A 136 14.62 -2.60 7.26
N THR A 137 14.63 -2.41 5.93
CA THR A 137 15.11 -3.40 4.99
C THR A 137 16.09 -2.74 4.04
N ASP A 138 16.93 -3.52 3.38
CA ASP A 138 17.79 -3.14 2.28
C ASP A 138 17.29 -3.85 1.02
N ALA A 139 15.98 -3.77 0.81
CA ALA A 139 15.29 -4.35 -0.34
C ALA A 139 15.23 -3.28 -1.44
N ASP A 140 14.03 -2.75 -1.71
CA ASP A 140 13.76 -1.57 -2.53
C ASP A 140 12.25 -1.30 -2.38
N VAL A 141 11.78 -0.12 -2.81
CA VAL A 141 10.38 0.24 -2.69
C VAL A 141 9.90 0.79 -4.02
N ALA A 142 8.85 0.20 -4.60
CA ALA A 142 8.34 0.59 -5.89
C ALA A 142 6.93 1.13 -5.67
N ILE A 143 6.70 2.41 -6.00
CA ILE A 143 5.46 3.09 -5.68
C ILE A 143 4.82 3.46 -7.01
N TYR A 144 3.52 3.25 -7.16
CA TYR A 144 2.80 3.61 -8.38
C TYR A 144 1.70 4.61 -8.03
N CYS A 145 1.33 5.44 -9.00
CA CYS A 145 -0.08 5.77 -9.24
C CYS A 145 -0.25 6.34 -10.65
N ARG A 146 -1.30 5.89 -11.32
CA ARG A 146 -1.77 6.46 -12.59
C ARG A 146 -2.34 7.85 -12.38
N ASP A 147 -1.49 8.86 -12.54
CA ASP A 147 -1.89 10.27 -12.48
C ASP A 147 -0.81 11.19 -13.05
N LYS A 148 0.47 10.84 -12.86
CA LYS A 148 1.66 11.55 -13.35
C LYS A 148 2.13 12.68 -12.44
N LYS A 149 1.24 13.50 -11.86
CA LYS A 149 1.75 14.50 -10.92
C LYS A 149 2.47 13.85 -9.75
N TRP A 150 2.09 12.63 -9.38
CA TRP A 150 2.72 12.03 -8.23
C TRP A 150 4.10 11.53 -8.62
N GLU A 151 4.34 11.11 -9.86
CA GLU A 151 5.69 10.66 -10.21
C GLU A 151 6.61 11.86 -10.24
N MET A 152 6.12 13.03 -10.62
CA MET A 152 6.89 14.26 -10.55
C MET A 152 7.22 14.56 -9.10
N THR A 153 6.22 14.70 -8.24
CA THR A 153 6.45 15.14 -6.87
C THR A 153 7.28 14.14 -6.10
N LEU A 154 6.99 12.85 -6.26
CA LEU A 154 7.74 11.82 -5.60
C LEU A 154 9.16 11.79 -6.15
N LYS A 155 9.38 12.12 -7.42
CA LYS A 155 10.73 12.23 -7.95
C LYS A 155 11.45 13.40 -7.28
N GLU A 156 10.75 14.51 -7.09
CA GLU A 156 11.39 15.73 -6.61
C GLU A 156 11.89 15.50 -5.19
N ALA A 157 11.05 14.86 -4.38
CA ALA A 157 11.34 14.53 -3.01
C ALA A 157 12.37 13.40 -2.94
N VAL A 158 12.30 12.42 -3.84
CA VAL A 158 13.32 11.38 -3.93
C VAL A 158 14.65 12.01 -4.30
N ALA A 159 14.65 13.13 -5.03
CA ALA A 159 15.90 13.80 -5.39
C ALA A 159 16.42 14.57 -4.18
N ARG A 160 15.55 15.33 -3.51
CA ARG A 160 15.91 16.05 -2.31
C ARG A 160 16.26 15.12 -1.15
N ARG A 161 15.90 13.84 -1.25
CA ARG A 161 16.23 12.81 -0.27
C ARG A 161 17.67 12.31 -0.34
N GLU A 162 18.45 12.64 -1.38
CA GLU A 162 19.84 12.20 -1.44
C GLU A 162 20.62 12.68 -0.21
N ALA A 3 17.95 -0.43 4.33
CA ALA A 3 17.50 0.80 3.67
C ALA A 3 17.32 0.54 2.19
N PRO A 4 16.15 0.85 1.63
CA PRO A 4 15.76 0.55 0.26
C PRO A 4 16.04 1.75 -0.66
N SER A 5 15.76 1.59 -1.95
CA SER A 5 15.65 2.70 -2.89
C SER A 5 14.18 2.93 -3.22
N TYR A 6 13.84 4.07 -3.83
CA TYR A 6 12.47 4.45 -4.13
C TYR A 6 12.29 4.47 -5.64
N HIS A 7 11.16 3.98 -6.15
CA HIS A 7 10.83 4.11 -7.55
C HIS A 7 9.33 4.34 -7.65
N VAL A 8 8.87 5.32 -8.43
CA VAL A 8 7.44 5.46 -8.68
C VAL A 8 7.14 5.12 -10.14
N VAL A 9 6.03 4.41 -10.37
CA VAL A 9 5.67 3.86 -11.66
C VAL A 9 4.22 4.22 -11.94
N ARG A 10 3.97 4.77 -13.13
CA ARG A 10 2.65 5.15 -13.55
C ARG A 10 1.98 3.94 -14.21
N GLY A 11 1.18 3.19 -13.46
CA GLY A 11 0.47 2.05 -13.99
C GLY A 11 -0.73 1.78 -13.11
N ASP A 12 -1.25 0.56 -13.20
CA ASP A 12 -2.42 0.08 -12.49
C ASP A 12 -1.96 -1.03 -11.54
N ILE A 13 -2.74 -1.24 -10.48
CA ILE A 13 -2.49 -2.28 -9.47
C ILE A 13 -2.56 -3.66 -10.10
N ALA A 14 -3.52 -3.89 -11.00
CA ALA A 14 -3.64 -5.15 -11.71
C ALA A 14 -2.58 -5.32 -12.80
N THR A 15 -1.66 -4.35 -12.93
CA THR A 15 -0.50 -4.47 -13.80
C THR A 15 0.78 -4.24 -13.00
N ALA A 16 0.70 -4.14 -11.67
CA ALA A 16 1.84 -3.88 -10.81
C ALA A 16 2.50 -5.21 -10.48
N THR A 17 2.97 -5.92 -11.51
CA THR A 17 3.56 -7.25 -11.39
C THR A 17 5.01 -7.17 -10.88
N GLU A 18 5.25 -6.43 -9.80
CA GLU A 18 6.58 -6.14 -9.24
C GLU A 18 6.96 -7.21 -8.24
N GLY A 19 6.72 -8.47 -8.61
CA GLY A 19 6.80 -9.56 -7.67
C GLY A 19 5.53 -9.63 -6.83
N VAL A 20 5.12 -8.50 -6.23
CA VAL A 20 4.17 -8.43 -5.13
C VAL A 20 3.33 -7.18 -5.33
N ILE A 21 2.06 -7.25 -4.92
CA ILE A 21 1.08 -6.18 -5.02
C ILE A 21 0.50 -6.00 -3.63
N ILE A 22 0.37 -4.76 -3.16
CA ILE A 22 -0.39 -4.42 -1.96
C ILE A 22 -1.55 -3.54 -2.42
N ASN A 23 -2.74 -3.83 -1.92
CA ASN A 23 -3.91 -3.00 -2.12
C ASN A 23 -4.63 -2.81 -0.78
N ALA A 24 -5.62 -1.91 -0.69
CA ALA A 24 -6.43 -1.77 0.50
C ALA A 24 -7.55 -2.83 0.51
N ALA A 25 -8.26 -2.93 1.64
CA ALA A 25 -9.41 -3.82 1.82
C ALA A 25 -10.33 -3.24 2.89
N ASN A 26 -9.74 -2.95 4.05
CA ASN A 26 -10.42 -2.47 5.24
C ASN A 26 -11.45 -3.48 5.74
N SER A 27 -12.23 -3.11 6.75
CA SER A 27 -13.31 -3.94 7.29
C SER A 27 -14.33 -4.37 6.25
N LYS A 28 -14.38 -3.66 5.12
CA LYS A 28 -15.36 -3.93 4.08
C LYS A 28 -14.87 -5.05 3.16
N GLY A 29 -13.55 -5.19 2.98
CA GLY A 29 -12.99 -6.12 2.01
C GLY A 29 -12.96 -5.52 0.61
N GLN A 30 -12.96 -4.19 0.48
CA GLN A 30 -12.84 -3.56 -0.83
C GLN A 30 -11.76 -2.47 -0.80
N PRO A 31 -10.85 -2.47 -1.78
CA PRO A 31 -9.83 -1.44 -1.88
C PRO A 31 -10.48 -0.10 -2.17
N GLY A 32 -10.27 0.87 -1.29
CA GLY A 32 -10.73 2.24 -1.49
C GLY A 32 -10.26 2.75 -2.85
N GLY A 33 -11.20 3.03 -3.75
CA GLY A 33 -10.91 3.35 -5.14
C GLY A 33 -11.81 2.56 -6.08
N GLY A 34 -12.28 1.38 -5.65
CA GLY A 34 -13.10 0.50 -6.48
C GLY A 34 -12.24 -0.46 -7.29
N VAL A 35 -10.97 -0.60 -6.94
CA VAL A 35 -10.01 -1.40 -7.68
C VAL A 35 -10.37 -2.89 -7.66
N CYS A 36 -11.25 -3.33 -6.75
CA CYS A 36 -11.84 -4.64 -6.80
C CYS A 36 -12.31 -5.01 -8.20
N GLY A 37 -12.90 -4.04 -8.90
CA GLY A 37 -13.36 -4.22 -10.28
C GLY A 37 -12.22 -4.60 -11.22
N ALA A 38 -11.18 -3.77 -11.30
CA ALA A 38 -10.06 -4.04 -12.21
C ALA A 38 -9.36 -5.34 -11.85
N LEU A 39 -9.15 -5.55 -10.55
CA LEU A 39 -8.49 -6.73 -10.04
C LEU A 39 -9.26 -7.97 -10.42
N TYR A 40 -10.58 -7.95 -10.34
CA TYR A 40 -11.46 -9.00 -10.84
C TYR A 40 -11.35 -9.14 -12.36
N LYS A 41 -11.19 -8.03 -13.07
CA LYS A 41 -11.23 -8.00 -14.53
C LYS A 41 -9.96 -8.61 -15.11
N LYS A 42 -8.89 -8.61 -14.32
CA LYS A 42 -7.60 -9.14 -14.73
C LYS A 42 -7.35 -10.50 -14.09
N PHE A 43 -7.76 -10.68 -12.84
CA PHE A 43 -7.51 -11.86 -12.02
C PHE A 43 -8.40 -11.89 -10.77
N PRO A 44 -9.62 -12.43 -10.88
CA PRO A 44 -10.52 -12.55 -9.75
C PRO A 44 -10.03 -13.60 -8.74
N GLU A 45 -8.92 -14.27 -9.00
CA GLU A 45 -8.32 -15.26 -8.13
C GLU A 45 -7.87 -14.63 -6.82
N SER A 46 -7.83 -13.30 -6.76
CA SER A 46 -7.50 -12.55 -5.56
C SER A 46 -8.65 -12.56 -4.54
N PHE A 47 -9.89 -12.41 -5.02
CA PHE A 47 -11.13 -12.40 -4.21
C PHE A 47 -10.98 -11.82 -2.80
N ASP A 48 -10.46 -10.59 -2.71
CA ASP A 48 -10.28 -9.80 -1.50
C ASP A 48 -11.59 -9.33 -0.88
N LEU A 49 -12.73 -9.58 -1.54
CA LEU A 49 -14.05 -9.26 -1.00
C LEU A 49 -14.40 -10.01 0.29
N GLN A 50 -13.46 -10.74 0.90
CA GLN A 50 -13.61 -11.24 2.26
C GLN A 50 -13.36 -10.11 3.26
N PRO A 51 -14.00 -10.13 4.44
CA PRO A 51 -13.79 -9.12 5.45
C PRO A 51 -12.38 -9.27 6.05
N ILE A 52 -11.75 -8.16 6.45
CA ILE A 52 -10.44 -8.14 7.07
C ILE A 52 -10.55 -7.36 8.38
N GLU A 53 -9.67 -7.66 9.33
CA GLU A 53 -9.64 -7.04 10.64
C GLU A 53 -8.98 -5.66 10.55
N VAL A 54 -8.87 -4.93 11.66
CA VAL A 54 -8.46 -3.54 11.67
C VAL A 54 -7.18 -3.45 12.49
N GLY A 55 -6.04 -3.40 11.80
CA GLY A 55 -4.72 -3.44 12.41
C GLY A 55 -3.93 -4.64 11.91
N LYS A 56 -4.50 -5.44 11.01
CA LYS A 56 -3.81 -6.57 10.44
C LYS A 56 -4.04 -6.56 8.93
N ALA A 57 -3.00 -6.86 8.16
CA ALA A 57 -3.12 -7.08 6.74
C ALA A 57 -3.25 -8.60 6.53
N ARG A 58 -3.94 -9.01 5.47
CA ARG A 58 -4.08 -10.42 5.13
C ARG A 58 -3.76 -10.56 3.65
N LEU A 59 -2.79 -11.40 3.31
CA LEU A 59 -2.54 -11.70 1.92
C LEU A 59 -3.62 -12.62 1.38
N VAL A 60 -3.89 -12.55 0.08
CA VAL A 60 -4.88 -13.36 -0.59
C VAL A 60 -4.12 -14.13 -1.68
N LYS A 61 -4.00 -15.46 -1.51
CA LYS A 61 -3.36 -16.26 -2.53
C LYS A 61 -4.36 -16.40 -3.67
N GLY A 62 -3.90 -16.22 -4.90
CA GLY A 62 -4.69 -16.47 -6.09
C GLY A 62 -3.83 -17.25 -7.06
N ALA A 63 -4.44 -18.15 -7.83
CA ALA A 63 -3.72 -18.98 -8.79
C ALA A 63 -2.98 -18.15 -9.83
N ALA A 64 -3.54 -16.98 -10.18
CA ALA A 64 -2.90 -16.06 -11.10
C ALA A 64 -1.60 -15.53 -10.49
N LYS A 65 -1.65 -14.98 -9.27
CA LYS A 65 -0.48 -14.51 -8.55
C LYS A 65 -0.85 -14.33 -7.07
N HIS A 66 0.14 -14.36 -6.18
CA HIS A 66 -0.05 -14.00 -4.79
C HIS A 66 -0.23 -12.49 -4.67
N ILE A 67 -1.28 -12.05 -3.98
CA ILE A 67 -1.60 -10.64 -3.79
C ILE A 67 -1.62 -10.38 -2.29
N ILE A 68 -1.44 -9.13 -1.87
CA ILE A 68 -1.41 -8.74 -0.47
C ILE A 68 -2.46 -7.66 -0.32
N HIS A 69 -3.25 -7.71 0.76
CA HIS A 69 -4.23 -6.67 1.02
C HIS A 69 -4.12 -6.24 2.48
N ALA A 70 -4.42 -4.98 2.74
CA ALA A 70 -4.24 -4.36 4.05
C ALA A 70 -5.39 -3.43 4.37
N VAL A 71 -5.42 -2.95 5.61
CA VAL A 71 -6.42 -2.05 6.11
C VAL A 71 -5.66 -0.76 6.44
N GLY A 72 -6.09 0.35 5.85
CA GLY A 72 -5.50 1.65 6.09
C GLY A 72 -6.26 2.33 7.22
N PRO A 73 -5.64 3.26 7.93
CA PRO A 73 -6.29 4.03 8.96
C PRO A 73 -7.26 5.02 8.33
N ASN A 74 -8.51 5.06 8.80
CA ASN A 74 -9.44 6.05 8.31
C ASN A 74 -9.41 7.17 9.33
N PHE A 75 -8.50 8.14 9.22
CA PHE A 75 -8.54 9.30 10.11
C PHE A 75 -9.90 10.01 10.06
N ASN A 76 -10.66 9.84 8.97
CA ASN A 76 -12.01 10.39 8.89
C ASN A 76 -12.93 9.84 9.98
N LYS A 77 -12.69 8.60 10.45
CA LYS A 77 -13.48 7.98 11.50
C LYS A 77 -12.58 7.34 12.56
N VAL A 78 -11.37 7.86 12.72
CA VAL A 78 -10.44 7.35 13.72
C VAL A 78 -9.54 8.51 14.17
N SER A 79 -9.27 8.63 15.47
CA SER A 79 -8.48 9.73 15.97
C SER A 79 -7.03 9.53 15.57
N GLU A 80 -6.25 10.60 15.54
CA GLU A 80 -4.84 10.57 15.15
C GLU A 80 -4.05 9.55 15.97
N VAL A 81 -4.47 9.28 17.20
CA VAL A 81 -3.82 8.30 18.07
C VAL A 81 -4.03 6.91 17.47
N GLU A 82 -5.27 6.57 17.16
CA GLU A 82 -5.60 5.23 16.70
C GLU A 82 -5.07 5.05 15.28
N GLY A 83 -5.05 6.12 14.50
CA GLY A 83 -4.57 6.06 13.13
C GLY A 83 -3.06 6.05 13.07
N ASP A 84 -2.35 6.58 14.07
CA ASP A 84 -0.92 6.40 14.17
C ASP A 84 -0.62 4.92 14.36
N LYS A 85 -1.28 4.29 15.34
CA LYS A 85 -1.05 2.88 15.59
C LYS A 85 -1.44 2.08 14.37
N GLN A 86 -2.62 2.30 13.82
CA GLN A 86 -3.15 1.54 12.70
C GLN A 86 -2.26 1.74 11.48
N LEU A 87 -1.71 2.94 11.29
CA LEU A 87 -0.78 3.16 10.18
C LEU A 87 0.45 2.29 10.38
N ALA A 88 0.98 2.24 11.61
CA ALA A 88 2.16 1.47 11.90
C ALA A 88 1.85 -0.02 11.93
N GLU A 89 0.61 -0.42 12.20
CA GLU A 89 0.16 -1.80 12.28
C GLU A 89 -0.01 -2.33 10.86
N ALA A 90 -0.45 -1.48 9.93
CA ALA A 90 -0.46 -1.80 8.52
C ALA A 90 0.99 -1.99 8.06
N TYR A 91 1.81 -0.98 8.28
CA TYR A 91 3.21 -0.98 7.90
C TYR A 91 4.01 -2.07 8.61
N GLU A 92 3.60 -2.53 9.79
CA GLU A 92 4.22 -3.66 10.47
C GLU A 92 3.80 -4.95 9.82
N SER A 93 2.54 -5.05 9.40
CA SER A 93 2.11 -6.24 8.70
C SER A 93 2.90 -6.33 7.39
N ILE A 94 3.06 -5.21 6.69
CA ILE A 94 3.72 -5.22 5.40
C ILE A 94 5.21 -5.50 5.60
N ALA A 95 5.83 -4.82 6.55
CA ALA A 95 7.27 -4.85 6.74
C ALA A 95 7.68 -6.23 7.23
N LYS A 96 6.94 -6.79 8.18
CA LYS A 96 7.18 -8.15 8.60
C LYS A 96 6.94 -9.09 7.43
N ILE A 97 5.88 -8.91 6.63
CA ILE A 97 5.62 -9.79 5.48
C ILE A 97 6.79 -9.75 4.50
N VAL A 98 7.43 -8.60 4.34
CA VAL A 98 8.55 -8.41 3.43
C VAL A 98 9.70 -9.30 3.86
N ASN A 99 9.90 -9.46 5.16
CA ASN A 99 10.98 -10.32 5.63
C ASN A 99 10.51 -11.78 5.65
N ASP A 100 9.25 -12.01 5.97
CA ASP A 100 8.66 -13.35 6.14
C ASP A 100 8.72 -14.09 4.82
N ASN A 101 8.55 -13.33 3.74
CA ASN A 101 8.58 -13.84 2.37
C ASN A 101 9.89 -13.49 1.67
N ASN A 102 10.75 -12.75 2.35
CA ASN A 102 12.08 -12.31 1.91
C ASN A 102 12.05 -11.54 0.60
N TYR A 103 11.05 -10.69 0.43
CA TYR A 103 10.91 -9.86 -0.75
C TYR A 103 11.94 -8.75 -0.78
N LYS A 104 12.63 -8.60 -1.92
CA LYS A 104 13.64 -7.58 -2.12
C LYS A 104 13.12 -6.41 -2.96
N SER A 105 12.01 -6.59 -3.68
CA SER A 105 11.31 -5.53 -4.39
C SER A 105 9.82 -5.78 -4.20
N VAL A 106 9.02 -4.71 -4.08
CA VAL A 106 7.59 -4.79 -3.77
C VAL A 106 6.90 -3.53 -4.30
N ALA A 107 5.73 -3.70 -4.94
CA ALA A 107 4.89 -2.57 -5.29
C ALA A 107 3.93 -2.27 -4.15
N ILE A 108 4.13 -1.12 -3.50
CA ILE A 108 3.36 -0.64 -2.37
C ILE A 108 2.88 0.78 -2.70
N PRO A 109 1.61 0.97 -3.05
CA PRO A 109 1.08 2.28 -3.38
C PRO A 109 0.92 3.13 -2.12
N LEU A 110 0.61 4.42 -2.29
CA LEU A 110 0.41 5.35 -1.20
C LEU A 110 -1.09 5.53 -1.01
N LEU A 111 -1.53 5.42 0.23
CA LEU A 111 -2.91 5.48 0.64
C LEU A 111 -3.00 6.25 1.96
N SER A 112 -4.18 6.22 2.59
CA SER A 112 -4.54 6.96 3.79
C SER A 112 -4.41 8.48 3.62
N THR A 113 -5.00 9.03 2.56
CA THR A 113 -4.82 10.43 2.18
C THR A 113 -6.12 11.20 1.98
N GLY A 114 -7.27 10.52 1.99
CA GLY A 114 -8.55 11.16 1.75
C GLY A 114 -9.65 10.11 1.72
N ILE A 115 -9.47 9.10 0.87
CA ILE A 115 -10.36 7.94 0.83
C ILE A 115 -10.55 7.31 2.22
N PHE A 116 -9.53 7.36 3.07
CA PHE A 116 -9.58 6.89 4.45
C PHE A 116 -9.43 8.07 5.40
N SER A 117 -8.42 8.91 5.18
CA SER A 117 -8.07 10.02 6.07
C SER A 117 -9.16 11.10 6.13
N GLY A 118 -10.03 11.17 5.14
CA GLY A 118 -11.04 12.22 5.05
C GLY A 118 -10.39 13.45 4.44
N ASN A 119 -9.75 14.28 5.27
CA ASN A 119 -9.23 15.57 4.83
C ASN A 119 -8.01 15.98 5.66
N LYS A 120 -7.03 15.09 5.79
CA LYS A 120 -5.72 15.38 6.38
C LYS A 120 -4.77 14.25 6.00
N ASP A 121 -3.58 14.18 6.59
CA ASP A 121 -2.51 13.20 6.34
C ASP A 121 -2.20 13.07 4.84
N ARG A 122 -1.26 13.84 4.32
CA ARG A 122 -0.99 13.77 2.88
C ARG A 122 -0.12 12.55 2.57
N LEU A 123 0.10 12.32 1.27
CA LEU A 123 0.87 11.19 0.82
C LEU A 123 2.33 11.37 1.19
N THR A 124 2.80 12.59 1.32
CA THR A 124 4.12 12.92 1.83
C THR A 124 4.33 12.39 3.25
N GLN A 125 3.26 12.30 4.04
CA GLN A 125 3.36 11.80 5.39
C GLN A 125 3.27 10.28 5.35
N SER A 126 2.31 9.71 4.62
CA SER A 126 2.16 8.26 4.58
C SER A 126 3.43 7.63 4.02
N LEU A 127 4.02 8.27 3.01
CA LEU A 127 5.32 7.97 2.41
C LEU A 127 6.40 8.00 3.45
N ASN A 128 6.43 9.05 4.25
CA ASN A 128 7.47 9.19 5.26
C ASN A 128 7.44 7.99 6.19
N HIS A 129 6.23 7.55 6.57
CA HIS A 129 6.09 6.40 7.45
C HIS A 129 6.41 5.10 6.72
N LEU A 130 6.13 5.04 5.42
CA LEU A 130 6.37 3.87 4.58
C LEU A 130 7.87 3.60 4.48
N LEU A 131 8.62 4.67 4.24
CA LEU A 131 10.08 4.72 4.25
C LEU A 131 10.58 4.41 5.65
N THR A 132 9.90 4.84 6.71
CA THR A 132 10.43 4.55 8.03
C THR A 132 10.35 3.06 8.27
N ALA A 133 9.24 2.42 7.90
CA ALA A 133 9.11 0.99 8.13
C ALA A 133 10.03 0.21 7.19
N LEU A 134 10.13 0.67 5.94
CA LEU A 134 10.90 -0.04 4.94
C LEU A 134 12.38 0.31 5.01
N ASP A 135 12.79 1.31 5.79
CA ASP A 135 14.22 1.57 5.98
C ASP A 135 14.87 0.35 6.63
N THR A 136 14.10 -0.26 7.54
CA THR A 136 14.41 -1.48 8.25
C THR A 136 14.67 -2.66 7.30
N THR A 137 14.44 -2.52 5.99
CA THR A 137 14.82 -3.52 5.01
C THR A 137 15.60 -2.86 3.87
N ASP A 138 16.61 -3.55 3.37
CA ASP A 138 17.31 -3.31 2.11
C ASP A 138 16.54 -3.99 0.98
N ALA A 139 15.26 -3.66 0.85
CA ALA A 139 14.45 -4.08 -0.27
C ALA A 139 14.35 -2.88 -1.22
N ASP A 140 13.13 -2.48 -1.55
CA ASP A 140 12.81 -1.37 -2.43
C ASP A 140 11.43 -0.88 -1.99
N VAL A 141 11.01 0.29 -2.46
CA VAL A 141 9.65 0.78 -2.29
C VAL A 141 9.16 1.25 -3.65
N ALA A 142 8.35 0.42 -4.32
CA ALA A 142 7.91 0.74 -5.67
C ALA A 142 6.47 1.25 -5.59
N ILE A 143 6.28 2.57 -5.64
CA ILE A 143 4.95 3.13 -5.51
C ILE A 143 4.35 3.14 -6.90
N TYR A 144 3.08 2.75 -7.02
CA TYR A 144 2.35 2.64 -8.26
C TYR A 144 1.13 3.54 -8.13
N CYS A 145 0.99 4.52 -9.01
CA CYS A 145 -0.21 5.35 -9.01
C CYS A 145 -0.42 6.00 -10.37
N ARG A 146 -1.66 5.93 -10.85
CA ARG A 146 -2.09 6.44 -12.13
C ARG A 146 -2.56 7.87 -11.98
N ASP A 147 -1.77 8.83 -12.47
CA ASP A 147 -2.08 10.26 -12.41
C ASP A 147 -1.05 11.01 -13.25
N LYS A 148 0.23 10.68 -13.03
CA LYS A 148 1.44 11.22 -13.65
C LYS A 148 2.06 12.28 -12.75
N LYS A 149 1.31 13.29 -12.31
CA LYS A 149 1.85 14.28 -11.39
C LYS A 149 2.38 13.61 -10.12
N TRP A 150 1.86 12.45 -9.74
CA TRP A 150 2.29 11.82 -8.50
C TRP A 150 3.67 11.25 -8.70
N GLU A 151 3.94 10.68 -9.87
CA GLU A 151 5.29 10.16 -10.09
C GLU A 151 6.26 11.33 -10.14
N MET A 152 5.81 12.45 -10.69
CA MET A 152 6.63 13.65 -10.84
C MET A 152 7.03 14.14 -9.47
N THR A 153 6.06 14.38 -8.60
CA THR A 153 6.29 14.94 -7.28
C THR A 153 7.10 14.00 -6.44
N LEU A 154 6.78 12.71 -6.45
CA LEU A 154 7.58 11.76 -5.69
C LEU A 154 9.00 11.73 -6.23
N LYS A 155 9.20 11.88 -7.53
CA LYS A 155 10.55 11.90 -8.08
C LYS A 155 11.26 13.19 -7.67
N GLU A 156 10.52 14.28 -7.50
CA GLU A 156 11.08 15.58 -7.14
C GLU A 156 11.60 15.47 -5.71
N ALA A 157 10.80 14.89 -4.82
CA ALA A 157 11.13 14.76 -3.42
C ALA A 157 12.22 13.71 -3.23
N VAL A 158 12.17 12.63 -4.00
CA VAL A 158 13.23 11.62 -3.98
C VAL A 158 14.51 12.24 -4.55
N ALA A 159 14.40 13.24 -5.44
CA ALA A 159 15.59 13.87 -5.99
C ALA A 159 16.21 14.76 -4.93
N ARG A 160 15.40 15.62 -4.32
CA ARG A 160 15.85 16.56 -3.30
C ARG A 160 16.22 15.86 -2.00
N ARG A 161 15.78 14.62 -1.80
CA ARG A 161 16.25 13.79 -0.69
C ARG A 161 17.74 13.49 -0.82
N GLU A 162 18.25 13.41 -2.06
CA GLU A 162 19.55 12.83 -2.40
C GLU A 162 19.81 11.54 -1.62
N ALA A 3 17.49 0.26 3.87
CA ALA A 3 16.58 1.28 3.35
C ALA A 3 16.26 0.96 1.90
N PRO A 4 14.98 0.81 1.55
CA PRO A 4 14.56 0.41 0.23
C PRO A 4 14.69 1.60 -0.71
N SER A 5 15.12 1.39 -1.96
CA SER A 5 15.05 2.48 -2.92
C SER A 5 13.59 2.73 -3.27
N TYR A 6 13.33 3.80 -4.02
CA TYR A 6 12.03 4.04 -4.61
C TYR A 6 12.12 3.88 -6.11
N HIS A 7 10.99 3.54 -6.68
CA HIS A 7 10.77 3.47 -8.12
C HIS A 7 9.33 3.88 -8.36
N VAL A 8 9.09 4.90 -9.17
CA VAL A 8 7.73 5.26 -9.53
C VAL A 8 7.43 4.79 -10.95
N VAL A 9 6.22 4.30 -11.20
CA VAL A 9 5.84 3.80 -12.50
C VAL A 9 4.45 4.33 -12.85
N ARG A 10 4.30 4.88 -14.05
CA ARG A 10 3.01 5.34 -14.54
C ARG A 10 2.28 4.13 -15.09
N GLY A 11 1.40 3.54 -14.29
CA GLY A 11 0.52 2.51 -14.76
C GLY A 11 -0.61 2.37 -13.75
N ASP A 12 -1.21 1.20 -13.76
CA ASP A 12 -2.31 0.82 -12.92
C ASP A 12 -1.84 -0.31 -12.01
N ILE A 13 -2.61 -0.57 -10.96
CA ILE A 13 -2.32 -1.64 -10.01
C ILE A 13 -2.40 -2.99 -10.72
N ALA A 14 -3.31 -3.11 -11.69
CA ALA A 14 -3.46 -4.33 -12.48
C ALA A 14 -2.27 -4.57 -13.42
N THR A 15 -1.36 -3.60 -13.55
CA THR A 15 -0.14 -3.75 -14.33
C THR A 15 1.09 -3.70 -13.42
N ALA A 16 0.90 -3.70 -12.10
CA ALA A 16 1.97 -3.65 -11.12
C ALA A 16 2.44 -5.08 -10.86
N THR A 17 2.95 -5.74 -11.90
CA THR A 17 3.27 -7.16 -11.86
C THR A 17 4.64 -7.42 -11.21
N GLU A 18 4.94 -6.77 -10.09
CA GLU A 18 6.19 -6.89 -9.33
C GLU A 18 6.23 -8.17 -8.48
N GLY A 19 5.63 -9.25 -8.93
CA GLY A 19 5.56 -10.48 -8.16
C GLY A 19 4.42 -10.43 -7.15
N VAL A 20 4.26 -9.28 -6.48
CA VAL A 20 3.32 -9.07 -5.40
C VAL A 20 2.75 -7.66 -5.56
N ILE A 21 1.52 -7.47 -5.08
CA ILE A 21 0.76 -6.25 -5.16
C ILE A 21 0.08 -6.08 -3.80
N ILE A 22 -0.10 -4.86 -3.31
CA ILE A 22 -0.77 -4.61 -2.05
C ILE A 22 -1.98 -3.72 -2.36
N ASN A 23 -3.16 -4.18 -1.94
CA ASN A 23 -4.41 -3.45 -2.04
C ASN A 23 -4.91 -3.14 -0.63
N ALA A 24 -5.73 -2.10 -0.52
CA ALA A 24 -6.47 -1.88 0.70
C ALA A 24 -7.52 -2.98 0.88
N ALA A 25 -8.05 -3.08 2.09
CA ALA A 25 -9.07 -4.07 2.46
C ALA A 25 -9.90 -3.53 3.61
N ASN A 26 -9.22 -3.06 4.65
CA ASN A 26 -9.82 -2.61 5.90
C ASN A 26 -10.67 -3.69 6.54
N SER A 27 -11.32 -3.35 7.65
CA SER A 27 -12.27 -4.24 8.31
C SER A 27 -13.42 -4.63 7.38
N LYS A 28 -13.66 -3.82 6.34
CA LYS A 28 -14.73 -4.07 5.38
C LYS A 28 -14.39 -5.24 4.47
N GLY A 29 -13.10 -5.51 4.26
CA GLY A 29 -12.63 -6.52 3.33
C GLY A 29 -12.51 -5.98 1.90
N GLN A 30 -12.72 -4.68 1.70
CA GLN A 30 -12.79 -4.08 0.38
C GLN A 30 -11.85 -2.88 0.33
N PRO A 31 -10.96 -2.81 -0.67
CA PRO A 31 -10.20 -1.61 -0.93
C PRO A 31 -11.15 -0.48 -1.29
N GLY A 32 -11.14 0.61 -0.53
CA GLY A 32 -12.00 1.74 -0.81
C GLY A 32 -11.62 2.37 -2.16
N GLY A 33 -12.45 2.16 -3.19
CA GLY A 33 -12.23 2.72 -4.51
C GLY A 33 -12.69 1.72 -5.57
N GLY A 34 -12.41 2.01 -6.84
CA GLY A 34 -12.74 1.10 -7.94
C GLY A 34 -11.56 0.20 -8.30
N VAL A 35 -10.46 0.24 -7.54
CA VAL A 35 -9.28 -0.57 -7.84
C VAL A 35 -9.58 -2.05 -7.71
N CYS A 36 -10.49 -2.44 -6.82
CA CYS A 36 -10.91 -3.82 -6.71
C CYS A 36 -11.51 -4.32 -8.02
N GLY A 37 -12.03 -3.42 -8.86
CA GLY A 37 -12.71 -3.78 -10.10
C GLY A 37 -11.71 -4.11 -11.20
N ALA A 38 -10.67 -3.29 -11.36
CA ALA A 38 -9.62 -3.59 -12.33
C ALA A 38 -8.90 -4.86 -11.91
N LEU A 39 -8.53 -4.91 -10.63
CA LEU A 39 -7.85 -6.08 -10.10
C LEU A 39 -8.73 -7.32 -10.21
N TYR A 40 -10.05 -7.20 -10.08
CA TYR A 40 -10.97 -8.29 -10.33
C TYR A 40 -10.97 -8.70 -11.80
N LYS A 41 -10.88 -7.75 -12.72
CA LYS A 41 -11.08 -8.05 -14.13
C LYS A 41 -9.89 -8.81 -14.67
N LYS A 42 -8.71 -8.56 -14.12
CA LYS A 42 -7.49 -9.25 -14.54
C LYS A 42 -7.09 -10.36 -13.58
N PHE A 43 -7.40 -10.19 -12.30
CA PHE A 43 -7.02 -11.10 -11.22
C PHE A 43 -8.24 -11.37 -10.34
N PRO A 44 -9.28 -12.03 -10.87
CA PRO A 44 -10.48 -12.30 -10.11
C PRO A 44 -10.21 -13.20 -8.89
N GLU A 45 -9.06 -13.86 -8.87
CA GLU A 45 -8.65 -14.76 -7.80
C GLU A 45 -8.28 -13.97 -6.54
N SER A 46 -7.85 -12.71 -6.69
CA SER A 46 -7.55 -11.86 -5.55
C SER A 46 -8.81 -11.23 -4.97
N PHE A 47 -9.98 -11.46 -5.58
CA PHE A 47 -11.26 -10.93 -5.16
C PHE A 47 -11.84 -11.83 -4.07
N ASP A 48 -11.00 -12.12 -3.06
CA ASP A 48 -11.35 -12.83 -1.85
C ASP A 48 -12.22 -11.90 -1.02
N LEU A 49 -11.77 -10.64 -0.93
CA LEU A 49 -12.42 -9.54 -0.21
C LEU A 49 -13.05 -9.99 1.10
N GLN A 50 -12.30 -10.80 1.84
CA GLN A 50 -12.74 -11.29 3.13
C GLN A 50 -12.64 -10.16 4.16
N PRO A 51 -13.40 -10.23 5.26
CA PRO A 51 -13.21 -9.32 6.39
C PRO A 51 -11.83 -9.57 7.01
N ILE A 52 -11.22 -8.52 7.55
CA ILE A 52 -9.91 -8.54 8.17
C ILE A 52 -10.03 -7.83 9.52
N GLU A 53 -9.12 -8.10 10.45
CA GLU A 53 -9.07 -7.36 11.68
C GLU A 53 -8.49 -5.95 11.48
N VAL A 54 -8.83 -5.07 12.41
CA VAL A 54 -8.36 -3.70 12.45
C VAL A 54 -6.91 -3.70 12.92
N GLY A 55 -6.02 -3.63 11.95
CA GLY A 55 -4.58 -3.47 12.16
C GLY A 55 -3.81 -4.65 11.58
N LYS A 56 -4.49 -5.71 11.15
CA LYS A 56 -3.79 -6.91 10.71
C LYS A 56 -3.96 -6.97 9.20
N ALA A 57 -2.90 -7.35 8.49
CA ALA A 57 -2.99 -7.59 7.05
C ALA A 57 -3.07 -9.09 6.80
N ARG A 58 -3.76 -9.51 5.73
CA ARG A 58 -3.75 -10.91 5.31
C ARG A 58 -3.38 -10.97 3.84
N LEU A 59 -2.42 -11.82 3.48
CA LEU A 59 -2.08 -12.10 2.10
C LEU A 59 -3.16 -12.98 1.47
N VAL A 60 -3.54 -12.69 0.23
CA VAL A 60 -4.50 -13.46 -0.54
C VAL A 60 -3.75 -14.04 -1.73
N LYS A 61 -3.28 -15.27 -1.59
CA LYS A 61 -2.63 -15.98 -2.69
C LYS A 61 -3.70 -16.51 -3.63
N GLY A 62 -3.82 -15.93 -4.83
CA GLY A 62 -4.74 -16.35 -5.84
C GLY A 62 -3.95 -16.85 -7.05
N ALA A 63 -4.58 -17.68 -7.88
CA ALA A 63 -3.92 -18.33 -9.00
C ALA A 63 -3.36 -17.32 -10.00
N ALA A 64 -4.07 -16.21 -10.21
CA ALA A 64 -3.64 -15.17 -11.12
C ALA A 64 -2.33 -14.55 -10.63
N LYS A 65 -2.30 -14.11 -9.37
CA LYS A 65 -1.08 -13.63 -8.72
C LYS A 65 -1.33 -13.59 -7.22
N HIS A 66 -0.26 -13.47 -6.43
CA HIS A 66 -0.38 -13.26 -4.99
C HIS A 66 -0.53 -11.77 -4.73
N ILE A 67 -1.46 -11.41 -3.83
CA ILE A 67 -1.76 -10.04 -3.45
C ILE A 67 -1.73 -10.00 -1.93
N ILE A 68 -1.66 -8.80 -1.34
CA ILE A 68 -1.66 -8.59 0.09
C ILE A 68 -2.81 -7.63 0.38
N HIS A 69 -3.53 -7.83 1.48
CA HIS A 69 -4.69 -7.01 1.82
C HIS A 69 -4.43 -6.34 3.16
N ALA A 70 -4.41 -5.00 3.19
CA ALA A 70 -4.02 -4.21 4.33
C ALA A 70 -5.20 -3.41 4.89
N VAL A 71 -5.16 -3.05 6.17
CA VAL A 71 -6.20 -2.31 6.83
C VAL A 71 -5.63 -0.96 7.22
N GLY A 72 -5.92 0.08 6.43
CA GLY A 72 -5.41 1.41 6.68
C GLY A 72 -6.46 2.19 7.47
N PRO A 73 -6.08 2.88 8.55
CA PRO A 73 -7.03 3.57 9.39
C PRO A 73 -7.67 4.73 8.67
N ASN A 74 -8.88 5.10 9.11
CA ASN A 74 -9.66 6.14 8.50
C ASN A 74 -9.67 7.31 9.46
N PHE A 75 -8.68 8.20 9.36
CA PHE A 75 -8.67 9.44 10.15
C PHE A 75 -9.98 10.21 9.98
N ASN A 76 -10.67 10.01 8.86
CA ASN A 76 -12.00 10.57 8.64
C ASN A 76 -12.97 10.26 9.80
N LYS A 77 -12.89 9.06 10.39
CA LYS A 77 -13.70 8.70 11.54
C LYS A 77 -12.84 8.05 12.63
N VAL A 78 -11.57 8.43 12.73
CA VAL A 78 -10.70 7.90 13.79
C VAL A 78 -9.68 8.99 14.19
N SER A 79 -9.27 9.03 15.46
CA SER A 79 -8.36 10.05 15.92
C SER A 79 -6.94 9.75 15.44
N GLU A 80 -6.09 10.77 15.33
CA GLU A 80 -4.69 10.64 14.96
C GLU A 80 -3.96 9.64 15.86
N VAL A 81 -4.40 9.48 17.11
CA VAL A 81 -3.73 8.56 18.02
C VAL A 81 -3.98 7.13 17.54
N GLU A 82 -5.23 6.83 17.21
CA GLU A 82 -5.60 5.48 16.82
C GLU A 82 -5.13 5.22 15.40
N GLY A 83 -5.06 6.25 14.57
CA GLY A 83 -4.63 6.12 13.20
C GLY A 83 -3.12 6.06 13.08
N ASP A 84 -2.38 6.65 14.02
CA ASP A 84 -0.93 6.42 14.07
C ASP A 84 -0.71 4.95 14.32
N LYS A 85 -1.32 4.42 15.38
CA LYS A 85 -1.04 3.05 15.76
C LYS A 85 -1.55 2.09 14.70
N GLN A 86 -2.75 2.31 14.17
CA GLN A 86 -3.31 1.44 13.15
C GLN A 86 -2.50 1.57 11.86
N LEU A 87 -2.00 2.76 11.52
CA LEU A 87 -1.22 2.91 10.30
C LEU A 87 0.07 2.12 10.47
N ALA A 88 0.65 2.12 11.67
CA ALA A 88 1.86 1.39 11.93
C ALA A 88 1.57 -0.10 12.07
N GLU A 89 0.37 -0.49 12.50
CA GLU A 89 -0.02 -1.89 12.59
C GLU A 89 -0.11 -2.46 11.19
N ALA A 90 -0.71 -1.71 10.27
CA ALA A 90 -0.84 -2.13 8.88
C ALA A 90 0.55 -2.31 8.30
N TYR A 91 1.37 -1.27 8.44
CA TYR A 91 2.73 -1.22 7.96
C TYR A 91 3.62 -2.22 8.68
N GLU A 92 3.31 -2.63 9.91
CA GLU A 92 4.06 -3.67 10.60
C GLU A 92 3.71 -5.01 10.00
N SER A 93 2.42 -5.31 9.78
CA SER A 93 2.07 -6.58 9.16
C SER A 93 2.70 -6.65 7.78
N ILE A 94 2.75 -5.54 7.04
CA ILE A 94 3.31 -5.56 5.70
C ILE A 94 4.83 -5.69 5.81
N ALA A 95 5.46 -4.99 6.75
CA ALA A 95 6.91 -4.95 6.91
C ALA A 95 7.43 -6.34 7.24
N LYS A 96 6.88 -6.92 8.29
CA LYS A 96 7.24 -8.25 8.74
C LYS A 96 6.96 -9.24 7.62
N ILE A 97 5.87 -9.09 6.87
CA ILE A 97 5.61 -9.98 5.74
C ILE A 97 6.65 -9.79 4.64
N VAL A 98 7.12 -8.57 4.42
CA VAL A 98 8.10 -8.25 3.40
C VAL A 98 9.42 -8.92 3.75
N ASN A 99 9.75 -8.94 5.04
CA ASN A 99 11.03 -9.46 5.51
C ASN A 99 10.95 -10.98 5.57
N ASP A 100 9.77 -11.50 5.92
CA ASP A 100 9.48 -12.92 6.02
C ASP A 100 9.64 -13.53 4.64
N ASN A 101 9.09 -12.85 3.63
CA ASN A 101 9.21 -13.31 2.26
C ASN A 101 10.55 -12.90 1.66
N ASN A 102 11.31 -12.03 2.35
CA ASN A 102 12.59 -11.53 1.86
C ASN A 102 12.42 -10.94 0.46
N TYR A 103 11.41 -10.09 0.30
CA TYR A 103 11.20 -9.43 -0.97
C TYR A 103 12.34 -8.48 -1.27
N LYS A 104 12.78 -8.51 -2.53
CA LYS A 104 13.84 -7.68 -3.04
C LYS A 104 13.24 -6.33 -3.38
N SER A 105 12.03 -6.32 -3.94
CA SER A 105 11.37 -5.12 -4.43
C SER A 105 9.90 -5.46 -4.67
N VAL A 106 8.94 -4.61 -4.29
CA VAL A 106 7.52 -4.87 -4.53
C VAL A 106 6.81 -3.57 -4.91
N ALA A 107 5.71 -3.70 -5.66
CA ALA A 107 4.88 -2.56 -5.97
C ALA A 107 3.89 -2.35 -4.83
N ILE A 108 4.12 -1.30 -4.03
CA ILE A 108 3.31 -0.94 -2.89
C ILE A 108 2.83 0.50 -3.13
N PRO A 109 1.52 0.68 -3.39
CA PRO A 109 0.96 1.99 -3.67
C PRO A 109 0.83 2.80 -2.37
N LEU A 110 0.09 3.89 -2.41
CA LEU A 110 -0.05 4.80 -1.27
C LEU A 110 -1.45 4.57 -0.72
N LEU A 111 -1.53 4.22 0.57
CA LEU A 111 -2.78 3.90 1.23
C LEU A 111 -3.00 4.93 2.33
N SER A 112 -4.18 4.91 2.96
CA SER A 112 -4.56 5.87 4.00
C SER A 112 -4.19 7.30 3.61
N THR A 113 -4.79 7.80 2.53
CA THR A 113 -4.66 9.14 2.04
C THR A 113 -5.98 9.39 1.31
N GLY A 114 -6.80 10.33 1.78
CA GLY A 114 -8.11 10.58 1.21
C GLY A 114 -9.11 9.45 1.51
N ILE A 115 -8.98 8.32 0.81
CA ILE A 115 -9.84 7.14 0.89
C ILE A 115 -10.19 6.76 2.33
N PHE A 116 -9.22 6.83 3.26
CA PHE A 116 -9.44 6.55 4.66
C PHE A 116 -9.14 7.79 5.49
N SER A 117 -7.99 8.43 5.30
CA SER A 117 -7.63 9.62 6.07
C SER A 117 -8.63 10.78 5.93
N GLY A 118 -9.51 10.75 4.94
CA GLY A 118 -10.54 11.74 4.75
C GLY A 118 -10.01 12.90 3.93
N ASN A 119 -9.29 13.81 4.58
CA ASN A 119 -8.79 15.02 3.94
C ASN A 119 -7.63 15.57 4.76
N LYS A 120 -6.97 16.64 4.30
CA LYS A 120 -5.77 17.26 4.88
C LYS A 120 -4.55 16.36 4.74
N ASP A 121 -4.54 15.26 5.49
CA ASP A 121 -3.49 14.27 5.46
C ASP A 121 -3.30 13.76 4.02
N ARG A 122 -2.05 13.55 3.59
CA ARG A 122 -1.76 13.24 2.19
C ARG A 122 -0.75 12.11 2.10
N LEU A 123 -0.34 11.80 0.87
CA LEU A 123 0.57 10.72 0.60
C LEU A 123 1.94 11.03 1.17
N THR A 124 2.35 12.28 1.17
CA THR A 124 3.57 12.72 1.80
C THR A 124 3.63 12.28 3.27
N GLN A 125 2.48 12.17 3.93
CA GLN A 125 2.48 11.68 5.29
C GLN A 125 2.55 10.16 5.28
N SER A 126 1.63 9.50 4.58
CA SER A 126 1.51 8.05 4.68
C SER A 126 2.75 7.36 4.11
N LEU A 127 3.40 7.99 3.12
CA LEU A 127 4.64 7.55 2.51
C LEU A 127 5.75 7.67 3.50
N ASN A 128 5.70 8.70 4.34
CA ASN A 128 6.70 8.87 5.39
C ASN A 128 6.64 7.69 6.34
N HIS A 129 5.43 7.30 6.74
CA HIS A 129 5.26 6.20 7.68
C HIS A 129 5.58 4.87 7.00
N LEU A 130 5.29 4.77 5.71
CA LEU A 130 5.51 3.58 4.90
C LEU A 130 6.99 3.33 4.81
N LEU A 131 7.75 4.36 4.46
CA LEU A 131 9.17 4.27 4.27
C LEU A 131 9.84 4.16 5.62
N THR A 132 9.19 4.62 6.70
CA THR A 132 9.74 4.39 8.03
C THR A 132 9.68 2.89 8.33
N ALA A 133 8.51 2.28 8.13
CA ALA A 133 8.38 0.87 8.46
C ALA A 133 9.24 0.01 7.54
N LEU A 134 9.32 0.40 6.26
CA LEU A 134 10.05 -0.33 5.25
C LEU A 134 11.53 0.05 5.27
N ASP A 135 11.94 1.10 5.99
CA ASP A 135 13.36 1.44 6.14
C ASP A 135 14.06 0.37 6.96
N THR A 136 13.28 -0.32 7.80
CA THR A 136 13.72 -1.47 8.55
C THR A 136 14.22 -2.60 7.62
N THR A 137 14.01 -2.50 6.30
CA THR A 137 14.61 -3.41 5.34
C THR A 137 15.39 -2.62 4.26
N ASP A 138 16.31 -3.31 3.61
CA ASP A 138 17.02 -2.92 2.41
C ASP A 138 16.42 -3.72 1.26
N ALA A 139 15.11 -3.52 1.04
CA ALA A 139 14.39 -4.11 -0.06
C ALA A 139 14.27 -3.01 -1.13
N ASP A 140 13.05 -2.70 -1.55
CA ASP A 140 12.78 -1.70 -2.57
C ASP A 140 11.27 -1.52 -2.64
N VAL A 141 10.81 -0.33 -3.02
CA VAL A 141 9.42 0.06 -2.95
C VAL A 141 9.05 0.71 -4.28
N ALA A 142 7.94 0.28 -4.89
CA ALA A 142 7.56 0.79 -6.19
C ALA A 142 6.12 1.31 -6.16
N ILE A 143 5.92 2.61 -6.41
CA ILE A 143 4.60 3.19 -6.47
C ILE A 143 4.16 3.12 -7.93
N TYR A 144 3.00 2.54 -8.19
CA TYR A 144 2.35 2.46 -9.49
C TYR A 144 1.13 3.37 -9.47
N CYS A 145 1.19 4.52 -10.12
CA CYS A 145 0.06 5.43 -10.29
C CYS A 145 0.27 6.23 -11.56
N ARG A 146 -0.63 6.15 -12.53
CA ARG A 146 -0.58 7.09 -13.64
C ARG A 146 -1.04 8.47 -13.17
N ASP A 147 -0.27 9.51 -13.49
CA ASP A 147 -0.71 10.91 -13.44
C ASP A 147 0.39 11.85 -13.97
N LYS A 148 1.66 11.44 -13.84
CA LYS A 148 2.84 12.16 -14.31
C LYS A 148 3.25 13.27 -13.36
N LYS A 149 2.33 14.16 -12.95
CA LYS A 149 2.61 15.07 -11.85
C LYS A 149 3.08 14.30 -10.62
N TRP A 150 2.53 13.11 -10.38
CA TRP A 150 2.92 12.34 -9.21
C TRP A 150 4.33 11.80 -9.40
N GLU A 151 4.70 11.48 -10.64
CA GLU A 151 6.04 10.97 -10.90
C GLU A 151 7.06 12.08 -10.65
N MET A 152 6.70 13.31 -11.01
CA MET A 152 7.56 14.46 -10.78
C MET A 152 7.75 14.63 -9.28
N THR A 153 6.66 14.82 -8.56
CA THR A 153 6.70 15.18 -7.15
C THR A 153 7.32 14.08 -6.32
N LEU A 154 6.96 12.82 -6.61
CA LEU A 154 7.55 11.70 -5.92
C LEU A 154 9.04 11.67 -6.23
N LYS A 155 9.48 12.00 -7.44
CA LYS A 155 10.92 12.02 -7.69
C LYS A 155 11.58 13.15 -6.92
N GLU A 156 10.90 14.27 -6.71
CA GLU A 156 11.43 15.42 -6.01
C GLU A 156 11.68 15.04 -4.56
N ALA A 157 10.70 14.40 -3.94
CA ALA A 157 10.75 13.99 -2.55
C ALA A 157 11.69 12.82 -2.35
N VAL A 158 11.76 11.91 -3.34
CA VAL A 158 12.72 10.83 -3.34
C VAL A 158 14.12 11.44 -3.48
N ALA A 159 14.25 12.57 -4.17
CA ALA A 159 15.56 13.17 -4.37
C ALA A 159 16.01 13.79 -3.05
N ARG A 160 15.13 14.58 -2.43
CA ARG A 160 15.41 15.20 -1.14
C ARG A 160 15.60 14.18 -0.04
N ARG A 161 15.03 12.98 -0.17
CA ARG A 161 15.27 11.94 0.81
C ARG A 161 16.71 11.45 0.82
N GLU A 162 17.43 11.59 -0.30
CA GLU A 162 18.77 11.03 -0.50
C GLU A 162 18.82 9.56 -0.04
N ALA A 3 18.94 -0.22 2.64
CA ALA A 3 17.83 0.75 2.63
C ALA A 3 17.10 0.61 1.30
N PRO A 4 15.80 0.83 1.27
CA PRO A 4 15.00 0.69 0.05
C PRO A 4 15.32 1.85 -0.88
N SER A 5 15.69 1.58 -2.14
CA SER A 5 15.71 2.65 -3.12
C SER A 5 14.27 2.99 -3.49
N TYR A 6 14.02 4.15 -4.08
CA TYR A 6 12.67 4.64 -4.28
C TYR A 6 12.44 4.80 -5.77
N HIS A 7 11.38 4.19 -6.29
CA HIS A 7 11.09 4.20 -7.72
C HIS A 7 9.58 4.36 -7.86
N VAL A 8 9.11 5.25 -8.72
CA VAL A 8 7.68 5.43 -9.00
C VAL A 8 7.43 5.08 -10.46
N VAL A 9 6.29 4.46 -10.75
CA VAL A 9 5.99 3.95 -12.08
C VAL A 9 4.54 4.27 -12.43
N ARG A 10 4.30 4.71 -13.66
CA ARG A 10 2.96 4.91 -14.21
C ARG A 10 2.47 3.57 -14.75
N GLY A 11 1.58 2.93 -14.00
CA GLY A 11 0.95 1.71 -14.44
C GLY A 11 -0.42 1.60 -13.79
N ASP A 12 -0.87 0.36 -13.65
CA ASP A 12 -2.14 -0.02 -13.03
C ASP A 12 -1.84 -1.19 -12.11
N ILE A 13 -2.65 -1.41 -11.08
CA ILE A 13 -2.42 -2.49 -10.13
C ILE A 13 -2.51 -3.84 -10.83
N ALA A 14 -3.41 -3.93 -11.81
CA ALA A 14 -3.59 -5.16 -12.57
C ALA A 14 -2.33 -5.52 -13.37
N THR A 15 -1.49 -4.52 -13.65
CA THR A 15 -0.28 -4.66 -14.46
C THR A 15 0.98 -4.50 -13.61
N ALA A 16 0.82 -4.30 -12.30
CA ALA A 16 1.90 -4.17 -11.35
C ALA A 16 2.29 -5.57 -10.93
N THR A 17 2.84 -6.31 -11.88
CA THR A 17 3.30 -7.67 -11.65
C THR A 17 4.67 -7.65 -11.00
N GLU A 18 4.82 -6.98 -9.86
CA GLU A 18 6.10 -6.84 -9.16
C GLU A 18 6.40 -8.08 -8.31
N GLY A 19 5.69 -9.18 -8.53
CA GLY A 19 5.73 -10.33 -7.65
C GLY A 19 4.82 -10.15 -6.43
N VAL A 20 4.76 -8.93 -5.89
CA VAL A 20 4.08 -8.64 -4.63
C VAL A 20 3.42 -7.28 -4.76
N ILE A 21 2.14 -7.21 -4.38
CA ILE A 21 1.33 -6.00 -4.39
C ILE A 21 0.54 -5.95 -3.10
N ILE A 22 0.34 -4.74 -2.56
CA ILE A 22 -0.51 -4.54 -1.39
C ILE A 22 -1.67 -3.67 -1.85
N ASN A 23 -2.88 -4.02 -1.44
CA ASN A 23 -4.07 -3.22 -1.64
C ASN A 23 -4.73 -3.02 -0.28
N ALA A 24 -5.55 -1.98 -0.17
CA ALA A 24 -6.40 -1.82 1.00
C ALA A 24 -7.41 -2.97 1.03
N ALA A 25 -8.00 -3.17 2.20
CA ALA A 25 -8.90 -4.27 2.47
C ALA A 25 -9.94 -3.85 3.50
N ASN A 26 -9.52 -3.19 4.58
CA ASN A 26 -10.37 -2.90 5.72
C ASN A 26 -10.89 -4.21 6.33
N SER A 27 -11.77 -4.13 7.31
CA SER A 27 -12.44 -5.33 7.81
C SER A 27 -13.38 -5.96 6.78
N LYS A 28 -13.68 -5.28 5.67
CA LYS A 28 -14.48 -5.85 4.60
C LYS A 28 -13.63 -6.68 3.63
N GLY A 29 -12.31 -6.68 3.79
CA GLY A 29 -11.45 -7.43 2.90
C GLY A 29 -11.33 -6.84 1.50
N GLN A 30 -11.92 -5.67 1.25
CA GLN A 30 -12.01 -5.04 -0.07
C GLN A 30 -11.38 -3.65 0.01
N PRO A 31 -10.55 -3.27 -0.97
CA PRO A 31 -10.02 -1.92 -1.03
C PRO A 31 -11.10 -0.88 -1.21
N GLY A 32 -10.86 0.31 -0.67
CA GLY A 32 -11.68 1.48 -0.92
C GLY A 32 -11.89 1.69 -2.42
N GLY A 33 -13.01 2.34 -2.78
CA GLY A 33 -13.36 2.59 -4.17
C GLY A 33 -12.20 3.26 -4.90
N GLY A 34 -11.81 2.70 -6.04
CA GLY A 34 -10.60 3.07 -6.73
C GLY A 34 -10.04 1.82 -7.38
N VAL A 35 -8.91 1.32 -6.90
CA VAL A 35 -8.26 0.18 -7.51
C VAL A 35 -9.09 -1.10 -7.43
N CYS A 36 -10.07 -1.18 -6.51
CA CYS A 36 -11.04 -2.27 -6.52
C CYS A 36 -11.61 -2.50 -7.92
N GLY A 37 -11.87 -1.42 -8.66
CA GLY A 37 -12.51 -1.51 -9.96
C GLY A 37 -11.58 -2.13 -10.99
N ALA A 38 -10.36 -1.60 -11.14
CA ALA A 38 -9.43 -2.08 -12.15
C ALA A 38 -9.02 -3.51 -11.85
N LEU A 39 -8.67 -3.78 -10.59
CA LEU A 39 -8.24 -5.10 -10.19
C LEU A 39 -9.34 -6.11 -10.42
N TYR A 40 -10.59 -5.79 -10.07
CA TYR A 40 -11.74 -6.64 -10.37
C TYR A 40 -11.91 -6.81 -11.88
N LYS A 41 -11.66 -5.75 -12.67
CA LYS A 41 -11.97 -5.73 -14.09
C LYS A 41 -11.00 -6.62 -14.84
N LYS A 42 -9.79 -6.77 -14.32
CA LYS A 42 -8.80 -7.62 -14.95
C LYS A 42 -8.92 -9.03 -14.36
N PHE A 43 -9.12 -9.14 -13.04
CA PHE A 43 -9.16 -10.40 -12.33
C PHE A 43 -9.70 -10.24 -10.89
N PRO A 44 -10.99 -10.49 -10.65
CA PRO A 44 -11.53 -10.45 -9.30
C PRO A 44 -11.18 -11.71 -8.50
N GLU A 45 -10.42 -12.64 -9.08
CA GLU A 45 -9.98 -13.84 -8.40
C GLU A 45 -8.92 -13.53 -7.34
N SER A 46 -8.40 -12.30 -7.29
CA SER A 46 -7.59 -11.89 -6.16
C SER A 46 -8.39 -11.04 -5.18
N PHE A 47 -9.71 -11.26 -5.07
CA PHE A 47 -10.53 -10.65 -4.05
C PHE A 47 -11.26 -11.76 -3.30
N ASP A 48 -10.59 -12.22 -2.24
CA ASP A 48 -11.10 -13.09 -1.18
C ASP A 48 -12.19 -12.34 -0.43
N LEU A 49 -12.00 -11.02 -0.26
CA LEU A 49 -12.84 -10.07 0.50
C LEU A 49 -13.47 -10.72 1.73
N GLN A 50 -12.61 -11.44 2.44
CA GLN A 50 -12.91 -12.04 3.72
C GLN A 50 -12.84 -10.97 4.82
N PRO A 51 -13.45 -11.25 5.98
CA PRO A 51 -13.32 -10.37 7.13
C PRO A 51 -11.86 -10.37 7.61
N ILE A 52 -11.27 -9.20 7.86
CA ILE A 52 -9.94 -9.07 8.42
C ILE A 52 -10.04 -8.23 9.68
N GLU A 53 -9.10 -8.45 10.59
CA GLU A 53 -8.97 -7.69 11.81
C GLU A 53 -8.54 -6.26 11.49
N VAL A 54 -8.67 -5.38 12.48
CA VAL A 54 -8.36 -3.98 12.35
C VAL A 54 -6.91 -3.80 12.79
N GLY A 55 -6.04 -3.68 11.79
CA GLY A 55 -4.60 -3.46 11.94
C GLY A 55 -3.83 -4.56 11.21
N LYS A 56 -4.40 -5.76 11.17
CA LYS A 56 -3.70 -6.93 10.66
C LYS A 56 -3.84 -6.95 9.14
N ALA A 57 -2.76 -7.31 8.48
CA ALA A 57 -2.80 -7.60 7.04
C ALA A 57 -2.93 -9.11 6.86
N ARG A 58 -3.62 -9.54 5.79
CA ARG A 58 -3.71 -10.93 5.37
C ARG A 58 -3.34 -10.98 3.89
N LEU A 59 -2.43 -11.86 3.47
CA LEU A 59 -2.22 -12.10 2.07
C LEU A 59 -3.37 -12.93 1.49
N VAL A 60 -3.66 -12.77 0.20
CA VAL A 60 -4.70 -13.50 -0.48
C VAL A 60 -4.04 -14.24 -1.64
N LYS A 61 -4.47 -15.48 -1.89
CA LYS A 61 -3.85 -16.30 -2.91
C LYS A 61 -4.72 -16.15 -4.15
N GLY A 62 -4.21 -15.50 -5.18
CA GLY A 62 -4.90 -15.35 -6.44
C GLY A 62 -4.29 -16.36 -7.38
N ALA A 63 -5.12 -17.13 -8.06
CA ALA A 63 -4.62 -18.13 -9.02
C ALA A 63 -3.81 -17.45 -10.12
N ALA A 64 -4.18 -16.23 -10.48
CA ALA A 64 -3.42 -15.43 -11.43
C ALA A 64 -2.05 -15.05 -10.88
N LYS A 65 -2.00 -14.49 -9.66
CA LYS A 65 -0.80 -14.04 -9.00
C LYS A 65 -1.08 -13.78 -7.52
N HIS A 66 -0.03 -13.63 -6.70
CA HIS A 66 -0.14 -13.38 -5.28
C HIS A 66 -0.54 -11.92 -5.04
N ILE A 67 -1.42 -11.66 -4.06
CA ILE A 67 -1.78 -10.30 -3.66
C ILE A 67 -1.70 -10.24 -2.15
N ILE A 68 -1.52 -9.04 -1.59
CA ILE A 68 -1.44 -8.82 -0.16
C ILE A 68 -2.53 -7.80 0.17
N HIS A 69 -3.24 -7.98 1.29
CA HIS A 69 -4.37 -7.13 1.65
C HIS A 69 -4.13 -6.59 3.05
N ALA A 70 -4.39 -5.30 3.24
CA ALA A 70 -4.03 -4.58 4.45
C ALA A 70 -5.19 -3.71 4.91
N VAL A 71 -5.31 -3.51 6.22
CA VAL A 71 -6.32 -2.68 6.80
C VAL A 71 -5.64 -1.39 7.22
N GLY A 72 -6.04 -0.28 6.59
CA GLY A 72 -5.54 1.03 6.92
C GLY A 72 -6.58 1.76 7.77
N PRO A 73 -6.16 2.78 8.53
CA PRO A 73 -7.06 3.56 9.34
C PRO A 73 -7.77 4.63 8.53
N ASN A 74 -8.99 4.95 8.96
CA ASN A 74 -9.84 5.93 8.33
C ASN A 74 -9.95 7.08 9.31
N PHE A 75 -9.06 8.08 9.27
CA PHE A 75 -9.19 9.26 10.13
C PHE A 75 -10.56 9.94 9.92
N ASN A 76 -11.14 9.80 8.73
CA ASN A 76 -12.47 10.31 8.43
C ASN A 76 -13.55 9.70 9.35
N LYS A 77 -13.24 8.57 9.99
CA LYS A 77 -14.12 7.86 10.91
C LYS A 77 -13.35 7.39 12.15
N VAL A 78 -12.16 7.91 12.44
CA VAL A 78 -11.34 7.40 13.54
C VAL A 78 -10.41 8.49 14.06
N SER A 79 -10.00 8.44 15.33
CA SER A 79 -9.13 9.47 15.88
C SER A 79 -7.69 9.17 15.49
N GLU A 80 -6.85 10.19 15.41
CA GLU A 80 -5.45 10.04 15.04
C GLU A 80 -4.70 9.11 16.00
N VAL A 81 -5.19 8.97 17.23
CA VAL A 81 -4.57 8.09 18.21
C VAL A 81 -4.69 6.64 17.76
N GLU A 82 -5.85 6.30 17.19
CA GLU A 82 -6.11 4.97 16.68
C GLU A 82 -5.45 4.83 15.32
N GLY A 83 -5.46 5.88 14.50
CA GLY A 83 -4.85 5.80 13.18
C GLY A 83 -3.33 5.77 13.24
N ASP A 84 -2.73 6.27 14.30
CA ASP A 84 -1.31 6.15 14.56
C ASP A 84 -0.98 4.67 14.74
N LYS A 85 -1.67 4.02 15.67
CA LYS A 85 -1.40 2.61 15.91
C LYS A 85 -1.75 1.80 14.69
N GLN A 86 -2.89 2.03 14.06
CA GLN A 86 -3.33 1.24 12.92
C GLN A 86 -2.39 1.46 11.75
N LEU A 87 -1.89 2.67 11.55
CA LEU A 87 -1.00 2.89 10.42
C LEU A 87 0.28 2.10 10.67
N ALA A 88 0.73 2.05 11.93
CA ALA A 88 1.91 1.28 12.28
C ALA A 88 1.62 -0.22 12.29
N GLU A 89 0.39 -0.65 12.56
CA GLU A 89 -0.01 -2.06 12.59
C GLU A 89 -0.01 -2.60 11.17
N ALA A 90 -0.48 -1.77 10.22
CA ALA A 90 -0.49 -2.13 8.82
C ALA A 90 0.96 -2.27 8.38
N TYR A 91 1.75 -1.22 8.60
CA TYR A 91 3.16 -1.17 8.26
C TYR A 91 3.98 -2.21 8.98
N GLU A 92 3.61 -2.64 10.19
CA GLU A 92 4.30 -3.70 10.88
C GLU A 92 3.95 -5.01 10.22
N SER A 93 2.68 -5.23 9.89
CA SER A 93 2.28 -6.47 9.25
C SER A 93 2.95 -6.56 7.88
N ILE A 94 3.12 -5.45 7.16
CA ILE A 94 3.76 -5.46 5.86
C ILE A 94 5.25 -5.69 6.08
N ALA A 95 5.85 -5.02 7.05
CA ALA A 95 7.29 -5.03 7.31
C ALA A 95 7.73 -6.45 7.64
N LYS A 96 7.07 -7.03 8.64
CA LYS A 96 7.33 -8.39 9.07
C LYS A 96 7.06 -9.35 7.91
N ILE A 97 6.04 -9.11 7.08
CA ILE A 97 5.82 -9.96 5.91
C ILE A 97 6.97 -9.84 4.91
N VAL A 98 7.55 -8.65 4.74
CA VAL A 98 8.62 -8.40 3.80
C VAL A 98 9.86 -9.17 4.24
N ASN A 99 10.10 -9.23 5.55
CA ASN A 99 11.28 -9.93 6.05
C ASN A 99 11.02 -11.43 6.03
N ASP A 100 9.80 -11.82 6.36
CA ASP A 100 9.37 -13.21 6.44
C ASP A 100 9.54 -13.86 5.07
N ASN A 101 9.18 -13.12 4.02
CA ASN A 101 9.32 -13.59 2.66
C ASN A 101 10.69 -13.23 2.06
N ASN A 102 11.51 -12.46 2.78
CA ASN A 102 12.80 -11.97 2.33
C ASN A 102 12.72 -11.27 0.98
N TYR A 103 11.70 -10.43 0.81
CA TYR A 103 11.53 -9.65 -0.40
C TYR A 103 12.53 -8.51 -0.47
N LYS A 104 12.90 -8.16 -1.70
CA LYS A 104 13.89 -7.14 -1.99
C LYS A 104 13.32 -6.05 -2.90
N SER A 105 12.11 -6.24 -3.39
CA SER A 105 11.42 -5.24 -4.19
C SER A 105 9.93 -5.55 -4.10
N VAL A 106 9.09 -4.56 -3.81
CA VAL A 106 7.64 -4.76 -3.70
C VAL A 106 6.96 -3.51 -4.23
N ALA A 107 5.87 -3.67 -4.99
CA ALA A 107 5.09 -2.51 -5.37
C ALA A 107 4.03 -2.24 -4.30
N ILE A 108 4.12 -1.07 -3.65
CA ILE A 108 3.28 -0.64 -2.57
C ILE A 108 2.70 0.74 -2.94
N PRO A 109 1.39 0.83 -3.21
CA PRO A 109 0.75 2.10 -3.56
C PRO A 109 0.55 2.97 -2.31
N LEU A 110 0.04 4.20 -2.51
CA LEU A 110 -0.08 5.19 -1.45
C LEU A 110 -1.47 5.11 -0.83
N LEU A 111 -1.51 4.67 0.42
CA LEU A 111 -2.77 4.49 1.15
C LEU A 111 -3.10 5.71 2.01
N SER A 112 -4.37 5.76 2.43
CA SER A 112 -4.97 6.82 3.24
C SER A 112 -5.05 8.15 2.48
N THR A 113 -5.39 8.07 1.20
CA THR A 113 -5.27 9.14 0.23
C THR A 113 -6.65 9.64 -0.20
N GLY A 114 -7.17 10.65 0.50
CA GLY A 114 -8.44 11.28 0.14
C GLY A 114 -9.61 10.30 0.10
N ILE A 115 -9.56 9.24 0.91
CA ILE A 115 -10.58 8.20 0.95
C ILE A 115 -10.79 7.74 2.39
N PHE A 116 -9.71 7.37 3.07
CA PHE A 116 -9.75 6.87 4.43
C PHE A 116 -9.54 8.04 5.39
N SER A 117 -8.49 8.84 5.17
CA SER A 117 -8.15 9.90 6.10
C SER A 117 -9.18 11.03 6.10
N GLY A 118 -9.85 11.29 4.97
CA GLY A 118 -10.77 12.42 4.88
C GLY A 118 -10.01 13.74 4.85
N ASN A 119 -8.96 13.84 4.03
CA ASN A 119 -8.22 15.07 3.84
C ASN A 119 -7.53 15.07 2.48
N LYS A 120 -6.99 16.21 2.05
CA LYS A 120 -6.27 16.30 0.79
C LYS A 120 -4.90 15.64 0.92
N ASP A 121 -3.93 16.35 1.51
CA ASP A 121 -2.63 15.73 1.74
C ASP A 121 -2.80 14.69 2.83
N ARG A 122 -1.81 13.81 2.94
CA ARG A 122 -1.72 12.61 3.76
C ARG A 122 -0.68 11.69 3.18
N LEU A 123 -0.53 11.70 1.87
CA LEU A 123 0.34 10.76 1.19
C LEU A 123 1.77 11.06 1.52
N THR A 124 2.14 12.32 1.61
CA THR A 124 3.44 12.79 2.00
C THR A 124 3.81 12.26 3.38
N GLN A 125 2.82 12.01 4.23
CA GLN A 125 3.07 11.47 5.55
C GLN A 125 3.11 9.95 5.47
N SER A 126 2.14 9.30 4.80
CA SER A 126 2.10 7.86 4.73
C SER A 126 3.37 7.32 4.11
N LEU A 127 3.81 7.98 3.06
CA LEU A 127 5.05 7.74 2.35
C LEU A 127 6.20 7.84 3.32
N ASN A 128 6.27 8.92 4.07
CA ASN A 128 7.35 9.15 5.00
C ASN A 128 7.45 7.97 5.97
N HIS A 129 6.30 7.51 6.46
CA HIS A 129 6.26 6.45 7.44
C HIS A 129 6.54 5.11 6.78
N LEU A 130 6.19 4.97 5.50
CA LEU A 130 6.39 3.74 4.74
C LEU A 130 7.87 3.54 4.51
N LEU A 131 8.59 4.60 4.17
CA LEU A 131 10.03 4.58 4.03
C LEU A 131 10.66 4.34 5.38
N THR A 132 10.07 4.85 6.46
CA THR A 132 10.69 4.66 7.77
C THR A 132 10.61 3.18 8.12
N ALA A 133 9.47 2.55 7.90
CA ALA A 133 9.32 1.15 8.23
C ALA A 133 10.13 0.29 7.28
N LEU A 134 10.16 0.65 6.00
CA LEU A 134 10.88 -0.13 5.00
C LEU A 134 12.38 0.11 5.11
N ASP A 135 12.84 1.17 5.79
CA ASP A 135 14.27 1.35 6.02
C ASP A 135 14.80 0.26 6.94
N THR A 136 13.92 -0.45 7.65
CA THR A 136 14.30 -1.61 8.43
C THR A 136 14.83 -2.75 7.54
N THR A 137 14.72 -2.66 6.22
CA THR A 137 15.26 -3.63 5.29
C THR A 137 16.07 -2.93 4.19
N ASP A 138 16.84 -3.71 3.44
CA ASP A 138 17.47 -3.28 2.21
C ASP A 138 16.76 -3.94 1.05
N ALA A 139 15.45 -3.66 0.96
CA ALA A 139 14.65 -4.05 -0.18
C ALA A 139 14.60 -2.86 -1.12
N ASP A 140 13.39 -2.41 -1.46
CA ASP A 140 13.12 -1.34 -2.39
C ASP A 140 11.66 -0.97 -2.20
N VAL A 141 11.24 0.18 -2.72
CA VAL A 141 9.85 0.62 -2.64
C VAL A 141 9.43 1.08 -4.02
N ALA A 142 8.45 0.37 -4.62
CA ALA A 142 7.99 0.70 -5.96
C ALA A 142 6.57 1.24 -5.84
N ILE A 143 6.37 2.52 -6.11
CA ILE A 143 5.04 3.10 -6.10
C ILE A 143 4.51 2.94 -7.52
N TYR A 144 3.20 2.65 -7.65
CA TYR A 144 2.52 2.51 -8.92
C TYR A 144 1.31 3.43 -8.87
N CYS A 145 1.25 4.41 -9.76
CA CYS A 145 0.06 5.24 -9.91
C CYS A 145 0.08 5.89 -11.28
N ARG A 146 -1.04 5.85 -11.99
CA ARG A 146 -1.16 6.57 -13.26
C ARG A 146 -1.58 8.00 -12.93
N ASP A 147 -0.94 8.99 -13.57
CA ASP A 147 -1.31 10.40 -13.53
C ASP A 147 -0.18 11.25 -14.13
N LYS A 148 1.07 10.78 -14.02
CA LYS A 148 2.28 11.48 -14.42
C LYS A 148 2.67 12.54 -13.42
N LYS A 149 1.75 13.43 -13.01
CA LYS A 149 2.03 14.34 -11.90
C LYS A 149 2.49 13.60 -10.66
N TRP A 150 2.00 12.38 -10.41
CA TRP A 150 2.42 11.66 -9.22
C TRP A 150 3.85 11.16 -9.41
N GLU A 151 4.22 10.77 -10.63
CA GLU A 151 5.60 10.37 -10.88
C GLU A 151 6.51 11.54 -10.59
N MET A 152 6.09 12.73 -11.03
CA MET A 152 6.89 13.93 -10.90
C MET A 152 7.08 14.26 -9.44
N THR A 153 5.99 14.34 -8.68
CA THR A 153 6.05 14.72 -7.28
C THR A 153 6.87 13.72 -6.48
N LEU A 154 6.64 12.42 -6.69
CA LEU A 154 7.44 11.45 -5.96
C LEU A 154 8.89 11.55 -6.38
N LYS A 155 9.18 11.91 -7.63
CA LYS A 155 10.57 12.09 -8.05
C LYS A 155 11.14 13.34 -7.41
N GLU A 156 10.32 14.36 -7.18
CA GLU A 156 10.77 15.64 -6.67
C GLU A 156 11.15 15.47 -5.20
N ALA A 157 10.35 14.69 -4.47
CA ALA A 157 10.60 14.40 -3.06
C ALA A 157 11.75 13.41 -2.92
N VAL A 158 11.82 12.40 -3.79
CA VAL A 158 12.94 11.49 -3.79
C VAL A 158 14.22 12.24 -4.16
N ALA A 159 14.10 13.30 -4.96
CA ALA A 159 15.27 14.07 -5.38
C ALA A 159 15.72 14.90 -4.20
N ARG A 160 14.80 15.63 -3.57
CA ARG A 160 15.10 16.52 -2.47
C ARG A 160 15.44 15.76 -1.19
N ARG A 161 15.11 14.47 -1.12
CA ARG A 161 15.57 13.62 -0.04
C ARG A 161 17.08 13.39 -0.11
N GLU A 162 17.64 13.41 -1.31
CA GLU A 162 19.03 13.05 -1.59
C GLU A 162 19.39 11.72 -0.91
N ALA A 3 16.13 -0.48 0.80
CA ALA A 3 16.35 0.71 1.63
C ALA A 3 17.10 1.81 0.89
N PRO A 4 18.36 1.64 0.45
CA PRO A 4 19.16 2.74 -0.09
C PRO A 4 18.79 3.14 -1.52
N SER A 5 17.79 2.52 -2.15
CA SER A 5 17.42 2.81 -3.53
C SER A 5 15.90 2.81 -3.64
N TYR A 6 15.37 3.74 -4.44
CA TYR A 6 13.95 4.03 -4.51
C TYR A 6 13.58 4.20 -5.98
N HIS A 7 12.38 3.80 -6.39
CA HIS A 7 11.89 4.04 -7.73
C HIS A 7 10.38 4.18 -7.70
N VAL A 8 9.80 4.95 -8.63
CA VAL A 8 8.35 5.08 -8.73
C VAL A 8 7.89 4.86 -10.15
N VAL A 9 6.79 4.13 -10.29
CA VAL A 9 6.21 3.72 -11.56
C VAL A 9 4.78 4.24 -11.56
N ARG A 10 4.26 4.62 -12.73
CA ARG A 10 2.99 5.30 -12.85
C ARG A 10 2.07 4.48 -13.71
N GLY A 11 1.42 3.49 -13.10
CA GLY A 11 0.54 2.56 -13.78
C GLY A 11 -0.59 2.19 -12.83
N ASP A 12 -1.14 1.01 -13.00
CA ASP A 12 -2.26 0.51 -12.23
C ASP A 12 -1.82 -0.69 -11.40
N ILE A 13 -2.61 -1.03 -10.38
CA ILE A 13 -2.40 -2.19 -9.54
C ILE A 13 -2.37 -3.48 -10.37
N ALA A 14 -3.23 -3.56 -11.38
CA ALA A 14 -3.34 -4.71 -12.26
C ALA A 14 -2.10 -4.88 -13.15
N THR A 15 -1.21 -3.89 -13.20
CA THR A 15 0.02 -3.93 -13.97
C THR A 15 1.24 -3.88 -13.04
N ALA A 16 1.02 -3.89 -11.73
CA ALA A 16 2.07 -3.84 -10.73
C ALA A 16 2.56 -5.27 -10.49
N THR A 17 3.07 -5.93 -11.53
CA THR A 17 3.46 -7.33 -11.50
C THR A 17 4.83 -7.54 -10.83
N GLU A 18 5.14 -6.84 -9.74
CA GLU A 18 6.40 -6.90 -9.01
C GLU A 18 6.49 -8.12 -8.09
N GLY A 19 5.97 -9.26 -8.53
CA GLY A 19 5.99 -10.50 -7.77
C GLY A 19 4.86 -10.52 -6.75
N VAL A 20 4.69 -9.43 -6.00
CA VAL A 20 3.68 -9.25 -4.97
C VAL A 20 3.09 -7.87 -5.16
N ILE A 21 1.82 -7.74 -4.77
CA ILE A 21 1.03 -6.53 -4.89
C ILE A 21 0.28 -6.39 -3.58
N ILE A 22 0.23 -5.18 -3.03
CA ILE A 22 -0.46 -4.90 -1.80
C ILE A 22 -1.55 -3.91 -2.14
N ASN A 23 -2.75 -4.14 -1.60
CA ASN A 23 -3.89 -3.27 -1.78
C ASN A 23 -4.55 -3.03 -0.44
N ALA A 24 -5.42 -2.02 -0.35
CA ALA A 24 -6.29 -1.88 0.80
C ALA A 24 -7.20 -3.10 0.92
N ALA A 25 -7.77 -3.25 2.10
CA ALA A 25 -8.64 -4.36 2.47
C ALA A 25 -9.60 -3.94 3.56
N ASN A 26 -9.07 -3.23 4.57
CA ASN A 26 -9.83 -2.83 5.73
C ASN A 26 -10.31 -4.08 6.47
N SER A 27 -11.22 -3.89 7.42
CA SER A 27 -11.84 -5.02 8.12
C SER A 27 -12.75 -5.83 7.19
N LYS A 28 -12.91 -5.45 5.92
CA LYS A 28 -13.83 -6.12 5.00
C LYS A 28 -13.09 -6.90 3.92
N GLY A 29 -11.76 -6.98 3.97
CA GLY A 29 -11.01 -7.77 3.01
C GLY A 29 -11.14 -7.24 1.57
N GLN A 30 -11.55 -5.98 1.41
CA GLN A 30 -11.86 -5.40 0.12
C GLN A 30 -11.22 -4.02 0.04
N PRO A 31 -10.41 -3.76 -1.00
CA PRO A 31 -9.86 -2.45 -1.22
C PRO A 31 -10.97 -1.46 -1.48
N GLY A 32 -10.77 -0.23 -0.98
CA GLY A 32 -11.69 0.88 -1.24
C GLY A 32 -12.06 0.98 -2.72
N GLY A 33 -13.30 1.40 -2.98
CA GLY A 33 -13.86 1.49 -4.32
C GLY A 33 -12.95 2.29 -5.24
N GLY A 34 -12.65 1.73 -6.41
CA GLY A 34 -11.69 2.30 -7.34
C GLY A 34 -10.80 1.17 -7.83
N VAL A 35 -9.67 0.95 -7.16
CA VAL A 35 -8.71 -0.07 -7.54
C VAL A 35 -9.28 -1.47 -7.45
N CYS A 36 -10.23 -1.73 -6.52
CA CYS A 36 -10.94 -2.99 -6.47
C CYS A 36 -11.55 -3.35 -7.83
N GLY A 37 -11.94 -2.36 -8.64
CA GLY A 37 -12.60 -2.57 -9.91
C GLY A 37 -11.65 -3.17 -10.95
N ALA A 38 -10.52 -2.50 -11.20
CA ALA A 38 -9.55 -2.99 -12.16
C ALA A 38 -9.04 -4.35 -11.72
N LEU A 39 -8.70 -4.45 -10.44
CA LEU A 39 -8.18 -5.68 -9.88
C LEU A 39 -9.15 -6.83 -10.05
N TYR A 40 -10.44 -6.62 -9.82
CA TYR A 40 -11.46 -7.62 -10.05
C TYR A 40 -11.55 -7.96 -11.54
N LYS A 41 -11.38 -6.97 -12.41
CA LYS A 41 -11.60 -7.15 -13.84
C LYS A 41 -10.50 -8.02 -14.45
N LYS A 42 -9.31 -8.00 -13.85
CA LYS A 42 -8.16 -8.75 -14.35
C LYS A 42 -7.84 -9.96 -13.49
N PHE A 43 -8.16 -9.90 -12.19
CA PHE A 43 -7.85 -10.93 -11.20
C PHE A 43 -9.04 -11.11 -10.25
N PRO A 44 -10.18 -11.64 -10.72
CA PRO A 44 -11.40 -11.70 -9.93
C PRO A 44 -11.27 -12.53 -8.65
N GLU A 45 -10.22 -13.34 -8.50
CA GLU A 45 -10.06 -14.22 -7.36
C GLU A 45 -9.62 -13.43 -6.13
N SER A 46 -9.03 -12.24 -6.34
CA SER A 46 -8.62 -11.42 -5.21
C SER A 46 -9.80 -10.65 -4.61
N PHE A 47 -11.02 -10.87 -5.12
CA PHE A 47 -12.27 -10.42 -4.55
C PHE A 47 -12.61 -11.38 -3.40
N ASP A 48 -11.70 -11.47 -2.44
CA ASP A 48 -11.73 -12.30 -1.26
C ASP A 48 -12.81 -11.75 -0.34
N LEU A 49 -12.81 -10.42 -0.19
CA LEU A 49 -13.77 -9.63 0.58
C LEU A 49 -14.21 -10.29 1.90
N GLN A 50 -13.30 -11.07 2.51
CA GLN A 50 -13.58 -11.69 3.80
C GLN A 50 -13.44 -10.65 4.91
N PRO A 51 -14.10 -10.82 6.06
CA PRO A 51 -13.81 -10.00 7.21
C PRO A 51 -12.39 -10.29 7.70
N ILE A 52 -11.64 -9.26 8.10
CA ILE A 52 -10.29 -9.37 8.61
C ILE A 52 -10.24 -8.59 9.92
N GLU A 53 -9.26 -8.90 10.77
CA GLU A 53 -8.95 -8.12 11.95
C GLU A 53 -8.74 -6.65 11.58
N VAL A 54 -8.88 -5.80 12.59
CA VAL A 54 -8.54 -4.39 12.52
C VAL A 54 -7.19 -4.31 13.20
N GLY A 55 -6.14 -4.08 12.43
CA GLY A 55 -4.77 -4.00 12.91
C GLY A 55 -3.89 -5.11 12.33
N LYS A 56 -4.42 -5.94 11.42
CA LYS A 56 -3.60 -6.92 10.70
C LYS A 56 -3.93 -6.93 9.21
N ALA A 57 -2.95 -7.35 8.42
CA ALA A 57 -3.13 -7.67 7.02
C ALA A 57 -3.29 -9.18 6.85
N ARG A 58 -3.92 -9.64 5.78
CA ARG A 58 -3.83 -11.03 5.34
C ARG A 58 -3.54 -11.07 3.84
N LEU A 59 -2.77 -12.05 3.42
CA LEU A 59 -2.45 -12.34 2.04
C LEU A 59 -3.69 -12.92 1.36
N VAL A 60 -3.77 -12.83 0.02
CA VAL A 60 -4.90 -13.28 -0.77
C VAL A 60 -4.38 -14.20 -1.85
N LYS A 61 -4.77 -15.47 -1.81
CA LYS A 61 -4.29 -16.46 -2.76
C LYS A 61 -5.15 -16.39 -4.02
N GLY A 62 -4.94 -15.36 -4.84
CA GLY A 62 -5.61 -15.23 -6.11
C GLY A 62 -4.96 -16.22 -7.07
N ALA A 63 -5.79 -17.03 -7.72
CA ALA A 63 -5.33 -17.98 -8.72
C ALA A 63 -4.57 -17.26 -9.83
N ALA A 64 -5.08 -16.11 -10.25
CA ALA A 64 -4.45 -15.29 -11.27
C ALA A 64 -3.08 -14.79 -10.79
N LYS A 65 -2.99 -14.29 -9.55
CA LYS A 65 -1.71 -13.97 -8.91
C LYS A 65 -1.96 -13.82 -7.41
N HIS A 66 -0.94 -14.09 -6.59
CA HIS A 66 -0.98 -13.74 -5.18
C HIS A 66 -1.08 -12.22 -5.03
N ILE A 67 -1.92 -11.77 -4.10
CA ILE A 67 -2.12 -10.37 -3.75
C ILE A 67 -1.97 -10.31 -2.22
N ILE A 68 -1.95 -9.12 -1.63
CA ILE A 68 -1.82 -8.92 -0.20
C ILE A 68 -2.85 -7.86 0.17
N HIS A 69 -3.53 -8.01 1.31
CA HIS A 69 -4.67 -7.18 1.66
C HIS A 69 -4.44 -6.59 3.05
N ALA A 70 -4.48 -5.26 3.18
CA ALA A 70 -4.07 -4.56 4.38
C ALA A 70 -5.19 -3.69 4.94
N VAL A 71 -5.30 -3.63 6.25
CA VAL A 71 -6.29 -2.89 6.96
C VAL A 71 -5.96 -1.42 6.85
N GLY A 72 -6.74 -0.67 6.09
CA GLY A 72 -6.60 0.77 6.09
C GLY A 72 -7.10 1.33 7.43
N PRO A 73 -6.48 2.42 7.93
CA PRO A 73 -7.14 3.30 8.90
C PRO A 73 -8.27 4.00 8.15
N ASN A 74 -9.08 4.83 8.80
CA ASN A 74 -10.06 5.64 8.10
C ASN A 74 -10.27 6.88 8.94
N PHE A 75 -9.36 7.85 8.87
CA PHE A 75 -9.39 9.05 9.72
C PHE A 75 -10.71 9.80 9.59
N ASN A 76 -11.38 9.70 8.44
CA ASN A 76 -12.69 10.33 8.29
C ASN A 76 -13.74 9.79 9.26
N LYS A 77 -13.47 8.65 9.91
CA LYS A 77 -14.34 8.00 10.88
C LYS A 77 -13.54 7.47 12.07
N VAL A 78 -12.31 7.94 12.29
CA VAL A 78 -11.47 7.44 13.37
C VAL A 78 -10.55 8.57 13.82
N SER A 79 -10.28 8.70 15.12
CA SER A 79 -9.49 9.80 15.62
C SER A 79 -8.06 9.65 15.11
N GLU A 80 -7.35 10.76 15.00
CA GLU A 80 -5.97 10.78 14.54
C GLU A 80 -5.08 9.85 15.35
N VAL A 81 -5.42 9.63 16.62
CA VAL A 81 -4.67 8.73 17.47
C VAL A 81 -4.81 7.32 16.91
N GLU A 82 -6.04 6.89 16.67
CA GLU A 82 -6.28 5.49 16.34
C GLU A 82 -5.95 5.23 14.87
N GLY A 83 -6.01 6.26 14.03
CA GLY A 83 -5.55 6.14 12.65
C GLY A 83 -4.04 6.15 12.58
N ASP A 84 -3.33 6.77 13.54
CA ASP A 84 -1.89 6.65 13.62
C ASP A 84 -1.54 5.18 13.88
N LYS A 85 -2.20 4.56 14.88
CA LYS A 85 -1.96 3.15 15.17
C LYS A 85 -2.28 2.32 13.95
N GLN A 86 -3.47 2.44 13.39
CA GLN A 86 -3.91 1.58 12.30
C GLN A 86 -3.03 1.81 11.07
N LEU A 87 -2.55 3.04 10.85
CA LEU A 87 -1.63 3.29 9.75
C LEU A 87 -0.33 2.54 9.99
N ALA A 88 0.16 2.54 11.22
CA ALA A 88 1.42 1.87 11.56
C ALA A 88 1.23 0.36 11.68
N GLU A 89 0.02 -0.12 11.93
CA GLU A 89 -0.30 -1.54 12.03
C GLU A 89 -0.44 -2.13 10.64
N ALA A 90 -0.96 -1.33 9.71
CA ALA A 90 -0.93 -1.70 8.30
C ALA A 90 0.53 -1.83 7.90
N TYR A 91 1.31 -0.78 8.15
CA TYR A 91 2.67 -0.65 7.71
C TYR A 91 3.58 -1.63 8.44
N GLU A 92 3.25 -2.07 9.67
CA GLU A 92 4.06 -3.09 10.33
C GLU A 92 3.75 -4.46 9.78
N SER A 93 2.49 -4.72 9.46
CA SER A 93 2.12 -5.97 8.83
C SER A 93 2.80 -6.04 7.46
N ILE A 94 2.81 -4.96 6.69
CA ILE A 94 3.45 -4.93 5.39
C ILE A 94 4.95 -5.15 5.58
N ALA A 95 5.56 -4.40 6.48
CA ALA A 95 7.01 -4.30 6.58
C ALA A 95 7.59 -5.62 7.06
N LYS A 96 6.99 -6.18 8.11
CA LYS A 96 7.37 -7.50 8.57
C LYS A 96 7.18 -8.49 7.43
N ILE A 97 6.07 -8.43 6.69
CA ILE A 97 5.83 -9.38 5.61
C ILE A 97 6.92 -9.27 4.54
N VAL A 98 7.47 -8.07 4.31
CA VAL A 98 8.48 -7.85 3.31
C VAL A 98 9.78 -8.51 3.76
N ASN A 99 10.10 -8.43 5.04
CA ASN A 99 11.36 -8.96 5.55
C ASN A 99 11.26 -10.46 5.67
N ASP A 100 10.08 -10.96 6.04
CA ASP A 100 9.75 -12.35 6.23
C ASP A 100 9.90 -13.06 4.89
N ASN A 101 9.36 -12.45 3.83
CA ASN A 101 9.47 -12.99 2.49
C ASN A 101 10.81 -12.62 1.87
N ASN A 102 11.54 -11.71 2.48
CA ASN A 102 12.84 -11.24 2.04
C ASN A 102 12.74 -10.65 0.64
N TYR A 103 11.73 -9.84 0.38
CA TYR A 103 11.61 -9.20 -0.91
C TYR A 103 12.71 -8.16 -1.08
N LYS A 104 13.33 -8.17 -2.26
CA LYS A 104 14.30 -7.18 -2.68
C LYS A 104 13.51 -5.91 -2.97
N SER A 105 12.42 -6.10 -3.71
CA SER A 105 11.57 -5.06 -4.25
C SER A 105 10.14 -5.56 -4.25
N VAL A 106 9.18 -4.68 -4.06
CA VAL A 106 7.75 -4.95 -4.13
C VAL A 106 7.09 -3.72 -4.73
N ALA A 107 5.88 -3.87 -5.26
CA ALA A 107 5.07 -2.72 -5.64
C ALA A 107 4.14 -2.37 -4.49
N ILE A 108 4.23 -1.14 -3.99
CA ILE A 108 3.35 -0.61 -2.95
C ILE A 108 2.66 0.63 -3.52
N PRO A 109 1.32 0.70 -3.45
CA PRO A 109 0.58 1.91 -3.79
C PRO A 109 0.65 2.90 -2.62
N LEU A 110 -0.06 4.03 -2.75
CA LEU A 110 -0.15 5.05 -1.72
C LEU A 110 -1.63 5.31 -1.45
N LEU A 111 -2.03 5.18 -0.20
CA LEU A 111 -3.42 5.28 0.23
C LEU A 111 -3.48 5.96 1.60
N SER A 112 -4.66 5.98 2.22
CA SER A 112 -4.92 6.65 3.49
C SER A 112 -4.58 8.14 3.41
N THR A 113 -4.96 8.78 2.31
CA THR A 113 -4.66 10.20 2.12
C THR A 113 -5.79 10.86 1.31
N GLY A 114 -7.00 10.34 1.47
CA GLY A 114 -8.19 10.86 0.79
C GLY A 114 -9.37 9.94 1.09
N ILE A 115 -9.47 8.82 0.36
CA ILE A 115 -10.60 7.91 0.49
C ILE A 115 -10.87 7.49 1.95
N PHE A 116 -9.81 7.20 2.72
CA PHE A 116 -9.94 6.77 4.09
C PHE A 116 -9.71 7.94 5.06
N SER A 117 -8.69 8.76 4.79
CA SER A 117 -8.32 9.87 5.65
C SER A 117 -9.36 11.01 5.65
N GLY A 118 -10.27 11.02 4.67
CA GLY A 118 -11.20 12.12 4.48
C GLY A 118 -10.47 13.28 3.86
N ASN A 119 -10.00 14.22 4.67
CA ASN A 119 -9.18 15.32 4.19
C ASN A 119 -8.31 15.80 5.35
N LYS A 120 -6.98 15.70 5.19
CA LYS A 120 -5.97 16.14 6.16
C LYS A 120 -4.62 15.74 5.58
N ASP A 121 -4.37 14.43 5.62
CA ASP A 121 -3.09 13.86 5.30
C ASP A 121 -2.78 13.99 3.81
N ARG A 122 -1.53 13.76 3.40
CA ARG A 122 -1.17 13.77 1.98
C ARG A 122 -0.26 12.58 1.66
N LEU A 123 -0.01 12.35 0.38
CA LEU A 123 0.77 11.21 -0.04
C LEU A 123 2.22 11.40 0.40
N THR A 124 2.69 12.62 0.51
CA THR A 124 3.95 13.03 1.08
C THR A 124 4.12 12.53 2.50
N GLN A 125 3.03 12.36 3.24
CA GLN A 125 3.10 11.78 4.57
C GLN A 125 3.06 10.26 4.46
N SER A 126 2.09 9.68 3.73
CA SER A 126 1.99 8.23 3.61
C SER A 126 3.30 7.65 3.11
N LEU A 127 3.89 8.30 2.11
CA LEU A 127 5.13 7.93 1.47
C LEU A 127 6.25 8.01 2.48
N ASN A 128 6.22 9.01 3.36
CA ASN A 128 7.28 9.13 4.34
C ASN A 128 7.28 7.90 5.24
N HIS A 129 6.09 7.52 5.70
CA HIS A 129 5.98 6.42 6.64
C HIS A 129 6.24 5.11 5.93
N LEU A 130 5.89 5.04 4.65
CA LEU A 130 6.00 3.85 3.83
C LEU A 130 7.46 3.58 3.58
N LEU A 131 8.20 4.60 3.18
CA LEU A 131 9.63 4.52 2.97
C LEU A 131 10.34 4.32 4.29
N THR A 132 9.81 4.80 5.41
CA THR A 132 10.45 4.53 6.69
C THR A 132 10.33 3.04 6.99
N ALA A 133 9.13 2.49 6.81
CA ALA A 133 8.89 1.09 7.11
C ALA A 133 9.69 0.20 6.16
N LEU A 134 9.81 0.61 4.89
CA LEU A 134 10.57 -0.12 3.89
C LEU A 134 12.05 0.19 3.98
N ASP A 135 12.46 1.22 4.74
CA ASP A 135 13.87 1.41 5.07
C ASP A 135 14.37 0.27 5.96
N THR A 136 13.46 -0.52 6.53
CA THR A 136 13.81 -1.74 7.27
C THR A 136 14.39 -2.85 6.37
N THR A 137 14.42 -2.66 5.05
CA THR A 137 15.07 -3.57 4.12
C THR A 137 16.48 -3.07 3.83
N ASP A 138 17.07 -3.47 2.71
CA ASP A 138 18.44 -3.18 2.32
C ASP A 138 18.58 -3.00 0.81
N ALA A 139 17.51 -3.16 0.02
CA ALA A 139 17.58 -3.17 -1.43
C ALA A 139 16.78 -2.00 -2.00
N ASP A 140 15.72 -2.24 -2.75
CA ASP A 140 15.18 -1.26 -3.67
C ASP A 140 13.66 -1.33 -3.66
N VAL A 141 13.02 -0.18 -3.44
CA VAL A 141 11.60 -0.12 -3.17
C VAL A 141 10.89 0.54 -4.35
N ALA A 142 9.81 -0.08 -4.83
CA ALA A 142 9.09 0.42 -6.00
C ALA A 142 7.67 0.82 -5.59
N ILE A 143 7.30 2.07 -5.85
CA ILE A 143 5.94 2.53 -5.65
C ILE A 143 5.24 2.48 -6.99
N TYR A 144 3.92 2.27 -6.99
CA TYR A 144 3.15 2.04 -8.21
C TYR A 144 1.84 2.82 -8.14
N CYS A 145 1.82 4.03 -8.72
CA CYS A 145 0.64 4.89 -8.69
C CYS A 145 0.60 5.76 -9.94
N ARG A 146 -0.37 5.54 -10.82
CA ARG A 146 -0.76 6.53 -11.80
C ARG A 146 -1.19 7.81 -11.08
N ASP A 147 -0.81 8.96 -11.63
CA ASP A 147 -1.27 10.33 -11.31
C ASP A 147 -0.38 11.33 -12.02
N LYS A 148 0.91 10.99 -12.15
CA LYS A 148 1.97 11.79 -12.77
C LYS A 148 2.55 12.76 -11.76
N LYS A 149 1.73 13.61 -11.15
CA LYS A 149 2.23 14.50 -10.11
C LYS A 149 2.86 13.72 -8.96
N TRP A 150 2.42 12.47 -8.73
CA TRP A 150 2.91 11.72 -7.59
C TRP A 150 4.30 11.22 -7.90
N GLU A 151 4.55 10.86 -9.16
CA GLU A 151 5.90 10.42 -9.50
C GLU A 151 6.83 11.62 -9.41
N MET A 152 6.38 12.82 -9.79
CA MET A 152 7.23 13.98 -9.74
C MET A 152 7.62 14.24 -8.30
N THR A 153 6.65 14.38 -7.39
CA THR A 153 6.93 14.68 -6.01
C THR A 153 7.80 13.61 -5.38
N LEU A 154 7.50 12.34 -5.65
CA LEU A 154 8.32 11.26 -5.14
C LEU A 154 9.72 11.33 -5.69
N LYS A 155 9.91 11.74 -6.94
CA LYS A 155 11.23 11.81 -7.54
C LYS A 155 11.98 13.01 -6.95
N GLU A 156 11.25 14.04 -6.57
CA GLU A 156 11.77 15.26 -5.97
C GLU A 156 12.30 14.95 -4.59
N ALA A 157 11.55 14.15 -3.82
CA ALA A 157 11.92 13.75 -2.47
C ALA A 157 12.97 12.65 -2.49
N VAL A 158 12.91 11.74 -3.45
CA VAL A 158 13.97 10.76 -3.64
C VAL A 158 15.25 11.51 -4.02
N ALA A 159 15.14 12.65 -4.71
CA ALA A 159 16.33 13.41 -5.08
C ALA A 159 16.88 14.11 -3.84
N ARG A 160 16.04 14.74 -3.03
CA ARG A 160 16.50 15.33 -1.78
C ARG A 160 16.81 14.28 -0.70
N ARG A 161 16.50 13.01 -0.93
CA ARG A 161 16.98 11.93 -0.09
C ARG A 161 18.45 11.59 -0.38
N GLU A 162 19.10 12.22 -1.35
CA GLU A 162 20.55 12.22 -1.48
C GLU A 162 21.05 13.66 -1.49
N ALA A 3 18.30 0.76 4.30
CA ALA A 3 17.00 1.38 3.92
C ALA A 3 16.77 1.16 2.43
N PRO A 4 15.51 1.09 1.99
CA PRO A 4 15.17 0.86 0.60
C PRO A 4 15.54 2.09 -0.24
N SER A 5 16.06 1.87 -1.46
CA SER A 5 16.10 2.96 -2.42
C SER A 5 14.66 3.28 -2.86
N TYR A 6 14.41 4.47 -3.39
CA TYR A 6 13.07 4.89 -3.77
C TYR A 6 12.98 4.89 -5.28
N HIS A 7 11.92 4.32 -5.85
CA HIS A 7 11.71 4.35 -7.29
C HIS A 7 10.20 4.50 -7.49
N VAL A 8 9.75 5.31 -8.45
CA VAL A 8 8.33 5.39 -8.77
C VAL A 8 8.12 5.01 -10.23
N VAL A 9 7.00 4.35 -10.54
CA VAL A 9 6.72 3.87 -11.88
C VAL A 9 5.27 4.20 -12.22
N ARG A 10 5.02 4.50 -13.49
CA ARG A 10 3.67 4.69 -13.99
C ARG A 10 3.15 3.33 -14.45
N GLY A 11 2.23 2.78 -13.67
CA GLY A 11 1.49 1.59 -13.99
C GLY A 11 0.19 1.64 -13.21
N ASP A 12 -0.51 0.53 -13.20
CA ASP A 12 -1.86 0.39 -12.67
C ASP A 12 -1.86 -0.91 -11.84
N ILE A 13 -2.93 -1.13 -11.08
CA ILE A 13 -3.00 -2.26 -10.15
C ILE A 13 -2.85 -3.58 -10.87
N ALA A 14 -3.58 -3.68 -11.97
CA ALA A 14 -3.67 -4.86 -12.82
C ALA A 14 -2.40 -5.06 -13.64
N THR A 15 -1.44 -4.15 -13.55
CA THR A 15 -0.17 -4.23 -14.25
C THR A 15 0.99 -4.08 -13.28
N ALA A 16 0.73 -4.16 -11.97
CA ALA A 16 1.74 -4.10 -10.94
C ALA A 16 2.30 -5.50 -10.73
N THR A 17 2.84 -6.11 -11.77
CA THR A 17 3.33 -7.48 -11.71
C THR A 17 4.73 -7.57 -11.08
N GLU A 18 4.95 -6.93 -9.94
CA GLU A 18 6.25 -6.82 -9.27
C GLU A 18 6.51 -8.02 -8.35
N GLY A 19 6.01 -9.19 -8.73
CA GLY A 19 5.98 -10.33 -7.84
C GLY A 19 4.83 -10.23 -6.84
N VAL A 20 4.58 -9.04 -6.28
CA VAL A 20 3.61 -8.81 -5.23
C VAL A 20 2.89 -7.51 -5.50
N ILE A 21 1.68 -7.43 -4.95
CA ILE A 21 0.74 -6.34 -5.06
C ILE A 21 0.14 -6.20 -3.67
N ILE A 22 -0.19 -4.98 -3.26
CA ILE A 22 -0.96 -4.72 -2.06
C ILE A 22 -2.23 -4.03 -2.55
N ASN A 23 -3.33 -4.24 -1.83
CA ASN A 23 -4.56 -3.50 -2.00
C ASN A 23 -5.09 -3.12 -0.61
N ALA A 24 -6.00 -2.16 -0.55
CA ALA A 24 -6.71 -1.89 0.69
C ALA A 24 -7.81 -2.93 0.90
N ALA A 25 -8.31 -3.03 2.12
CA ALA A 25 -9.43 -3.90 2.48
C ALA A 25 -10.17 -3.35 3.69
N ASN A 26 -9.42 -2.97 4.71
CA ASN A 26 -9.96 -2.51 5.99
C ASN A 26 -10.73 -3.62 6.68
N SER A 27 -11.35 -3.31 7.81
CA SER A 27 -12.28 -4.20 8.48
C SER A 27 -13.47 -4.57 7.60
N LYS A 28 -13.70 -3.79 6.54
CA LYS A 28 -14.80 -3.97 5.60
C LYS A 28 -14.49 -5.07 4.60
N GLY A 29 -13.21 -5.38 4.39
CA GLY A 29 -12.78 -6.33 3.38
C GLY A 29 -12.67 -5.70 2.01
N GLN A 30 -13.00 -4.42 1.85
CA GLN A 30 -13.12 -3.76 0.57
C GLN A 30 -12.11 -2.63 0.48
N PRO A 31 -11.27 -2.59 -0.57
CA PRO A 31 -10.43 -1.43 -0.82
C PRO A 31 -11.32 -0.23 -1.07
N GLY A 32 -11.08 0.85 -0.32
CA GLY A 32 -11.86 2.07 -0.45
C GLY A 32 -11.52 2.80 -1.76
N GLY A 33 -12.08 2.35 -2.88
CA GLY A 33 -11.88 2.93 -4.19
C GLY A 33 -12.39 1.98 -5.27
N GLY A 34 -12.42 2.44 -6.53
CA GLY A 34 -12.93 1.62 -7.64
C GLY A 34 -11.86 0.66 -8.19
N VAL A 35 -10.68 0.63 -7.58
CA VAL A 35 -9.56 -0.20 -8.02
C VAL A 35 -9.88 -1.69 -7.89
N CYS A 36 -10.78 -2.07 -6.97
CA CYS A 36 -11.21 -3.47 -6.91
C CYS A 36 -11.82 -3.93 -8.24
N GLY A 37 -12.35 -3.01 -9.05
CA GLY A 37 -12.97 -3.34 -10.33
C GLY A 37 -11.93 -3.77 -11.35
N ALA A 38 -10.84 -3.01 -11.50
CA ALA A 38 -9.78 -3.40 -12.42
C ALA A 38 -9.12 -4.67 -11.93
N LEU A 39 -8.81 -4.71 -10.63
CA LEU A 39 -8.19 -5.90 -10.08
C LEU A 39 -9.06 -7.11 -10.28
N TYR A 40 -10.38 -6.99 -10.12
CA TYR A 40 -11.33 -8.06 -10.42
C TYR A 40 -11.27 -8.45 -11.89
N LYS A 41 -11.16 -7.48 -12.80
CA LYS A 41 -11.43 -7.74 -14.21
C LYS A 41 -10.34 -8.62 -14.77
N LYS A 42 -9.14 -8.52 -14.20
CA LYS A 42 -7.99 -9.32 -14.62
C LYS A 42 -7.62 -10.40 -13.61
N PHE A 43 -7.91 -10.17 -12.33
CA PHE A 43 -7.56 -11.05 -11.22
C PHE A 43 -8.82 -11.29 -10.36
N PRO A 44 -9.78 -12.07 -10.86
CA PRO A 44 -11.01 -12.34 -10.12
C PRO A 44 -10.80 -13.27 -8.93
N GLU A 45 -9.59 -13.80 -8.72
CA GLU A 45 -9.24 -14.55 -7.53
C GLU A 45 -8.63 -13.64 -6.45
N SER A 46 -8.53 -12.33 -6.71
CA SER A 46 -7.99 -11.36 -5.79
C SER A 46 -9.10 -10.53 -5.16
N PHE A 47 -10.23 -10.32 -5.85
CA PHE A 47 -11.33 -9.52 -5.30
C PHE A 47 -12.22 -10.38 -4.38
N ASP A 48 -11.59 -11.13 -3.48
CA ASP A 48 -12.26 -11.99 -2.52
C ASP A 48 -13.06 -11.13 -1.52
N LEU A 49 -12.62 -9.88 -1.35
CA LEU A 49 -13.22 -8.85 -0.48
C LEU A 49 -13.49 -9.39 0.92
N GLN A 50 -12.63 -10.29 1.39
CA GLN A 50 -12.88 -10.98 2.65
C GLN A 50 -12.64 -9.99 3.79
N PRO A 51 -13.35 -10.13 4.91
CA PRO A 51 -13.17 -9.27 6.06
C PRO A 51 -11.79 -9.55 6.67
N ILE A 52 -11.15 -8.51 7.20
CA ILE A 52 -9.82 -8.61 7.75
C ILE A 52 -9.82 -7.98 9.14
N GLU A 53 -8.89 -8.42 9.97
CA GLU A 53 -8.80 -8.02 11.36
C GLU A 53 -8.16 -6.65 11.46
N VAL A 54 -8.53 -5.92 12.50
CA VAL A 54 -8.24 -4.51 12.62
C VAL A 54 -6.84 -4.35 13.18
N GLY A 55 -5.89 -4.15 12.27
CA GLY A 55 -4.49 -3.97 12.60
C GLY A 55 -3.64 -5.10 12.05
N LYS A 56 -4.23 -6.06 11.31
CA LYS A 56 -3.45 -7.11 10.71
C LYS A 56 -3.75 -7.11 9.21
N ALA A 57 -2.75 -7.42 8.39
CA ALA A 57 -2.93 -7.61 6.97
C ALA A 57 -3.08 -9.11 6.69
N ARG A 58 -3.75 -9.47 5.60
CA ARG A 58 -3.95 -10.85 5.21
C ARG A 58 -3.71 -10.94 3.72
N LEU A 59 -2.85 -11.85 3.28
CA LEU A 59 -2.71 -12.11 1.86
C LEU A 59 -3.86 -12.97 1.38
N VAL A 60 -4.28 -12.76 0.13
CA VAL A 60 -5.33 -13.50 -0.53
C VAL A 60 -4.67 -14.31 -1.63
N LYS A 61 -5.01 -15.61 -1.71
CA LYS A 61 -4.37 -16.50 -2.65
C LYS A 61 -4.99 -16.31 -4.03
N GLY A 62 -4.52 -15.33 -4.79
CA GLY A 62 -4.94 -15.17 -6.15
C GLY A 62 -4.28 -16.26 -6.99
N ALA A 63 -5.09 -17.03 -7.70
CA ALA A 63 -4.61 -17.99 -8.69
C ALA A 63 -3.68 -17.32 -9.71
N ALA A 64 -4.02 -16.09 -10.11
CA ALA A 64 -3.23 -15.29 -11.02
C ALA A 64 -1.87 -14.95 -10.41
N LYS A 65 -1.84 -14.53 -9.14
CA LYS A 65 -0.68 -14.38 -8.28
C LYS A 65 -1.16 -14.09 -6.85
N HIS A 66 -0.27 -14.20 -5.86
CA HIS A 66 -0.62 -13.78 -4.52
C HIS A 66 -0.82 -12.26 -4.48
N ILE A 67 -1.79 -11.81 -3.70
CA ILE A 67 -2.03 -10.40 -3.43
C ILE A 67 -1.99 -10.23 -1.91
N ILE A 68 -1.70 -9.03 -1.42
CA ILE A 68 -1.68 -8.71 0.00
C ILE A 68 -2.81 -7.71 0.22
N HIS A 69 -3.59 -7.86 1.28
CA HIS A 69 -4.64 -6.90 1.61
C HIS A 69 -4.34 -6.33 2.99
N ALA A 70 -4.43 -5.00 3.11
CA ALA A 70 -4.08 -4.27 4.32
C ALA A 70 -5.32 -3.58 4.90
N VAL A 71 -5.28 -3.27 6.19
CA VAL A 71 -6.35 -2.60 6.88
C VAL A 71 -5.85 -1.21 7.25
N GLY A 72 -6.39 -0.19 6.60
CA GLY A 72 -5.96 1.18 6.83
C GLY A 72 -6.96 1.89 7.73
N PRO A 73 -6.48 2.77 8.61
CA PRO A 73 -7.34 3.60 9.44
C PRO A 73 -8.04 4.64 8.58
N ASN A 74 -8.97 5.35 9.19
CA ASN A 74 -9.80 6.29 8.47
C ASN A 74 -9.99 7.45 9.43
N PHE A 75 -9.14 8.48 9.40
CA PHE A 75 -9.29 9.67 10.25
C PHE A 75 -10.66 10.33 10.04
N ASN A 76 -11.27 10.13 8.87
CA ASN A 76 -12.61 10.65 8.60
C ASN A 76 -13.66 10.09 9.59
N LYS A 77 -13.33 8.97 10.25
CA LYS A 77 -14.13 8.32 11.28
C LYS A 77 -13.26 7.86 12.47
N VAL A 78 -12.05 8.37 12.64
CA VAL A 78 -11.17 7.91 13.72
C VAL A 78 -10.21 9.04 14.11
N SER A 79 -9.53 8.95 15.26
CA SER A 79 -8.62 10.00 15.68
C SER A 79 -7.20 9.64 15.25
N GLU A 80 -6.33 10.65 15.14
CA GLU A 80 -4.94 10.47 14.75
C GLU A 80 -4.21 9.53 15.69
N VAL A 81 -4.65 9.43 16.94
CA VAL A 81 -4.00 8.53 17.89
C VAL A 81 -4.22 7.09 17.44
N GLU A 82 -5.44 6.78 17.00
CA GLU A 82 -5.75 5.44 16.56
C GLU A 82 -5.23 5.22 15.15
N GLY A 83 -5.17 6.27 14.33
CA GLY A 83 -4.69 6.13 12.97
C GLY A 83 -3.19 6.00 12.91
N ASP A 84 -2.44 6.57 13.85
CA ASP A 84 -1.00 6.37 13.84
C ASP A 84 -0.73 4.90 14.13
N LYS A 85 -1.38 4.35 15.16
CA LYS A 85 -1.18 2.95 15.47
C LYS A 85 -1.63 2.07 14.33
N GLN A 86 -2.85 2.26 13.83
CA GLN A 86 -3.41 1.44 12.77
C GLN A 86 -2.55 1.53 11.52
N LEU A 87 -2.06 2.73 11.21
CA LEU A 87 -1.26 2.90 10.01
C LEU A 87 0.04 2.13 10.19
N ALA A 88 0.61 2.15 11.39
CA ALA A 88 1.85 1.44 11.67
C ALA A 88 1.61 -0.05 11.82
N GLU A 89 0.40 -0.48 12.18
CA GLU A 89 0.01 -1.87 12.31
C GLU A 89 -0.10 -2.49 10.93
N ALA A 90 -0.69 -1.74 10.00
CA ALA A 90 -0.79 -2.16 8.62
C ALA A 90 0.63 -2.33 8.08
N TYR A 91 1.42 -1.26 8.22
CA TYR A 91 2.79 -1.20 7.78
C TYR A 91 3.71 -2.16 8.53
N GLU A 92 3.39 -2.58 9.75
CA GLU A 92 4.16 -3.59 10.46
C GLU A 92 3.84 -4.94 9.87
N SER A 93 2.57 -5.21 9.58
CA SER A 93 2.22 -6.46 8.94
C SER A 93 2.96 -6.54 7.60
N ILE A 94 2.97 -5.44 6.84
CA ILE A 94 3.53 -5.46 5.50
C ILE A 94 5.05 -5.51 5.59
N ALA A 95 5.65 -4.80 6.54
CA ALA A 95 7.10 -4.68 6.65
C ALA A 95 7.70 -5.99 7.14
N LYS A 96 7.09 -6.60 8.17
CA LYS A 96 7.54 -7.91 8.61
C LYS A 96 7.35 -8.90 7.47
N ILE A 97 6.24 -8.84 6.74
CA ILE A 97 6.04 -9.73 5.59
C ILE A 97 7.12 -9.49 4.54
N VAL A 98 7.56 -8.24 4.35
CA VAL A 98 8.55 -7.89 3.35
C VAL A 98 9.88 -8.53 3.74
N ASN A 99 10.20 -8.52 5.03
CA ASN A 99 11.48 -9.01 5.49
C ASN A 99 11.46 -10.53 5.47
N ASP A 100 10.32 -11.11 5.83
CA ASP A 100 10.10 -12.54 5.92
C ASP A 100 10.24 -13.14 4.53
N ASN A 101 9.70 -12.43 3.54
CA ASN A 101 9.82 -12.86 2.15
C ASN A 101 11.08 -12.31 1.50
N ASN A 102 11.84 -11.45 2.21
CA ASN A 102 13.07 -10.81 1.73
C ASN A 102 12.88 -10.14 0.38
N TYR A 103 11.84 -9.34 0.25
CA TYR A 103 11.57 -8.67 -1.00
C TYR A 103 12.59 -7.58 -1.30
N LYS A 104 13.41 -7.83 -2.33
CA LYS A 104 14.41 -6.89 -2.82
C LYS A 104 13.79 -5.60 -3.37
N SER A 105 12.61 -5.74 -3.97
CA SER A 105 11.74 -4.66 -4.40
C SER A 105 10.32 -5.22 -4.34
N VAL A 106 9.32 -4.35 -4.16
CA VAL A 106 7.93 -4.69 -4.36
C VAL A 106 7.18 -3.42 -4.78
N ALA A 107 6.04 -3.61 -5.43
CA ALA A 107 5.18 -2.52 -5.86
C ALA A 107 4.23 -2.14 -4.73
N ILE A 108 4.34 -0.93 -4.20
CA ILE A 108 3.43 -0.41 -3.19
C ILE A 108 2.51 0.62 -3.86
N PRO A 109 1.19 0.51 -3.65
CA PRO A 109 0.24 1.52 -4.06
C PRO A 109 0.23 2.60 -2.99
N LEU A 110 -0.83 3.43 -2.95
CA LEU A 110 -0.99 4.45 -1.95
C LEU A 110 -2.29 4.14 -1.22
N LEU A 111 -2.25 4.23 0.11
CA LEU A 111 -3.36 3.87 0.98
C LEU A 111 -3.61 5.06 1.90
N SER A 112 -4.76 5.10 2.57
CA SER A 112 -5.22 6.22 3.38
C SER A 112 -5.49 7.51 2.59
N THR A 113 -5.13 7.56 1.30
CA THR A 113 -5.02 8.79 0.56
C THR A 113 -6.18 8.86 -0.42
N GLY A 114 -7.36 9.05 0.17
CA GLY A 114 -8.64 9.07 -0.51
C GLY A 114 -9.69 9.29 0.56
N ILE A 115 -10.72 8.45 0.61
CA ILE A 115 -11.83 8.61 1.55
C ILE A 115 -11.53 8.00 2.92
N PHE A 116 -10.25 7.83 3.28
CA PHE A 116 -9.87 7.22 4.53
C PHE A 116 -9.73 8.33 5.57
N SER A 117 -8.74 9.19 5.35
CA SER A 117 -8.41 10.24 6.30
C SER A 117 -9.43 11.37 6.27
N GLY A 118 -10.05 11.62 5.12
CA GLY A 118 -10.89 12.78 4.93
C GLY A 118 -10.07 13.80 4.14
N ASN A 119 -9.34 14.68 4.82
CA ASN A 119 -8.45 15.60 4.10
C ASN A 119 -7.37 16.17 5.03
N LYS A 120 -6.20 15.53 5.10
CA LYS A 120 -5.03 16.12 5.73
C LYS A 120 -3.77 15.48 5.18
N ASP A 121 -3.49 14.27 5.61
CA ASP A 121 -2.27 13.58 5.23
C ASP A 121 -2.31 13.30 3.73
N ARG A 122 -1.13 13.11 3.15
CA ARG A 122 -1.01 12.89 1.72
C ARG A 122 0.08 11.86 1.51
N LEU A 123 0.61 11.80 0.29
CA LEU A 123 1.39 10.66 -0.13
C LEU A 123 2.71 10.67 0.61
N THR A 124 3.33 11.84 0.68
CA THR A 124 4.48 12.18 1.48
C THR A 124 4.35 11.65 2.90
N GLN A 125 3.14 11.63 3.47
CA GLN A 125 2.99 11.11 4.81
C GLN A 125 2.95 9.59 4.78
N SER A 126 2.09 9.01 3.93
CA SER A 126 1.93 7.56 3.99
C SER A 126 3.24 6.88 3.59
N LEU A 127 3.99 7.52 2.71
CA LEU A 127 5.29 7.06 2.24
C LEU A 127 6.28 7.20 3.37
N ASN A 128 6.21 8.25 4.17
CA ASN A 128 7.16 8.42 5.26
C ASN A 128 7.04 7.26 6.24
N HIS A 129 5.80 6.90 6.57
CA HIS A 129 5.59 5.79 7.50
C HIS A 129 5.99 4.48 6.84
N LEU A 130 5.74 4.34 5.54
CA LEU A 130 5.99 3.09 4.83
C LEU A 130 7.49 2.89 4.68
N LEU A 131 8.22 3.97 4.43
CA LEU A 131 9.66 4.00 4.35
C LEU A 131 10.24 3.83 5.74
N THR A 132 9.56 4.26 6.80
CA THR A 132 10.07 4.05 8.14
C THR A 132 10.04 2.54 8.43
N ALA A 133 8.90 1.90 8.18
CA ALA A 133 8.81 0.47 8.45
C ALA A 133 9.69 -0.32 7.48
N LEU A 134 9.82 0.13 6.24
CA LEU A 134 10.69 -0.52 5.26
C LEU A 134 12.15 -0.14 5.48
N ASP A 135 12.46 0.90 6.26
CA ASP A 135 13.85 1.32 6.54
C ASP A 135 14.60 0.15 7.17
N THR A 136 13.84 -0.68 7.89
CA THR A 136 14.24 -1.92 8.51
C THR A 136 14.81 -2.95 7.51
N THR A 137 14.81 -2.66 6.20
CA THR A 137 15.42 -3.45 5.16
C THR A 137 16.24 -2.51 4.25
N ASP A 138 17.27 -3.03 3.60
CA ASP A 138 18.05 -2.33 2.59
C ASP A 138 17.73 -2.91 1.23
N ALA A 139 16.46 -2.78 0.86
CA ALA A 139 15.90 -3.30 -0.36
C ALA A 139 15.60 -2.13 -1.29
N ASP A 140 14.35 -1.98 -1.71
CA ASP A 140 13.87 -0.95 -2.61
C ASP A 140 12.35 -0.85 -2.41
N VAL A 141 11.78 0.30 -2.71
CA VAL A 141 10.34 0.51 -2.64
C VAL A 141 9.91 1.13 -3.96
N ALA A 142 9.15 0.36 -4.74
CA ALA A 142 8.68 0.79 -6.04
C ALA A 142 7.25 1.29 -5.87
N ILE A 143 7.02 2.60 -5.88
CA ILE A 143 5.67 3.13 -5.78
C ILE A 143 5.11 3.11 -7.19
N TYR A 144 3.84 2.79 -7.36
CA TYR A 144 3.19 2.80 -8.66
C TYR A 144 1.87 3.56 -8.54
N CYS A 145 1.61 4.46 -9.48
CA CYS A 145 0.28 5.06 -9.62
C CYS A 145 0.14 5.63 -11.01
N ARG A 146 -1.04 5.46 -11.60
CA ARG A 146 -1.41 6.11 -12.85
C ARG A 146 -1.94 7.50 -12.55
N ASP A 147 -1.14 8.53 -12.81
CA ASP A 147 -1.57 9.94 -12.72
C ASP A 147 -0.49 10.88 -13.23
N LYS A 148 0.78 10.47 -13.11
CA LYS A 148 1.94 11.17 -13.65
C LYS A 148 2.38 12.33 -12.78
N LYS A 149 1.48 13.25 -12.38
CA LYS A 149 1.87 14.21 -11.35
C LYS A 149 2.41 13.51 -10.10
N TRP A 150 1.98 12.29 -9.82
CA TRP A 150 2.40 11.60 -8.61
C TRP A 150 3.82 11.06 -8.81
N GLU A 151 4.19 10.66 -10.03
CA GLU A 151 5.58 10.26 -10.27
C GLU A 151 6.49 11.48 -10.12
N MET A 152 5.99 12.65 -10.57
CA MET A 152 6.74 13.88 -10.48
C MET A 152 7.00 14.23 -9.02
N THR A 153 5.94 14.33 -8.23
CA THR A 153 6.03 14.74 -6.85
C THR A 153 6.87 13.77 -6.06
N LEU A 154 6.67 12.47 -6.27
CA LEU A 154 7.45 11.47 -5.56
C LEU A 154 8.92 11.61 -5.96
N LYS A 155 9.23 11.97 -7.20
CA LYS A 155 10.62 12.19 -7.55
C LYS A 155 11.14 13.47 -6.93
N GLU A 156 10.31 14.48 -6.74
CA GLU A 156 10.74 15.77 -6.24
C GLU A 156 11.17 15.61 -4.78
N ALA A 157 10.36 14.87 -4.03
CA ALA A 157 10.61 14.59 -2.64
C ALA A 157 11.75 13.61 -2.50
N VAL A 158 11.81 12.57 -3.33
CA VAL A 158 12.95 11.66 -3.31
C VAL A 158 14.21 12.46 -3.63
N ALA A 159 14.12 13.51 -4.44
CA ALA A 159 15.28 14.31 -4.81
C ALA A 159 15.69 15.19 -3.62
N ARG A 160 14.72 15.83 -2.97
CA ARG A 160 14.99 16.70 -1.84
C ARG A 160 15.36 15.88 -0.61
N ARG A 161 15.18 14.56 -0.68
CA ARG A 161 15.57 13.65 0.38
C ARG A 161 16.60 12.61 -0.08
N GLU A 162 17.36 12.94 -1.13
CA GLU A 162 18.56 12.19 -1.48
C GLU A 162 19.49 12.08 -0.28
N ALA A 3 19.82 -0.88 0.61
CA ALA A 3 18.66 0.02 0.44
C ALA A 3 19.02 1.00 -0.67
N PRO A 4 18.66 0.70 -1.93
CA PRO A 4 19.10 1.46 -3.08
C PRO A 4 18.36 2.79 -3.16
N SER A 5 17.05 2.76 -3.41
CA SER A 5 16.25 3.97 -3.55
C SER A 5 14.79 3.54 -3.72
N TYR A 6 14.00 4.35 -4.41
CA TYR A 6 12.57 4.19 -4.55
C TYR A 6 12.26 4.44 -6.03
N HIS A 7 11.55 3.54 -6.69
CA HIS A 7 11.36 3.56 -8.12
C HIS A 7 9.86 3.70 -8.41
N VAL A 8 9.46 4.93 -8.72
CA VAL A 8 8.07 5.26 -8.99
C VAL A 8 7.78 4.94 -10.46
N VAL A 9 6.67 4.26 -10.74
CA VAL A 9 6.33 3.82 -12.10
C VAL A 9 4.83 4.01 -12.37
N ARG A 10 4.49 4.77 -13.42
CA ARG A 10 3.12 5.20 -13.63
C ARG A 10 2.34 4.21 -14.48
N GLY A 11 1.78 3.19 -13.84
CA GLY A 11 0.77 2.32 -14.43
C GLY A 11 -0.21 1.94 -13.33
N ASP A 12 -0.69 0.70 -13.36
CA ASP A 12 -1.84 0.30 -12.57
C ASP A 12 -1.47 -0.82 -11.60
N ILE A 13 -2.32 -1.05 -10.60
CA ILE A 13 -2.16 -2.10 -9.61
C ILE A 13 -2.28 -3.46 -10.28
N ALA A 14 -3.14 -3.56 -11.29
CA ALA A 14 -3.31 -4.79 -12.05
C ALA A 14 -2.06 -5.12 -12.87
N THR A 15 -1.09 -4.19 -12.97
CA THR A 15 0.15 -4.39 -13.69
C THR A 15 1.35 -4.31 -12.74
N ALA A 16 1.12 -4.15 -11.43
CA ALA A 16 2.13 -3.96 -10.40
C ALA A 16 2.70 -5.31 -9.99
N THR A 17 3.31 -5.97 -10.96
CA THR A 17 3.77 -7.35 -10.91
C THR A 17 5.15 -7.46 -10.24
N GLU A 18 5.47 -6.59 -9.28
CA GLU A 18 6.76 -6.47 -8.59
C GLU A 18 7.09 -7.64 -7.65
N GLY A 19 6.39 -8.76 -7.78
CA GLY A 19 6.43 -9.85 -6.81
C GLY A 19 5.21 -9.75 -5.92
N VAL A 20 4.86 -8.53 -5.52
CA VAL A 20 3.94 -8.26 -4.44
C VAL A 20 3.06 -7.07 -4.81
N ILE A 21 1.76 -7.18 -4.51
CA ILE A 21 0.75 -6.16 -4.70
C ILE A 21 0.07 -5.96 -3.36
N ILE A 22 -0.15 -4.71 -2.94
CA ILE A 22 -0.88 -4.41 -1.73
C ILE A 22 -2.08 -3.57 -2.14
N ASN A 23 -3.22 -3.87 -1.54
CA ASN A 23 -4.47 -3.15 -1.76
C ASN A 23 -5.09 -2.84 -0.41
N ALA A 24 -5.66 -1.64 -0.28
CA ALA A 24 -6.42 -1.28 0.91
C ALA A 24 -7.79 -1.93 0.84
N ALA A 25 -7.82 -3.19 1.24
CA ALA A 25 -9.00 -4.04 1.20
C ALA A 25 -9.90 -3.82 2.42
N ASN A 26 -9.36 -3.16 3.44
CA ASN A 26 -10.09 -2.82 4.65
C ASN A 26 -10.54 -4.08 5.40
N SER A 27 -11.27 -3.90 6.49
CA SER A 27 -11.86 -5.02 7.20
C SER A 27 -12.94 -5.74 6.38
N LYS A 28 -13.26 -5.27 5.18
CA LYS A 28 -14.26 -5.84 4.30
C LYS A 28 -13.59 -6.78 3.28
N GLY A 29 -12.26 -6.78 3.20
CA GLY A 29 -11.54 -7.60 2.23
C GLY A 29 -11.78 -7.14 0.79
N GLN A 30 -12.35 -5.95 0.60
CA GLN A 30 -12.71 -5.41 -0.70
C GLN A 30 -11.94 -4.11 -0.87
N PRO A 31 -11.13 -4.00 -1.92
CA PRO A 31 -10.37 -2.80 -2.17
C PRO A 31 -11.29 -1.65 -2.56
N GLY A 32 -10.79 -0.43 -2.38
CA GLY A 32 -11.53 0.77 -2.77
C GLY A 32 -12.11 0.67 -4.19
N GLY A 33 -13.30 1.25 -4.35
CA GLY A 33 -13.99 1.29 -5.63
C GLY A 33 -13.10 1.90 -6.70
N GLY A 34 -13.11 1.33 -7.90
CA GLY A 34 -12.18 1.68 -8.95
C GLY A 34 -11.29 0.48 -9.21
N VAL A 35 -10.22 0.32 -8.43
CA VAL A 35 -9.35 -0.84 -8.58
C VAL A 35 -10.10 -2.13 -8.30
N CYS A 36 -11.13 -2.11 -7.44
CA CYS A 36 -11.97 -3.29 -7.26
C CYS A 36 -12.45 -3.90 -8.58
N GLY A 37 -12.61 -3.10 -9.63
CA GLY A 37 -12.96 -3.60 -10.95
C GLY A 37 -11.75 -4.13 -11.70
N ALA A 38 -10.62 -3.41 -11.69
CA ALA A 38 -9.47 -3.77 -12.50
C ALA A 38 -8.82 -5.05 -11.98
N LEU A 39 -8.57 -5.08 -10.67
CA LEU A 39 -7.96 -6.23 -10.04
C LEU A 39 -8.87 -7.44 -10.16
N TYR A 40 -10.19 -7.25 -10.14
CA TYR A 40 -11.11 -8.33 -10.45
C TYR A 40 -11.00 -8.76 -11.91
N LYS A 41 -10.78 -7.85 -12.85
CA LYS A 41 -10.83 -8.18 -14.26
C LYS A 41 -9.64 -9.05 -14.64
N LYS A 42 -8.49 -8.79 -14.02
CA LYS A 42 -7.26 -9.52 -14.31
C LYS A 42 -7.02 -10.63 -13.29
N PHE A 43 -7.46 -10.43 -12.05
CA PHE A 43 -7.26 -11.33 -10.92
C PHE A 43 -8.57 -11.53 -10.17
N PRO A 44 -9.60 -12.13 -10.79
CA PRO A 44 -10.88 -12.38 -10.12
C PRO A 44 -10.75 -13.37 -8.95
N GLU A 45 -9.58 -13.99 -8.80
CA GLU A 45 -9.30 -14.95 -7.74
C GLU A 45 -8.92 -14.22 -6.46
N SER A 46 -8.40 -12.99 -6.53
CA SER A 46 -8.09 -12.22 -5.33
C SER A 46 -9.34 -11.60 -4.70
N PHE A 47 -10.54 -11.86 -5.26
CA PHE A 47 -11.82 -11.38 -4.80
C PHE A 47 -12.26 -12.28 -3.64
N ASP A 48 -11.47 -12.23 -2.56
CA ASP A 48 -11.66 -13.00 -1.35
C ASP A 48 -12.76 -12.34 -0.53
N LEU A 49 -12.79 -11.00 -0.55
CA LEU A 49 -13.79 -10.12 0.05
C LEU A 49 -14.31 -10.66 1.38
N GLN A 50 -13.36 -11.15 2.17
CA GLN A 50 -13.62 -11.71 3.50
C GLN A 50 -13.56 -10.62 4.57
N PRO A 51 -14.26 -10.80 5.68
CA PRO A 51 -14.15 -9.92 6.82
C PRO A 51 -12.77 -10.10 7.47
N ILE A 52 -11.87 -9.14 7.28
CA ILE A 52 -10.56 -9.12 7.91
C ILE A 52 -10.66 -8.22 9.15
N GLU A 53 -9.71 -8.43 10.08
CA GLU A 53 -9.53 -7.68 11.30
C GLU A 53 -9.13 -6.23 10.97
N VAL A 54 -8.80 -5.40 11.96
CA VAL A 54 -8.59 -3.97 11.73
C VAL A 54 -7.21 -3.58 12.24
N GLY A 55 -6.27 -3.38 11.31
CA GLY A 55 -4.88 -3.10 11.59
C GLY A 55 -4.01 -4.18 10.96
N LYS A 56 -4.48 -5.41 11.01
CA LYS A 56 -3.78 -6.58 10.55
C LYS A 56 -3.96 -6.65 9.04
N ALA A 57 -2.89 -6.96 8.32
CA ALA A 57 -2.99 -7.31 6.91
C ALA A 57 -2.98 -8.83 6.77
N ARG A 58 -3.72 -9.36 5.79
CA ARG A 58 -3.72 -10.77 5.43
C ARG A 58 -3.49 -10.87 3.94
N LEU A 59 -2.56 -11.71 3.49
CA LEU A 59 -2.46 -12.01 2.08
C LEU A 59 -3.64 -12.88 1.67
N VAL A 60 -4.21 -12.60 0.50
CA VAL A 60 -5.24 -13.44 -0.08
C VAL A 60 -4.57 -14.30 -1.12
N LYS A 61 -4.88 -15.59 -1.10
CA LYS A 61 -4.46 -16.46 -2.17
C LYS A 61 -5.28 -16.06 -3.39
N GLY A 62 -4.65 -15.96 -4.55
CA GLY A 62 -5.36 -15.93 -5.81
C GLY A 62 -4.53 -16.72 -6.80
N ALA A 63 -5.16 -17.65 -7.53
CA ALA A 63 -4.49 -18.49 -8.50
C ALA A 63 -3.75 -17.66 -9.56
N ALA A 64 -4.31 -16.49 -9.89
CA ALA A 64 -3.67 -15.56 -10.80
C ALA A 64 -2.35 -15.05 -10.23
N LYS A 65 -2.37 -14.54 -8.99
CA LYS A 65 -1.17 -14.16 -8.24
C LYS A 65 -1.59 -13.98 -6.79
N HIS A 66 -0.66 -14.18 -5.85
CA HIS A 66 -0.86 -13.81 -4.46
C HIS A 66 -1.04 -12.29 -4.38
N ILE A 67 -2.00 -11.83 -3.58
CA ILE A 67 -2.22 -10.41 -3.36
C ILE A 67 -2.15 -10.18 -1.86
N ILE A 68 -1.89 -8.95 -1.41
CA ILE A 68 -1.85 -8.61 0.01
C ILE A 68 -3.01 -7.66 0.25
N HIS A 69 -3.82 -7.96 1.26
CA HIS A 69 -4.98 -7.16 1.62
C HIS A 69 -4.68 -6.54 2.98
N ALA A 70 -4.46 -5.23 2.99
CA ALA A 70 -4.18 -4.50 4.20
C ALA A 70 -5.41 -3.67 4.56
N VAL A 71 -5.57 -3.40 5.85
CA VAL A 71 -6.68 -2.65 6.35
C VAL A 71 -6.15 -1.29 6.75
N GLY A 72 -6.47 -0.28 5.95
CA GLY A 72 -6.07 1.08 6.27
C GLY A 72 -7.02 1.64 7.33
N PRO A 73 -6.54 2.55 8.17
CA PRO A 73 -7.40 3.35 9.03
C PRO A 73 -8.19 4.33 8.17
N ASN A 74 -8.98 5.20 8.79
CA ASN A 74 -9.74 6.21 8.10
C ASN A 74 -9.69 7.44 8.99
N PHE A 75 -8.67 8.29 8.81
CA PHE A 75 -8.42 9.46 9.67
C PHE A 75 -9.65 10.35 9.76
N ASN A 76 -10.52 10.31 8.75
CA ASN A 76 -11.79 11.01 8.77
C ASN A 76 -12.55 10.79 10.08
N LYS A 77 -12.51 9.56 10.60
CA LYS A 77 -13.16 9.16 11.84
C LYS A 77 -12.19 8.37 12.71
N VAL A 78 -10.91 8.73 12.67
CA VAL A 78 -9.86 8.16 13.52
C VAL A 78 -9.04 9.31 14.10
N SER A 79 -8.67 9.23 15.37
CA SER A 79 -7.84 10.24 16.00
C SER A 79 -6.40 10.00 15.59
N GLU A 80 -5.54 11.02 15.64
CA GLU A 80 -4.12 10.92 15.38
C GLU A 80 -3.49 9.73 16.11
N VAL A 81 -3.93 9.44 17.33
CA VAL A 81 -3.29 8.40 18.13
C VAL A 81 -3.63 7.03 17.55
N GLU A 82 -4.88 6.84 17.13
CA GLU A 82 -5.34 5.53 16.72
C GLU A 82 -4.97 5.28 15.26
N GLY A 83 -4.89 6.34 14.46
CA GLY A 83 -4.46 6.28 13.08
C GLY A 83 -2.94 6.21 12.97
N ASP A 84 -2.18 6.75 13.94
CA ASP A 84 -0.75 6.52 14.00
C ASP A 84 -0.52 5.01 14.17
N LYS A 85 -1.17 4.43 15.18
CA LYS A 85 -1.03 3.02 15.45
C LYS A 85 -1.48 2.23 14.25
N GLN A 86 -2.68 2.46 13.74
CA GLN A 86 -3.22 1.67 12.65
C GLN A 86 -2.36 1.85 11.39
N LEU A 87 -1.81 3.04 11.17
CA LEU A 87 -0.93 3.24 10.02
C LEU A 87 0.33 2.40 10.21
N ALA A 88 0.84 2.32 11.44
CA ALA A 88 1.99 1.52 11.77
C ALA A 88 1.65 0.03 11.87
N GLU A 89 0.38 -0.33 12.07
CA GLU A 89 -0.08 -1.72 12.12
C GLU A 89 -0.14 -2.25 10.70
N ALA A 90 -0.57 -1.41 9.76
CA ALA A 90 -0.56 -1.78 8.36
C ALA A 90 0.90 -1.99 7.96
N TYR A 91 1.73 -0.99 8.24
CA TYR A 91 3.14 -0.99 7.91
C TYR A 91 3.93 -2.04 8.65
N GLU A 92 3.54 -2.46 9.86
CA GLU A 92 4.30 -3.50 10.55
C GLU A 92 3.89 -4.86 10.02
N SER A 93 2.63 -5.03 9.66
CA SER A 93 2.19 -6.27 9.06
C SER A 93 2.88 -6.40 7.70
N ILE A 94 2.94 -5.33 6.91
CA ILE A 94 3.57 -5.37 5.60
C ILE A 94 5.06 -5.61 5.78
N ALA A 95 5.71 -4.88 6.69
CA ALA A 95 7.16 -4.87 6.80
C ALA A 95 7.64 -6.24 7.29
N LYS A 96 6.99 -6.78 8.33
CA LYS A 96 7.29 -8.13 8.76
C LYS A 96 7.01 -9.10 7.62
N ILE A 97 5.89 -8.97 6.91
CA ILE A 97 5.55 -9.88 5.82
C ILE A 97 6.65 -9.85 4.75
N VAL A 98 7.27 -8.69 4.52
CA VAL A 98 8.31 -8.51 3.52
C VAL A 98 9.53 -9.30 3.93
N ASN A 99 9.84 -9.34 5.22
CA ASN A 99 11.00 -10.09 5.69
C ASN A 99 10.68 -11.57 5.72
N ASP A 100 9.45 -11.92 6.08
CA ASP A 100 8.99 -13.30 6.20
C ASP A 100 9.06 -13.96 4.82
N ASN A 101 8.64 -13.21 3.80
CA ASN A 101 8.69 -13.69 2.42
C ASN A 101 10.04 -13.36 1.76
N ASN A 102 10.92 -12.64 2.46
CA ASN A 102 12.25 -12.27 2.01
C ASN A 102 12.23 -11.56 0.66
N TYR A 103 11.29 -10.65 0.47
CA TYR A 103 11.10 -9.95 -0.80
C TYR A 103 12.18 -8.90 -1.05
N LYS A 104 12.61 -8.84 -2.31
CA LYS A 104 13.64 -7.92 -2.76
C LYS A 104 13.05 -6.72 -3.48
N SER A 105 11.76 -6.72 -3.76
CA SER A 105 11.06 -5.57 -4.33
C SER A 105 9.60 -5.68 -3.92
N VAL A 106 8.88 -4.57 -3.86
CA VAL A 106 7.46 -4.53 -3.54
C VAL A 106 6.88 -3.34 -4.29
N ALA A 107 5.70 -3.48 -4.89
CA ALA A 107 4.95 -2.33 -5.37
C ALA A 107 3.98 -1.88 -4.28
N ILE A 108 4.10 -0.64 -3.81
CA ILE A 108 3.08 -0.06 -2.95
C ILE A 108 2.31 0.98 -3.75
N PRO A 109 0.98 1.02 -3.61
CA PRO A 109 0.17 2.07 -4.19
C PRO A 109 0.27 3.31 -3.30
N LEU A 110 -0.65 4.26 -3.47
CA LEU A 110 -0.78 5.41 -2.60
C LEU A 110 -2.05 5.20 -1.81
N LEU A 111 -2.05 5.66 -0.56
CA LEU A 111 -3.15 5.54 0.38
C LEU A 111 -3.32 6.89 1.07
N SER A 112 -4.37 7.01 1.90
CA SER A 112 -4.65 8.22 2.66
C SER A 112 -4.82 9.46 1.78
N THR A 113 -5.47 9.31 0.63
CA THR A 113 -5.71 10.43 -0.26
C THR A 113 -7.13 10.36 -0.80
N GLY A 114 -8.05 11.15 -0.22
CA GLY A 114 -9.41 11.25 -0.72
C GLY A 114 -10.18 9.94 -0.60
N ILE A 115 -9.94 9.20 0.48
CA ILE A 115 -10.58 7.90 0.71
C ILE A 115 -10.60 7.56 2.20
N PHE A 116 -9.52 7.87 2.91
CA PHE A 116 -9.31 7.48 4.30
C PHE A 116 -8.95 8.69 5.14
N SER A 117 -8.04 9.51 4.64
CA SER A 117 -7.53 10.68 5.32
C SER A 117 -8.63 11.62 5.81
N GLY A 118 -9.50 12.07 4.91
CA GLY A 118 -10.63 12.92 5.28
C GLY A 118 -10.22 14.39 5.41
N ASN A 119 -9.27 14.70 6.29
CA ASN A 119 -8.73 16.05 6.38
C ASN A 119 -7.32 15.99 6.91
N LYS A 120 -6.36 16.54 6.15
CA LYS A 120 -4.93 16.38 6.40
C LYS A 120 -4.58 14.88 6.39
N ASP A 121 -3.32 14.54 6.69
CA ASP A 121 -2.63 13.34 6.18
C ASP A 121 -2.62 13.37 4.65
N ARG A 122 -1.42 13.39 4.06
CA ARG A 122 -1.27 13.41 2.62
C ARG A 122 -0.36 12.25 2.25
N LEU A 123 -0.22 12.00 0.96
CA LEU A 123 0.55 10.85 0.54
C LEU A 123 2.00 11.05 0.85
N THR A 124 2.50 12.27 0.79
CA THR A 124 3.85 12.60 1.18
C THR A 124 4.13 12.15 2.60
N GLN A 125 3.12 12.23 3.47
CA GLN A 125 3.26 11.83 4.86
C GLN A 125 3.27 10.32 4.95
N SER A 126 2.22 9.70 4.42
CA SER A 126 2.03 8.27 4.55
C SER A 126 3.20 7.52 3.89
N LEU A 127 3.69 8.05 2.77
CA LEU A 127 4.87 7.63 2.04
C LEU A 127 6.07 7.68 2.93
N ASN A 128 6.27 8.78 3.62
CA ASN A 128 7.49 8.96 4.41
C ASN A 128 7.59 7.84 5.44
N HIS A 129 6.47 7.52 6.06
CA HIS A 129 6.42 6.50 7.09
C HIS A 129 6.56 5.12 6.46
N LEU A 130 6.06 4.96 5.24
CA LEU A 130 6.19 3.71 4.53
C LEU A 130 7.65 3.45 4.18
N LEU A 131 8.38 4.49 3.78
CA LEU A 131 9.81 4.42 3.56
C LEU A 131 10.52 4.17 4.88
N THR A 132 10.02 4.68 6.01
CA THR A 132 10.67 4.39 7.28
C THR A 132 10.54 2.89 7.56
N ALA A 133 9.35 2.34 7.34
CA ALA A 133 9.15 0.93 7.58
C ALA A 133 9.98 0.08 6.63
N LEU A 134 10.10 0.50 5.37
CA LEU A 134 10.83 -0.26 4.37
C LEU A 134 12.32 0.09 4.37
N ASP A 135 12.73 1.14 5.08
CA ASP A 135 14.13 1.48 5.31
C ASP A 135 14.71 0.43 6.27
N THR A 136 13.85 -0.30 7.00
CA THR A 136 14.23 -1.47 7.79
C THR A 136 14.68 -2.65 6.90
N THR A 137 14.55 -2.56 5.57
CA THR A 137 14.98 -3.62 4.67
C THR A 137 15.90 -3.03 3.61
N ASP A 138 17.07 -3.65 3.39
CA ASP A 138 18.07 -3.14 2.47
C ASP A 138 17.71 -3.41 1.00
N ALA A 139 16.48 -3.86 0.71
CA ALA A 139 16.04 -4.39 -0.57
C ALA A 139 15.91 -3.32 -1.66
N ASP A 140 14.72 -2.77 -1.85
CA ASP A 140 14.33 -1.83 -2.90
C ASP A 140 12.84 -1.54 -2.65
N VAL A 141 12.35 -0.41 -3.15
CA VAL A 141 10.94 -0.07 -3.06
C VAL A 141 10.49 0.41 -4.42
N ALA A 142 9.29 0.03 -4.86
CA ALA A 142 8.72 0.49 -6.11
C ALA A 142 7.32 0.99 -5.82
N ILE A 143 6.85 2.01 -6.53
CA ILE A 143 5.59 2.66 -6.30
C ILE A 143 4.82 2.57 -7.60
N TYR A 144 3.53 2.29 -7.56
CA TYR A 144 2.68 2.06 -8.72
C TYR A 144 1.32 2.74 -8.53
N CYS A 145 1.07 3.83 -9.25
CA CYS A 145 -0.22 4.50 -9.31
C CYS A 145 -0.26 5.37 -10.57
N ARG A 146 -1.43 5.55 -11.20
CA ARG A 146 -1.62 6.60 -12.19
C ARG A 146 -2.15 7.86 -11.53
N ASP A 147 -1.47 8.99 -11.76
CA ASP A 147 -1.82 10.30 -11.21
C ASP A 147 -1.01 11.41 -11.88
N LYS A 148 0.31 11.22 -11.95
CA LYS A 148 1.30 12.17 -12.45
C LYS A 148 1.63 13.33 -11.50
N LYS A 149 0.69 13.97 -10.81
CA LYS A 149 1.14 14.83 -9.70
C LYS A 149 1.91 14.02 -8.67
N TRP A 150 1.70 12.70 -8.60
CA TRP A 150 2.45 11.87 -7.68
C TRP A 150 3.92 11.83 -8.05
N GLU A 151 4.28 11.86 -9.33
CA GLU A 151 5.66 11.68 -9.73
C GLU A 151 6.39 13.00 -9.56
N MET A 152 5.67 14.11 -9.67
CA MET A 152 6.25 15.40 -9.36
C MET A 152 6.62 15.39 -7.88
N THR A 153 5.65 15.21 -7.00
CA THR A 153 5.88 15.29 -5.57
C THR A 153 6.90 14.26 -5.10
N LEU A 154 6.79 13.02 -5.58
CA LEU A 154 7.73 11.97 -5.24
C LEU A 154 9.10 12.35 -5.76
N LYS A 155 9.24 12.98 -6.92
CA LYS A 155 10.58 13.34 -7.38
C LYS A 155 11.12 14.51 -6.56
N GLU A 156 10.25 15.37 -6.05
CA GLU A 156 10.66 16.55 -5.32
C GLU A 156 11.22 16.13 -3.97
N ALA A 157 10.56 15.15 -3.36
CA ALA A 157 10.95 14.59 -2.08
C ALA A 157 12.13 13.66 -2.24
N VAL A 158 12.14 12.80 -3.25
CA VAL A 158 13.24 11.88 -3.50
C VAL A 158 14.46 12.69 -3.93
N ALA A 159 14.27 13.92 -4.45
CA ALA A 159 15.38 14.81 -4.70
C ALA A 159 15.88 15.34 -3.37
N ARG A 160 14.99 15.86 -2.53
CA ARG A 160 15.39 16.38 -1.23
C ARG A 160 15.99 15.32 -0.31
N ARG A 161 15.68 14.04 -0.56
CA ARG A 161 16.19 12.90 0.21
C ARG A 161 17.14 12.05 -0.63
N GLU A 162 17.75 12.63 -1.67
CA GLU A 162 18.72 11.91 -2.47
C GLU A 162 19.83 11.31 -1.59
N ALA A 3 18.84 -2.20 3.29
CA ALA A 3 19.57 -1.45 2.27
C ALA A 3 18.58 -0.60 1.50
N PRO A 4 18.44 0.67 1.85
CA PRO A 4 17.29 1.47 1.45
C PRO A 4 17.37 1.87 -0.02
N SER A 5 16.24 1.76 -0.72
CA SER A 5 16.07 2.24 -2.09
C SER A 5 14.59 2.47 -2.32
N TYR A 6 14.23 3.47 -3.14
CA TYR A 6 12.86 3.85 -3.36
C TYR A 6 12.65 3.99 -4.87
N HIS A 7 11.48 3.64 -5.38
CA HIS A 7 11.22 3.62 -6.82
C HIS A 7 9.78 4.05 -7.08
N VAL A 8 9.50 4.56 -8.27
CA VAL A 8 8.19 5.07 -8.66
C VAL A 8 7.82 4.48 -10.01
N VAL A 9 6.61 3.94 -10.14
CA VAL A 9 6.19 3.20 -11.32
C VAL A 9 4.75 3.58 -11.67
N ARG A 10 4.56 4.35 -12.74
CA ARG A 10 3.27 4.95 -13.02
C ARG A 10 2.39 3.95 -13.77
N GLY A 11 1.51 3.27 -13.05
CA GLY A 11 0.66 2.25 -13.65
C GLY A 11 -0.51 1.88 -12.76
N ASP A 12 -0.88 0.61 -12.81
CA ASP A 12 -2.06 0.04 -12.18
C ASP A 12 -1.62 -1.07 -11.22
N ILE A 13 -2.42 -1.34 -10.21
CA ILE A 13 -2.31 -2.46 -9.28
C ILE A 13 -2.32 -3.77 -10.05
N ALA A 14 -3.17 -3.87 -11.08
CA ALA A 14 -3.25 -5.06 -11.90
C ALA A 14 -2.04 -5.21 -12.84
N THR A 15 -1.13 -4.24 -12.83
CA THR A 15 0.12 -4.31 -13.59
C THR A 15 1.32 -4.11 -12.66
N ALA A 16 1.11 -4.10 -11.34
CA ALA A 16 2.19 -3.95 -10.38
C ALA A 16 2.76 -5.33 -10.12
N THR A 17 3.25 -6.00 -11.15
CA THR A 17 3.74 -7.37 -11.08
C THR A 17 5.17 -7.41 -10.55
N GLU A 18 5.41 -6.77 -9.41
CA GLU A 18 6.71 -6.64 -8.76
C GLU A 18 6.89 -7.77 -7.73
N GLY A 19 6.32 -8.94 -8.01
CA GLY A 19 6.32 -10.03 -7.04
C GLY A 19 5.27 -9.84 -5.96
N VAL A 20 5.00 -8.60 -5.55
CA VAL A 20 4.16 -8.26 -4.42
C VAL A 20 3.32 -7.06 -4.82
N ILE A 21 2.04 -7.06 -4.40
CA ILE A 21 1.04 -6.07 -4.67
C ILE A 21 0.30 -5.88 -3.36
N ILE A 22 0.02 -4.64 -2.96
CA ILE A 22 -0.78 -4.36 -1.77
C ILE A 22 -1.97 -3.56 -2.26
N ASN A 23 -3.15 -3.89 -1.72
CA ASN A 23 -4.39 -3.16 -1.94
C ASN A 23 -5.00 -2.90 -0.57
N ALA A 24 -5.85 -1.89 -0.45
CA ALA A 24 -6.58 -1.69 0.79
C ALA A 24 -7.63 -2.79 0.94
N ALA A 25 -8.16 -2.96 2.16
CA ALA A 25 -9.26 -3.86 2.45
C ALA A 25 -10.04 -3.33 3.65
N ASN A 26 -9.30 -3.06 4.73
CA ASN A 26 -9.87 -2.71 6.02
C ASN A 26 -10.81 -3.80 6.55
N SER A 27 -11.49 -3.54 7.66
CA SER A 27 -12.57 -4.39 8.16
C SER A 27 -13.69 -4.58 7.14
N LYS A 28 -13.83 -3.62 6.21
CA LYS A 28 -14.88 -3.65 5.21
C LYS A 28 -14.55 -4.69 4.13
N GLY A 29 -13.30 -5.16 4.07
CA GLY A 29 -12.83 -6.09 3.07
C GLY A 29 -12.63 -5.42 1.71
N GLN A 30 -12.88 -4.11 1.60
CA GLN A 30 -13.05 -3.48 0.31
C GLN A 30 -11.90 -2.51 0.07
N PRO A 31 -11.18 -2.63 -1.05
CA PRO A 31 -10.12 -1.70 -1.37
C PRO A 31 -10.74 -0.33 -1.65
N GLY A 32 -10.44 0.65 -0.79
CA GLY A 32 -11.02 1.98 -0.91
C GLY A 32 -10.64 2.68 -2.21
N GLY A 33 -11.48 2.52 -3.23
CA GLY A 33 -11.33 3.14 -4.54
C GLY A 33 -12.13 2.32 -5.55
N GLY A 34 -12.09 2.70 -6.83
CA GLY A 34 -12.70 1.87 -7.87
C GLY A 34 -11.79 0.70 -8.27
N VAL A 35 -10.69 0.49 -7.54
CA VAL A 35 -9.64 -0.41 -7.95
C VAL A 35 -10.07 -1.87 -7.89
N CYS A 36 -11.08 -2.19 -7.09
CA CYS A 36 -11.66 -3.54 -7.08
C CYS A 36 -12.06 -3.94 -8.50
N GLY A 37 -12.49 -2.97 -9.32
CA GLY A 37 -12.91 -3.22 -10.68
C GLY A 37 -11.72 -3.57 -11.57
N ALA A 38 -10.64 -2.77 -11.53
CA ALA A 38 -9.48 -3.01 -12.38
C ALA A 38 -8.87 -4.36 -12.05
N LEU A 39 -8.70 -4.62 -10.76
CA LEU A 39 -8.11 -5.86 -10.30
C LEU A 39 -8.96 -7.03 -10.74
N TYR A 40 -10.25 -7.05 -10.41
CA TYR A 40 -11.18 -8.07 -10.86
C TYR A 40 -11.15 -8.26 -12.38
N LYS A 41 -11.01 -7.17 -13.14
CA LYS A 41 -11.08 -7.19 -14.59
C LYS A 41 -9.87 -7.92 -15.15
N LYS A 42 -8.71 -7.72 -14.53
CA LYS A 42 -7.49 -8.36 -14.98
C LYS A 42 -7.43 -9.79 -14.45
N PHE A 43 -7.87 -9.99 -13.21
CA PHE A 43 -7.80 -11.25 -12.51
C PHE A 43 -8.76 -11.27 -11.32
N PRO A 44 -9.85 -12.06 -11.38
CA PRO A 44 -10.74 -12.24 -10.24
C PRO A 44 -10.10 -13.08 -9.13
N GLU A 45 -8.85 -13.53 -9.29
CA GLU A 45 -8.19 -14.35 -8.31
C GLU A 45 -7.82 -13.53 -7.08
N SER A 46 -7.76 -12.20 -7.20
CA SER A 46 -7.54 -11.34 -6.04
C SER A 46 -8.85 -10.91 -5.39
N PHE A 47 -9.97 -11.61 -5.65
CA PHE A 47 -11.28 -11.27 -5.12
C PHE A 47 -11.41 -11.90 -3.74
N ASP A 48 -10.53 -11.47 -2.84
CA ASP A 48 -10.49 -11.82 -1.44
C ASP A 48 -10.79 -10.52 -0.71
N LEU A 49 -11.92 -9.93 -1.09
CA LEU A 49 -12.56 -8.89 -0.29
C LEU A 49 -13.35 -9.55 0.84
N GLN A 50 -12.71 -10.44 1.58
CA GLN A 50 -13.28 -10.96 2.81
C GLN A 50 -13.12 -9.92 3.93
N PRO A 51 -13.88 -10.05 5.02
CA PRO A 51 -13.71 -9.21 6.19
C PRO A 51 -12.35 -9.50 6.82
N ILE A 52 -11.55 -8.47 7.09
CA ILE A 52 -10.23 -8.59 7.68
C ILE A 52 -10.30 -7.99 9.09
N GLU A 53 -9.33 -8.31 9.94
CA GLU A 53 -9.18 -7.65 11.22
C GLU A 53 -8.84 -6.18 11.03
N VAL A 54 -8.82 -5.45 12.15
CA VAL A 54 -8.35 -4.08 12.21
C VAL A 54 -7.01 -4.15 12.90
N GLY A 55 -5.94 -3.88 12.16
CA GLY A 55 -4.58 -3.88 12.68
C GLY A 55 -3.74 -5.00 12.10
N LYS A 56 -4.29 -5.80 11.18
CA LYS A 56 -3.58 -6.92 10.61
C LYS A 56 -3.77 -6.91 9.11
N ALA A 57 -2.71 -7.21 8.34
CA ALA A 57 -2.83 -7.37 6.90
C ALA A 57 -3.00 -8.86 6.60
N ARG A 58 -3.83 -9.20 5.61
CA ARG A 58 -4.06 -10.57 5.19
C ARG A 58 -3.57 -10.71 3.76
N LEU A 59 -2.68 -11.66 3.51
CA LEU A 59 -2.20 -11.98 2.19
C LEU A 59 -3.33 -12.65 1.40
N VAL A 60 -3.38 -12.41 0.09
CA VAL A 60 -4.42 -12.89 -0.81
C VAL A 60 -3.80 -13.90 -1.76
N LYS A 61 -4.26 -15.16 -1.68
CA LYS A 61 -3.65 -16.23 -2.45
C LYS A 61 -4.39 -16.33 -3.79
N GLY A 62 -4.06 -15.46 -4.75
CA GLY A 62 -4.60 -15.57 -6.08
C GLY A 62 -3.81 -16.65 -6.79
N ALA A 63 -4.50 -17.47 -7.57
CA ALA A 63 -3.86 -18.47 -8.42
C ALA A 63 -3.09 -17.77 -9.54
N ALA A 64 -3.68 -16.74 -10.13
CA ALA A 64 -3.05 -15.96 -11.20
C ALA A 64 -1.81 -15.22 -10.67
N LYS A 65 -1.93 -14.60 -9.50
CA LYS A 65 -0.83 -13.85 -8.91
C LYS A 65 -1.07 -13.77 -7.40
N HIS A 66 -0.01 -13.65 -6.60
CA HIS A 66 -0.15 -13.41 -5.19
C HIS A 66 -0.33 -11.91 -4.97
N ILE A 67 -1.29 -11.54 -4.11
CA ILE A 67 -1.65 -10.16 -3.79
C ILE A 67 -1.59 -10.08 -2.26
N ILE A 68 -1.69 -8.88 -1.68
CA ILE A 68 -1.71 -8.67 -0.24
C ILE A 68 -2.82 -7.66 0.03
N HIS A 69 -3.51 -7.79 1.15
CA HIS A 69 -4.56 -6.87 1.55
C HIS A 69 -4.19 -6.27 2.88
N ALA A 70 -4.29 -4.94 2.97
CA ALA A 70 -3.91 -4.17 4.13
C ALA A 70 -5.15 -3.55 4.75
N VAL A 71 -5.11 -3.37 6.06
CA VAL A 71 -6.09 -2.62 6.76
C VAL A 71 -5.82 -1.15 6.47
N GLY A 72 -6.91 -0.39 6.42
CA GLY A 72 -6.93 1.03 6.18
C GLY A 72 -8.29 1.56 6.60
N PRO A 73 -8.47 1.95 7.87
CA PRO A 73 -9.69 2.57 8.34
C PRO A 73 -9.72 4.01 7.84
N ASN A 74 -10.69 4.79 8.28
CA ASN A 74 -11.01 6.04 7.63
C ASN A 74 -10.97 7.10 8.74
N PHE A 75 -9.97 8.00 8.75
CA PHE A 75 -9.86 9.09 9.73
C PHE A 75 -11.14 9.91 9.74
N ASN A 76 -11.95 9.86 8.68
CA ASN A 76 -13.27 10.46 8.67
C ASN A 76 -14.08 10.15 9.94
N LYS A 77 -13.90 8.95 10.53
CA LYS A 77 -14.45 8.53 11.82
C LYS A 77 -13.38 7.80 12.65
N VAL A 78 -12.11 8.15 12.52
CA VAL A 78 -11.04 7.59 13.33
C VAL A 78 -10.14 8.71 13.83
N SER A 79 -9.65 8.61 15.07
CA SER A 79 -8.77 9.62 15.63
C SER A 79 -7.33 9.28 15.28
N GLU A 80 -6.43 10.27 15.34
CA GLU A 80 -5.02 10.09 15.00
C GLU A 80 -4.34 9.07 15.88
N VAL A 81 -4.86 8.85 17.10
CA VAL A 81 -4.30 7.82 17.97
C VAL A 81 -4.50 6.46 17.34
N GLU A 82 -5.70 6.21 16.83
CA GLU A 82 -6.00 4.92 16.25
C GLU A 82 -5.36 4.81 14.87
N GLY A 83 -5.36 5.87 14.08
CA GLY A 83 -4.73 5.83 12.77
C GLY A 83 -3.21 5.82 12.85
N ASP A 84 -2.61 6.30 13.93
CA ASP A 84 -1.17 6.16 14.14
C ASP A 84 -0.87 4.68 14.26
N LYS A 85 -1.56 4.01 15.18
CA LYS A 85 -1.28 2.61 15.40
C LYS A 85 -1.62 1.83 14.15
N GLN A 86 -2.77 2.08 13.53
CA GLN A 86 -3.20 1.33 12.36
C GLN A 86 -2.18 1.53 11.26
N LEU A 87 -1.67 2.75 11.09
CA LEU A 87 -0.74 2.99 10.00
C LEU A 87 0.52 2.20 10.26
N ALA A 88 0.97 2.18 11.52
CA ALA A 88 2.13 1.41 11.88
C ALA A 88 1.85 -0.09 11.90
N GLU A 89 0.60 -0.52 12.06
CA GLU A 89 0.22 -1.93 12.16
C GLU A 89 0.06 -2.50 10.75
N ALA A 90 -0.37 -1.67 9.82
CA ALA A 90 -0.40 -2.02 8.41
C ALA A 90 1.05 -2.18 7.97
N TYR A 91 1.84 -1.13 8.21
CA TYR A 91 3.24 -1.05 7.83
C TYR A 91 4.08 -2.07 8.57
N GLU A 92 3.74 -2.45 9.80
CA GLU A 92 4.44 -3.51 10.52
C GLU A 92 4.05 -4.84 9.92
N SER A 93 2.76 -5.07 9.69
CA SER A 93 2.32 -6.34 9.15
C SER A 93 2.90 -6.54 7.76
N ILE A 94 3.11 -5.47 6.99
CA ILE A 94 3.71 -5.58 5.68
C ILE A 94 5.23 -5.75 5.86
N ALA A 95 5.85 -4.98 6.76
CA ALA A 95 7.30 -4.99 6.97
C ALA A 95 7.78 -6.37 7.39
N LYS A 96 7.17 -6.91 8.43
CA LYS A 96 7.44 -8.26 8.88
C LYS A 96 7.18 -9.22 7.73
N ILE A 97 6.11 -9.04 6.93
CA ILE A 97 5.86 -9.92 5.79
C ILE A 97 6.99 -9.83 4.77
N VAL A 98 7.60 -8.67 4.60
CA VAL A 98 8.65 -8.44 3.63
C VAL A 98 9.87 -9.25 4.02
N ASN A 99 10.15 -9.37 5.31
CA ASN A 99 11.32 -10.10 5.78
C ASN A 99 11.02 -11.59 5.82
N ASP A 100 9.78 -11.92 6.19
CA ASP A 100 9.25 -13.27 6.36
C ASP A 100 9.33 -13.99 5.02
N ASN A 101 8.86 -13.31 3.98
CA ASN A 101 8.90 -13.83 2.62
C ASN A 101 10.23 -13.51 1.92
N ASN A 102 11.09 -12.76 2.62
CA ASN A 102 12.40 -12.28 2.21
C ASN A 102 12.41 -11.64 0.83
N TYR A 103 11.48 -10.75 0.60
CA TYR A 103 11.39 -10.04 -0.65
C TYR A 103 12.48 -8.99 -0.79
N LYS A 104 13.01 -8.85 -2.00
CA LYS A 104 14.05 -7.89 -2.36
C LYS A 104 13.52 -6.77 -3.26
N SER A 105 12.26 -6.86 -3.69
CA SER A 105 11.57 -5.82 -4.45
C SER A 105 10.11 -5.89 -3.99
N VAL A 106 9.48 -4.74 -3.73
CA VAL A 106 8.11 -4.71 -3.23
C VAL A 106 7.39 -3.47 -3.72
N ALA A 107 6.38 -3.64 -4.57
CA ALA A 107 5.57 -2.53 -4.97
C ALA A 107 4.44 -2.37 -3.96
N ILE A 108 4.42 -1.24 -3.25
CA ILE A 108 3.31 -0.84 -2.38
C ILE A 108 3.08 0.66 -2.64
N PRO A 109 1.86 1.05 -3.01
CA PRO A 109 1.52 2.42 -3.28
C PRO A 109 1.13 3.14 -1.99
N LEU A 110 0.62 4.36 -2.10
CA LEU A 110 0.31 5.19 -0.95
C LEU A 110 -1.18 5.19 -0.78
N LEU A 111 -1.61 4.82 0.42
CA LEU A 111 -2.98 4.72 0.83
C LEU A 111 -3.13 5.44 2.17
N SER A 112 -4.38 5.66 2.56
CA SER A 112 -4.72 6.54 3.68
C SER A 112 -4.09 7.92 3.52
N THR A 113 -4.52 8.68 2.52
CA THR A 113 -4.13 10.05 2.32
C THR A 113 -5.37 10.86 1.90
N GLY A 114 -5.84 10.74 0.66
CA GLY A 114 -6.87 11.64 0.14
C GLY A 114 -8.16 10.89 -0.14
N ILE A 115 -8.56 10.02 0.79
CA ILE A 115 -9.74 9.18 0.62
C ILE A 115 -10.22 8.73 2.01
N PHE A 116 -9.48 7.85 2.65
CA PHE A 116 -9.78 7.23 3.93
C PHE A 116 -9.69 8.28 5.03
N SER A 117 -8.67 9.14 4.93
CA SER A 117 -8.49 10.23 5.87
C SER A 117 -9.72 11.16 5.92
N GLY A 118 -10.57 11.14 4.88
CA GLY A 118 -11.64 12.12 4.77
C GLY A 118 -11.12 13.47 4.29
N ASN A 119 -9.96 13.46 3.61
CA ASN A 119 -9.35 14.60 2.93
C ASN A 119 -8.73 15.59 3.92
N LYS A 120 -7.46 15.37 4.29
CA LYS A 120 -6.73 16.23 5.24
C LYS A 120 -5.27 15.79 5.31
N ASP A 121 -5.00 14.51 5.55
CA ASP A 121 -3.64 13.97 5.53
C ASP A 121 -3.02 14.16 4.16
N ARG A 122 -1.69 14.00 4.04
CA ARG A 122 -1.01 14.06 2.76
C ARG A 122 -0.13 12.84 2.56
N LEU A 123 0.17 12.58 1.29
CA LEU A 123 0.95 11.43 0.92
C LEU A 123 2.37 11.63 1.34
N THR A 124 2.86 12.86 1.37
CA THR A 124 4.15 13.23 1.90
C THR A 124 4.35 12.64 3.29
N GLN A 125 3.29 12.54 4.11
CA GLN A 125 3.46 11.94 5.42
C GLN A 125 3.45 10.43 5.30
N SER A 126 2.42 9.86 4.66
CA SER A 126 2.27 8.42 4.60
C SER A 126 3.47 7.76 3.90
N LEU A 127 4.05 8.47 2.94
CA LEU A 127 5.21 8.08 2.17
C LEU A 127 6.42 8.18 3.06
N ASN A 128 6.50 9.20 3.90
CA ASN A 128 7.62 9.32 4.83
C ASN A 128 7.71 8.03 5.63
N HIS A 129 6.59 7.63 6.20
CA HIS A 129 6.53 6.48 7.08
C HIS A 129 6.73 5.21 6.27
N LEU A 130 6.31 5.19 5.01
CA LEU A 130 6.41 4.01 4.17
C LEU A 130 7.86 3.76 3.81
N LEU A 131 8.52 4.81 3.35
CA LEU A 131 9.92 4.79 2.98
C LEU A 131 10.75 4.53 4.21
N THR A 132 10.31 4.95 5.40
CA THR A 132 11.07 4.69 6.62
C THR A 132 10.98 3.20 6.94
N ALA A 133 9.78 2.62 6.86
CA ALA A 133 9.65 1.21 7.15
C ALA A 133 10.45 0.38 6.16
N LEU A 134 10.41 0.76 4.89
CA LEU A 134 11.10 0.02 3.84
C LEU A 134 12.59 0.39 3.77
N ASP A 135 12.99 1.50 4.40
CA ASP A 135 14.39 1.88 4.49
C ASP A 135 15.14 0.81 5.30
N THR A 136 14.46 0.32 6.34
CA THR A 136 14.93 -0.74 7.22
C THR A 136 15.17 -2.07 6.48
N THR A 137 14.83 -2.21 5.19
CA THR A 137 14.99 -3.48 4.47
C THR A 137 15.92 -3.34 3.27
N ASP A 138 16.75 -4.34 3.00
CA ASP A 138 17.48 -4.64 1.76
C ASP A 138 16.53 -5.14 0.69
N ALA A 139 15.53 -4.33 0.40
CA ALA A 139 14.70 -4.50 -0.75
C ALA A 139 14.68 -3.14 -1.44
N ASP A 140 13.47 -2.66 -1.68
CA ASP A 140 13.15 -1.36 -2.21
C ASP A 140 11.67 -1.15 -1.90
N VAL A 141 11.09 -0.06 -2.39
CA VAL A 141 9.66 0.06 -2.54
C VAL A 141 9.34 0.58 -3.92
N ALA A 142 8.15 0.27 -4.43
CA ALA A 142 7.70 0.79 -5.71
C ALA A 142 6.30 1.37 -5.51
N ILE A 143 6.18 2.69 -5.57
CA ILE A 143 4.90 3.38 -5.45
C ILE A 143 4.34 3.53 -6.85
N TYR A 144 3.09 3.11 -7.07
CA TYR A 144 2.37 3.18 -8.34
C TYR A 144 0.94 3.71 -8.11
N CYS A 145 0.53 4.76 -8.82
CA CYS A 145 -0.85 5.23 -8.78
C CYS A 145 -1.20 5.96 -10.07
N ARG A 146 -2.50 6.05 -10.36
CA ARG A 146 -3.01 6.89 -11.44
C ARG A 146 -3.22 8.29 -10.89
N ASP A 147 -2.45 9.24 -11.38
CA ASP A 147 -2.64 10.67 -11.13
C ASP A 147 -1.68 11.46 -12.03
N LYS A 148 -0.44 10.99 -12.11
CA LYS A 148 0.68 11.58 -12.82
C LYS A 148 1.40 12.60 -11.98
N LYS A 149 0.70 13.58 -11.38
CA LYS A 149 1.41 14.49 -10.49
C LYS A 149 1.96 13.75 -9.29
N TRP A 150 1.34 12.65 -8.87
CA TRP A 150 1.87 11.97 -7.68
C TRP A 150 3.14 11.24 -8.07
N GLU A 151 3.14 10.67 -9.28
CA GLU A 151 4.28 9.93 -9.78
C GLU A 151 5.45 10.90 -9.94
N MET A 152 5.17 12.11 -10.41
CA MET A 152 6.16 13.15 -10.57
C MET A 152 6.71 13.53 -9.20
N THR A 153 5.87 13.90 -8.24
CA THR A 153 6.34 14.40 -6.97
C THR A 153 7.15 13.35 -6.25
N LEU A 154 6.67 12.12 -6.24
CA LEU A 154 7.43 11.05 -5.62
C LEU A 154 8.75 10.85 -6.33
N LYS A 155 8.81 10.99 -7.65
CA LYS A 155 10.09 10.79 -8.33
C LYS A 155 11.01 11.98 -8.05
N GLU A 156 10.43 13.15 -7.80
CA GLU A 156 11.15 14.39 -7.53
C GLU A 156 11.86 14.22 -6.20
N ALA A 157 11.14 13.80 -5.16
CA ALA A 157 11.69 13.61 -3.83
C ALA A 157 12.67 12.43 -3.82
N VAL A 158 12.32 11.34 -4.50
CA VAL A 158 13.19 10.18 -4.60
C VAL A 158 14.42 10.52 -5.44
N ALA A 159 14.39 11.59 -6.23
CA ALA A 159 15.57 12.08 -6.93
C ALA A 159 16.39 12.98 -6.00
N ARG A 160 15.75 13.92 -5.32
CA ARG A 160 16.42 14.88 -4.46
C ARG A 160 17.04 14.22 -3.23
N ARG A 161 16.59 13.01 -2.89
CA ARG A 161 17.19 12.25 -1.81
C ARG A 161 18.63 11.81 -2.13
N GLU A 162 18.95 11.69 -3.41
CA GLU A 162 20.24 11.21 -3.91
C GLU A 162 21.39 12.01 -3.30
N ALA A 3 18.89 0.41 2.85
CA ALA A 3 17.54 1.00 2.85
C ALA A 3 16.96 0.77 1.45
N PRO A 4 15.64 0.87 1.27
CA PRO A 4 15.02 0.52 0.00
C PRO A 4 15.30 1.62 -1.01
N SER A 5 15.75 1.29 -2.23
CA SER A 5 15.82 2.32 -3.25
C SER A 5 14.38 2.68 -3.63
N TYR A 6 14.17 3.89 -4.16
CA TYR A 6 12.84 4.35 -4.45
C TYR A 6 12.65 4.30 -5.95
N HIS A 7 11.49 3.80 -6.40
CA HIS A 7 11.18 3.80 -7.82
C HIS A 7 9.71 4.10 -8.00
N VAL A 8 9.36 5.11 -8.81
CA VAL A 8 7.98 5.38 -9.15
C VAL A 8 7.70 4.85 -10.55
N VAL A 9 6.57 4.17 -10.75
CA VAL A 9 6.18 3.66 -12.06
C VAL A 9 4.74 4.08 -12.32
N ARG A 10 4.44 4.63 -13.49
CA ARG A 10 3.06 4.95 -13.82
C ARG A 10 2.45 3.71 -14.43
N GLY A 11 1.64 3.00 -13.65
CA GLY A 11 0.92 1.84 -14.11
C GLY A 11 -0.34 1.72 -13.29
N ASP A 12 -0.79 0.50 -13.08
CA ASP A 12 -2.02 0.18 -12.38
C ASP A 12 -1.75 -1.02 -11.48
N ILE A 13 -2.61 -1.27 -10.50
CA ILE A 13 -2.56 -2.43 -9.63
C ILE A 13 -2.72 -3.69 -10.50
N ALA A 14 -3.60 -3.62 -11.50
CA ALA A 14 -3.83 -4.75 -12.41
C ALA A 14 -2.68 -4.90 -13.41
N THR A 15 -1.61 -4.12 -13.30
CA THR A 15 -0.40 -4.30 -14.09
C THR A 15 0.84 -4.29 -13.19
N ALA A 16 0.69 -4.27 -11.87
CA ALA A 16 1.78 -4.14 -10.92
C ALA A 16 2.36 -5.52 -10.65
N THR A 17 2.87 -6.15 -11.70
CA THR A 17 3.29 -7.54 -11.72
C THR A 17 4.68 -7.75 -11.08
N GLU A 18 5.00 -7.01 -10.02
CA GLU A 18 6.29 -6.98 -9.32
C GLU A 18 6.47 -8.17 -8.37
N GLY A 19 5.87 -9.31 -8.69
CA GLY A 19 5.82 -10.43 -7.76
C GLY A 19 4.68 -10.26 -6.78
N VAL A 20 4.50 -9.05 -6.23
CA VAL A 20 3.67 -8.78 -5.07
C VAL A 20 2.94 -7.47 -5.33
N ILE A 21 1.70 -7.39 -4.86
CA ILE A 21 0.80 -6.27 -4.99
C ILE A 21 0.13 -6.14 -3.63
N ILE A 22 -0.15 -4.92 -3.17
CA ILE A 22 -0.90 -4.70 -1.95
C ILE A 22 -2.07 -3.81 -2.33
N ASN A 23 -3.25 -4.11 -1.80
CA ASN A 23 -4.44 -3.30 -2.02
C ASN A 23 -5.10 -3.07 -0.67
N ALA A 24 -5.95 -2.05 -0.57
CA ALA A 24 -6.78 -1.91 0.62
C ALA A 24 -7.76 -3.09 0.67
N ALA A 25 -8.29 -3.31 1.87
CA ALA A 25 -9.12 -4.45 2.19
C ALA A 25 -10.08 -4.11 3.33
N ASN A 26 -9.55 -3.43 4.34
CA ASN A 26 -10.32 -3.01 5.51
C ASN A 26 -10.85 -4.24 6.24
N SER A 27 -11.69 -4.02 7.25
CA SER A 27 -12.34 -5.12 7.96
C SER A 27 -13.12 -6.04 7.01
N LYS A 28 -13.60 -5.49 5.89
CA LYS A 28 -14.46 -6.17 4.94
C LYS A 28 -13.68 -7.01 3.92
N GLY A 29 -12.35 -6.93 3.91
CA GLY A 29 -11.56 -7.64 2.91
C GLY A 29 -11.69 -7.05 1.50
N GLN A 30 -12.33 -5.89 1.34
CA GLN A 30 -12.54 -5.23 0.07
C GLN A 30 -11.99 -3.80 0.15
N PRO A 31 -11.15 -3.38 -0.82
CA PRO A 31 -10.64 -2.03 -0.88
C PRO A 31 -11.76 -1.02 -1.04
N GLY A 32 -11.46 0.23 -0.65
CA GLY A 32 -12.33 1.35 -0.96
C GLY A 32 -12.75 1.36 -2.44
N GLY A 33 -13.98 1.81 -2.71
CA GLY A 33 -14.53 1.84 -4.05
C GLY A 33 -13.62 2.63 -4.98
N GLY A 34 -13.40 2.10 -6.18
CA GLY A 34 -12.39 2.60 -7.09
C GLY A 34 -11.62 1.40 -7.60
N VAL A 35 -10.40 1.20 -7.09
CA VAL A 35 -9.53 0.14 -7.59
C VAL A 35 -10.00 -1.27 -7.23
N CYS A 36 -10.96 -1.41 -6.31
CA CYS A 36 -11.72 -2.65 -6.20
C CYS A 36 -12.15 -3.12 -7.58
N GLY A 37 -12.70 -2.23 -8.40
CA GLY A 37 -13.17 -2.59 -9.74
C GLY A 37 -12.03 -3.08 -10.64
N ALA A 38 -10.85 -2.48 -10.55
CA ALA A 38 -9.76 -2.80 -11.46
C ALA A 38 -9.22 -4.19 -11.15
N LEU A 39 -8.80 -4.39 -9.90
CA LEU A 39 -8.25 -5.66 -9.50
C LEU A 39 -9.32 -6.75 -9.54
N TYR A 40 -10.61 -6.39 -9.43
CA TYR A 40 -11.69 -7.34 -9.64
C TYR A 40 -11.81 -7.71 -11.11
N LYS A 41 -11.64 -6.76 -12.02
CA LYS A 41 -11.89 -7.02 -13.42
C LYS A 41 -10.78 -7.93 -13.96
N LYS A 42 -9.56 -7.74 -13.44
CA LYS A 42 -8.38 -8.41 -13.95
C LYS A 42 -8.01 -9.61 -13.08
N PHE A 43 -8.27 -9.53 -11.79
CA PHE A 43 -7.89 -10.55 -10.81
C PHE A 43 -9.04 -10.78 -9.81
N PRO A 44 -10.23 -11.19 -10.27
CA PRO A 44 -11.35 -11.44 -9.37
C PRO A 44 -11.03 -12.56 -8.38
N GLU A 45 -10.07 -13.41 -8.71
CA GLU A 45 -9.66 -14.54 -7.88
C GLU A 45 -8.67 -14.09 -6.80
N SER A 46 -8.50 -12.77 -6.65
CA SER A 46 -7.70 -12.16 -5.60
C SER A 46 -8.58 -11.26 -4.74
N PHE A 47 -9.91 -11.40 -4.84
CA PHE A 47 -10.83 -10.74 -3.95
C PHE A 47 -11.70 -11.81 -3.31
N ASP A 48 -11.18 -12.33 -2.20
CA ASP A 48 -11.87 -13.26 -1.32
C ASP A 48 -12.78 -12.50 -0.36
N LEU A 49 -12.58 -11.18 -0.23
CA LEU A 49 -13.39 -10.21 0.52
C LEU A 49 -13.93 -10.81 1.83
N GLN A 50 -12.99 -11.45 2.53
CA GLN A 50 -13.20 -12.08 3.81
C GLN A 50 -13.01 -11.07 4.94
N PRO A 51 -13.49 -11.41 6.15
CA PRO A 51 -13.29 -10.58 7.33
C PRO A 51 -11.81 -10.60 7.75
N ILE A 52 -11.19 -9.42 7.85
CA ILE A 52 -9.81 -9.25 8.27
C ILE A 52 -9.82 -8.40 9.55
N GLU A 53 -8.85 -8.60 10.42
CA GLU A 53 -8.72 -7.84 11.65
C GLU A 53 -8.30 -6.41 11.36
N VAL A 54 -8.55 -5.53 12.32
CA VAL A 54 -8.28 -4.11 12.18
C VAL A 54 -6.83 -3.86 12.57
N GLY A 55 -5.99 -3.72 11.55
CA GLY A 55 -4.56 -3.48 11.66
C GLY A 55 -3.76 -4.58 10.96
N LYS A 56 -4.34 -5.79 10.91
CA LYS A 56 -3.68 -6.97 10.43
C LYS A 56 -3.84 -7.00 8.92
N ALA A 57 -2.74 -7.23 8.20
CA ALA A 57 -2.82 -7.53 6.78
C ALA A 57 -2.76 -9.05 6.61
N ARG A 58 -3.48 -9.61 5.63
CA ARG A 58 -3.40 -11.01 5.27
C ARG A 58 -3.18 -11.09 3.75
N LEU A 59 -2.25 -11.93 3.31
CA LEU A 59 -2.08 -12.22 1.89
C LEU A 59 -3.24 -13.08 1.38
N VAL A 60 -3.52 -12.99 0.08
CA VAL A 60 -4.56 -13.76 -0.57
C VAL A 60 -3.93 -14.46 -1.77
N LYS A 61 -4.12 -15.78 -1.86
CA LYS A 61 -3.51 -16.58 -2.91
C LYS A 61 -4.32 -16.41 -4.18
N GLY A 62 -4.10 -15.34 -4.94
CA GLY A 62 -4.70 -15.20 -6.24
C GLY A 62 -4.00 -16.17 -7.16
N ALA A 63 -4.78 -17.00 -7.84
CA ALA A 63 -4.27 -17.90 -8.87
C ALA A 63 -3.57 -17.10 -9.95
N ALA A 64 -4.17 -15.97 -10.33
CA ALA A 64 -3.61 -15.05 -11.31
C ALA A 64 -2.29 -14.42 -10.81
N LYS A 65 -2.24 -13.94 -9.56
CA LYS A 65 -0.98 -13.52 -8.93
C LYS A 65 -1.21 -13.46 -7.42
N HIS A 66 -0.13 -13.51 -6.63
CA HIS A 66 -0.23 -13.31 -5.19
C HIS A 66 -0.55 -11.84 -4.91
N ILE A 67 -1.53 -11.58 -4.04
CA ILE A 67 -1.92 -10.23 -3.64
C ILE A 67 -1.82 -10.17 -2.12
N ILE A 68 -1.75 -8.96 -1.56
CA ILE A 68 -1.75 -8.72 -0.13
C ILE A 68 -2.92 -7.80 0.17
N HIS A 69 -3.63 -8.05 1.27
CA HIS A 69 -4.77 -7.25 1.68
C HIS A 69 -4.43 -6.58 2.99
N ALA A 70 -4.50 -5.25 3.03
CA ALA A 70 -4.22 -4.48 4.22
C ALA A 70 -5.50 -3.79 4.68
N VAL A 71 -5.71 -3.74 5.99
CA VAL A 71 -6.80 -3.00 6.56
C VAL A 71 -6.32 -1.58 6.72
N GLY A 72 -7.10 -0.65 6.15
CA GLY A 72 -6.99 0.77 6.37
C GLY A 72 -8.40 1.31 6.59
N PRO A 73 -8.73 1.80 7.80
CA PRO A 73 -9.95 2.54 8.03
C PRO A 73 -9.74 3.96 7.49
N ASN A 74 -10.68 4.88 7.76
CA ASN A 74 -10.63 6.20 7.17
C ASN A 74 -10.58 7.21 8.31
N PHE A 75 -9.51 8.02 8.42
CA PHE A 75 -9.41 9.03 9.47
C PHE A 75 -10.60 9.99 9.41
N ASN A 76 -11.24 10.11 8.24
CA ASN A 76 -12.50 10.82 8.10
C ASN A 76 -13.53 10.49 9.20
N LYS A 77 -13.61 9.23 9.62
CA LYS A 77 -14.45 8.80 10.74
C LYS A 77 -13.66 7.93 11.71
N VAL A 78 -12.36 8.18 11.87
CA VAL A 78 -11.54 7.51 12.87
C VAL A 78 -10.82 8.58 13.68
N SER A 79 -10.28 8.24 14.86
CA SER A 79 -9.49 9.20 15.61
C SER A 79 -8.07 9.13 15.08
N GLU A 80 -7.34 10.24 15.13
CA GLU A 80 -5.93 10.28 14.77
C GLU A 80 -5.14 9.26 15.60
N VAL A 81 -5.59 8.96 16.82
CA VAL A 81 -4.88 8.01 17.67
C VAL A 81 -5.01 6.60 17.10
N GLU A 82 -6.20 6.25 16.65
CA GLU A 82 -6.42 4.92 16.09
C GLU A 82 -5.75 4.85 14.74
N GLY A 83 -5.85 5.86 13.89
CA GLY A 83 -5.23 5.82 12.57
C GLY A 83 -3.70 5.89 12.64
N ASP A 84 -3.14 6.46 13.70
CA ASP A 84 -1.70 6.41 13.94
C ASP A 84 -1.30 4.96 14.11
N LYS A 85 -1.95 4.27 15.05
CA LYS A 85 -1.58 2.89 15.32
C LYS A 85 -1.88 2.03 14.12
N GLN A 86 -3.04 2.20 13.49
CA GLN A 86 -3.44 1.41 12.34
C GLN A 86 -2.44 1.62 11.23
N LEU A 87 -1.99 2.85 11.02
CA LEU A 87 -1.09 3.11 9.91
C LEU A 87 0.22 2.38 10.17
N ALA A 88 0.67 2.36 11.43
CA ALA A 88 1.87 1.61 11.78
C ALA A 88 1.61 0.11 11.77
N GLU A 89 0.40 -0.36 12.04
CA GLU A 89 0.05 -1.76 12.08
C GLU A 89 -0.01 -2.33 10.68
N ALA A 90 -0.49 -1.52 9.73
CA ALA A 90 -0.52 -1.86 8.32
C ALA A 90 0.94 -1.95 7.87
N TYR A 91 1.70 -0.89 8.09
CA TYR A 91 3.11 -0.82 7.76
C TYR A 91 3.94 -1.88 8.48
N GLU A 92 3.54 -2.33 9.66
CA GLU A 92 4.26 -3.37 10.38
C GLU A 92 3.87 -4.74 9.85
N SER A 93 2.62 -4.92 9.45
CA SER A 93 2.24 -6.17 8.82
C SER A 93 3.04 -6.29 7.53
N ILE A 94 3.13 -5.21 6.75
CA ILE A 94 3.74 -5.26 5.44
C ILE A 94 5.25 -5.35 5.60
N ALA A 95 5.84 -4.58 6.51
CA ALA A 95 7.29 -4.54 6.69
C ALA A 95 7.76 -5.86 7.26
N LYS A 96 7.09 -6.39 8.29
CA LYS A 96 7.47 -7.70 8.79
C LYS A 96 7.29 -8.72 7.67
N ILE A 97 6.21 -8.65 6.88
CA ILE A 97 6.00 -9.59 5.77
C ILE A 97 7.11 -9.47 4.73
N VAL A 98 7.63 -8.26 4.51
CA VAL A 98 8.69 -8.03 3.53
C VAL A 98 9.94 -8.76 3.96
N ASN A 99 10.23 -8.77 5.26
CA ASN A 99 11.43 -9.41 5.76
C ASN A 99 11.22 -10.92 5.78
N ASP A 100 10.01 -11.33 6.16
CA ASP A 100 9.60 -12.71 6.39
C ASP A 100 9.64 -13.46 5.06
N ASN A 101 9.18 -12.79 4.01
CA ASN A 101 9.24 -13.32 2.66
C ASN A 101 10.55 -12.95 1.98
N ASN A 102 11.32 -12.09 2.63
CA ASN A 102 12.65 -11.67 2.23
C ASN A 102 12.62 -11.08 0.82
N TYR A 103 11.68 -10.20 0.57
CA TYR A 103 11.59 -9.52 -0.72
C TYR A 103 12.73 -8.54 -0.93
N LYS A 104 13.21 -8.49 -2.17
CA LYS A 104 14.23 -7.58 -2.63
C LYS A 104 13.58 -6.27 -3.07
N SER A 105 12.37 -6.35 -3.64
CA SER A 105 11.59 -5.21 -4.08
C SER A 105 10.13 -5.61 -3.99
N VAL A 106 9.23 -4.65 -3.76
CA VAL A 106 7.80 -4.87 -3.89
C VAL A 106 7.15 -3.57 -4.36
N ALA A 107 6.10 -3.71 -5.19
CA ALA A 107 5.29 -2.59 -5.58
C ALA A 107 4.21 -2.39 -4.51
N ILE A 108 4.38 -1.36 -3.69
CA ILE A 108 3.51 -1.00 -2.58
C ILE A 108 2.93 0.39 -2.87
N PRO A 109 1.63 0.50 -3.16
CA PRO A 109 1.01 1.79 -3.40
C PRO A 109 0.84 2.55 -2.09
N LEU A 110 0.33 3.77 -2.19
CA LEU A 110 0.20 4.69 -1.09
C LEU A 110 -1.24 4.65 -0.59
N LEU A 111 -1.42 4.30 0.68
CA LEU A 111 -2.71 4.21 1.32
C LEU A 111 -2.83 5.35 2.33
N SER A 112 -3.97 5.45 3.01
CA SER A 112 -4.29 6.53 3.92
C SER A 112 -3.92 7.92 3.37
N THR A 113 -4.15 8.15 2.08
CA THR A 113 -3.81 9.36 1.38
C THR A 113 -5.12 9.91 0.85
N GLY A 114 -5.71 10.90 1.53
CA GLY A 114 -6.98 11.51 1.15
C GLY A 114 -8.13 10.51 1.25
N ILE A 115 -8.26 9.63 0.25
CA ILE A 115 -9.29 8.61 0.06
C ILE A 115 -9.69 7.91 1.36
N PHE A 116 -8.74 7.69 2.29
CA PHE A 116 -9.03 7.15 3.60
C PHE A 116 -8.81 8.24 4.66
N SER A 117 -7.76 9.06 4.57
CA SER A 117 -7.47 10.03 5.61
C SER A 117 -8.52 11.17 5.73
N GLY A 118 -9.53 11.20 4.87
CA GLY A 118 -10.45 12.32 4.78
C GLY A 118 -9.81 13.43 3.98
N ASN A 119 -9.42 14.52 4.63
CA ASN A 119 -8.78 15.63 3.94
C ASN A 119 -7.85 16.33 4.91
N LYS A 120 -6.60 15.88 4.99
CA LYS A 120 -5.59 16.50 5.83
C LYS A 120 -4.23 16.02 5.37
N ASP A 121 -3.95 14.74 5.62
CA ASP A 121 -2.69 14.13 5.26
C ASP A 121 -2.61 13.92 3.76
N ARG A 122 -1.39 13.67 3.28
CA ARG A 122 -1.14 13.48 1.87
C ARG A 122 -0.18 12.32 1.70
N LEU A 123 0.15 12.03 0.45
CA LEU A 123 0.93 10.86 0.12
C LEU A 123 2.35 11.04 0.57
N THR A 124 2.84 12.28 0.57
CA THR A 124 4.14 12.61 1.11
C THR A 124 4.28 12.11 2.55
N GLN A 125 3.19 12.13 3.33
CA GLN A 125 3.25 11.67 4.70
C GLN A 125 3.27 10.15 4.71
N SER A 126 2.31 9.50 4.03
CA SER A 126 2.21 8.05 4.05
C SER A 126 3.47 7.42 3.48
N LEU A 127 4.10 8.04 2.49
CA LEU A 127 5.35 7.61 1.89
C LEU A 127 6.43 7.74 2.92
N ASN A 128 6.43 8.83 3.68
CA ASN A 128 7.41 9.00 4.72
C ASN A 128 7.37 7.82 5.68
N HIS A 129 6.15 7.44 6.09
CA HIS A 129 5.96 6.38 7.05
C HIS A 129 6.28 5.03 6.41
N LEU A 130 6.02 4.89 5.12
CA LEU A 130 6.24 3.66 4.38
C LEU A 130 7.73 3.39 4.30
N LEU A 131 8.48 4.40 3.89
CA LEU A 131 9.93 4.43 3.84
C LEU A 131 10.47 4.27 5.23
N THR A 132 9.82 4.79 6.26
CA THR A 132 10.36 4.65 7.62
C THR A 132 10.28 3.18 8.03
N ALA A 133 9.18 2.51 7.73
CA ALA A 133 9.06 1.10 8.09
C ALA A 133 9.93 0.23 7.19
N LEU A 134 10.03 0.58 5.91
CA LEU A 134 10.78 -0.21 4.95
C LEU A 134 12.26 0.12 5.00
N ASP A 135 12.68 1.21 5.66
CA ASP A 135 14.09 1.56 5.86
C ASP A 135 14.79 0.43 6.62
N THR A 136 14.02 -0.21 7.51
CA THR A 136 14.41 -1.38 8.28
C THR A 136 14.84 -2.56 7.37
N THR A 137 14.68 -2.46 6.04
CA THR A 137 15.15 -3.45 5.08
C THR A 137 15.84 -2.73 3.92
N ASP A 138 16.99 -3.23 3.46
CA ASP A 138 17.62 -2.80 2.22
C ASP A 138 17.04 -3.59 1.05
N ALA A 139 15.71 -3.50 0.92
CA ALA A 139 14.97 -4.04 -0.20
C ALA A 139 14.80 -2.91 -1.23
N ASP A 140 13.55 -2.55 -1.52
CA ASP A 140 13.20 -1.52 -2.48
C ASP A 140 11.75 -1.12 -2.21
N VAL A 141 11.33 0.05 -2.68
CA VAL A 141 9.97 0.53 -2.55
C VAL A 141 9.53 1.03 -3.92
N ALA A 142 8.57 0.33 -4.52
CA ALA A 142 8.07 0.69 -5.84
C ALA A 142 6.66 1.22 -5.68
N ILE A 143 6.44 2.49 -6.00
CA ILE A 143 5.18 3.17 -5.80
C ILE A 143 4.61 3.48 -7.18
N TYR A 144 3.36 3.13 -7.43
CA TYR A 144 2.74 3.26 -8.73
C TYR A 144 1.34 3.84 -8.58
N CYS A 145 1.03 4.86 -9.38
CA CYS A 145 -0.30 5.43 -9.47
C CYS A 145 -0.40 6.23 -10.75
N ARG A 146 -1.64 6.44 -11.20
CA ARG A 146 -1.93 7.24 -12.37
C ARG A 146 -2.16 8.69 -11.93
N ASP A 147 -1.20 9.56 -12.23
CA ASP A 147 -1.27 10.96 -11.84
C ASP A 147 -0.26 11.77 -12.65
N LYS A 148 0.98 11.25 -12.71
CA LYS A 148 2.13 11.87 -13.35
C LYS A 148 2.75 12.97 -12.50
N LYS A 149 1.98 13.97 -12.08
CA LYS A 149 2.49 14.96 -11.14
C LYS A 149 3.00 14.28 -9.87
N TRP A 150 2.48 13.09 -9.54
CA TRP A 150 2.90 12.43 -8.33
C TRP A 150 4.29 11.85 -8.50
N GLU A 151 4.67 11.44 -9.72
CA GLU A 151 5.98 10.86 -9.92
C GLU A 151 7.00 11.97 -10.05
N MET A 152 6.58 13.13 -10.54
CA MET A 152 7.45 14.29 -10.59
C MET A 152 7.84 14.62 -9.17
N THR A 153 6.86 14.92 -8.32
CA THR A 153 7.12 15.29 -6.95
C THR A 153 7.86 14.20 -6.18
N LEU A 154 7.42 12.96 -6.31
CA LEU A 154 8.09 11.85 -5.62
C LEU A 154 9.51 11.71 -6.12
N LYS A 155 9.79 11.95 -7.41
CA LYS A 155 11.17 11.84 -7.88
C LYS A 155 11.98 13.04 -7.42
N GLU A 156 11.33 14.19 -7.25
CA GLU A 156 11.98 15.43 -6.87
C GLU A 156 12.45 15.28 -5.43
N ALA A 157 11.62 14.67 -4.58
CA ALA A 157 11.91 14.45 -3.18
C ALA A 157 12.84 13.27 -2.99
N VAL A 158 12.71 12.23 -3.81
CA VAL A 158 13.66 11.13 -3.82
C VAL A 158 15.03 11.69 -4.20
N ALA A 159 15.07 12.67 -5.11
CA ALA A 159 16.34 13.23 -5.53
C ALA A 159 16.92 14.05 -4.39
N ARG A 160 16.09 14.93 -3.81
CA ARG A 160 16.49 15.78 -2.72
C ARG A 160 16.75 14.99 -1.43
N ARG A 161 16.36 13.71 -1.39
CA ARG A 161 16.68 12.85 -0.25
C ARG A 161 18.16 12.52 -0.19
N GLU A 162 18.87 12.46 -1.31
CA GLU A 162 20.23 11.95 -1.34
C GLU A 162 21.03 12.62 -2.45
N ALA A 3 17.14 0.89 3.07
CA ALA A 3 17.76 1.02 1.74
C ALA A 3 17.08 2.15 1.01
N PRO A 4 17.80 3.25 0.75
CA PRO A 4 17.25 4.40 0.07
C PRO A 4 17.22 4.11 -1.43
N SER A 5 16.19 3.40 -1.90
CA SER A 5 15.95 3.21 -3.32
C SER A 5 14.44 3.23 -3.51
N TYR A 6 13.98 3.95 -4.53
CA TYR A 6 12.57 4.23 -4.70
C TYR A 6 12.26 4.15 -6.19
N HIS A 7 11.24 3.39 -6.57
CA HIS A 7 10.86 3.20 -7.96
C HIS A 7 9.39 3.51 -8.13
N VAL A 8 9.12 4.61 -8.82
CA VAL A 8 7.78 5.09 -9.07
C VAL A 8 7.31 4.57 -10.42
N VAL A 9 6.16 3.88 -10.45
CA VAL A 9 5.68 3.22 -11.66
C VAL A 9 4.21 3.58 -11.86
N ARG A 10 3.90 4.32 -12.93
CA ARG A 10 2.55 4.83 -13.17
C ARG A 10 1.77 3.74 -13.89
N GLY A 11 0.97 2.99 -13.14
CA GLY A 11 0.12 1.95 -13.68
C GLY A 11 -0.98 1.67 -12.66
N ASP A 12 -1.66 0.55 -12.89
CA ASP A 12 -2.80 0.09 -12.12
C ASP A 12 -2.36 -1.01 -11.17
N ILE A 13 -3.18 -1.26 -10.17
CA ILE A 13 -2.99 -2.34 -9.21
C ILE A 13 -2.96 -3.69 -9.91
N ALA A 14 -3.85 -3.91 -10.87
CA ALA A 14 -3.93 -5.17 -11.59
C ALA A 14 -2.76 -5.32 -12.58
N THR A 15 -1.88 -4.33 -12.66
CA THR A 15 -0.66 -4.38 -13.45
C THR A 15 0.58 -4.16 -12.59
N ALA A 16 0.44 -4.12 -11.25
CA ALA A 16 1.55 -3.88 -10.33
C ALA A 16 2.25 -5.21 -10.04
N THR A 17 2.70 -5.90 -11.08
CA THR A 17 3.20 -7.25 -10.99
C THR A 17 4.65 -7.30 -10.48
N GLU A 18 5.00 -6.50 -9.48
CA GLU A 18 6.30 -6.44 -8.81
C GLU A 18 6.47 -7.61 -7.83
N GLY A 19 6.02 -8.81 -8.19
CA GLY A 19 5.99 -9.96 -7.30
C GLY A 19 4.81 -9.89 -6.33
N VAL A 20 4.55 -8.71 -5.77
CA VAL A 20 3.73 -8.50 -4.59
C VAL A 20 2.85 -7.28 -4.86
N ILE A 21 1.58 -7.37 -4.51
CA ILE A 21 0.57 -6.36 -4.72
C ILE A 21 -0.12 -6.15 -3.38
N ILE A 22 -0.39 -4.90 -2.99
CA ILE A 22 -1.06 -4.60 -1.74
C ILE A 22 -2.31 -3.78 -2.05
N ASN A 23 -3.44 -4.16 -1.47
CA ASN A 23 -4.67 -3.40 -1.57
C ASN A 23 -5.18 -3.06 -0.19
N ALA A 24 -5.58 -1.80 0.02
CA ALA A 24 -6.27 -1.36 1.22
C ALA A 24 -7.72 -1.84 1.20
N ALA A 25 -7.89 -3.14 1.44
CA ALA A 25 -9.18 -3.80 1.35
C ALA A 25 -9.94 -3.68 2.68
N ASN A 26 -9.23 -3.32 3.74
CA ASN A 26 -9.82 -2.96 5.02
C ASN A 26 -10.30 -4.22 5.73
N SER A 27 -10.85 -4.09 6.94
CA SER A 27 -11.46 -5.22 7.61
C SER A 27 -12.67 -5.79 6.85
N LYS A 28 -13.13 -5.10 5.80
CA LYS A 28 -14.24 -5.52 4.94
C LYS A 28 -13.76 -6.37 3.76
N GLY A 29 -12.45 -6.41 3.48
CA GLY A 29 -11.92 -7.17 2.36
C GLY A 29 -12.20 -6.51 1.01
N GLN A 30 -12.69 -5.28 0.99
CA GLN A 30 -13.13 -4.60 -0.21
C GLN A 30 -12.35 -3.29 -0.36
N PRO A 31 -11.55 -3.13 -1.42
CA PRO A 31 -10.69 -1.96 -1.60
C PRO A 31 -11.53 -0.72 -1.84
N GLY A 32 -11.19 0.35 -1.12
CA GLY A 32 -11.93 1.59 -1.20
C GLY A 32 -11.68 2.28 -2.54
N GLY A 33 -12.70 2.34 -3.39
CA GLY A 33 -12.64 2.98 -4.70
C GLY A 33 -13.47 2.15 -5.68
N GLY A 34 -13.26 2.38 -6.97
CA GLY A 34 -13.92 1.57 -8.01
C GLY A 34 -12.99 0.50 -8.55
N VAL A 35 -11.80 0.32 -7.97
CA VAL A 35 -10.84 -0.65 -8.48
C VAL A 35 -11.35 -2.08 -8.36
N CYS A 36 -12.40 -2.32 -7.55
CA CYS A 36 -13.08 -3.60 -7.54
C CYS A 36 -13.33 -4.08 -8.97
N GLY A 37 -13.74 -3.16 -9.86
CA GLY A 37 -13.95 -3.47 -11.27
C GLY A 37 -12.66 -3.94 -11.95
N ALA A 38 -11.57 -3.18 -11.87
CA ALA A 38 -10.36 -3.48 -12.61
C ALA A 38 -9.76 -4.79 -12.14
N LEU A 39 -9.62 -4.94 -10.82
CA LEU A 39 -9.05 -6.13 -10.24
C LEU A 39 -9.88 -7.35 -10.58
N TYR A 40 -11.21 -7.24 -10.57
CA TYR A 40 -12.10 -8.30 -11.03
C TYR A 40 -11.94 -8.55 -12.53
N LYS A 41 -11.67 -7.50 -13.33
CA LYS A 41 -11.66 -7.58 -14.78
C LYS A 41 -10.39 -8.29 -15.22
N LYS A 42 -9.30 -8.16 -14.45
CA LYS A 42 -8.03 -8.76 -14.75
C LYS A 42 -7.96 -10.13 -14.09
N PHE A 43 -8.43 -10.25 -12.85
CA PHE A 43 -8.37 -11.47 -12.06
C PHE A 43 -9.21 -11.37 -10.76
N PRO A 44 -10.47 -11.81 -10.77
CA PRO A 44 -11.27 -11.90 -9.55
C PRO A 44 -10.89 -13.11 -8.70
N GLU A 45 -9.96 -13.93 -9.19
CA GLU A 45 -9.50 -15.16 -8.54
C GLU A 45 -8.85 -14.83 -7.19
N SER A 46 -8.24 -13.66 -7.07
CA SER A 46 -7.59 -13.25 -5.84
C SER A 46 -8.46 -12.22 -5.11
N PHE A 47 -9.79 -12.36 -5.21
CA PHE A 47 -10.74 -11.43 -4.63
C PHE A 47 -11.65 -12.22 -3.70
N ASP A 48 -11.12 -12.45 -2.51
CA ASP A 48 -11.73 -13.23 -1.45
C ASP A 48 -12.78 -12.38 -0.75
N LEU A 49 -12.49 -11.08 -0.64
CA LEU A 49 -13.36 -10.04 -0.07
C LEU A 49 -14.06 -10.53 1.19
N GLN A 50 -13.29 -11.19 2.04
CA GLN A 50 -13.70 -11.70 3.34
C GLN A 50 -13.35 -10.70 4.45
N PRO A 51 -14.04 -10.80 5.59
CA PRO A 51 -13.77 -9.96 6.75
C PRO A 51 -12.43 -10.35 7.40
N ILE A 52 -11.64 -9.37 7.80
CA ILE A 52 -10.34 -9.52 8.45
C ILE A 52 -10.32 -8.54 9.64
N GLU A 53 -9.36 -8.72 10.55
CA GLU A 53 -9.18 -7.90 11.74
C GLU A 53 -8.81 -6.47 11.37
N VAL A 54 -8.43 -5.62 12.34
CA VAL A 54 -8.16 -4.22 12.08
C VAL A 54 -6.76 -3.85 12.54
N GLY A 55 -5.83 -3.86 11.58
CA GLY A 55 -4.41 -3.58 11.80
C GLY A 55 -3.60 -4.66 11.13
N LYS A 56 -4.12 -5.90 11.12
CA LYS A 56 -3.42 -7.04 10.60
C LYS A 56 -3.64 -7.07 9.10
N ALA A 57 -2.57 -7.33 8.35
CA ALA A 57 -2.68 -7.60 6.91
C ALA A 57 -2.76 -9.12 6.71
N ARG A 58 -3.50 -9.57 5.70
CA ARG A 58 -3.64 -10.99 5.38
C ARG A 58 -3.47 -11.15 3.88
N LEU A 59 -2.55 -12.01 3.45
CA LEU A 59 -2.35 -12.27 2.03
C LEU A 59 -3.46 -13.17 1.50
N VAL A 60 -3.78 -13.04 0.20
CA VAL A 60 -4.82 -13.78 -0.46
C VAL A 60 -4.20 -14.47 -1.68
N LYS A 61 -4.03 -15.79 -1.60
CA LYS A 61 -3.37 -16.57 -2.64
C LYS A 61 -4.44 -17.09 -3.59
N GLY A 62 -4.57 -16.52 -4.78
CA GLY A 62 -5.45 -17.06 -5.79
C GLY A 62 -4.63 -17.96 -6.70
N ALA A 63 -5.29 -18.54 -7.70
CA ALA A 63 -4.64 -19.29 -8.77
C ALA A 63 -4.09 -18.33 -9.82
N ALA A 64 -4.76 -17.20 -10.04
CA ALA A 64 -4.33 -16.22 -11.03
C ALA A 64 -2.96 -15.64 -10.61
N LYS A 65 -2.85 -15.13 -9.39
CA LYS A 65 -1.60 -14.64 -8.85
C LYS A 65 -1.73 -14.51 -7.32
N HIS A 66 -0.61 -14.44 -6.62
CA HIS A 66 -0.56 -14.14 -5.20
C HIS A 66 -0.76 -12.65 -5.02
N ILE A 67 -1.64 -12.25 -4.09
CA ILE A 67 -1.95 -10.86 -3.80
C ILE A 67 -1.89 -10.68 -2.30
N ILE A 68 -1.74 -9.45 -1.82
CA ILE A 68 -1.69 -9.15 -0.40
C ILE A 68 -2.78 -8.14 -0.11
N HIS A 69 -3.39 -8.22 1.07
CA HIS A 69 -4.37 -7.26 1.50
C HIS A 69 -3.90 -6.68 2.84
N ALA A 70 -3.83 -5.35 2.91
CA ALA A 70 -3.56 -4.60 4.12
C ALA A 70 -4.85 -3.94 4.59
N VAL A 71 -5.12 -3.96 5.89
CA VAL A 71 -6.24 -3.25 6.44
C VAL A 71 -5.74 -1.84 6.74
N GLY A 72 -6.15 -0.87 5.92
CA GLY A 72 -5.73 0.52 6.04
C GLY A 72 -6.96 1.41 6.16
N PRO A 73 -7.31 1.86 7.38
CA PRO A 73 -8.53 2.61 7.64
C PRO A 73 -8.44 4.05 7.13
N ASN A 74 -9.40 4.89 7.51
CA ASN A 74 -9.63 6.16 6.84
C ASN A 74 -9.63 7.21 7.94
N PHE A 75 -8.63 8.10 7.99
CA PHE A 75 -8.55 9.14 9.02
C PHE A 75 -9.81 10.03 8.98
N ASN A 76 -10.51 10.05 7.84
CA ASN A 76 -11.84 10.65 7.72
C ASN A 76 -12.74 10.27 8.91
N LYS A 77 -12.77 8.99 9.27
CA LYS A 77 -13.57 8.44 10.36
C LYS A 77 -12.68 7.79 11.43
N VAL A 78 -11.39 8.15 11.48
CA VAL A 78 -10.45 7.58 12.44
C VAL A 78 -9.61 8.70 13.05
N SER A 79 -9.50 8.73 14.38
CA SER A 79 -8.78 9.77 15.10
C SER A 79 -7.32 9.63 14.73
N GLU A 80 -6.58 10.73 14.67
CA GLU A 80 -5.16 10.74 14.32
C GLU A 80 -4.35 9.75 15.17
N VAL A 81 -4.79 9.48 16.40
CA VAL A 81 -4.11 8.54 17.28
C VAL A 81 -4.30 7.12 16.75
N GLU A 82 -5.54 6.76 16.43
CA GLU A 82 -5.86 5.42 15.98
C GLU A 82 -5.29 5.21 14.59
N GLY A 83 -5.47 6.16 13.68
CA GLY A 83 -4.92 6.08 12.34
C GLY A 83 -3.41 6.11 12.32
N ASP A 84 -2.74 6.74 13.27
CA ASP A 84 -1.29 6.63 13.36
C ASP A 84 -0.92 5.17 13.62
N LYS A 85 -1.54 4.56 14.63
CA LYS A 85 -1.24 3.18 14.95
C LYS A 85 -1.60 2.28 13.78
N GLN A 86 -2.79 2.42 13.22
CA GLN A 86 -3.29 1.57 12.14
C GLN A 86 -2.43 1.76 10.90
N LEU A 87 -1.95 2.98 10.64
CA LEU A 87 -1.05 3.21 9.52
C LEU A 87 0.26 2.45 9.76
N ALA A 88 0.75 2.47 10.99
CA ALA A 88 1.96 1.74 11.34
C ALA A 88 1.71 0.25 11.43
N GLU A 89 0.48 -0.20 11.67
CA GLU A 89 0.13 -1.61 11.78
C GLU A 89 -0.01 -2.21 10.39
N ALA A 90 -0.48 -1.40 9.43
CA ALA A 90 -0.50 -1.79 8.04
C ALA A 90 0.96 -1.92 7.57
N TYR A 91 1.74 -0.85 7.78
CA TYR A 91 3.13 -0.79 7.42
C TYR A 91 3.99 -1.79 8.15
N GLU A 92 3.69 -2.18 9.39
CA GLU A 92 4.51 -3.17 10.09
C GLU A 92 4.10 -4.56 9.64
N SER A 93 2.82 -4.79 9.37
CA SER A 93 2.40 -6.05 8.80
C SER A 93 3.11 -6.25 7.48
N ILE A 94 3.16 -5.22 6.63
CA ILE A 94 3.72 -5.36 5.31
C ILE A 94 5.23 -5.45 5.41
N ALA A 95 5.85 -4.62 6.26
CA ALA A 95 7.31 -4.56 6.35
C ALA A 95 7.84 -5.86 6.93
N LYS A 96 7.18 -6.39 7.96
CA LYS A 96 7.53 -7.70 8.48
C LYS A 96 7.26 -8.75 7.42
N ILE A 97 6.15 -8.68 6.68
CA ILE A 97 5.88 -9.66 5.61
C ILE A 97 6.97 -9.59 4.55
N VAL A 98 7.53 -8.41 4.28
CA VAL A 98 8.58 -8.22 3.31
C VAL A 98 9.81 -9.00 3.76
N ASN A 99 10.12 -8.96 5.05
CA ASN A 99 11.32 -9.61 5.53
C ASN A 99 11.07 -11.10 5.67
N ASP A 100 9.85 -11.47 6.06
CA ASP A 100 9.45 -12.84 6.33
C ASP A 100 9.50 -13.62 5.01
N ASN A 101 9.03 -12.97 3.94
CA ASN A 101 9.02 -13.54 2.61
C ASN A 101 10.33 -13.24 1.87
N ASN A 102 11.15 -12.37 2.45
CA ASN A 102 12.47 -11.99 1.96
C ASN A 102 12.40 -11.35 0.58
N TYR A 103 11.45 -10.42 0.38
CA TYR A 103 11.35 -9.69 -0.87
C TYR A 103 12.40 -8.58 -0.97
N LYS A 104 12.98 -8.43 -2.17
CA LYS A 104 13.98 -7.43 -2.49
C LYS A 104 13.35 -6.08 -2.79
N SER A 105 12.06 -6.07 -3.15
CA SER A 105 11.30 -4.88 -3.46
C SER A 105 9.83 -5.27 -3.40
N VAL A 106 8.92 -4.31 -3.21
CA VAL A 106 7.49 -4.56 -3.18
C VAL A 106 6.79 -3.32 -3.69
N ALA A 107 5.71 -3.50 -4.46
CA ALA A 107 4.85 -2.41 -4.86
C ALA A 107 3.85 -2.19 -3.73
N ILE A 108 4.00 -1.09 -3.00
CA ILE A 108 3.16 -0.63 -1.90
C ILE A 108 2.58 0.72 -2.33
N PRO A 109 1.25 0.91 -2.31
CA PRO A 109 0.62 2.15 -2.71
C PRO A 109 0.68 3.17 -1.57
N LEU A 110 0.18 4.38 -1.81
CA LEU A 110 0.17 5.43 -0.82
C LEU A 110 -1.12 5.30 -0.03
N LEU A 111 -1.01 5.03 1.27
CA LEU A 111 -2.16 5.05 2.16
C LEU A 111 -2.47 6.50 2.52
N SER A 112 -3.53 6.71 3.32
CA SER A 112 -4.03 8.02 3.76
C SER A 112 -3.91 9.12 2.72
N THR A 113 -4.31 8.85 1.48
CA THR A 113 -4.25 9.84 0.41
C THR A 113 -5.53 9.70 -0.40
N GLY A 114 -5.60 8.68 -1.27
CA GLY A 114 -6.68 8.43 -2.22
C GLY A 114 -8.06 8.83 -1.68
N ILE A 115 -8.61 8.02 -0.76
CA ILE A 115 -9.86 8.34 -0.07
C ILE A 115 -9.79 7.85 1.38
N PHE A 116 -8.64 8.03 2.04
CA PHE A 116 -8.43 7.47 3.36
C PHE A 116 -8.24 8.62 4.37
N SER A 117 -7.32 9.54 4.10
CA SER A 117 -7.09 10.73 4.92
C SER A 117 -8.38 11.50 5.20
N GLY A 118 -9.23 11.69 4.19
CA GLY A 118 -10.34 12.61 4.30
C GLY A 118 -9.80 14.02 4.09
N ASN A 119 -9.16 14.58 5.11
CA ASN A 119 -8.45 15.84 4.98
C ASN A 119 -7.54 16.02 6.20
N LYS A 120 -6.23 15.79 6.05
CA LYS A 120 -5.19 16.05 7.05
C LYS A 120 -3.86 15.40 6.65
N ASP A 121 -3.84 14.07 6.51
CA ASP A 121 -2.63 13.36 6.10
C ASP A 121 -2.40 13.60 4.60
N ARG A 122 -1.18 13.42 4.09
CA ARG A 122 -0.86 13.59 2.68
C ARG A 122 0.16 12.55 2.25
N LEU A 123 0.49 12.52 0.96
CA LEU A 123 1.35 11.47 0.45
C LEU A 123 2.76 11.65 0.92
N THR A 124 3.22 12.89 1.03
CA THR A 124 4.50 13.22 1.58
C THR A 124 4.66 12.64 2.97
N GLN A 125 3.58 12.60 3.74
CA GLN A 125 3.63 12.13 5.10
C GLN A 125 3.68 10.61 5.07
N SER A 126 2.75 10.00 4.34
CA SER A 126 2.61 8.55 4.37
C SER A 126 3.86 7.89 3.78
N LEU A 127 4.47 8.53 2.78
CA LEU A 127 5.75 8.15 2.19
C LEU A 127 6.83 8.24 3.23
N ASN A 128 6.86 9.30 4.01
CA ASN A 128 7.90 9.47 5.02
C ASN A 128 7.94 8.28 5.95
N HIS A 129 6.76 7.85 6.38
CA HIS A 129 6.64 6.72 7.31
C HIS A 129 6.95 5.43 6.58
N LEU A 130 6.63 5.35 5.29
CA LEU A 130 6.86 4.15 4.52
C LEU A 130 8.36 3.92 4.36
N LEU A 131 9.12 4.99 4.11
CA LEU A 131 10.56 4.95 4.06
C LEU A 131 11.14 4.67 5.42
N THR A 132 10.50 5.12 6.49
CA THR A 132 11.02 4.82 7.81
C THR A 132 10.92 3.31 8.03
N ALA A 133 9.79 2.72 7.64
CA ALA A 133 9.63 1.28 7.79
C ALA A 133 10.58 0.52 6.88
N LEU A 134 10.73 0.98 5.64
CA LEU A 134 11.50 0.24 4.64
C LEU A 134 12.98 0.53 4.78
N ASP A 135 13.37 1.52 5.59
CA ASP A 135 14.78 1.63 5.91
C ASP A 135 15.19 0.49 6.83
N THR A 136 14.24 -0.07 7.59
CA THR A 136 14.50 -1.21 8.45
C THR A 136 14.60 -2.53 7.67
N THR A 137 14.34 -2.55 6.36
CA THR A 137 14.46 -3.80 5.60
C THR A 137 15.88 -3.88 5.03
N ASP A 138 16.16 -3.04 4.03
CA ASP A 138 17.34 -2.99 3.14
C ASP A 138 16.97 -3.33 1.69
N ALA A 139 15.66 -3.43 1.41
CA ALA A 139 15.10 -3.72 0.10
C ALA A 139 15.05 -2.45 -0.75
N ASP A 140 13.86 -1.87 -0.90
CA ASP A 140 13.51 -0.83 -1.86
C ASP A 140 12.04 -0.49 -1.58
N VAL A 141 11.53 0.60 -2.15
CA VAL A 141 10.10 0.88 -2.14
C VAL A 141 9.67 1.09 -3.57
N ALA A 142 8.64 0.37 -4.03
CA ALA A 142 8.07 0.65 -5.33
C ALA A 142 6.67 1.18 -5.06
N ILE A 143 6.23 2.21 -5.77
CA ILE A 143 4.98 2.87 -5.52
C ILE A 143 4.32 2.98 -6.90
N TYR A 144 3.01 2.80 -6.95
CA TYR A 144 2.18 2.71 -8.13
C TYR A 144 0.89 3.47 -7.91
N CYS A 145 0.64 4.53 -8.69
CA CYS A 145 -0.59 5.30 -8.74
C CYS A 145 -0.61 6.05 -10.06
N ARG A 146 -1.80 6.33 -10.61
CA ARG A 146 -1.96 7.31 -11.69
C ARG A 146 -2.28 8.68 -11.08
N ASP A 147 -1.54 9.73 -11.44
CA ASP A 147 -1.84 11.10 -10.99
C ASP A 147 -0.94 12.13 -11.67
N LYS A 148 0.32 11.75 -11.89
CA LYS A 148 1.39 12.58 -12.46
C LYS A 148 1.91 13.65 -11.49
N LYS A 149 1.05 14.40 -10.81
CA LYS A 149 1.55 15.19 -9.67
C LYS A 149 2.27 14.30 -8.66
N TRP A 150 1.89 13.02 -8.55
CA TRP A 150 2.58 12.12 -7.64
C TRP A 150 4.03 11.92 -8.03
N GLU A 151 4.34 11.86 -9.33
CA GLU A 151 5.69 11.56 -9.73
C GLU A 151 6.50 12.84 -9.65
N MET A 152 5.86 14.00 -9.75
CA MET A 152 6.55 15.23 -9.46
C MET A 152 6.99 15.22 -8.01
N THR A 153 6.06 15.10 -7.05
CA THR A 153 6.40 15.20 -5.65
C THR A 153 7.34 14.10 -5.20
N LEU A 154 7.08 12.86 -5.60
CA LEU A 154 7.94 11.74 -5.27
C LEU A 154 9.30 11.97 -5.90
N LYS A 155 9.41 12.56 -7.09
CA LYS A 155 10.73 12.81 -7.66
C LYS A 155 11.41 13.96 -6.93
N GLU A 156 10.65 14.90 -6.37
CA GLU A 156 11.22 16.04 -5.67
C GLU A 156 11.90 15.52 -4.41
N ALA A 157 11.19 14.68 -3.67
CA ALA A 157 11.67 14.11 -2.44
C ALA A 157 12.75 13.08 -2.70
N VAL A 158 12.61 12.24 -3.72
CA VAL A 158 13.63 11.28 -4.09
C VAL A 158 14.86 12.03 -4.59
N ALA A 159 14.69 13.24 -5.13
CA ALA A 159 15.84 14.00 -5.58
C ALA A 159 16.58 14.53 -4.35
N ARG A 160 15.86 15.20 -3.46
CA ARG A 160 16.44 15.78 -2.24
C ARG A 160 16.89 14.71 -1.25
N ARG A 161 16.43 13.47 -1.39
CA ARG A 161 16.95 12.36 -0.60
C ARG A 161 18.40 12.05 -0.95
N GLU A 162 18.80 12.31 -2.19
CA GLU A 162 20.11 11.98 -2.74
C GLU A 162 20.50 10.54 -2.41
N ALA A 3 20.01 -1.19 0.95
CA ALA A 3 19.87 0.26 0.73
C ALA A 3 18.44 0.56 0.35
N PRO A 4 17.77 1.52 1.00
CA PRO A 4 16.38 1.83 0.71
C PRO A 4 16.25 2.61 -0.59
N SER A 5 16.34 1.94 -1.73
CA SER A 5 16.03 2.54 -3.02
C SER A 5 14.52 2.63 -3.20
N TYR A 6 14.07 3.65 -3.93
CA TYR A 6 12.67 3.91 -4.25
C TYR A 6 12.60 4.01 -5.76
N HIS A 7 11.66 3.35 -6.41
CA HIS A 7 11.53 3.38 -7.85
C HIS A 7 10.06 3.62 -8.18
N VAL A 8 9.74 4.77 -8.76
CA VAL A 8 8.36 5.10 -9.02
C VAL A 8 8.02 4.76 -10.47
N VAL A 9 6.88 4.12 -10.72
CA VAL A 9 6.50 3.67 -12.05
C VAL A 9 5.02 3.96 -12.27
N ARG A 10 4.70 4.67 -13.36
CA ARG A 10 3.33 5.07 -13.62
C ARG A 10 2.62 3.89 -14.26
N GLY A 11 1.93 3.13 -13.43
CA GLY A 11 1.11 2.00 -13.81
C GLY A 11 -0.07 1.96 -12.85
N ASP A 12 -0.61 0.76 -12.64
CA ASP A 12 -1.85 0.56 -11.92
C ASP A 12 -1.68 -0.71 -11.09
N ILE A 13 -2.52 -0.91 -10.09
CA ILE A 13 -2.40 -2.10 -9.23
C ILE A 13 -2.65 -3.36 -10.05
N ALA A 14 -3.53 -3.29 -11.04
CA ALA A 14 -3.83 -4.42 -11.90
C ALA A 14 -2.68 -4.71 -12.88
N THR A 15 -1.66 -3.85 -12.95
CA THR A 15 -0.51 -3.99 -13.83
C THR A 15 0.80 -3.87 -13.05
N ALA A 16 0.75 -3.87 -11.72
CA ALA A 16 1.91 -3.74 -10.83
C ALA A 16 2.51 -5.12 -10.63
N THR A 17 2.97 -5.74 -11.70
CA THR A 17 3.38 -7.13 -11.72
C THR A 17 4.78 -7.35 -11.12
N GLU A 18 5.14 -6.64 -10.05
CA GLU A 18 6.43 -6.69 -9.38
C GLU A 18 6.54 -7.89 -8.43
N GLY A 19 5.99 -9.04 -8.83
CA GLY A 19 6.00 -10.26 -8.02
C GLY A 19 4.91 -10.22 -6.95
N VAL A 20 4.71 -9.07 -6.32
CA VAL A 20 3.82 -8.87 -5.20
C VAL A 20 3.05 -7.59 -5.46
N ILE A 21 1.77 -7.60 -5.11
CA ILE A 21 0.85 -6.50 -5.27
C ILE A 21 0.16 -6.36 -3.93
N ILE A 22 0.07 -5.14 -3.40
CA ILE A 22 -0.69 -4.87 -2.20
C ILE A 22 -1.82 -3.94 -2.65
N ASN A 23 -3.01 -4.18 -2.10
CA ASN A 23 -4.13 -3.29 -2.24
C ASN A 23 -4.74 -3.09 -0.86
N ALA A 24 -5.58 -2.06 -0.72
CA ALA A 24 -6.35 -1.90 0.50
C ALA A 24 -7.31 -3.07 0.67
N ALA A 25 -7.83 -3.22 1.88
CA ALA A 25 -8.78 -4.27 2.25
C ALA A 25 -9.68 -3.79 3.37
N ASN A 26 -9.10 -3.13 4.36
CA ASN A 26 -9.80 -2.73 5.57
C ASN A 26 -10.30 -3.98 6.30
N SER A 27 -11.13 -3.79 7.32
CA SER A 27 -11.76 -4.91 8.01
C SER A 27 -12.75 -5.67 7.13
N LYS A 28 -12.93 -5.29 5.86
CA LYS A 28 -13.89 -5.87 4.95
C LYS A 28 -13.19 -6.71 3.89
N GLY A 29 -11.86 -6.74 3.90
CA GLY A 29 -11.11 -7.48 2.90
C GLY A 29 -11.29 -6.92 1.49
N GLN A 30 -11.82 -5.69 1.34
CA GLN A 30 -12.12 -5.10 0.05
C GLN A 30 -11.41 -3.76 -0.01
N PRO A 31 -10.63 -3.50 -1.05
CA PRO A 31 -10.01 -2.21 -1.23
C PRO A 31 -11.05 -1.10 -1.35
N GLY A 32 -10.63 0.11 -0.97
CA GLY A 32 -11.44 1.31 -1.14
C GLY A 32 -11.99 1.39 -2.56
N GLY A 33 -13.23 1.89 -2.68
CA GLY A 33 -13.94 1.95 -3.95
C GLY A 33 -13.09 2.66 -5.00
N GLY A 34 -12.95 2.04 -6.17
CA GLY A 34 -12.03 2.49 -7.19
C GLY A 34 -11.35 1.24 -7.74
N VAL A 35 -10.12 0.99 -7.30
CA VAL A 35 -9.32 -0.08 -7.88
C VAL A 35 -9.85 -1.46 -7.48
N CYS A 36 -10.73 -1.58 -6.48
CA CYS A 36 -11.52 -2.78 -6.28
C CYS A 36 -12.11 -3.27 -7.61
N GLY A 37 -12.62 -2.37 -8.45
CA GLY A 37 -13.21 -2.73 -9.73
C GLY A 37 -12.19 -3.30 -10.72
N ALA A 38 -11.02 -2.66 -10.87
CA ALA A 38 -10.04 -3.10 -11.86
C ALA A 38 -9.43 -4.43 -11.43
N LEU A 39 -9.02 -4.52 -10.17
CA LEU A 39 -8.46 -5.74 -9.62
C LEU A 39 -9.48 -6.87 -9.69
N TYR A 40 -10.76 -6.59 -9.48
CA TYR A 40 -11.81 -7.56 -9.71
C TYR A 40 -11.88 -7.99 -11.17
N LYS A 41 -11.71 -7.07 -12.11
CA LYS A 41 -11.95 -7.36 -13.52
C LYS A 41 -10.84 -8.24 -14.07
N LYS A 42 -9.64 -8.13 -13.53
CA LYS A 42 -8.47 -8.88 -13.98
C LYS A 42 -8.10 -10.02 -13.05
N PHE A 43 -8.43 -9.87 -11.76
CA PHE A 43 -8.11 -10.82 -10.70
C PHE A 43 -9.35 -11.01 -9.81
N PRO A 44 -10.44 -11.58 -10.33
CA PRO A 44 -11.66 -11.77 -9.55
C PRO A 44 -11.46 -12.71 -8.35
N GLU A 45 -10.33 -13.41 -8.26
CA GLU A 45 -10.05 -14.32 -7.17
C GLU A 45 -9.46 -13.57 -5.97
N SER A 46 -9.03 -12.32 -6.17
CA SER A 46 -8.65 -11.42 -5.09
C SER A 46 -9.87 -10.71 -4.51
N PHE A 47 -11.08 -11.09 -4.93
CA PHE A 47 -12.33 -10.62 -4.35
C PHE A 47 -12.63 -11.55 -3.20
N ASP A 48 -11.71 -11.60 -2.23
CA ASP A 48 -11.86 -12.42 -1.04
C ASP A 48 -12.86 -11.74 -0.13
N LEU A 49 -12.81 -10.40 -0.05
CA LEU A 49 -13.72 -9.52 0.70
C LEU A 49 -14.19 -10.14 2.02
N GLN A 50 -13.25 -10.79 2.70
CA GLN A 50 -13.46 -11.44 3.98
C GLN A 50 -13.35 -10.40 5.09
N PRO A 51 -13.97 -10.63 6.26
CA PRO A 51 -13.70 -9.82 7.42
C PRO A 51 -12.26 -10.06 7.88
N ILE A 52 -11.38 -9.07 7.76
CA ILE A 52 -10.02 -9.14 8.26
C ILE A 52 -10.01 -8.39 9.60
N GLU A 53 -9.02 -8.68 10.44
CA GLU A 53 -8.80 -7.98 11.69
C GLU A 53 -8.55 -6.49 11.43
N VAL A 54 -8.34 -5.72 12.50
CA VAL A 54 -8.06 -4.29 12.37
C VAL A 54 -6.62 -4.04 12.76
N GLY A 55 -5.76 -3.90 11.74
CA GLY A 55 -4.33 -3.69 11.91
C GLY A 55 -3.56 -4.76 11.14
N LYS A 56 -4.13 -5.96 11.05
CA LYS A 56 -3.48 -7.13 10.52
C LYS A 56 -3.61 -7.07 9.00
N ALA A 57 -2.55 -7.40 8.28
CA ALA A 57 -2.65 -7.61 6.83
C ALA A 57 -2.78 -9.11 6.57
N ARG A 58 -3.51 -9.50 5.53
CA ARG A 58 -3.72 -10.90 5.16
C ARG A 58 -3.61 -11.01 3.64
N LEU A 59 -2.81 -11.97 3.15
CA LEU A 59 -2.70 -12.20 1.72
C LEU A 59 -3.90 -12.99 1.19
N VAL A 60 -4.10 -12.97 -0.13
CA VAL A 60 -5.20 -13.62 -0.80
C VAL A 60 -4.64 -14.43 -1.97
N LYS A 61 -5.10 -15.66 -2.10
CA LYS A 61 -4.65 -16.58 -3.13
C LYS A 61 -5.40 -16.29 -4.44
N GLY A 62 -5.04 -15.20 -5.11
CA GLY A 62 -5.59 -14.93 -6.42
C GLY A 62 -5.02 -15.97 -7.38
N ALA A 63 -5.89 -16.78 -7.97
CA ALA A 63 -5.48 -17.75 -8.98
C ALA A 63 -4.72 -17.05 -10.11
N ALA A 64 -5.19 -15.85 -10.47
CA ALA A 64 -4.52 -15.02 -11.47
C ALA A 64 -3.12 -14.60 -10.97
N LYS A 65 -2.99 -14.15 -9.72
CA LYS A 65 -1.70 -13.89 -9.09
C LYS A 65 -1.92 -13.76 -7.60
N HIS A 66 -0.92 -14.07 -6.79
CA HIS A 66 -0.99 -13.83 -5.36
C HIS A 66 -1.10 -12.31 -5.12
N ILE A 67 -2.06 -11.90 -4.30
CA ILE A 67 -2.25 -10.49 -3.94
C ILE A 67 -2.12 -10.39 -2.42
N ILE A 68 -1.89 -9.19 -1.91
CA ILE A 68 -1.78 -8.93 -0.48
C ILE A 68 -2.86 -7.90 -0.16
N HIS A 69 -3.56 -8.06 0.96
CA HIS A 69 -4.66 -7.18 1.33
C HIS A 69 -4.35 -6.58 2.69
N ALA A 70 -4.32 -5.25 2.76
CA ALA A 70 -3.90 -4.53 3.95
C ALA A 70 -5.08 -3.79 4.56
N VAL A 71 -5.22 -3.85 5.88
CA VAL A 71 -6.19 -3.06 6.58
C VAL A 71 -5.59 -1.67 6.76
N GLY A 72 -6.08 -0.72 5.97
CA GLY A 72 -5.75 0.68 6.14
C GLY A 72 -6.84 1.35 6.97
N PRO A 73 -6.48 2.39 7.74
CA PRO A 73 -7.44 3.16 8.50
C PRO A 73 -8.25 4.10 7.62
N ASN A 74 -9.27 4.72 8.21
CA ASN A 74 -10.06 5.74 7.57
C ASN A 74 -10.21 6.89 8.55
N PHE A 75 -9.35 7.92 8.52
CA PHE A 75 -9.58 9.13 9.32
C PHE A 75 -10.95 9.71 9.01
N ASN A 76 -11.46 9.53 7.78
CA ASN A 76 -12.80 10.01 7.47
C ASN A 76 -13.89 9.39 8.36
N LYS A 77 -13.61 8.32 9.10
CA LYS A 77 -14.48 7.70 10.09
C LYS A 77 -13.71 7.28 11.35
N VAL A 78 -12.52 7.81 11.60
CA VAL A 78 -11.68 7.40 12.73
C VAL A 78 -10.76 8.56 13.14
N SER A 79 -10.22 8.56 14.37
CA SER A 79 -9.34 9.63 14.80
C SER A 79 -7.92 9.35 14.33
N GLU A 80 -7.09 10.40 14.22
CA GLU A 80 -5.69 10.31 13.86
C GLU A 80 -4.93 9.38 14.79
N VAL A 81 -5.39 9.22 16.04
CA VAL A 81 -4.75 8.33 16.99
C VAL A 81 -4.87 6.88 16.48
N GLU A 82 -6.08 6.53 16.04
CA GLU A 82 -6.33 5.17 15.57
C GLU A 82 -5.69 4.99 14.20
N GLY A 83 -5.65 6.05 13.38
CA GLY A 83 -5.04 5.95 12.06
C GLY A 83 -3.53 5.96 12.12
N ASP A 84 -2.93 6.55 13.14
CA ASP A 84 -1.49 6.47 13.36
C ASP A 84 -1.16 5.02 13.65
N LYS A 85 -1.84 4.43 14.63
CA LYS A 85 -1.50 3.07 15.00
C LYS A 85 -1.84 2.12 13.87
N GLN A 86 -2.98 2.27 13.21
CA GLN A 86 -3.35 1.39 12.13
C GLN A 86 -2.42 1.59 10.94
N LEU A 87 -1.95 2.81 10.68
CA LEU A 87 -1.00 2.99 9.59
C LEU A 87 0.29 2.24 9.92
N ALA A 88 0.72 2.28 11.19
CA ALA A 88 1.93 1.58 11.61
C ALA A 88 1.70 0.07 11.71
N GLU A 89 0.47 -0.37 11.96
CA GLU A 89 0.11 -1.78 12.05
C GLU A 89 0.09 -2.37 10.63
N ALA A 90 -0.40 -1.59 9.67
CA ALA A 90 -0.40 -2.00 8.28
C ALA A 90 1.04 -2.11 7.84
N TYR A 91 1.83 -1.08 8.12
CA TYR A 91 3.22 -0.98 7.74
C TYR A 91 4.08 -2.00 8.49
N GLU A 92 3.74 -2.40 9.71
CA GLU A 92 4.54 -3.41 10.42
C GLU A 92 4.16 -4.79 9.89
N SER A 93 2.90 -5.02 9.57
CA SER A 93 2.48 -6.28 9.00
C SER A 93 3.11 -6.43 7.62
N ILE A 94 3.18 -5.36 6.83
CA ILE A 94 3.74 -5.44 5.49
C ILE A 94 5.25 -5.58 5.60
N ALA A 95 5.89 -4.82 6.49
CA ALA A 95 7.34 -4.81 6.61
C ALA A 95 7.83 -6.15 7.12
N LYS A 96 7.19 -6.69 8.16
CA LYS A 96 7.52 -8.01 8.63
C LYS A 96 7.21 -9.03 7.54
N ILE A 97 6.11 -8.90 6.78
CA ILE A 97 5.83 -9.83 5.69
C ILE A 97 6.95 -9.77 4.64
N VAL A 98 7.54 -8.60 4.42
CA VAL A 98 8.63 -8.40 3.48
C VAL A 98 9.86 -9.16 3.97
N ASN A 99 10.05 -9.27 5.28
CA ASN A 99 11.22 -9.96 5.80
C ASN A 99 10.95 -11.46 5.83
N ASP A 100 9.72 -11.82 6.17
CA ASP A 100 9.28 -13.19 6.37
C ASP A 100 9.35 -13.94 5.04
N ASN A 101 8.88 -13.26 4.00
CA ASN A 101 8.98 -13.78 2.63
C ASN A 101 10.32 -13.40 1.99
N ASN A 102 11.10 -12.58 2.69
CA ASN A 102 12.44 -12.14 2.34
C ASN A 102 12.49 -11.32 1.05
N TYR A 103 11.39 -10.65 0.73
CA TYR A 103 11.23 -9.87 -0.47
C TYR A 103 12.23 -8.74 -0.57
N LYS A 104 12.94 -8.64 -1.70
CA LYS A 104 13.96 -7.63 -1.90
C LYS A 104 13.46 -6.47 -2.75
N SER A 105 12.38 -6.65 -3.51
CA SER A 105 11.83 -5.60 -4.36
C SER A 105 10.33 -5.85 -4.48
N VAL A 106 9.50 -4.90 -4.07
CA VAL A 106 8.04 -5.06 -4.09
C VAL A 106 7.44 -3.70 -4.44
N ALA A 107 6.33 -3.71 -5.18
CA ALA A 107 5.59 -2.49 -5.41
C ALA A 107 4.65 -2.32 -4.22
N ILE A 108 4.88 -1.30 -3.40
CA ILE A 108 4.08 -0.95 -2.24
C ILE A 108 3.55 0.49 -2.43
N PRO A 109 2.22 0.67 -2.52
CA PRO A 109 1.62 1.98 -2.76
C PRO A 109 1.51 2.73 -1.43
N LEU A 110 0.79 3.86 -1.43
CA LEU A 110 0.68 4.72 -0.26
C LEU A 110 -0.80 4.91 0.06
N LEU A 111 -1.19 4.58 1.28
CA LEU A 111 -2.58 4.68 1.71
C LEU A 111 -2.83 6.06 2.30
N SER A 112 -4.03 6.26 2.86
CA SER A 112 -4.50 7.52 3.44
C SER A 112 -4.95 8.52 2.38
N THR A 113 -4.68 8.24 1.11
CA THR A 113 -4.71 9.17 0.00
C THR A 113 -6.06 9.12 -0.71
N GLY A 114 -6.41 7.97 -1.29
CA GLY A 114 -7.60 7.80 -2.12
C GLY A 114 -8.86 8.31 -1.43
N ILE A 115 -9.40 7.52 -0.49
CA ILE A 115 -10.52 7.91 0.34
C ILE A 115 -10.35 7.23 1.68
N PHE A 116 -9.34 7.64 2.44
CA PHE A 116 -9.00 7.01 3.70
C PHE A 116 -8.82 8.09 4.76
N SER A 117 -7.85 8.98 4.59
CA SER A 117 -7.72 10.12 5.50
C SER A 117 -8.95 11.04 5.42
N GLY A 118 -9.74 10.97 4.35
CA GLY A 118 -10.80 11.95 4.14
C GLY A 118 -10.16 13.23 3.64
N ASN A 119 -9.67 14.07 4.55
CA ASN A 119 -8.95 15.28 4.17
C ASN A 119 -8.08 15.77 5.32
N LYS A 120 -6.95 15.09 5.57
CA LYS A 120 -5.90 15.60 6.43
C LYS A 120 -4.56 15.06 5.95
N ASP A 121 -4.26 13.84 6.37
CA ASP A 121 -2.97 13.20 6.17
C ASP A 121 -2.84 12.92 4.68
N ARG A 122 -1.87 13.53 4.01
CA ARG A 122 -1.72 13.30 2.58
C ARG A 122 -0.65 12.26 2.33
N LEU A 123 -0.26 12.16 1.06
CA LEU A 123 0.75 11.22 0.66
C LEU A 123 2.05 11.55 1.29
N THR A 124 2.36 12.83 1.42
CA THR A 124 3.54 13.31 2.08
C THR A 124 3.68 12.66 3.45
N GLN A 125 2.55 12.42 4.13
CA GLN A 125 2.59 11.82 5.43
C GLN A 125 2.85 10.32 5.29
N SER A 126 2.02 9.64 4.49
CA SER A 126 2.09 8.19 4.38
C SER A 126 3.45 7.75 3.83
N LEU A 127 4.05 8.58 2.99
CA LEU A 127 5.36 8.46 2.39
C LEU A 127 6.39 8.61 3.45
N ASN A 128 6.24 9.59 4.33
CA ASN A 128 7.22 9.77 5.40
C ASN A 128 7.37 8.48 6.19
N HIS A 129 6.23 7.87 6.51
CA HIS A 129 6.21 6.64 7.27
C HIS A 129 6.64 5.46 6.41
N LEU A 130 6.37 5.50 5.10
CA LEU A 130 6.68 4.39 4.22
C LEU A 130 8.20 4.30 4.07
N LEU A 131 8.83 5.44 3.82
CA LEU A 131 10.27 5.65 3.78
C LEU A 131 10.89 5.21 5.09
N THR A 132 10.23 5.45 6.21
CA THR A 132 10.82 5.07 7.47
C THR A 132 10.79 3.55 7.61
N ALA A 133 9.70 2.92 7.16
CA ALA A 133 9.61 1.48 7.20
C ALA A 133 10.62 0.81 6.27
N LEU A 134 10.71 1.33 5.05
CA LEU A 134 11.54 0.70 4.03
C LEU A 134 13.02 1.00 4.31
N ASP A 135 13.27 2.08 5.05
CA ASP A 135 14.59 2.42 5.54
C ASP A 135 15.07 1.38 6.54
N THR A 136 14.13 0.80 7.31
CA THR A 136 14.43 -0.23 8.29
C THR A 136 14.65 -1.61 7.62
N THR A 137 14.58 -1.71 6.29
CA THR A 137 14.64 -3.00 5.60
C THR A 137 15.80 -3.12 4.62
N ASP A 138 16.24 -1.99 4.06
CA ASP A 138 17.43 -1.93 3.22
C ASP A 138 17.27 -2.77 1.94
N ALA A 139 16.03 -2.98 1.49
CA ALA A 139 15.70 -3.82 0.37
C ALA A 139 15.56 -2.95 -0.88
N ASP A 140 14.34 -2.78 -1.39
CA ASP A 140 14.00 -1.88 -2.49
C ASP A 140 12.47 -1.77 -2.50
N VAL A 141 11.93 -0.61 -2.86
CA VAL A 141 10.50 -0.37 -2.86
C VAL A 141 10.12 0.29 -4.16
N ALA A 142 8.93 -0.03 -4.68
CA ALA A 142 8.43 0.56 -5.90
C ALA A 142 7.09 1.22 -5.60
N ILE A 143 6.81 2.38 -6.19
CA ILE A 143 5.64 3.18 -5.88
C ILE A 143 4.95 3.44 -7.21
N TYR A 144 3.66 3.20 -7.31
CA TYR A 144 2.92 3.14 -8.55
C TYR A 144 1.56 3.80 -8.34
N CYS A 145 1.21 4.84 -9.10
CA CYS A 145 -0.17 5.33 -9.14
C CYS A 145 -0.41 6.16 -10.39
N ARG A 146 -1.68 6.30 -10.77
CA ARG A 146 -2.08 7.17 -11.86
C ARG A 146 -2.28 8.59 -11.31
N ASP A 147 -1.37 9.48 -11.69
CA ASP A 147 -1.54 10.92 -11.47
C ASP A 147 -0.47 11.67 -12.27
N LYS A 148 0.76 11.15 -12.20
CA LYS A 148 1.95 11.72 -12.80
C LYS A 148 2.50 12.93 -12.05
N LYS A 149 1.70 13.93 -11.69
CA LYS A 149 2.26 14.98 -10.82
C LYS A 149 2.78 14.37 -9.53
N TRP A 150 2.15 13.30 -9.05
CA TRP A 150 2.54 12.69 -7.78
C TRP A 150 3.86 11.97 -7.95
N GLU A 151 4.10 11.43 -9.14
CA GLU A 151 5.31 10.69 -9.42
C GLU A 151 6.44 11.70 -9.59
N MET A 152 6.15 12.86 -10.19
CA MET A 152 7.18 13.86 -10.36
C MET A 152 7.59 14.37 -9.00
N THR A 153 6.65 14.82 -8.16
CA THR A 153 6.97 15.37 -6.87
C THR A 153 7.66 14.36 -5.99
N LEU A 154 7.14 13.13 -5.92
CA LEU A 154 7.77 12.13 -5.09
C LEU A 154 9.14 11.76 -5.65
N LYS A 155 9.34 11.83 -6.97
CA LYS A 155 10.68 11.56 -7.50
C LYS A 155 11.59 12.73 -7.20
N GLU A 156 11.04 13.94 -7.10
CA GLU A 156 11.84 15.14 -6.90
C GLU A 156 12.36 15.15 -5.49
N ALA A 157 11.53 14.71 -4.54
CA ALA A 157 11.91 14.61 -3.14
C ALA A 157 12.81 13.41 -2.92
N VAL A 158 12.52 12.28 -3.57
CA VAL A 158 13.41 11.14 -3.53
C VAL A 158 14.77 11.58 -4.04
N ALA A 159 14.80 12.41 -5.09
CA ALA A 159 16.04 12.78 -5.75
C ALA A 159 16.81 13.74 -4.86
N ARG A 160 16.13 14.74 -4.32
CA ARG A 160 16.73 15.73 -3.47
C ARG A 160 17.14 15.12 -2.12
N ARG A 161 16.63 13.94 -1.78
CA ARG A 161 17.10 13.26 -0.57
C ARG A 161 18.49 12.66 -0.75
N GLU A 162 18.88 12.35 -1.99
CA GLU A 162 20.14 11.65 -2.25
C GLU A 162 21.32 12.54 -1.92
N ALA A 3 17.80 0.14 4.90
CA ALA A 3 17.38 1.39 4.26
C ALA A 3 17.57 1.27 2.76
N PRO A 4 16.48 1.19 1.99
CA PRO A 4 16.51 0.90 0.57
C PRO A 4 16.37 2.18 -0.28
N SER A 5 16.40 2.03 -1.60
CA SER A 5 16.10 3.08 -2.56
C SER A 5 14.59 3.20 -2.76
N TYR A 6 14.13 4.20 -3.53
CA TYR A 6 12.73 4.43 -3.79
C TYR A 6 12.58 4.60 -5.31
N HIS A 7 11.58 3.96 -5.91
CA HIS A 7 11.35 3.99 -7.34
C HIS A 7 9.84 4.18 -7.53
N VAL A 8 9.40 5.07 -8.43
CA VAL A 8 7.98 5.23 -8.71
C VAL A 8 7.68 4.72 -10.11
N VAL A 9 6.49 4.15 -10.30
CA VAL A 9 6.11 3.50 -11.53
C VAL A 9 4.69 3.95 -11.86
N ARG A 10 4.48 4.39 -13.09
CA ARG A 10 3.19 4.91 -13.53
C ARG A 10 2.42 3.75 -14.15
N GLY A 11 1.58 3.07 -13.37
CA GLY A 11 0.82 1.94 -13.84
C GLY A 11 -0.42 1.82 -12.98
N ASP A 12 -0.93 0.60 -12.81
CA ASP A 12 -2.15 0.34 -12.06
C ASP A 12 -1.94 -0.88 -11.18
N ILE A 13 -2.82 -1.07 -10.19
CA ILE A 13 -2.74 -2.18 -9.26
C ILE A 13 -2.86 -3.52 -9.99
N ALA A 14 -3.68 -3.58 -11.03
CA ALA A 14 -3.84 -4.82 -11.77
C ALA A 14 -2.72 -5.02 -12.80
N THR A 15 -1.79 -4.06 -12.93
CA THR A 15 -0.66 -4.18 -13.87
C THR A 15 0.69 -4.07 -13.15
N ALA A 16 0.66 -3.83 -11.84
CA ALA A 16 1.77 -3.83 -10.93
C ALA A 16 2.03 -5.29 -10.62
N THR A 17 2.73 -5.94 -11.53
CA THR A 17 3.16 -7.30 -11.36
C THR A 17 4.48 -7.37 -10.61
N GLU A 18 4.54 -6.79 -9.39
CA GLU A 18 5.78 -6.65 -8.64
C GLU A 18 6.04 -7.83 -7.72
N GLY A 19 5.32 -8.94 -7.92
CA GLY A 19 5.37 -10.05 -6.98
C GLY A 19 4.38 -9.82 -5.84
N VAL A 20 4.33 -8.61 -5.29
CA VAL A 20 3.42 -8.27 -4.20
C VAL A 20 2.89 -6.85 -4.38
N ILE A 21 1.65 -6.68 -3.93
CA ILE A 21 0.82 -5.49 -3.99
C ILE A 21 0.04 -5.41 -2.69
N ILE A 22 -0.40 -4.22 -2.30
CA ILE A 22 -1.18 -4.02 -1.10
C ILE A 22 -2.44 -3.29 -1.55
N ASN A 23 -3.62 -3.70 -1.07
CA ASN A 23 -4.85 -2.94 -1.24
C ASN A 23 -5.57 -2.89 0.09
N ALA A 24 -6.05 -1.72 0.51
CA ALA A 24 -6.61 -1.56 1.84
C ALA A 24 -8.08 -1.95 1.84
N ALA A 25 -8.31 -3.25 2.00
CA ALA A 25 -9.60 -3.90 1.96
C ALA A 25 -10.35 -3.76 3.29
N ASN A 26 -9.63 -3.61 4.39
CA ASN A 26 -10.21 -3.32 5.69
C ASN A 26 -10.96 -4.52 6.24
N SER A 27 -11.54 -4.36 7.43
CA SER A 27 -12.43 -5.38 8.00
C SER A 27 -13.65 -5.61 7.12
N LYS A 28 -13.98 -4.64 6.25
CA LYS A 28 -15.13 -4.71 5.36
C LYS A 28 -14.83 -5.58 4.15
N GLY A 29 -13.55 -5.85 3.86
CA GLY A 29 -13.15 -6.55 2.66
C GLY A 29 -13.38 -5.69 1.42
N GLN A 30 -13.52 -4.37 1.54
CA GLN A 30 -13.81 -3.53 0.39
C GLN A 30 -12.71 -2.49 0.22
N PRO A 31 -11.92 -2.57 -0.85
CA PRO A 31 -10.75 -1.72 -1.00
C PRO A 31 -11.16 -0.28 -1.30
N GLY A 32 -10.66 0.65 -0.47
CA GLY A 32 -10.98 2.07 -0.57
C GLY A 32 -10.84 2.59 -2.00
N GLY A 33 -11.92 3.13 -2.56
CA GLY A 33 -11.97 3.60 -3.94
C GLY A 33 -12.89 2.65 -4.71
N GLY A 34 -12.36 1.95 -5.71
CA GLY A 34 -13.11 0.94 -6.43
C GLY A 34 -12.18 -0.01 -7.15
N VAL A 35 -11.00 -0.28 -6.58
CA VAL A 35 -9.99 -1.06 -7.28
C VAL A 35 -10.46 -2.50 -7.47
N CYS A 36 -11.36 -2.99 -6.62
CA CYS A 36 -11.92 -4.33 -6.78
C CYS A 36 -12.51 -4.54 -8.17
N GLY A 37 -12.97 -3.48 -8.85
CA GLY A 37 -13.46 -3.61 -10.21
C GLY A 37 -12.35 -4.03 -11.16
N ALA A 38 -11.28 -3.23 -11.24
CA ALA A 38 -10.15 -3.52 -12.12
C ALA A 38 -9.54 -4.87 -11.74
N LEU A 39 -9.33 -5.07 -10.44
CA LEU A 39 -8.70 -6.26 -9.91
C LEU A 39 -9.47 -7.50 -10.31
N TYR A 40 -10.76 -7.55 -10.06
CA TYR A 40 -11.62 -8.65 -10.49
C TYR A 40 -11.58 -8.83 -12.01
N LYS A 41 -11.52 -7.72 -12.75
CA LYS A 41 -11.64 -7.72 -14.20
C LYS A 41 -10.36 -8.29 -14.83
N LYS A 42 -9.23 -8.13 -14.14
CA LYS A 42 -7.94 -8.63 -14.62
C LYS A 42 -7.71 -10.03 -14.07
N PHE A 43 -8.12 -10.28 -12.82
CA PHE A 43 -7.88 -11.52 -12.11
C PHE A 43 -8.80 -11.65 -10.88
N PRO A 44 -9.87 -12.45 -10.96
CA PRO A 44 -10.74 -12.72 -9.82
C PRO A 44 -10.08 -13.62 -8.77
N GLU A 45 -8.79 -13.92 -8.89
CA GLU A 45 -8.05 -14.71 -7.93
C GLU A 45 -7.72 -13.85 -6.71
N SER A 46 -7.80 -12.52 -6.84
CA SER A 46 -7.56 -11.62 -5.72
C SER A 46 -8.86 -11.18 -5.05
N PHE A 47 -9.93 -11.98 -5.14
CA PHE A 47 -11.24 -11.71 -4.55
C PHE A 47 -11.26 -12.02 -3.05
N ASP A 48 -10.25 -11.56 -2.31
CA ASP A 48 -10.26 -11.62 -0.85
C ASP A 48 -10.83 -10.29 -0.36
N LEU A 49 -12.03 -10.02 -0.85
CA LEU A 49 -12.93 -9.04 -0.29
C LEU A 49 -13.73 -9.69 0.86
N GLN A 50 -13.14 -10.67 1.53
CA GLN A 50 -13.68 -11.22 2.76
C GLN A 50 -13.38 -10.26 3.93
N PRO A 51 -13.99 -10.48 5.10
CA PRO A 51 -13.69 -9.69 6.28
C PRO A 51 -12.31 -10.07 6.82
N ILE A 52 -11.55 -9.09 7.30
CA ILE A 52 -10.21 -9.25 7.81
C ILE A 52 -10.17 -8.68 9.23
N GLU A 53 -9.16 -9.04 10.00
CA GLU A 53 -8.87 -8.46 11.28
C GLU A 53 -8.57 -6.97 11.15
N VAL A 54 -8.61 -6.27 12.28
CA VAL A 54 -8.28 -4.87 12.35
C VAL A 54 -6.83 -4.76 12.78
N GLY A 55 -5.98 -4.39 11.84
CA GLY A 55 -4.57 -4.13 12.07
C GLY A 55 -3.72 -5.06 11.20
N LYS A 56 -4.26 -6.24 10.88
CA LYS A 56 -3.50 -7.31 10.27
C LYS A 56 -3.88 -7.39 8.80
N ALA A 57 -2.89 -7.66 7.95
CA ALA A 57 -3.08 -7.85 6.53
C ALA A 57 -3.13 -9.35 6.20
N ARG A 58 -3.94 -9.74 5.21
CA ARG A 58 -3.97 -11.09 4.68
C ARG A 58 -3.29 -11.11 3.31
N LEU A 59 -2.18 -11.81 3.21
CA LEU A 59 -1.59 -12.18 1.93
C LEU A 59 -2.46 -13.23 1.27
N VAL A 60 -2.64 -13.14 -0.05
CA VAL A 60 -3.46 -14.03 -0.82
C VAL A 60 -2.63 -14.45 -2.01
N LYS A 61 -2.44 -15.76 -2.21
CA LYS A 61 -1.58 -16.25 -3.26
C LYS A 61 -2.43 -16.96 -4.29
N GLY A 62 -3.08 -16.19 -5.17
CA GLY A 62 -3.96 -16.75 -6.16
C GLY A 62 -3.15 -17.15 -7.37
N ALA A 63 -3.78 -17.95 -8.23
CA ALA A 63 -3.13 -18.55 -9.39
C ALA A 63 -2.62 -17.48 -10.36
N ALA A 64 -3.40 -16.42 -10.54
CA ALA A 64 -3.03 -15.33 -11.43
C ALA A 64 -1.80 -14.59 -10.90
N LYS A 65 -1.81 -14.21 -9.62
CA LYS A 65 -0.73 -13.43 -9.01
C LYS A 65 -0.88 -13.51 -7.49
N HIS A 66 0.16 -13.15 -6.76
CA HIS A 66 0.07 -12.93 -5.33
C HIS A 66 -0.23 -11.44 -5.07
N ILE A 67 -1.08 -11.17 -4.09
CA ILE A 67 -1.53 -9.84 -3.69
C ILE A 67 -1.59 -9.85 -2.16
N ILE A 68 -1.66 -8.69 -1.52
CA ILE A 68 -1.77 -8.57 -0.07
C ILE A 68 -2.93 -7.62 0.17
N HIS A 69 -3.70 -7.88 1.22
CA HIS A 69 -4.88 -7.10 1.56
C HIS A 69 -4.62 -6.53 2.95
N ALA A 70 -4.45 -5.22 3.07
CA ALA A 70 -4.21 -4.57 4.34
C ALA A 70 -5.52 -4.00 4.84
N VAL A 71 -5.50 -3.51 6.08
CA VAL A 71 -6.64 -2.90 6.70
C VAL A 71 -6.18 -1.53 7.18
N GLY A 72 -6.97 -0.51 6.83
CA GLY A 72 -6.81 0.83 7.31
C GLY A 72 -8.16 1.52 7.32
N PRO A 73 -8.61 2.05 8.46
CA PRO A 73 -9.81 2.84 8.54
C PRO A 73 -9.58 4.20 7.87
N ASN A 74 -10.52 5.12 8.04
CA ASN A 74 -10.56 6.36 7.30
C ASN A 74 -10.32 7.44 8.33
N PHE A 75 -9.22 8.21 8.29
CA PHE A 75 -9.01 9.31 9.24
C PHE A 75 -10.18 10.30 9.19
N ASN A 76 -10.99 10.27 8.13
CA ASN A 76 -12.23 11.03 8.04
C ASN A 76 -13.09 10.84 9.30
N LYS A 77 -13.10 9.63 9.85
CA LYS A 77 -13.74 9.26 11.12
C LYS A 77 -12.77 8.54 12.07
N VAL A 78 -11.46 8.75 11.96
CA VAL A 78 -10.48 8.14 12.86
C VAL A 78 -9.48 9.19 13.32
N SER A 79 -9.10 9.17 14.59
CA SER A 79 -8.14 10.13 15.13
C SER A 79 -6.73 9.68 14.81
N GLU A 80 -5.78 10.62 14.84
CA GLU A 80 -4.37 10.36 14.56
C GLU A 80 -3.81 9.28 15.48
N VAL A 81 -4.37 9.14 16.68
CA VAL A 81 -3.88 8.15 17.62
C VAL A 81 -4.15 6.75 17.07
N GLU A 82 -5.32 6.56 16.50
CA GLU A 82 -5.70 5.25 15.99
C GLU A 82 -5.07 5.05 14.62
N GLY A 83 -5.00 6.08 13.79
CA GLY A 83 -4.35 5.95 12.49
C GLY A 83 -2.84 5.83 12.61
N ASP A 84 -2.22 6.30 13.68
CA ASP A 84 -0.80 6.08 13.93
C ASP A 84 -0.58 4.59 14.07
N LYS A 85 -1.32 3.98 14.99
CA LYS A 85 -1.10 2.57 15.25
C LYS A 85 -1.55 1.75 14.06
N GLN A 86 -2.65 2.10 13.41
CA GLN A 86 -3.11 1.36 12.25
C GLN A 86 -2.02 1.45 11.19
N LEU A 87 -1.43 2.63 10.99
CA LEU A 87 -0.49 2.81 9.91
C LEU A 87 0.74 1.95 10.19
N ALA A 88 1.14 1.87 11.45
CA ALA A 88 2.29 1.06 11.83
C ALA A 88 1.94 -0.42 11.87
N GLU A 89 0.68 -0.78 12.06
CA GLU A 89 0.20 -2.15 12.12
C GLU A 89 0.12 -2.71 10.71
N ALA A 90 -0.33 -1.89 9.77
CA ALA A 90 -0.37 -2.26 8.37
C ALA A 90 1.07 -2.44 7.92
N TYR A 91 1.88 -1.41 8.16
CA TYR A 91 3.29 -1.39 7.82
C TYR A 91 4.09 -2.45 8.58
N GLU A 92 3.65 -2.93 9.74
CA GLU A 92 4.26 -4.06 10.43
C GLU A 92 3.88 -5.35 9.74
N SER A 93 2.61 -5.50 9.39
CA SER A 93 2.19 -6.71 8.69
C SER A 93 2.98 -6.80 7.40
N ILE A 94 3.15 -5.68 6.70
CA ILE A 94 3.77 -5.71 5.40
C ILE A 94 5.29 -5.85 5.58
N ALA A 95 5.88 -5.15 6.55
CA ALA A 95 7.33 -5.16 6.72
C ALA A 95 7.78 -6.56 7.16
N LYS A 96 7.08 -7.14 8.13
CA LYS A 96 7.38 -8.50 8.52
C LYS A 96 7.14 -9.43 7.35
N ILE A 97 6.07 -9.27 6.58
CA ILE A 97 5.83 -10.12 5.41
C ILE A 97 6.96 -9.99 4.39
N VAL A 98 7.53 -8.79 4.25
CA VAL A 98 8.58 -8.51 3.30
C VAL A 98 9.82 -9.30 3.69
N ASN A 99 10.10 -9.44 4.98
CA ASN A 99 11.26 -10.20 5.40
C ASN A 99 10.95 -11.69 5.35
N ASP A 100 9.73 -12.06 5.73
CA ASP A 100 9.30 -13.45 5.83
C ASP A 100 9.41 -14.09 4.45
N ASN A 101 9.08 -13.31 3.43
CA ASN A 101 9.09 -13.77 2.05
C ASN A 101 10.35 -13.29 1.30
N ASN A 102 11.17 -12.48 1.97
CA ASN A 102 12.42 -11.92 1.50
C ASN A 102 12.26 -11.18 0.18
N TYR A 103 11.23 -10.34 0.10
CA TYR A 103 10.98 -9.60 -1.11
C TYR A 103 12.00 -8.48 -1.28
N LYS A 104 12.83 -8.61 -2.32
CA LYS A 104 13.80 -7.60 -2.71
C LYS A 104 13.15 -6.29 -3.12
N SER A 105 11.96 -6.38 -3.71
CA SER A 105 11.14 -5.26 -4.12
C SER A 105 9.68 -5.63 -3.93
N VAL A 106 8.83 -4.63 -3.63
CA VAL A 106 7.40 -4.76 -3.49
C VAL A 106 6.74 -3.50 -4.04
N ALA A 107 5.59 -3.62 -4.71
CA ALA A 107 4.85 -2.43 -5.08
C ALA A 107 3.83 -2.11 -4.01
N ILE A 108 3.78 -0.84 -3.61
CA ILE A 108 2.98 -0.34 -2.52
C ILE A 108 2.32 0.93 -3.05
N PRO A 109 0.99 1.00 -3.11
CA PRO A 109 0.32 2.20 -3.58
C PRO A 109 0.35 3.26 -2.48
N LEU A 110 -0.42 4.32 -2.65
CA LEU A 110 -0.51 5.39 -1.68
C LEU A 110 -1.87 5.25 -1.02
N LEU A 111 -1.91 5.54 0.27
CA LEU A 111 -3.09 5.42 1.10
C LEU A 111 -3.32 6.78 1.75
N SER A 112 -4.52 7.03 2.25
CA SER A 112 -4.84 8.28 2.95
C SER A 112 -4.59 9.53 2.09
N THR A 113 -4.79 9.41 0.78
CA THR A 113 -4.48 10.47 -0.16
C THR A 113 -5.55 10.59 -1.25
N GLY A 114 -6.80 10.33 -0.89
CA GLY A 114 -7.90 10.47 -1.83
C GLY A 114 -9.16 10.00 -1.16
N ILE A 115 -9.18 8.73 -0.76
CA ILE A 115 -10.32 8.13 -0.08
C ILE A 115 -9.81 7.33 1.10
N PHE A 116 -9.54 8.02 2.21
CA PHE A 116 -9.45 7.48 3.57
C PHE A 116 -9.41 8.70 4.50
N SER A 117 -8.48 9.62 4.26
CA SER A 117 -8.23 10.68 5.21
C SER A 117 -9.34 11.71 5.31
N GLY A 118 -9.82 12.23 4.18
CA GLY A 118 -10.84 13.27 4.14
C GLY A 118 -10.56 14.40 5.13
N ASN A 119 -9.30 14.82 5.24
CA ASN A 119 -8.88 15.80 6.23
C ASN A 119 -7.50 16.31 5.81
N LYS A 120 -6.84 17.12 6.66
CA LYS A 120 -5.45 17.52 6.42
C LYS A 120 -4.55 16.29 6.47
N ASP A 121 -4.12 15.78 5.33
CA ASP A 121 -3.19 14.66 5.23
C ASP A 121 -2.49 14.73 3.87
N ARG A 122 -1.42 13.97 3.61
CA ARG A 122 -0.81 13.88 2.29
C ARG A 122 0.11 12.67 2.20
N LEU A 123 0.58 12.39 0.99
CA LEU A 123 1.37 11.19 0.72
C LEU A 123 2.71 11.33 1.42
N THR A 124 3.23 12.55 1.51
CA THR A 124 4.43 12.90 2.21
C THR A 124 4.41 12.39 3.64
N GLN A 125 3.23 12.29 4.27
CA GLN A 125 3.21 11.71 5.60
C GLN A 125 3.30 10.21 5.51
N SER A 126 2.43 9.58 4.72
CA SER A 126 2.38 8.12 4.70
C SER A 126 3.73 7.55 4.26
N LEU A 127 4.36 8.21 3.29
CA LEU A 127 5.67 7.85 2.76
C LEU A 127 6.68 7.92 3.87
N ASN A 128 6.60 8.94 4.73
CA ASN A 128 7.53 9.07 5.82
C ASN A 128 7.49 7.82 6.69
N HIS A 129 6.29 7.37 7.02
CA HIS A 129 6.12 6.20 7.89
C HIS A 129 6.44 4.93 7.12
N LEU A 130 6.25 4.94 5.81
CA LEU A 130 6.43 3.79 4.94
C LEU A 130 7.90 3.48 4.81
N LEU A 131 8.70 4.52 4.60
CA LEU A 131 10.14 4.46 4.54
C LEU A 131 10.68 4.19 5.93
N THR A 132 9.99 4.58 7.00
CA THR A 132 10.46 4.25 8.32
C THR A 132 10.36 2.74 8.52
N ALA A 133 9.19 2.17 8.21
CA ALA A 133 9.00 0.74 8.38
C ALA A 133 9.91 -0.04 7.44
N LEU A 134 10.03 0.44 6.21
CA LEU A 134 10.82 -0.22 5.19
C LEU A 134 12.29 0.14 5.35
N ASP A 135 12.68 1.10 6.19
CA ASP A 135 14.11 1.37 6.38
C ASP A 135 14.74 0.21 7.13
N THR A 136 13.93 -0.45 7.96
CA THR A 136 14.25 -1.70 8.63
C THR A 136 14.56 -2.82 7.61
N THR A 137 14.34 -2.60 6.31
CA THR A 137 14.68 -3.52 5.25
C THR A 137 15.36 -2.81 4.09
N ASP A 138 16.60 -3.14 3.78
CA ASP A 138 17.30 -2.76 2.56
C ASP A 138 16.84 -3.66 1.39
N ALA A 139 15.53 -3.65 1.14
CA ALA A 139 14.90 -4.19 -0.05
C ALA A 139 14.81 -3.04 -1.06
N ASP A 140 13.60 -2.66 -1.46
CA ASP A 140 13.29 -1.60 -2.40
C ASP A 140 11.80 -1.32 -2.28
N VAL A 141 11.37 -0.09 -2.57
CA VAL A 141 9.96 0.27 -2.51
C VAL A 141 9.53 0.79 -3.87
N ALA A 142 8.43 0.24 -4.41
CA ALA A 142 7.99 0.59 -5.75
C ALA A 142 6.62 1.24 -5.62
N ILE A 143 6.55 2.55 -5.75
CA ILE A 143 5.30 3.26 -5.57
C ILE A 143 4.59 3.17 -6.92
N TYR A 144 3.27 3.01 -6.91
CA TYR A 144 2.43 2.90 -8.08
C TYR A 144 1.27 3.88 -7.92
N CYS A 145 1.11 4.79 -8.88
CA CYS A 145 -0.09 5.62 -8.96
C CYS A 145 -0.29 6.07 -10.41
N ARG A 146 -1.52 5.97 -10.90
CA ARG A 146 -1.90 6.50 -12.21
C ARG A 146 -2.31 7.95 -12.03
N ASP A 147 -1.55 8.88 -12.61
CA ASP A 147 -1.82 10.32 -12.58
C ASP A 147 -0.74 11.03 -13.39
N LYS A 148 0.53 10.69 -13.09
CA LYS A 148 1.75 11.21 -13.71
C LYS A 148 2.28 12.46 -13.01
N LYS A 149 1.47 13.46 -12.67
CA LYS A 149 2.02 14.52 -11.82
C LYS A 149 2.58 13.95 -10.53
N TRP A 150 2.00 12.87 -10.00
CA TRP A 150 2.43 12.35 -8.72
C TRP A 150 3.76 11.64 -8.85
N GLU A 151 4.02 11.01 -10.00
CA GLU A 151 5.32 10.38 -10.16
C GLU A 151 6.37 11.47 -10.29
N MET A 152 6.00 12.60 -10.90
CA MET A 152 6.87 13.75 -11.05
C MET A 152 7.26 14.23 -9.65
N THR A 153 6.27 14.62 -8.84
CA THR A 153 6.52 15.18 -7.53
C THR A 153 7.26 14.23 -6.62
N LEU A 154 6.91 12.94 -6.68
CA LEU A 154 7.65 11.96 -5.90
C LEU A 154 9.09 11.87 -6.39
N LYS A 155 9.35 12.00 -7.69
CA LYS A 155 10.72 11.99 -8.17
C LYS A 155 11.44 13.23 -7.68
N GLU A 156 10.74 14.36 -7.59
CA GLU A 156 11.29 15.64 -7.22
C GLU A 156 11.70 15.60 -5.75
N ALA A 157 10.87 14.98 -4.92
CA ALA A 157 11.13 14.85 -3.50
C ALA A 157 12.19 13.79 -3.25
N VAL A 158 12.17 12.68 -4.00
CA VAL A 158 13.21 11.68 -3.91
C VAL A 158 14.53 12.28 -4.38
N ALA A 159 14.48 13.25 -5.29
CA ALA A 159 15.70 13.86 -5.80
C ALA A 159 16.25 14.80 -4.75
N ARG A 160 15.40 15.67 -4.21
CA ARG A 160 15.81 16.67 -3.25
C ARG A 160 16.16 16.03 -1.90
N ARG A 161 15.69 14.81 -1.63
CA ARG A 161 16.14 14.09 -0.43
C ARG A 161 17.62 13.71 -0.53
N GLU A 162 18.13 13.51 -1.74
CA GLU A 162 19.43 12.91 -2.00
C GLU A 162 19.62 11.64 -1.17
N ALA A 3 18.11 1.56 3.31
CA ALA A 3 18.04 2.56 2.24
C ALA A 3 18.44 1.96 0.90
N PRO A 4 17.50 1.30 0.23
CA PRO A 4 17.73 0.66 -1.06
C PRO A 4 17.57 1.68 -2.19
N SER A 5 16.44 1.71 -2.89
CA SER A 5 16.11 2.75 -3.84
C SER A 5 14.60 2.95 -3.88
N TYR A 6 14.14 3.93 -4.66
CA TYR A 6 12.74 4.24 -4.81
C TYR A 6 12.47 4.44 -6.29
N HIS A 7 11.49 3.71 -6.82
CA HIS A 7 11.13 3.78 -8.22
C HIS A 7 9.61 3.95 -8.28
N VAL A 8 9.14 5.10 -8.74
CA VAL A 8 7.71 5.33 -8.89
C VAL A 8 7.34 5.06 -10.34
N VAL A 9 6.19 4.44 -10.60
CA VAL A 9 5.73 4.17 -11.95
C VAL A 9 4.21 4.40 -12.04
N ARG A 10 3.75 5.05 -13.10
CA ARG A 10 2.33 5.27 -13.33
C ARG A 10 1.76 4.10 -14.11
N GLY A 11 1.07 3.22 -13.39
CA GLY A 11 0.11 2.30 -13.98
C GLY A 11 -0.88 1.88 -12.91
N ASP A 12 -1.28 0.63 -12.91
CA ASP A 12 -2.41 0.10 -12.16
C ASP A 12 -1.94 -1.03 -11.26
N ILE A 13 -2.70 -1.34 -10.21
CA ILE A 13 -2.48 -2.47 -9.31
C ILE A 13 -2.45 -3.77 -10.13
N ALA A 14 -3.34 -3.88 -11.11
CA ALA A 14 -3.47 -5.00 -12.01
C ALA A 14 -2.35 -5.04 -13.07
N THR A 15 -1.32 -4.21 -12.91
CA THR A 15 -0.10 -4.27 -13.71
C THR A 15 1.15 -4.13 -12.82
N ALA A 16 0.98 -4.02 -11.49
CA ALA A 16 2.05 -3.79 -10.52
C ALA A 16 2.71 -5.11 -10.20
N THR A 17 3.31 -5.70 -11.22
CA THR A 17 3.76 -7.07 -11.27
C THR A 17 5.16 -7.25 -10.66
N GLU A 18 5.46 -6.52 -9.59
CA GLU A 18 6.76 -6.55 -8.92
C GLU A 18 6.94 -7.79 -8.02
N GLY A 19 6.28 -8.90 -8.33
CA GLY A 19 6.30 -10.09 -7.49
C GLY A 19 5.30 -9.97 -6.34
N VAL A 20 5.06 -8.75 -5.85
CA VAL A 20 4.24 -8.49 -4.68
C VAL A 20 3.39 -7.26 -4.97
N ILE A 21 2.13 -7.32 -4.57
CA ILE A 21 1.15 -6.29 -4.76
C ILE A 21 0.46 -6.13 -3.42
N ILE A 22 0.32 -4.91 -2.92
CA ILE A 22 -0.43 -4.65 -1.71
C ILE A 22 -1.61 -3.79 -2.11
N ASN A 23 -2.78 -4.12 -1.60
CA ASN A 23 -3.98 -3.32 -1.80
C ASN A 23 -4.68 -3.12 -0.47
N ALA A 24 -5.63 -2.18 -0.41
CA ALA A 24 -6.50 -2.01 0.75
C ALA A 24 -7.39 -3.24 0.92
N ALA A 25 -8.01 -3.35 2.09
CA ALA A 25 -8.81 -4.50 2.48
C ALA A 25 -9.87 -4.10 3.51
N ASN A 26 -9.43 -3.37 4.53
CA ASN A 26 -10.22 -3.00 5.69
C ASN A 26 -10.79 -4.27 6.34
N SER A 27 -11.67 -4.12 7.34
CA SER A 27 -12.27 -5.29 7.95
C SER A 27 -13.09 -6.15 6.98
N LYS A 28 -13.41 -5.63 5.79
CA LYS A 28 -14.22 -6.34 4.79
C LYS A 28 -13.36 -7.17 3.84
N GLY A 29 -12.02 -7.09 3.94
CA GLY A 29 -11.15 -7.81 3.02
C GLY A 29 -11.28 -7.32 1.58
N GLN A 30 -11.90 -6.16 1.35
CA GLN A 30 -12.11 -5.58 0.05
C GLN A 30 -11.45 -4.20 0.07
N PRO A 31 -10.66 -3.86 -0.94
CA PRO A 31 -10.10 -2.55 -1.04
C PRO A 31 -11.18 -1.46 -1.13
N GLY A 32 -10.73 -0.22 -0.90
CA GLY A 32 -11.54 0.94 -1.19
C GLY A 32 -11.98 0.96 -2.66
N GLY A 33 -13.07 1.68 -2.95
CA GLY A 33 -13.59 1.79 -4.30
C GLY A 33 -12.56 2.40 -5.25
N GLY A 34 -12.67 2.09 -6.53
CA GLY A 34 -11.70 2.51 -7.53
C GLY A 34 -10.93 1.28 -7.99
N VAL A 35 -9.98 0.82 -7.18
CA VAL A 35 -9.17 -0.33 -7.55
C VAL A 35 -10.01 -1.60 -7.68
N CYS A 36 -11.07 -1.79 -6.87
CA CYS A 36 -11.99 -2.88 -7.07
C CYS A 36 -12.48 -3.00 -8.52
N GLY A 37 -12.55 -1.91 -9.27
CA GLY A 37 -12.98 -1.96 -10.65
C GLY A 37 -11.94 -2.63 -11.53
N ALA A 38 -10.74 -2.05 -11.61
CA ALA A 38 -9.69 -2.56 -12.49
C ALA A 38 -9.30 -3.96 -12.07
N LEU A 39 -9.09 -4.15 -10.77
CA LEU A 39 -8.68 -5.41 -10.20
C LEU A 39 -9.68 -6.51 -10.51
N TYR A 40 -10.98 -6.26 -10.35
CA TYR A 40 -11.99 -7.24 -10.74
C TYR A 40 -11.94 -7.52 -12.24
N LYS A 41 -11.71 -6.48 -13.03
CA LYS A 41 -11.81 -6.55 -14.48
C LYS A 41 -10.60 -7.27 -15.04
N LYS A 42 -9.50 -7.33 -14.29
CA LYS A 42 -8.32 -8.06 -14.71
C LYS A 42 -8.34 -9.46 -14.12
N PHE A 43 -8.76 -9.61 -12.86
CA PHE A 43 -8.74 -10.86 -12.13
C PHE A 43 -9.52 -10.78 -10.81
N PRO A 44 -10.78 -11.23 -10.79
CA PRO A 44 -11.59 -11.24 -9.58
C PRO A 44 -11.11 -12.28 -8.57
N GLU A 45 -10.10 -13.09 -8.90
CA GLU A 45 -9.50 -14.09 -8.04
C GLU A 45 -8.79 -13.44 -6.86
N SER A 46 -8.58 -12.13 -6.89
CA SER A 46 -7.98 -11.42 -5.77
C SER A 46 -9.02 -10.91 -4.77
N PHE A 47 -10.30 -11.23 -4.97
CA PHE A 47 -11.38 -10.79 -4.10
C PHE A 47 -11.67 -11.94 -3.16
N ASP A 48 -10.80 -12.05 -2.16
CA ASP A 48 -10.98 -12.94 -1.02
C ASP A 48 -12.15 -12.37 -0.21
N LEU A 49 -12.20 -11.03 -0.07
CA LEU A 49 -13.23 -10.25 0.64
C LEU A 49 -13.73 -10.94 1.89
N GLN A 50 -12.77 -11.55 2.60
CA GLN A 50 -12.99 -12.21 3.85
C GLN A 50 -13.01 -11.16 4.96
N PRO A 51 -13.66 -11.42 6.09
CA PRO A 51 -13.51 -10.58 7.26
C PRO A 51 -12.06 -10.65 7.74
N ILE A 52 -11.49 -9.50 8.12
CA ILE A 52 -10.16 -9.41 8.71
C ILE A 52 -10.30 -8.52 9.95
N GLU A 53 -9.40 -8.71 10.91
CA GLU A 53 -9.29 -7.93 12.12
C GLU A 53 -8.84 -6.49 11.77
N VAL A 54 -8.69 -5.62 12.75
CA VAL A 54 -8.53 -4.20 12.50
C VAL A 54 -7.08 -3.82 12.79
N GLY A 55 -6.28 -3.77 11.73
CA GLY A 55 -4.85 -3.47 11.81
C GLY A 55 -4.03 -4.57 11.15
N LYS A 56 -4.56 -5.78 11.09
CA LYS A 56 -3.81 -6.92 10.58
C LYS A 56 -4.04 -7.05 9.09
N ALA A 57 -2.99 -7.39 8.36
CA ALA A 57 -3.08 -7.64 6.92
C ALA A 57 -3.17 -9.14 6.66
N ARG A 58 -3.80 -9.55 5.55
CA ARG A 58 -3.81 -10.95 5.12
C ARG A 58 -3.45 -11.04 3.63
N LEU A 59 -2.55 -11.97 3.31
CA LEU A 59 -2.12 -12.29 1.96
C LEU A 59 -3.28 -13.01 1.23
N VAL A 60 -3.49 -12.66 -0.04
CA VAL A 60 -4.57 -13.11 -0.89
C VAL A 60 -4.01 -14.14 -1.87
N LYS A 61 -4.66 -15.31 -1.94
CA LYS A 61 -4.10 -16.44 -2.68
C LYS A 61 -4.73 -16.52 -4.06
N GLY A 62 -4.47 -15.52 -4.90
CA GLY A 62 -5.01 -15.51 -6.24
C GLY A 62 -4.36 -16.64 -7.02
N ALA A 63 -5.17 -17.57 -7.50
CA ALA A 63 -4.70 -18.62 -8.39
C ALA A 63 -3.97 -18.03 -9.61
N ALA A 64 -4.46 -16.89 -10.09
CA ALA A 64 -3.86 -16.18 -11.20
C ALA A 64 -2.48 -15.62 -10.83
N LYS A 65 -2.33 -15.07 -9.62
CA LYS A 65 -1.10 -14.52 -9.07
C LYS A 65 -1.30 -14.22 -7.59
N HIS A 66 -0.21 -14.17 -6.82
CA HIS A 66 -0.26 -13.84 -5.40
C HIS A 66 -0.47 -12.34 -5.23
N ILE A 67 -1.32 -11.95 -4.28
CA ILE A 67 -1.61 -10.56 -3.94
C ILE A 67 -1.52 -10.46 -2.41
N ILE A 68 -1.46 -9.26 -1.85
CA ILE A 68 -1.46 -9.01 -0.42
C ILE A 68 -2.55 -7.98 -0.16
N HIS A 69 -3.28 -8.09 0.95
CA HIS A 69 -4.34 -7.14 1.28
C HIS A 69 -4.14 -6.69 2.72
N ALA A 70 -4.36 -5.41 2.99
CA ALA A 70 -4.02 -4.80 4.27
C ALA A 70 -5.16 -3.93 4.78
N VAL A 71 -5.37 -3.96 6.09
CA VAL A 71 -6.42 -3.23 6.73
C VAL A 71 -5.94 -1.81 6.97
N GLY A 72 -6.33 -0.89 6.08
CA GLY A 72 -6.11 0.53 6.24
C GLY A 72 -7.46 1.17 6.53
N PRO A 73 -7.67 1.73 7.73
CA PRO A 73 -8.92 2.38 8.08
C PRO A 73 -8.97 3.77 7.43
N ASN A 74 -9.91 4.61 7.83
CA ASN A 74 -10.26 5.81 7.08
C ASN A 74 -10.05 6.96 8.05
N PHE A 75 -8.92 7.65 7.94
CA PHE A 75 -8.54 8.81 8.74
C PHE A 75 -9.66 9.86 8.83
N ASN A 76 -10.56 9.91 7.85
CA ASN A 76 -11.73 10.77 7.85
C ASN A 76 -12.58 10.57 9.10
N LYS A 77 -12.72 9.31 9.51
CA LYS A 77 -13.52 8.81 10.61
C LYS A 77 -12.63 8.07 11.62
N VAL A 78 -11.34 8.38 11.65
CA VAL A 78 -10.41 7.81 12.63
C VAL A 78 -9.64 8.97 13.23
N SER A 79 -9.42 8.97 14.55
CA SER A 79 -8.69 10.04 15.19
C SER A 79 -7.25 9.90 14.74
N GLU A 80 -6.52 11.00 14.65
CA GLU A 80 -5.11 10.99 14.25
C GLU A 80 -4.29 10.02 15.08
N VAL A 81 -4.68 9.81 16.33
CA VAL A 81 -3.97 8.89 17.22
C VAL A 81 -4.17 7.47 16.69
N GLU A 82 -5.42 7.10 16.44
CA GLU A 82 -5.73 5.72 16.10
C GLU A 82 -5.30 5.44 14.67
N GLY A 83 -5.20 6.47 13.83
CA GLY A 83 -4.73 6.34 12.47
C GLY A 83 -3.23 6.30 12.41
N ASP A 84 -2.51 6.90 13.36
CA ASP A 84 -1.06 6.74 13.45
C ASP A 84 -0.77 5.27 13.76
N LYS A 85 -1.40 4.73 14.80
CA LYS A 85 -1.20 3.33 15.15
C LYS A 85 -1.63 2.42 14.02
N GLN A 86 -2.83 2.60 13.45
CA GLN A 86 -3.32 1.71 12.42
C GLN A 86 -2.49 1.86 11.16
N LEU A 87 -1.98 3.05 10.86
CA LEU A 87 -1.10 3.22 9.70
C LEU A 87 0.18 2.44 9.93
N ALA A 88 0.69 2.45 11.17
CA ALA A 88 1.89 1.71 11.51
C ALA A 88 1.60 0.23 11.60
N GLU A 89 0.37 -0.18 11.91
CA GLU A 89 -0.03 -1.58 11.97
C GLU A 89 -0.12 -2.15 10.56
N ALA A 90 -0.61 -1.33 9.63
CA ALA A 90 -0.62 -1.71 8.22
C ALA A 90 0.84 -1.92 7.81
N TYR A 91 1.66 -0.88 7.96
CA TYR A 91 3.06 -0.90 7.61
C TYR A 91 3.83 -1.98 8.37
N GLU A 92 3.42 -2.35 9.57
CA GLU A 92 4.08 -3.40 10.33
C GLU A 92 3.69 -4.76 9.78
N SER A 93 2.42 -4.94 9.42
CA SER A 93 2.00 -6.19 8.83
C SER A 93 2.71 -6.36 7.49
N ILE A 94 2.84 -5.27 6.71
CA ILE A 94 3.46 -5.32 5.41
C ILE A 94 4.95 -5.62 5.61
N ALA A 95 5.61 -4.88 6.49
CA ALA A 95 7.06 -4.89 6.63
C ALA A 95 7.52 -6.22 7.19
N LYS A 96 6.83 -6.71 8.22
CA LYS A 96 7.10 -8.03 8.76
C LYS A 96 6.89 -9.05 7.65
N ILE A 97 5.80 -8.95 6.87
CA ILE A 97 5.55 -9.90 5.79
C ILE A 97 6.66 -9.83 4.75
N VAL A 98 7.22 -8.65 4.50
CA VAL A 98 8.27 -8.44 3.53
C VAL A 98 9.52 -9.19 3.96
N ASN A 99 9.82 -9.17 5.25
CA ASN A 99 11.03 -9.80 5.76
C ASN A 99 10.81 -11.30 5.84
N ASP A 100 9.61 -11.72 6.22
CA ASP A 100 9.21 -13.10 6.37
C ASP A 100 9.33 -13.79 5.03
N ASN A 101 8.86 -13.12 3.98
CA ASN A 101 8.92 -13.66 2.63
C ASN A 101 10.25 -13.32 1.96
N ASN A 102 11.04 -12.47 2.60
CA ASN A 102 12.37 -12.07 2.20
C ASN A 102 12.36 -11.43 0.82
N TYR A 103 11.38 -10.57 0.56
CA TYR A 103 11.27 -9.95 -0.75
C TYR A 103 12.41 -8.96 -0.97
N LYS A 104 12.83 -8.88 -2.23
CA LYS A 104 13.88 -7.99 -2.69
C LYS A 104 13.27 -6.66 -3.13
N SER A 105 12.01 -6.65 -3.53
CA SER A 105 11.30 -5.45 -3.97
C SER A 105 9.81 -5.70 -3.80
N VAL A 106 9.00 -4.65 -3.64
CA VAL A 106 7.57 -4.76 -3.50
C VAL A 106 6.89 -3.54 -4.11
N ALA A 107 5.74 -3.71 -4.78
CA ALA A 107 4.96 -2.58 -5.26
C ALA A 107 3.97 -2.14 -4.18
N ILE A 108 4.09 -0.89 -3.74
CA ILE A 108 3.35 -0.31 -2.64
C ILE A 108 2.63 0.93 -3.18
N PRO A 109 1.30 0.97 -3.19
CA PRO A 109 0.58 2.15 -3.66
C PRO A 109 0.66 3.25 -2.61
N LEU A 110 0.16 4.45 -2.93
CA LEU A 110 -0.03 5.49 -1.93
C LEU A 110 -1.48 5.43 -1.51
N LEU A 111 -1.69 5.62 -0.22
CA LEU A 111 -2.99 5.64 0.43
C LEU A 111 -3.01 6.85 1.37
N SER A 112 -4.07 7.03 2.16
CA SER A 112 -4.18 8.17 3.08
C SER A 112 -4.03 9.51 2.36
N THR A 113 -4.65 9.64 1.20
CA THR A 113 -4.60 10.86 0.39
C THR A 113 -5.95 11.15 -0.24
N GLY A 114 -6.45 10.25 -1.08
CA GLY A 114 -7.74 10.42 -1.74
C GLY A 114 -8.57 9.14 -1.60
N ILE A 115 -8.65 8.60 -0.38
CA ILE A 115 -9.40 7.38 -0.12
C ILE A 115 -9.76 7.23 1.36
N PHE A 116 -8.82 7.55 2.25
CA PHE A 116 -8.92 7.24 3.67
C PHE A 116 -8.82 8.49 4.52
N SER A 117 -7.79 9.31 4.27
CA SER A 117 -7.55 10.64 4.81
C SER A 117 -8.83 11.45 5.03
N GLY A 118 -9.54 11.73 3.94
CA GLY A 118 -10.70 12.61 3.87
C GLY A 118 -10.53 13.86 4.74
N ASN A 119 -9.66 14.77 4.28
CA ASN A 119 -9.27 15.98 4.99
C ASN A 119 -8.60 15.68 6.33
N LYS A 120 -7.64 14.75 6.33
CA LYS A 120 -6.77 14.49 7.46
C LYS A 120 -5.57 13.69 6.93
N ASP A 121 -4.36 13.94 7.45
CA ASP A 121 -3.10 13.32 6.98
C ASP A 121 -2.81 13.63 5.50
N ARG A 122 -1.69 13.16 4.93
CA ARG A 122 -1.34 13.39 3.53
C ARG A 122 -0.21 12.45 3.10
N LEU A 123 0.20 12.45 1.83
CA LEU A 123 1.19 11.49 1.35
C LEU A 123 2.54 11.76 1.96
N THR A 124 2.95 13.00 2.09
CA THR A 124 4.20 13.35 2.74
C THR A 124 4.29 12.72 4.13
N GLN A 125 3.17 12.49 4.80
CA GLN A 125 3.19 11.82 6.07
C GLN A 125 3.34 10.32 5.83
N SER A 126 2.39 9.73 5.10
CA SER A 126 2.29 8.28 5.00
C SER A 126 3.52 7.69 4.32
N LEU A 127 4.10 8.45 3.38
CA LEU A 127 5.31 8.11 2.67
C LEU A 127 6.47 8.17 3.63
N ASN A 128 6.45 9.07 4.60
CA ASN A 128 7.50 9.14 5.60
C ASN A 128 7.55 7.85 6.40
N HIS A 129 6.38 7.33 6.79
CA HIS A 129 6.32 6.06 7.49
C HIS A 129 6.79 4.94 6.56
N LEU A 130 6.48 5.03 5.26
CA LEU A 130 6.91 4.03 4.29
C LEU A 130 8.43 4.01 4.14
N LEU A 131 9.04 5.19 4.08
CA LEU A 131 10.48 5.47 4.07
C LEU A 131 11.10 4.93 5.34
N THR A 132 10.41 5.06 6.46
CA THR A 132 10.94 4.51 7.70
C THR A 132 11.00 3.00 7.55
N ALA A 133 9.89 2.40 7.12
CA ALA A 133 9.74 0.95 7.02
C ALA A 133 10.66 0.32 6.00
N LEU A 134 10.93 1.02 4.91
CA LEU A 134 11.85 0.48 3.91
C LEU A 134 13.27 0.67 4.37
N ASP A 135 13.51 1.68 5.21
CA ASP A 135 14.86 1.80 5.73
C ASP A 135 15.13 0.75 6.79
N THR A 136 14.08 0.27 7.45
CA THR A 136 14.14 -0.80 8.45
C THR A 136 14.13 -2.20 7.82
N THR A 137 14.27 -2.29 6.50
CA THR A 137 14.36 -3.56 5.79
C THR A 137 15.59 -3.60 4.89
N ASP A 138 15.77 -2.54 4.09
CA ASP A 138 16.81 -2.42 3.07
C ASP A 138 16.59 -3.42 1.94
N ALA A 139 15.41 -3.34 1.32
CA ALA A 139 15.02 -4.21 0.21
C ALA A 139 14.95 -3.40 -1.08
N ASP A 140 13.77 -2.91 -1.46
CA ASP A 140 13.58 -1.86 -2.46
C ASP A 140 12.12 -1.41 -2.36
N VAL A 141 11.74 -0.25 -2.89
CA VAL A 141 10.33 0.14 -2.91
C VAL A 141 9.96 0.60 -4.31
N ALA A 142 8.82 0.11 -4.80
CA ALA A 142 8.30 0.51 -6.09
C ALA A 142 6.94 1.16 -5.83
N ILE A 143 6.81 2.46 -6.01
CA ILE A 143 5.54 3.13 -5.77
C ILE A 143 4.77 3.07 -7.08
N TYR A 144 3.45 2.85 -7.02
CA TYR A 144 2.62 2.63 -8.20
C TYR A 144 1.34 3.43 -8.02
N CYS A 145 1.10 4.44 -8.87
CA CYS A 145 -0.15 5.21 -8.81
C CYS A 145 -0.43 5.90 -10.14
N ARG A 146 -1.68 5.85 -10.60
CA ARG A 146 -2.09 6.50 -11.84
C ARG A 146 -2.46 7.96 -11.63
N ASP A 147 -1.50 8.85 -11.85
CA ASP A 147 -1.80 10.28 -11.85
C ASP A 147 -0.79 11.11 -12.65
N LYS A 148 0.49 10.72 -12.66
CA LYS A 148 1.59 11.41 -13.34
C LYS A 148 2.17 12.54 -12.50
N LYS A 149 1.36 13.47 -12.00
CA LYS A 149 1.86 14.45 -11.04
C LYS A 149 2.42 13.73 -9.83
N TRP A 150 1.89 12.56 -9.50
CA TRP A 150 2.38 11.82 -8.34
C TRP A 150 3.76 11.26 -8.66
N GLU A 151 4.00 10.87 -9.91
CA GLU A 151 5.34 10.42 -10.30
C GLU A 151 6.33 11.56 -10.11
N MET A 152 5.93 12.76 -10.54
CA MET A 152 6.79 13.93 -10.48
C MET A 152 7.13 14.23 -9.03
N THR A 153 6.11 14.37 -8.18
CA THR A 153 6.29 14.78 -6.81
C THR A 153 7.11 13.77 -6.06
N LEU A 154 6.86 12.48 -6.29
CA LEU A 154 7.60 11.43 -5.62
C LEU A 154 9.04 11.45 -6.10
N LYS A 155 9.32 11.82 -7.34
CA LYS A 155 10.71 11.90 -7.77
C LYS A 155 11.37 13.14 -7.19
N GLU A 156 10.62 14.22 -7.01
CA GLU A 156 11.17 15.47 -6.49
C GLU A 156 11.55 15.26 -5.03
N ALA A 157 10.68 14.56 -4.31
CA ALA A 157 10.84 14.25 -2.91
C ALA A 157 11.91 13.20 -2.72
N VAL A 158 11.99 12.20 -3.59
CA VAL A 158 13.08 11.23 -3.55
C VAL A 158 14.39 11.97 -3.83
N ALA A 159 14.37 13.02 -4.67
CA ALA A 159 15.58 13.73 -5.00
C ALA A 159 16.04 14.49 -3.76
N ARG A 160 15.11 15.23 -3.15
CA ARG A 160 15.37 16.06 -2.00
C ARG A 160 15.58 15.24 -0.73
N ARG A 161 15.15 13.97 -0.73
CA ARG A 161 15.43 13.04 0.36
C ARG A 161 16.86 12.52 0.30
N GLU A 162 17.50 12.56 -0.88
CA GLU A 162 18.71 11.83 -1.20
C GLU A 162 18.65 10.37 -0.70
N ALA A 3 18.03 -0.15 4.97
CA ALA A 3 17.24 0.92 4.32
C ALA A 3 17.55 0.91 2.83
N PRO A 4 16.52 0.94 1.98
CA PRO A 4 16.65 0.76 0.54
C PRO A 4 16.64 2.12 -0.17
N SER A 5 16.15 2.17 -1.41
CA SER A 5 15.89 3.42 -2.13
C SER A 5 14.39 3.50 -2.38
N TYR A 6 13.93 4.43 -3.22
CA TYR A 6 12.54 4.67 -3.51
C TYR A 6 12.39 4.84 -5.01
N HIS A 7 11.39 4.21 -5.63
CA HIS A 7 11.17 4.30 -7.07
C HIS A 7 9.71 4.64 -7.31
N VAL A 8 9.44 5.53 -8.27
CA VAL A 8 8.10 5.99 -8.59
C VAL A 8 7.73 5.53 -9.99
N VAL A 9 6.62 4.81 -10.12
CA VAL A 9 6.29 4.07 -11.34
C VAL A 9 4.84 4.30 -11.72
N ARG A 10 4.59 4.90 -12.87
CA ARG A 10 3.25 5.34 -13.22
C ARG A 10 2.49 4.20 -13.85
N GLY A 11 1.71 3.48 -13.04
CA GLY A 11 1.03 2.29 -13.49
C GLY A 11 -0.31 2.16 -12.80
N ASP A 12 -0.76 0.92 -12.67
CA ASP A 12 -2.07 0.53 -12.19
C ASP A 12 -1.89 -0.72 -11.34
N ILE A 13 -2.82 -1.04 -10.44
CA ILE A 13 -2.73 -2.22 -9.60
C ILE A 13 -2.59 -3.49 -10.44
N ALA A 14 -3.31 -3.50 -11.55
CA ALA A 14 -3.42 -4.62 -12.47
C ALA A 14 -2.19 -4.75 -13.37
N THR A 15 -1.18 -3.88 -13.17
CA THR A 15 0.07 -3.91 -13.91
C THR A 15 1.28 -3.86 -12.97
N ALA A 16 1.05 -3.88 -11.65
CA ALA A 16 2.06 -3.83 -10.60
C ALA A 16 2.69 -5.21 -10.44
N THR A 17 3.31 -5.67 -11.52
CA THR A 17 3.79 -7.03 -11.71
C THR A 17 5.16 -7.25 -11.03
N GLU A 18 5.43 -6.56 -9.92
CA GLU A 18 6.68 -6.60 -9.17
C GLU A 18 6.80 -7.87 -8.30
N GLY A 19 6.21 -8.98 -8.72
CA GLY A 19 6.20 -10.20 -7.94
C GLY A 19 5.10 -10.18 -6.89
N VAL A 20 4.83 -9.01 -6.29
CA VAL A 20 3.98 -8.82 -5.13
C VAL A 20 3.12 -7.61 -5.40
N ILE A 21 1.87 -7.67 -4.97
CA ILE A 21 0.85 -6.67 -5.14
C ILE A 21 0.18 -6.51 -3.79
N ILE A 22 -0.14 -5.27 -3.37
CA ILE A 22 -0.81 -4.99 -2.12
C ILE A 22 -2.02 -4.15 -2.46
N ASN A 23 -3.15 -4.48 -1.86
CA ASN A 23 -4.41 -3.79 -2.07
C ASN A 23 -5.04 -3.51 -0.71
N ALA A 24 -5.89 -2.50 -0.62
CA ALA A 24 -6.63 -2.26 0.61
C ALA A 24 -7.75 -3.30 0.75
N ALA A 25 -8.31 -3.38 1.94
CA ALA A 25 -9.36 -4.34 2.29
C ALA A 25 -10.21 -3.76 3.41
N ASN A 26 -9.55 -3.30 4.47
CA ASN A 26 -10.17 -2.75 5.66
C ASN A 26 -11.10 -3.76 6.35
N SER A 27 -11.80 -3.32 7.39
CA SER A 27 -12.82 -4.13 8.05
C SER A 27 -13.99 -4.45 7.13
N LYS A 28 -14.03 -3.87 5.92
CA LYS A 28 -15.12 -4.03 4.97
C LYS A 28 -14.80 -5.12 3.95
N GLY A 29 -13.54 -5.59 3.91
CA GLY A 29 -13.11 -6.58 2.93
C GLY A 29 -12.99 -6.01 1.52
N GLN A 30 -13.06 -4.69 1.35
CA GLN A 30 -13.08 -4.05 0.06
C GLN A 30 -12.07 -2.90 0.04
N PRO A 31 -11.13 -2.90 -0.92
CA PRO A 31 -10.28 -1.75 -1.13
C PRO A 31 -11.14 -0.56 -1.55
N GLY A 32 -11.16 0.49 -0.74
CA GLY A 32 -11.90 1.70 -1.09
C GLY A 32 -11.30 2.34 -2.33
N GLY A 33 -12.13 2.54 -3.37
CA GLY A 33 -11.73 3.04 -4.66
C GLY A 33 -12.42 2.18 -5.72
N GLY A 34 -11.88 2.16 -6.94
CA GLY A 34 -12.36 1.25 -7.98
C GLY A 34 -11.26 0.29 -8.43
N VAL A 35 -10.13 0.23 -7.72
CA VAL A 35 -9.00 -0.60 -8.11
C VAL A 35 -9.34 -2.08 -7.99
N CYS A 36 -10.23 -2.44 -7.07
CA CYS A 36 -10.73 -3.81 -6.99
C CYS A 36 -11.35 -4.26 -8.31
N GLY A 37 -11.88 -3.33 -9.12
CA GLY A 37 -12.55 -3.65 -10.36
C GLY A 37 -11.55 -4.03 -11.46
N ALA A 38 -10.47 -3.25 -11.61
CA ALA A 38 -9.45 -3.59 -12.59
C ALA A 38 -8.76 -4.88 -12.18
N LEU A 39 -8.40 -4.97 -10.90
CA LEU A 39 -7.76 -6.16 -10.38
C LEU A 39 -8.69 -7.37 -10.51
N TYR A 40 -10.00 -7.19 -10.40
CA TYR A 40 -10.96 -8.25 -10.66
C TYR A 40 -10.98 -8.64 -12.13
N LYS A 41 -10.83 -7.69 -13.05
CA LYS A 41 -11.00 -8.00 -14.46
C LYS A 41 -9.84 -8.88 -14.93
N LYS A 42 -8.65 -8.63 -14.39
CA LYS A 42 -7.45 -9.33 -14.82
C LYS A 42 -7.05 -10.44 -13.85
N PHE A 43 -7.37 -10.25 -12.58
CA PHE A 43 -7.03 -11.17 -11.49
C PHE A 43 -8.26 -11.39 -10.62
N PRO A 44 -9.33 -11.99 -11.15
CA PRO A 44 -10.55 -12.24 -10.37
C PRO A 44 -10.28 -13.16 -9.18
N GLU A 45 -9.17 -13.89 -9.21
CA GLU A 45 -8.76 -14.81 -8.16
C GLU A 45 -8.39 -14.06 -6.88
N SER A 46 -7.99 -12.80 -6.98
CA SER A 46 -7.66 -11.99 -5.81
C SER A 46 -8.90 -11.27 -5.25
N PHE A 47 -10.06 -11.41 -5.89
CA PHE A 47 -11.30 -10.79 -5.50
C PHE A 47 -11.97 -11.68 -4.45
N ASP A 48 -11.21 -11.98 -3.39
CA ASP A 48 -11.62 -12.76 -2.25
C ASP A 48 -12.51 -11.89 -1.38
N LEU A 49 -12.11 -10.60 -1.26
CA LEU A 49 -12.81 -9.52 -0.57
C LEU A 49 -13.50 -10.00 0.71
N GLN A 50 -12.80 -10.86 1.45
CA GLN A 50 -13.25 -11.33 2.76
C GLN A 50 -13.03 -10.24 3.81
N PRO A 51 -13.75 -10.32 4.93
CA PRO A 51 -13.57 -9.41 6.04
C PRO A 51 -12.18 -9.63 6.66
N ILE A 52 -11.50 -8.54 7.04
CA ILE A 52 -10.21 -8.58 7.70
C ILE A 52 -10.35 -7.77 8.98
N GLU A 53 -9.47 -8.01 9.95
CA GLU A 53 -9.51 -7.32 11.23
C GLU A 53 -8.92 -5.91 11.06
N VAL A 54 -8.79 -5.16 12.15
CA VAL A 54 -8.30 -3.80 12.10
C VAL A 54 -6.99 -3.80 12.87
N GLY A 55 -5.89 -3.70 12.13
CA GLY A 55 -4.54 -3.76 12.68
C GLY A 55 -3.74 -4.91 12.07
N LYS A 56 -4.34 -5.73 11.20
CA LYS A 56 -3.64 -6.86 10.63
C LYS A 56 -3.91 -6.96 9.14
N ALA A 57 -2.88 -7.28 8.36
CA ALA A 57 -3.03 -7.59 6.94
C ALA A 57 -3.04 -9.10 6.79
N ARG A 58 -3.66 -9.62 5.72
CA ARG A 58 -3.56 -11.04 5.38
C ARG A 58 -3.45 -11.15 3.87
N LEU A 59 -2.60 -12.05 3.39
CA LEU A 59 -2.45 -12.27 1.95
C LEU A 59 -3.53 -13.21 1.44
N VAL A 60 -3.89 -13.06 0.17
CA VAL A 60 -4.90 -13.87 -0.49
C VAL A 60 -4.19 -14.64 -1.60
N LYS A 61 -4.36 -15.96 -1.59
CA LYS A 61 -3.79 -16.81 -2.63
C LYS A 61 -4.74 -16.78 -3.80
N GLY A 62 -4.41 -16.01 -4.83
CA GLY A 62 -5.13 -16.03 -6.08
C GLY A 62 -4.25 -16.74 -7.10
N ALA A 63 -4.80 -17.69 -7.84
CA ALA A 63 -4.06 -18.42 -8.86
C ALA A 63 -3.46 -17.47 -9.90
N ALA A 64 -4.12 -16.33 -10.14
CA ALA A 64 -3.62 -15.32 -11.05
C ALA A 64 -2.30 -14.72 -10.55
N LYS A 65 -2.25 -14.29 -9.27
CA LYS A 65 -1.02 -13.86 -8.64
C LYS A 65 -1.25 -13.83 -7.13
N HIS A 66 -0.17 -13.89 -6.34
CA HIS A 66 -0.26 -13.68 -4.89
C HIS A 66 -0.57 -12.20 -4.66
N ILE A 67 -1.62 -11.89 -3.90
CA ILE A 67 -1.96 -10.51 -3.53
C ILE A 67 -1.85 -10.43 -2.01
N ILE A 68 -1.60 -9.24 -1.48
CA ILE A 68 -1.60 -8.96 -0.06
C ILE A 68 -2.79 -8.02 0.16
N HIS A 69 -3.55 -8.21 1.24
CA HIS A 69 -4.70 -7.37 1.55
C HIS A 69 -4.46 -6.76 2.92
N ALA A 70 -4.61 -5.43 3.04
CA ALA A 70 -4.29 -4.72 4.26
C ALA A 70 -5.41 -3.76 4.64
N VAL A 71 -5.39 -3.28 5.88
CA VAL A 71 -6.38 -2.39 6.41
C VAL A 71 -5.67 -1.06 6.64
N GLY A 72 -6.05 -0.04 5.88
CA GLY A 72 -5.52 1.29 6.05
C GLY A 72 -6.46 2.07 6.96
N PRO A 73 -5.91 2.86 7.90
CA PRO A 73 -6.74 3.72 8.72
C PRO A 73 -7.30 4.85 7.88
N ASN A 74 -8.19 5.63 8.48
CA ASN A 74 -8.87 6.71 7.80
C ASN A 74 -8.88 7.87 8.79
N PHE A 75 -7.85 8.73 8.73
CA PHE A 75 -7.73 9.86 9.65
C PHE A 75 -8.98 10.76 9.61
N ASN A 76 -9.73 10.73 8.51
CA ASN A 76 -10.99 11.46 8.37
C ASN A 76 -12.01 11.09 9.46
N LYS A 77 -11.90 9.88 10.02
CA LYS A 77 -12.75 9.39 11.10
C LYS A 77 -11.91 8.69 12.17
N VAL A 78 -10.60 8.97 12.25
CA VAL A 78 -9.70 8.33 13.20
C VAL A 78 -8.79 9.41 13.78
N SER A 79 -8.54 9.41 15.09
CA SER A 79 -7.67 10.39 15.70
C SER A 79 -6.25 10.13 15.21
N GLU A 80 -5.42 11.15 15.11
CA GLU A 80 -4.03 11.00 14.69
C GLU A 80 -3.32 9.90 15.46
N VAL A 81 -3.66 9.71 16.73
CA VAL A 81 -2.95 8.76 17.58
C VAL A 81 -3.30 7.33 17.18
N GLU A 82 -4.56 7.10 16.82
CA GLU A 82 -5.01 5.76 16.48
C GLU A 82 -4.63 5.45 15.05
N GLY A 83 -4.78 6.40 14.13
CA GLY A 83 -4.35 6.20 12.76
C GLY A 83 -2.84 6.09 12.62
N ASP A 84 -2.04 6.69 13.51
CA ASP A 84 -0.60 6.47 13.46
C ASP A 84 -0.32 5.00 13.74
N LYS A 85 -0.92 4.47 14.80
CA LYS A 85 -0.73 3.07 15.18
C LYS A 85 -1.27 2.16 14.11
N GLN A 86 -2.49 2.36 13.64
CA GLN A 86 -3.10 1.52 12.62
C GLN A 86 -2.29 1.58 11.34
N LEU A 87 -1.75 2.76 11.00
CA LEU A 87 -0.95 2.88 9.80
C LEU A 87 0.32 2.06 9.98
N ALA A 88 0.90 2.10 11.17
CA ALA A 88 2.10 1.35 11.48
C ALA A 88 1.81 -0.13 11.63
N GLU A 89 0.58 -0.53 11.97
CA GLU A 89 0.16 -1.91 12.11
C GLU A 89 -0.01 -2.53 10.73
N ALA A 90 -0.53 -1.74 9.80
CA ALA A 90 -0.62 -2.16 8.41
C ALA A 90 0.80 -2.37 7.89
N TYR A 91 1.62 -1.33 8.02
CA TYR A 91 3.00 -1.33 7.62
C TYR A 91 3.84 -2.34 8.41
N GLU A 92 3.45 -2.75 9.61
CA GLU A 92 4.14 -3.78 10.35
C GLU A 92 3.82 -5.12 9.75
N SER A 93 2.56 -5.36 9.42
CA SER A 93 2.20 -6.60 8.77
C SER A 93 2.95 -6.68 7.44
N ILE A 94 3.01 -5.58 6.69
CA ILE A 94 3.63 -5.59 5.37
C ILE A 94 5.14 -5.77 5.53
N ALA A 95 5.75 -5.05 6.47
CA ALA A 95 7.20 -5.01 6.62
C ALA A 95 7.70 -6.37 7.07
N LYS A 96 7.03 -6.93 8.08
CA LYS A 96 7.35 -8.26 8.55
C LYS A 96 7.14 -9.25 7.40
N ILE A 97 6.05 -9.14 6.63
CA ILE A 97 5.79 -10.04 5.50
C ILE A 97 6.86 -9.93 4.43
N VAL A 98 7.43 -8.73 4.25
CA VAL A 98 8.47 -8.47 3.27
C VAL A 98 9.72 -9.23 3.67
N ASN A 99 10.04 -9.29 4.96
CA ASN A 99 11.22 -10.00 5.43
C ASN A 99 10.95 -11.50 5.38
N ASP A 100 9.73 -11.88 5.75
CA ASP A 100 9.29 -13.27 5.84
C ASP A 100 9.42 -13.92 4.47
N ASN A 101 9.07 -13.16 3.44
CA ASN A 101 9.18 -13.61 2.06
C ASN A 101 10.52 -13.25 1.43
N ASN A 102 11.35 -12.47 2.11
CA ASN A 102 12.64 -11.99 1.65
C ASN A 102 12.51 -11.23 0.33
N TYR A 103 11.46 -10.42 0.20
CA TYR A 103 11.25 -9.68 -1.03
C TYR A 103 12.28 -8.56 -1.15
N LYS A 104 13.16 -8.67 -2.15
CA LYS A 104 14.15 -7.65 -2.46
C LYS A 104 13.51 -6.34 -2.90
N SER A 105 12.38 -6.41 -3.58
CA SER A 105 11.63 -5.22 -4.00
C SER A 105 10.14 -5.55 -4.06
N VAL A 106 9.28 -4.55 -3.84
CA VAL A 106 7.84 -4.71 -3.83
C VAL A 106 7.15 -3.44 -4.31
N ALA A 107 6.09 -3.58 -5.12
CA ALA A 107 5.26 -2.44 -5.51
C ALA A 107 4.19 -2.24 -4.45
N ILE A 108 4.32 -1.17 -3.67
CA ILE A 108 3.46 -0.85 -2.55
C ILE A 108 2.82 0.52 -2.82
N PRO A 109 1.51 0.58 -3.06
CA PRO A 109 0.84 1.81 -3.43
C PRO A 109 0.57 2.66 -2.18
N LEU A 110 0.07 3.88 -2.38
CA LEU A 110 -0.05 4.82 -1.28
C LEU A 110 -1.37 4.60 -0.56
N LEU A 111 -1.31 3.99 0.62
CA LEU A 111 -2.46 3.75 1.47
C LEU A 111 -2.83 5.02 2.22
N SER A 112 -4.07 5.08 2.72
CA SER A 112 -4.69 6.26 3.30
C SER A 112 -4.46 7.53 2.49
N THR A 113 -5.03 7.58 1.29
CA THR A 113 -4.87 8.69 0.37
C THR A 113 -6.20 9.22 -0.11
N GLY A 114 -7.05 8.35 -0.65
CA GLY A 114 -8.38 8.70 -1.14
C GLY A 114 -9.34 8.98 0.01
N ILE A 115 -10.47 8.28 0.05
CA ILE A 115 -11.52 8.53 1.05
C ILE A 115 -11.19 7.88 2.40
N PHE A 116 -10.00 8.16 2.94
CA PHE A 116 -9.51 7.58 4.17
C PHE A 116 -8.89 8.69 5.02
N SER A 117 -7.76 9.26 4.59
CA SER A 117 -7.07 10.25 5.40
C SER A 117 -7.88 11.54 5.56
N GLY A 118 -8.75 11.86 4.61
CA GLY A 118 -9.42 13.16 4.57
C GLY A 118 -8.90 13.89 3.35
N ASN A 119 -8.39 15.11 3.51
CA ASN A 119 -7.85 15.87 2.39
C ASN A 119 -6.75 16.77 2.90
N LYS A 120 -5.72 16.99 2.06
CA LYS A 120 -4.52 17.78 2.35
C LYS A 120 -3.64 17.02 3.35
N ASP A 121 -2.32 17.02 3.13
CA ASP A 121 -1.29 16.29 3.87
C ASP A 121 -1.70 14.88 4.34
N ARG A 122 -1.52 13.90 3.44
CA ARG A 122 -1.96 12.53 3.67
C ARG A 122 -0.95 11.51 3.23
N LEU A 123 -0.66 11.54 1.94
CA LEU A 123 0.31 10.63 1.34
C LEU A 123 1.69 10.96 1.82
N THR A 124 2.08 12.22 1.87
CA THR A 124 3.35 12.65 2.41
C THR A 124 3.61 12.06 3.79
N GLN A 125 2.56 11.89 4.60
CA GLN A 125 2.77 11.32 5.91
C GLN A 125 2.91 9.82 5.75
N SER A 126 1.97 9.19 5.05
CA SER A 126 1.92 7.74 4.97
C SER A 126 3.17 7.16 4.34
N LEU A 127 3.76 7.91 3.40
CA LEU A 127 4.99 7.61 2.72
C LEU A 127 6.15 7.72 3.69
N ASN A 128 6.13 8.74 4.54
CA ASN A 128 7.16 8.90 5.55
C ASN A 128 7.20 7.67 6.46
N HIS A 129 6.03 7.22 6.90
CA HIS A 129 5.94 6.09 7.81
C HIS A 129 6.24 4.79 7.05
N LEU A 130 5.94 4.76 5.75
CA LEU A 130 6.20 3.60 4.90
C LEU A 130 7.70 3.40 4.77
N LEU A 131 8.43 4.48 4.55
CA LEU A 131 9.89 4.44 4.49
C LEU A 131 10.44 4.12 5.84
N THR A 132 9.78 4.52 6.93
CA THR A 132 10.31 4.18 8.24
C THR A 132 10.20 2.66 8.43
N ALA A 133 9.06 2.09 8.08
CA ALA A 133 8.85 0.66 8.26
C ALA A 133 9.68 -0.16 7.28
N LEU A 134 9.90 0.36 6.08
CA LEU A 134 10.71 -0.32 5.08
C LEU A 134 12.18 0.04 5.22
N ASP A 135 12.55 1.04 6.03
CA ASP A 135 13.97 1.34 6.24
C ASP A 135 14.60 0.18 6.98
N THR A 136 13.80 -0.46 7.84
CA THR A 136 14.15 -1.64 8.61
C THR A 136 14.51 -2.84 7.71
N THR A 137 14.28 -2.78 6.39
CA THR A 137 14.69 -3.82 5.47
C THR A 137 15.43 -3.16 4.30
N ASP A 138 16.50 -3.76 3.80
CA ASP A 138 17.12 -3.34 2.55
C ASP A 138 16.41 -4.05 1.39
N ALA A 139 15.10 -3.86 1.32
CA ALA A 139 14.28 -4.30 0.20
C ALA A 139 14.21 -3.15 -0.80
N ASP A 140 13.00 -2.65 -1.07
CA ASP A 140 12.74 -1.49 -1.92
C ASP A 140 11.30 -1.07 -1.69
N VAL A 141 10.95 0.15 -2.13
CA VAL A 141 9.61 0.68 -2.06
C VAL A 141 9.28 1.25 -3.43
N ALA A 142 8.41 0.55 -4.18
CA ALA A 142 8.00 1.05 -5.48
C ALA A 142 6.60 1.60 -5.34
N ILE A 143 6.48 2.93 -5.29
CA ILE A 143 5.21 3.63 -5.17
C ILE A 143 4.71 3.99 -6.57
N TYR A 144 3.44 3.70 -6.84
CA TYR A 144 2.78 3.87 -8.12
C TYR A 144 1.37 4.39 -7.86
N CYS A 145 0.86 5.29 -8.70
CA CYS A 145 -0.55 5.64 -8.72
C CYS A 145 -0.93 6.26 -10.07
N ARG A 146 -2.17 6.01 -10.49
CA ARG A 146 -2.66 6.45 -11.77
C ARG A 146 -3.27 7.85 -11.67
N ASP A 147 -2.43 8.87 -11.86
CA ASP A 147 -2.83 10.29 -11.90
C ASP A 147 -1.73 11.10 -12.56
N LYS A 148 -0.46 10.70 -12.39
CA LYS A 148 0.71 11.39 -12.90
C LYS A 148 1.07 12.60 -12.07
N LYS A 149 0.10 13.39 -11.60
CA LYS A 149 0.41 14.36 -10.55
C LYS A 149 1.02 13.68 -9.34
N TRP A 150 0.51 12.52 -8.92
CA TRP A 150 1.02 11.88 -7.71
C TRP A 150 2.43 11.38 -7.98
N GLU A 151 2.68 10.94 -9.20
CA GLU A 151 3.97 10.45 -9.63
C GLU A 151 4.96 11.61 -9.58
N MET A 152 4.51 12.80 -9.99
CA MET A 152 5.36 13.97 -10.01
C MET A 152 5.71 14.36 -8.59
N THR A 153 4.73 14.53 -7.70
CA THR A 153 5.06 14.98 -6.36
C THR A 153 5.93 13.97 -5.64
N LEU A 154 5.60 12.68 -5.77
CA LEU A 154 6.43 11.65 -5.16
C LEU A 154 7.82 11.66 -5.75
N LYS A 155 7.97 11.92 -7.06
CA LYS A 155 9.32 11.93 -7.63
C LYS A 155 10.05 13.17 -7.17
N GLU A 156 9.33 14.25 -6.91
CA GLU A 156 9.95 15.53 -6.59
C GLU A 156 10.45 15.48 -5.16
N ALA A 157 9.74 14.80 -4.28
CA ALA A 157 10.14 14.61 -2.90
C ALA A 157 11.23 13.56 -2.81
N VAL A 158 11.13 12.47 -3.57
CA VAL A 158 12.19 11.48 -3.63
C VAL A 158 13.47 12.16 -4.16
N ALA A 159 13.32 13.14 -5.04
CA ALA A 159 14.47 13.84 -5.60
C ALA A 159 15.05 14.79 -4.56
N ARG A 160 14.19 15.58 -3.91
CA ARG A 160 14.61 16.54 -2.91
C ARG A 160 14.97 15.85 -1.59
N ARG A 161 14.81 14.53 -1.51
CA ARG A 161 15.32 13.70 -0.42
C ARG A 161 16.79 13.29 -0.62
N GLU A 162 17.41 13.55 -1.77
CA GLU A 162 18.87 13.44 -1.85
C GLU A 162 19.51 14.38 -0.82
N ALA A 3 18.55 -0.28 3.02
CA ALA A 3 18.01 0.89 2.32
C ALA A 3 18.96 1.27 1.18
N PRO A 4 18.75 0.76 -0.04
CA PRO A 4 19.56 1.11 -1.19
C PRO A 4 19.02 2.36 -1.88
N SER A 5 17.88 2.28 -2.57
CA SER A 5 17.33 3.39 -3.32
C SER A 5 15.81 3.32 -3.30
N TYR A 6 15.14 4.30 -3.93
CA TYR A 6 13.71 4.39 -4.00
C TYR A 6 13.39 4.57 -5.48
N HIS A 7 12.34 3.94 -6.00
CA HIS A 7 12.00 4.02 -7.42
C HIS A 7 10.50 4.21 -7.56
N VAL A 8 10.07 4.87 -8.63
CA VAL A 8 8.68 5.19 -8.88
C VAL A 8 8.34 4.78 -10.31
N VAL A 9 7.20 4.15 -10.55
CA VAL A 9 6.78 3.80 -11.90
C VAL A 9 5.28 4.06 -12.04
N ARG A 10 4.85 4.71 -13.13
CA ARG A 10 3.42 4.89 -13.37
C ARG A 10 2.91 3.68 -14.14
N GLY A 11 2.24 2.77 -13.45
CA GLY A 11 1.46 1.72 -14.07
C GLY A 11 0.18 1.56 -13.26
N ASP A 12 -0.49 0.44 -13.48
CA ASP A 12 -1.77 0.09 -12.90
C ASP A 12 -1.53 -1.00 -11.87
N ILE A 13 -2.49 -1.15 -10.96
CA ILE A 13 -2.39 -2.13 -9.88
C ILE A 13 -2.32 -3.54 -10.45
N ALA A 14 -3.13 -3.78 -11.47
CA ALA A 14 -3.22 -5.07 -12.12
C ALA A 14 -1.96 -5.38 -12.94
N THR A 15 -1.05 -4.42 -13.08
CA THR A 15 0.22 -4.60 -13.78
C THR A 15 1.40 -4.46 -12.82
N ALA A 16 1.15 -4.31 -11.51
CA ALA A 16 2.19 -4.23 -10.51
C ALA A 16 2.58 -5.65 -10.15
N THR A 17 3.09 -6.42 -11.10
CA THR A 17 3.38 -7.83 -10.93
C THR A 17 4.71 -8.06 -10.20
N GLU A 18 4.92 -7.41 -9.07
CA GLU A 18 6.20 -7.37 -8.36
C GLU A 18 6.30 -8.49 -7.34
N GLY A 19 5.62 -9.61 -7.58
CA GLY A 19 5.51 -10.68 -6.59
C GLY A 19 4.47 -10.34 -5.54
N VAL A 20 4.39 -9.08 -5.11
CA VAL A 20 3.44 -8.60 -4.12
C VAL A 20 2.91 -7.25 -4.55
N ILE A 21 1.65 -7.02 -4.17
CA ILE A 21 0.88 -5.81 -4.36
C ILE A 21 0.23 -5.56 -3.01
N ILE A 22 0.12 -4.32 -2.57
CA ILE A 22 -0.55 -3.99 -1.33
C ILE A 22 -1.71 -3.11 -1.72
N ASN A 23 -2.91 -3.41 -1.24
CA ASN A 23 -4.09 -2.62 -1.57
C ASN A 23 -4.90 -2.32 -0.31
N ALA A 24 -5.54 -1.16 -0.24
CA ALA A 24 -6.30 -0.74 0.93
C ALA A 24 -7.66 -1.42 0.93
N ALA A 25 -7.68 -2.66 1.42
CA ALA A 25 -8.83 -3.53 1.32
C ALA A 25 -9.73 -3.47 2.55
N ASN A 26 -9.24 -2.88 3.63
CA ASN A 26 -10.00 -2.66 4.85
C ASN A 26 -10.34 -4.01 5.50
N SER A 27 -11.04 -3.98 6.64
CA SER A 27 -11.56 -5.18 7.29
C SER A 27 -12.57 -5.92 6.40
N LYS A 28 -13.03 -5.32 5.31
CA LYS A 28 -13.96 -5.94 4.37
C LYS A 28 -13.22 -6.71 3.25
N GLY A 29 -11.90 -6.62 3.18
CA GLY A 29 -11.11 -7.26 2.13
C GLY A 29 -11.41 -6.69 0.74
N GLN A 30 -12.12 -5.56 0.67
CA GLN A 30 -12.55 -4.92 -0.55
C GLN A 30 -11.67 -3.71 -0.76
N PRO A 31 -10.80 -3.71 -1.79
CA PRO A 31 -10.01 -2.54 -2.09
C PRO A 31 -10.93 -1.41 -2.55
N GLY A 32 -10.52 -0.18 -2.30
CA GLY A 32 -11.31 1.01 -2.58
C GLY A 32 -11.91 0.99 -3.99
N GLY A 33 -13.12 1.53 -4.11
CA GLY A 33 -13.84 1.62 -5.37
C GLY A 33 -12.97 2.32 -6.41
N GLY A 34 -12.85 1.73 -7.59
CA GLY A 34 -11.91 2.17 -8.60
C GLY A 34 -10.95 1.03 -8.87
N VAL A 35 -9.97 0.84 -7.98
CA VAL A 35 -8.97 -0.20 -8.22
C VAL A 35 -9.62 -1.58 -8.14
N CYS A 36 -10.61 -1.80 -7.26
CA CYS A 36 -11.35 -3.05 -7.24
C CYS A 36 -11.88 -3.43 -8.63
N GLY A 37 -12.19 -2.44 -9.47
CA GLY A 37 -12.73 -2.68 -10.80
C GLY A 37 -11.65 -3.29 -11.70
N ALA A 38 -10.50 -2.62 -11.80
CA ALA A 38 -9.40 -3.13 -12.62
C ALA A 38 -8.96 -4.50 -12.12
N LEU A 39 -8.89 -4.66 -10.80
CA LEU A 39 -8.41 -5.86 -10.15
C LEU A 39 -9.30 -7.04 -10.52
N TYR A 40 -10.60 -6.92 -10.31
CA TYR A 40 -11.59 -7.87 -10.79
C TYR A 40 -11.42 -8.17 -12.27
N LYS A 41 -11.21 -7.13 -13.08
CA LYS A 41 -11.30 -7.21 -14.52
C LYS A 41 -10.13 -8.02 -15.06
N LYS A 42 -8.99 -7.93 -14.39
CA LYS A 42 -7.79 -8.64 -14.80
C LYS A 42 -7.74 -10.01 -14.10
N PHE A 43 -8.20 -10.08 -12.86
CA PHE A 43 -8.12 -11.28 -12.04
C PHE A 43 -9.11 -11.25 -10.87
N PRO A 44 -10.23 -11.98 -10.95
CA PRO A 44 -11.18 -12.09 -9.85
C PRO A 44 -10.63 -12.90 -8.66
N GLU A 45 -9.36 -13.29 -8.68
CA GLU A 45 -8.74 -14.03 -7.59
C GLU A 45 -8.19 -13.09 -6.53
N SER A 46 -8.18 -11.77 -6.78
CA SER A 46 -7.73 -10.82 -5.77
C SER A 46 -8.88 -10.07 -5.13
N PHE A 47 -10.01 -9.86 -5.81
CA PHE A 47 -11.14 -9.16 -5.21
C PHE A 47 -11.99 -10.15 -4.40
N ASP A 48 -11.35 -10.90 -3.51
CA ASP A 48 -12.01 -11.94 -2.74
C ASP A 48 -13.05 -11.33 -1.81
N LEU A 49 -12.78 -10.12 -1.31
CA LEU A 49 -13.62 -9.39 -0.38
C LEU A 49 -13.83 -10.21 0.90
N GLN A 50 -12.76 -10.87 1.35
CA GLN A 50 -12.75 -11.70 2.55
C GLN A 50 -12.76 -10.79 3.77
N PRO A 51 -13.42 -11.18 4.86
CA PRO A 51 -13.33 -10.46 6.11
C PRO A 51 -11.91 -10.59 6.68
N ILE A 52 -11.37 -9.49 7.19
CA ILE A 52 -10.04 -9.37 7.76
C ILE A 52 -10.23 -8.59 9.06
N GLU A 53 -9.29 -8.69 10.00
CA GLU A 53 -9.31 -7.95 11.26
C GLU A 53 -9.11 -6.44 11.00
N VAL A 54 -8.97 -5.65 12.06
CA VAL A 54 -8.80 -4.20 11.97
C VAL A 54 -7.44 -3.85 12.54
N GLY A 55 -6.46 -3.72 11.65
CA GLY A 55 -5.06 -3.49 12.00
C GLY A 55 -4.16 -4.52 11.32
N LYS A 56 -4.67 -5.72 11.10
CA LYS A 56 -3.84 -6.78 10.53
C LYS A 56 -4.13 -6.87 9.05
N ALA A 57 -3.09 -7.13 8.28
CA ALA A 57 -3.19 -7.34 6.85
C ALA A 57 -3.26 -8.84 6.62
N ARG A 58 -3.92 -9.25 5.54
CA ARG A 58 -4.03 -10.66 5.20
C ARG A 58 -3.82 -10.75 3.70
N LEU A 59 -2.95 -11.65 3.26
CA LEU A 59 -2.77 -11.88 1.85
C LEU A 59 -3.95 -12.65 1.30
N VAL A 60 -4.29 -12.38 0.04
CA VAL A 60 -5.29 -13.14 -0.68
C VAL A 60 -4.49 -14.07 -1.58
N LYS A 61 -4.59 -15.37 -1.34
CA LYS A 61 -3.91 -16.36 -2.17
C LYS A 61 -4.73 -16.53 -3.44
N GLY A 62 -4.58 -15.57 -4.36
CA GLY A 62 -5.22 -15.63 -5.63
C GLY A 62 -4.52 -16.72 -6.44
N ALA A 63 -5.28 -17.72 -6.86
CA ALA A 63 -4.76 -18.79 -7.70
C ALA A 63 -4.12 -18.24 -8.97
N ALA A 64 -4.64 -17.12 -9.49
CA ALA A 64 -4.06 -16.42 -10.60
C ALA A 64 -2.69 -15.82 -10.23
N LYS A 65 -2.62 -15.11 -9.09
CA LYS A 65 -1.45 -14.43 -8.60
C LYS A 65 -1.68 -14.04 -7.14
N HIS A 66 -0.62 -13.96 -6.33
CA HIS A 66 -0.73 -13.59 -4.92
C HIS A 66 -0.84 -12.07 -4.79
N ILE A 67 -1.69 -11.59 -3.87
CA ILE A 67 -1.82 -10.18 -3.56
C ILE A 67 -1.88 -10.03 -2.04
N ILE A 68 -1.61 -8.84 -1.51
CA ILE A 68 -1.62 -8.53 -0.08
C ILE A 68 -2.69 -7.47 0.14
N HIS A 69 -3.55 -7.68 1.13
CA HIS A 69 -4.64 -6.76 1.43
C HIS A 69 -4.40 -6.19 2.82
N ALA A 70 -4.25 -4.86 2.89
CA ALA A 70 -3.98 -4.13 4.10
C ALA A 70 -5.27 -3.52 4.60
N VAL A 71 -5.34 -3.26 5.90
CA VAL A 71 -6.49 -2.66 6.53
C VAL A 71 -6.03 -1.36 7.13
N GLY A 72 -6.56 -0.25 6.62
CA GLY A 72 -6.34 1.07 7.17
C GLY A 72 -7.71 1.61 7.53
N PRO A 73 -7.88 2.19 8.74
CA PRO A 73 -9.13 2.79 9.16
C PRO A 73 -9.23 4.20 8.56
N ASN A 74 -10.25 4.96 8.97
CA ASN A 74 -10.56 6.24 8.36
C ASN A 74 -10.46 7.28 9.45
N PHE A 75 -9.42 8.11 9.46
CA PHE A 75 -9.28 9.19 10.45
C PHE A 75 -10.51 10.09 10.47
N ASN A 76 -11.31 10.07 9.39
CA ASN A 76 -12.60 10.75 9.34
C ASN A 76 -13.47 10.48 10.56
N LYS A 77 -13.40 9.27 11.10
CA LYS A 77 -14.11 8.83 12.30
C LYS A 77 -13.19 8.01 13.21
N VAL A 78 -11.89 8.31 13.18
CA VAL A 78 -10.91 7.70 14.07
C VAL A 78 -10.08 8.82 14.68
N SER A 79 -9.57 8.67 15.91
CA SER A 79 -8.72 9.67 16.51
C SER A 79 -7.34 9.53 15.89
N GLU A 80 -6.58 10.62 15.82
CA GLU A 80 -5.23 10.62 15.29
C GLU A 80 -4.36 9.58 16.00
N VAL A 81 -4.66 9.32 17.28
CA VAL A 81 -3.87 8.40 18.09
C VAL A 81 -4.09 6.98 17.62
N GLU A 82 -5.34 6.62 17.29
CA GLU A 82 -5.66 5.29 16.85
C GLU A 82 -5.24 5.12 15.40
N GLY A 83 -5.36 6.15 14.58
CA GLY A 83 -4.89 6.11 13.20
C GLY A 83 -3.39 6.01 13.12
N ASP A 84 -2.63 6.58 14.05
CA ASP A 84 -1.17 6.44 14.06
C ASP A 84 -0.82 4.97 14.26
N LYS A 85 -1.39 4.37 15.30
CA LYS A 85 -1.11 2.97 15.61
C LYS A 85 -1.64 2.05 14.51
N GLN A 86 -2.82 2.34 13.97
CA GLN A 86 -3.41 1.51 12.93
C GLN A 86 -2.62 1.65 11.63
N LEU A 87 -2.09 2.85 11.35
CA LEU A 87 -1.19 3.05 10.22
C LEU A 87 0.00 2.13 10.43
N ALA A 88 0.60 2.16 11.63
CA ALA A 88 1.80 1.41 11.91
C ALA A 88 1.50 -0.08 11.95
N GLU A 89 0.28 -0.47 12.29
CA GLU A 89 -0.13 -1.87 12.33
C GLU A 89 -0.27 -2.39 10.90
N ALA A 90 -0.83 -1.57 10.01
CA ALA A 90 -0.97 -1.97 8.63
C ALA A 90 0.43 -2.15 8.05
N TYR A 91 1.24 -1.12 8.25
CA TYR A 91 2.59 -1.00 7.75
C TYR A 91 3.51 -2.01 8.42
N GLU A 92 3.26 -2.45 9.65
CA GLU A 92 4.05 -3.50 10.27
C GLU A 92 3.64 -4.82 9.67
N SER A 93 2.34 -5.04 9.46
CA SER A 93 1.91 -6.29 8.89
C SER A 93 2.50 -6.43 7.49
N ILE A 94 2.61 -5.32 6.75
CA ILE A 94 3.18 -5.36 5.42
C ILE A 94 4.71 -5.45 5.52
N ALA A 95 5.33 -4.68 6.39
CA ALA A 95 6.78 -4.53 6.42
C ALA A 95 7.43 -5.80 6.95
N LYS A 96 6.87 -6.36 8.02
CA LYS A 96 7.33 -7.64 8.51
C LYS A 96 7.15 -8.66 7.41
N ILE A 97 6.02 -8.65 6.68
CA ILE A 97 5.86 -9.58 5.56
C ILE A 97 6.93 -9.35 4.48
N VAL A 98 7.33 -8.09 4.24
CA VAL A 98 8.28 -7.74 3.21
C VAL A 98 9.64 -8.33 3.58
N ASN A 99 10.01 -8.29 4.86
CA ASN A 99 11.30 -8.78 5.31
C ASN A 99 11.27 -10.29 5.44
N ASP A 100 10.11 -10.83 5.80
CA ASP A 100 9.91 -12.25 6.02
C ASP A 100 10.00 -12.96 4.66
N ASN A 101 9.47 -12.34 3.61
CA ASN A 101 9.64 -12.85 2.27
C ASN A 101 10.95 -12.34 1.63
N ASN A 102 11.57 -11.36 2.27
CA ASN A 102 12.80 -10.73 1.83
C ASN A 102 12.70 -10.28 0.39
N TYR A 103 11.65 -9.54 0.07
CA TYR A 103 11.43 -9.06 -1.29
C TYR A 103 12.56 -8.14 -1.72
N LYS A 104 12.99 -8.34 -2.97
CA LYS A 104 14.08 -7.61 -3.60
C LYS A 104 13.59 -6.22 -4.00
N SER A 105 12.30 -6.11 -4.31
CA SER A 105 11.59 -4.85 -4.49
C SER A 105 10.11 -5.21 -4.49
N VAL A 106 9.23 -4.25 -4.20
CA VAL A 106 7.79 -4.45 -4.22
C VAL A 106 7.12 -3.13 -4.57
N ALA A 107 5.85 -3.19 -4.97
CA ALA A 107 5.05 -2.01 -5.25
C ALA A 107 4.17 -1.70 -4.05
N ILE A 108 4.49 -0.63 -3.32
CA ILE A 108 3.75 -0.16 -2.16
C ILE A 108 3.12 1.20 -2.55
N PRO A 109 1.79 1.28 -2.67
CA PRO A 109 1.10 2.54 -2.91
C PRO A 109 1.00 3.32 -1.59
N LEU A 110 0.22 4.41 -1.58
CA LEU A 110 0.09 5.29 -0.43
C LEU A 110 -1.38 5.40 -0.13
N LEU A 111 -1.71 5.35 1.16
CA LEU A 111 -3.06 5.36 1.66
C LEU A 111 -3.28 6.72 2.33
N SER A 112 -4.44 6.90 2.96
CA SER A 112 -4.72 8.07 3.79
C SER A 112 -4.71 9.36 2.97
N THR A 113 -5.43 9.35 1.84
CA THR A 113 -5.34 10.40 0.86
C THR A 113 -6.72 10.68 0.25
N GLY A 114 -7.54 11.48 0.94
CA GLY A 114 -8.85 11.88 0.41
C GLY A 114 -9.78 10.69 0.18
N ILE A 115 -9.71 9.71 1.07
CA ILE A 115 -10.49 8.47 0.99
C ILE A 115 -10.75 7.95 2.40
N PHE A 116 -9.71 7.96 3.26
CA PHE A 116 -9.79 7.42 4.60
C PHE A 116 -9.61 8.55 5.61
N SER A 117 -8.61 9.41 5.38
CA SER A 117 -8.26 10.51 6.26
C SER A 117 -9.46 11.36 6.63
N GLY A 118 -10.25 11.78 5.63
CA GLY A 118 -11.38 12.67 5.87
C GLY A 118 -10.96 14.13 6.04
N ASN A 119 -9.92 14.38 6.85
CA ASN A 119 -9.42 15.72 7.09
C ASN A 119 -7.91 15.60 7.33
N LYS A 120 -7.15 16.62 6.90
CA LYS A 120 -5.69 16.62 6.98
C LYS A 120 -5.17 15.31 6.38
N ASP A 121 -4.06 14.77 6.92
CA ASP A 121 -3.22 13.64 6.49
C ASP A 121 -2.90 13.60 4.99
N ARG A 122 -1.68 13.25 4.60
CA ARG A 122 -1.32 13.32 3.19
C ARG A 122 -0.41 12.17 2.81
N LEU A 123 -0.14 12.06 1.52
CA LEU A 123 0.73 11.03 1.00
C LEU A 123 2.16 11.27 1.40
N THR A 124 2.55 12.52 1.62
CA THR A 124 3.83 12.84 2.20
C THR A 124 3.99 12.14 3.55
N GLN A 125 2.91 12.05 4.34
CA GLN A 125 3.01 11.41 5.66
C GLN A 125 3.10 9.91 5.44
N SER A 126 2.15 9.33 4.71
CA SER A 126 2.09 7.89 4.54
C SER A 126 3.36 7.38 3.84
N LEU A 127 3.96 8.20 2.98
CA LEU A 127 5.24 7.94 2.33
C LEU A 127 6.33 7.92 3.37
N ASN A 128 6.34 8.91 4.24
CA ASN A 128 7.38 9.02 5.26
C ASN A 128 7.40 7.73 6.08
N HIS A 129 6.20 7.26 6.44
CA HIS A 129 6.08 6.07 7.27
C HIS A 129 6.45 4.84 6.46
N LEU A 130 6.18 4.86 5.15
CA LEU A 130 6.37 3.68 4.31
C LEU A 130 7.85 3.47 4.08
N LEU A 131 8.57 4.56 3.81
CA LEU A 131 10.01 4.58 3.66
C LEU A 131 10.66 4.30 5.01
N THR A 132 10.05 4.70 6.12
CA THR A 132 10.62 4.37 7.42
C THR A 132 10.57 2.86 7.60
N ALA A 133 9.44 2.25 7.30
CA ALA A 133 9.29 0.83 7.41
C ALA A 133 10.23 0.12 6.44
N LEU A 134 10.33 0.60 5.20
CA LEU A 134 11.13 -0.07 4.20
C LEU A 134 12.62 0.27 4.38
N ASP A 135 12.95 1.26 5.20
CA ASP A 135 14.34 1.53 5.56
C ASP A 135 14.86 0.41 6.47
N THR A 136 13.96 -0.34 7.11
CA THR A 136 14.30 -1.55 7.87
C THR A 136 14.63 -2.74 6.96
N THR A 137 14.67 -2.53 5.64
CA THR A 137 15.04 -3.55 4.67
C THR A 137 16.33 -3.12 3.96
N ASP A 138 16.75 -3.88 2.97
CA ASP A 138 18.06 -3.88 2.34
C ASP A 138 17.91 -4.31 0.89
N ALA A 139 16.76 -3.95 0.28
CA ALA A 139 16.30 -4.52 -0.96
C ALA A 139 16.06 -3.44 -2.01
N ASP A 140 14.89 -2.80 -1.98
CA ASP A 140 14.55 -1.56 -2.69
C ASP A 140 13.12 -1.19 -2.26
N VAL A 141 12.64 0.00 -2.62
CA VAL A 141 11.27 0.40 -2.35
C VAL A 141 10.70 1.00 -3.63
N ALA A 142 9.60 0.45 -4.15
CA ALA A 142 9.03 0.92 -5.41
C ALA A 142 7.61 1.43 -5.14
N ILE A 143 7.25 2.60 -5.67
CA ILE A 143 5.95 3.21 -5.43
C ILE A 143 5.30 3.43 -6.79
N TYR A 144 4.28 2.64 -7.10
CA TYR A 144 3.61 2.60 -8.39
C TYR A 144 2.16 3.03 -8.21
N CYS A 145 1.66 3.98 -9.03
CA CYS A 145 0.22 4.20 -9.13
C CYS A 145 -0.13 4.94 -10.42
N ARG A 146 -1.40 4.83 -10.79
CA ARG A 146 -1.98 5.36 -12.02
C ARG A 146 -2.44 6.80 -11.90
N ASP A 147 -1.52 7.73 -12.13
CA ASP A 147 -1.85 9.15 -12.07
C ASP A 147 -0.97 9.92 -13.02
N LYS A 148 0.32 9.64 -12.93
CA LYS A 148 1.37 10.28 -13.70
C LYS A 148 1.88 11.58 -13.09
N LYS A 149 1.03 12.54 -12.74
CA LYS A 149 1.53 13.66 -11.92
C LYS A 149 2.14 13.11 -10.63
N TRP A 150 1.59 12.03 -10.10
CA TRP A 150 2.07 11.53 -8.83
C TRP A 150 3.43 10.87 -9.01
N GLU A 151 3.70 10.29 -10.18
CA GLU A 151 4.97 9.61 -10.36
C GLU A 151 6.04 10.68 -10.46
N MET A 152 5.70 11.82 -11.09
CA MET A 152 6.64 12.88 -11.29
C MET A 152 7.00 13.46 -9.94
N THR A 153 6.01 13.89 -9.17
CA THR A 153 6.27 14.53 -7.90
C THR A 153 7.01 13.59 -6.96
N LEU A 154 6.60 12.33 -6.88
CA LEU A 154 7.27 11.39 -6.00
C LEU A 154 8.68 11.14 -6.51
N LYS A 155 8.92 11.15 -7.84
CA LYS A 155 10.28 10.95 -8.32
C LYS A 155 11.12 12.17 -8.01
N GLU A 156 10.50 13.35 -7.93
CA GLU A 156 11.21 14.60 -7.78
C GLU A 156 11.62 14.77 -6.32
N ALA A 157 10.78 14.30 -5.41
CA ALA A 157 11.10 14.30 -4.00
C ALA A 157 12.07 13.18 -3.66
N VAL A 158 11.93 12.02 -4.31
CA VAL A 158 12.93 10.97 -4.21
C VAL A 158 14.27 11.53 -4.69
N ALA A 159 14.26 12.33 -5.74
CA ALA A 159 15.49 12.80 -6.36
C ALA A 159 16.13 13.85 -5.45
N ARG A 160 15.32 14.78 -4.94
CA ARG A 160 15.81 15.81 -4.03
C ARG A 160 16.11 15.22 -2.65
N ARG A 161 15.69 13.99 -2.36
CA ARG A 161 16.11 13.30 -1.15
C ARG A 161 17.51 12.68 -1.28
N GLU A 162 18.12 12.66 -2.46
CA GLU A 162 19.52 12.27 -2.59
C GLU A 162 20.42 13.36 -2.01
N ALA A 3 19.21 -0.50 2.53
CA ALA A 3 18.14 -0.57 1.52
C ALA A 3 18.63 0.10 0.24
N PRO A 4 18.15 -0.33 -0.93
CA PRO A 4 18.52 0.25 -2.20
C PRO A 4 17.91 1.64 -2.36
N SER A 5 16.60 1.78 -2.65
CA SER A 5 16.06 3.10 -2.97
C SER A 5 14.55 3.03 -3.07
N TYR A 6 13.94 4.03 -3.71
CA TYR A 6 12.52 4.09 -4.00
C TYR A 6 12.36 4.48 -5.45
N HIS A 7 11.38 3.91 -6.13
CA HIS A 7 11.07 4.25 -7.50
C HIS A 7 9.56 4.31 -7.64
N VAL A 8 9.06 5.10 -8.59
CA VAL A 8 7.63 5.23 -8.85
C VAL A 8 7.40 4.93 -10.33
N VAL A 9 6.30 4.27 -10.67
CA VAL A 9 6.02 3.90 -12.04
C VAL A 9 4.55 4.11 -12.37
N ARG A 10 4.26 4.76 -13.50
CA ARG A 10 2.88 5.05 -13.86
C ARG A 10 2.31 3.83 -14.55
N GLY A 11 1.73 2.92 -13.76
CA GLY A 11 0.98 1.79 -14.23
C GLY A 11 -0.28 1.69 -13.38
N ASP A 12 -0.81 0.48 -13.25
CA ASP A 12 -2.09 0.22 -12.62
C ASP A 12 -1.88 -0.99 -11.70
N ILE A 13 -2.83 -1.23 -10.80
CA ILE A 13 -2.74 -2.36 -9.88
C ILE A 13 -2.60 -3.66 -10.64
N ALA A 14 -3.41 -3.80 -11.68
CA ALA A 14 -3.52 -4.99 -12.49
C ALA A 14 -2.28 -5.21 -13.35
N THR A 15 -1.31 -4.29 -13.30
CA THR A 15 -0.05 -4.41 -14.01
C THR A 15 1.14 -4.28 -13.06
N ALA A 16 0.89 -4.22 -11.74
CA ALA A 16 1.93 -4.16 -10.71
C ALA A 16 2.40 -5.59 -10.41
N THR A 17 2.93 -6.28 -11.41
CA THR A 17 3.40 -7.66 -11.26
C THR A 17 4.81 -7.71 -10.66
N GLU A 18 5.07 -6.96 -9.60
CA GLU A 18 6.30 -7.01 -8.81
C GLU A 18 6.37 -8.26 -7.93
N GLY A 19 5.56 -9.28 -8.18
CA GLY A 19 5.52 -10.48 -7.36
C GLY A 19 4.60 -10.29 -6.14
N VAL A 20 4.51 -9.06 -5.64
CA VAL A 20 3.82 -8.72 -4.41
C VAL A 20 3.19 -7.35 -4.61
N ILE A 21 1.96 -7.18 -4.13
CA ILE A 21 1.15 -5.99 -4.26
C ILE A 21 0.49 -5.78 -2.91
N ILE A 22 0.25 -4.55 -2.47
CA ILE A 22 -0.50 -4.27 -1.26
C ILE A 22 -1.67 -3.38 -1.66
N ASN A 23 -2.88 -3.66 -1.16
CA ASN A 23 -4.07 -2.84 -1.39
C ASN A 23 -4.81 -2.66 -0.07
N ALA A 24 -5.28 -1.43 0.24
CA ALA A 24 -6.13 -1.18 1.40
C ALA A 24 -7.52 -1.72 1.14
N ALA A 25 -7.78 -2.94 1.61
CA ALA A 25 -9.06 -3.62 1.42
C ALA A 25 -9.87 -3.62 2.71
N ASN A 26 -9.23 -3.36 3.85
CA ASN A 26 -9.88 -3.03 5.10
C ASN A 26 -10.48 -4.29 5.71
N SER A 27 -11.18 -4.17 6.82
CA SER A 27 -11.85 -5.33 7.42
C SER A 27 -12.91 -5.95 6.49
N LYS A 28 -13.21 -5.32 5.34
CA LYS A 28 -14.18 -5.77 4.35
C LYS A 28 -13.52 -6.58 3.24
N GLY A 29 -12.18 -6.60 3.17
CA GLY A 29 -11.45 -7.31 2.14
C GLY A 29 -11.66 -6.72 0.74
N GLN A 30 -12.10 -5.46 0.63
CA GLN A 30 -12.44 -4.86 -0.65
C GLN A 30 -11.72 -3.51 -0.81
N PRO A 31 -10.87 -3.35 -1.84
CA PRO A 31 -10.14 -2.12 -2.03
C PRO A 31 -11.06 -0.95 -2.37
N GLY A 32 -11.29 -0.10 -1.37
CA GLY A 32 -12.15 1.07 -1.50
C GLY A 32 -11.45 2.12 -2.35
N GLY A 33 -11.81 2.21 -3.62
CA GLY A 33 -11.24 3.21 -4.51
C GLY A 33 -11.84 3.12 -5.90
N GLY A 34 -11.81 1.92 -6.50
CA GLY A 34 -12.29 1.72 -7.86
C GLY A 34 -11.44 0.68 -8.58
N VAL A 35 -10.15 0.60 -8.23
CA VAL A 35 -9.23 -0.39 -8.79
C VAL A 35 -9.72 -1.82 -8.59
N CYS A 36 -10.62 -2.06 -7.62
CA CYS A 36 -11.29 -3.35 -7.44
C CYS A 36 -11.86 -3.88 -8.77
N GLY A 37 -12.29 -3.02 -9.69
CA GLY A 37 -12.90 -3.44 -10.94
C GLY A 37 -11.89 -4.04 -11.91
N ALA A 38 -10.81 -3.30 -12.21
CA ALA A 38 -9.77 -3.79 -13.10
C ALA A 38 -9.14 -5.04 -12.50
N LEU A 39 -8.86 -4.96 -11.20
CA LEU A 39 -8.27 -6.07 -10.50
C LEU A 39 -9.14 -7.30 -10.59
N TYR A 40 -10.43 -7.21 -10.29
CA TYR A 40 -11.37 -8.31 -10.46
C TYR A 40 -11.30 -8.85 -11.89
N LYS A 41 -11.24 -7.98 -12.90
CA LYS A 41 -11.36 -8.40 -14.29
C LYS A 41 -10.20 -9.33 -14.64
N LYS A 42 -9.02 -9.03 -14.12
CA LYS A 42 -7.79 -9.74 -14.46
C LYS A 42 -7.38 -10.77 -13.39
N PHE A 43 -7.85 -10.58 -12.18
CA PHE A 43 -7.51 -11.32 -10.97
C PHE A 43 -8.77 -11.50 -10.13
N PRO A 44 -9.64 -12.45 -10.48
CA PRO A 44 -10.87 -12.67 -9.74
C PRO A 44 -10.61 -13.19 -8.32
N GLU A 45 -9.42 -13.72 -8.03
CA GLU A 45 -9.12 -14.23 -6.71
C GLU A 45 -8.52 -13.13 -5.83
N SER A 46 -8.26 -11.95 -6.38
CA SER A 46 -7.76 -10.84 -5.59
C SER A 46 -8.89 -10.12 -4.85
N PHE A 47 -10.11 -10.09 -5.41
CA PHE A 47 -11.22 -9.39 -4.78
C PHE A 47 -12.03 -10.40 -3.96
N ASP A 48 -11.38 -11.01 -2.98
CA ASP A 48 -12.00 -12.08 -2.21
C ASP A 48 -13.03 -11.54 -1.21
N LEU A 49 -12.98 -10.23 -0.91
CA LEU A 49 -13.88 -9.49 -0.01
C LEU A 49 -14.16 -10.27 1.28
N GLN A 50 -13.12 -10.94 1.77
CA GLN A 50 -13.16 -11.69 3.00
C GLN A 50 -13.09 -10.72 4.18
N PRO A 51 -13.72 -11.05 5.31
CA PRO A 51 -13.61 -10.27 6.53
C PRO A 51 -12.23 -10.54 7.17
N ILE A 52 -11.55 -9.49 7.64
CA ILE A 52 -10.29 -9.59 8.37
C ILE A 52 -10.44 -8.74 9.64
N GLU A 53 -9.52 -8.93 10.59
CA GLU A 53 -9.35 -8.13 11.79
C GLU A 53 -9.06 -6.66 11.42
N VAL A 54 -8.66 -5.84 12.39
CA VAL A 54 -8.39 -4.43 12.17
C VAL A 54 -6.97 -4.14 12.64
N GLY A 55 -6.07 -3.92 11.68
CA GLY A 55 -4.66 -3.68 11.93
C GLY A 55 -3.83 -4.69 11.16
N LYS A 56 -4.33 -5.93 11.06
CA LYS A 56 -3.61 -7.02 10.46
C LYS A 56 -3.84 -6.98 8.95
N ALA A 57 -2.79 -7.27 8.19
CA ALA A 57 -2.85 -7.52 6.76
C ALA A 57 -2.92 -9.04 6.51
N ARG A 58 -3.60 -9.45 5.43
CA ARG A 58 -3.80 -10.84 5.07
C ARG A 58 -3.38 -11.00 3.61
N LEU A 59 -2.44 -11.91 3.32
CA LEU A 59 -2.01 -12.13 1.95
C LEU A 59 -3.15 -12.78 1.16
N VAL A 60 -3.47 -12.24 -0.01
CA VAL A 60 -4.55 -12.74 -0.86
C VAL A 60 -3.95 -13.67 -1.90
N LYS A 61 -4.31 -14.95 -1.85
CA LYS A 61 -3.79 -15.92 -2.80
C LYS A 61 -4.56 -15.78 -4.12
N GLY A 62 -4.12 -14.86 -4.97
CA GLY A 62 -4.64 -14.74 -6.30
C GLY A 62 -4.03 -15.86 -7.13
N ALA A 63 -4.87 -16.66 -7.76
CA ALA A 63 -4.43 -17.70 -8.68
C ALA A 63 -3.57 -17.09 -9.79
N ALA A 64 -4.01 -15.93 -10.29
CA ALA A 64 -3.27 -15.16 -11.29
C ALA A 64 -1.93 -14.65 -10.73
N LYS A 65 -1.91 -14.09 -9.51
CA LYS A 65 -0.66 -13.69 -8.85
C LYS A 65 -0.92 -13.50 -7.37
N HIS A 66 0.13 -13.58 -6.55
CA HIS A 66 0.02 -13.28 -5.13
C HIS A 66 -0.20 -11.77 -4.95
N ILE A 67 -1.23 -11.41 -4.18
CA ILE A 67 -1.56 -10.04 -3.80
C ILE A 67 -1.51 -10.02 -2.27
N ILE A 68 -1.51 -8.85 -1.64
CA ILE A 68 -1.53 -8.69 -0.20
C ILE A 68 -2.60 -7.65 0.11
N HIS A 69 -3.31 -7.85 1.21
CA HIS A 69 -4.37 -6.94 1.62
C HIS A 69 -3.93 -6.32 2.95
N ALA A 70 -3.88 -5.00 3.03
CA ALA A 70 -3.67 -4.24 4.25
C ALA A 70 -5.02 -3.73 4.73
N VAL A 71 -5.27 -3.74 6.04
CA VAL A 71 -6.48 -3.21 6.60
C VAL A 71 -6.15 -1.80 7.07
N GLY A 72 -6.92 -0.81 6.61
CA GLY A 72 -6.88 0.53 7.16
C GLY A 72 -8.29 1.02 7.46
N PRO A 73 -8.50 1.71 8.59
CA PRO A 73 -9.71 2.47 8.85
C PRO A 73 -9.57 3.83 8.16
N ASN A 74 -10.39 4.82 8.53
CA ASN A 74 -10.46 6.09 7.84
C ASN A 74 -10.22 7.15 8.90
N PHE A 75 -9.13 7.92 8.84
CA PHE A 75 -8.87 8.98 9.80
C PHE A 75 -10.02 9.99 9.80
N ASN A 76 -10.79 10.08 8.72
CA ASN A 76 -12.01 10.88 8.65
C ASN A 76 -13.00 10.61 9.80
N LYS A 77 -12.95 9.41 10.39
CA LYS A 77 -13.77 9.00 11.53
C LYS A 77 -12.92 8.26 12.57
N VAL A 78 -11.60 8.43 12.54
CA VAL A 78 -10.70 7.78 13.51
C VAL A 78 -9.94 8.89 14.22
N SER A 79 -9.38 8.63 15.40
CA SER A 79 -8.59 9.62 16.11
C SER A 79 -7.16 9.47 15.60
N GLU A 80 -6.38 10.54 15.59
CA GLU A 80 -5.00 10.48 15.10
C GLU A 80 -4.18 9.44 15.86
N VAL A 81 -4.55 9.19 17.13
CA VAL A 81 -3.89 8.21 17.97
C VAL A 81 -4.09 6.82 17.40
N GLU A 82 -5.32 6.51 17.02
CA GLU A 82 -5.65 5.21 16.47
C GLU A 82 -5.05 5.11 15.07
N GLY A 83 -5.04 6.20 14.29
CA GLY A 83 -4.50 6.13 12.94
C GLY A 83 -2.98 6.13 12.91
N ASP A 84 -2.32 6.62 13.95
CA ASP A 84 -0.88 6.47 14.12
C ASP A 84 -0.60 4.98 14.25
N LYS A 85 -1.26 4.34 15.23
CA LYS A 85 -0.99 2.94 15.49
C LYS A 85 -1.40 2.10 14.31
N GLN A 86 -2.55 2.37 13.69
CA GLN A 86 -3.02 1.63 12.54
C GLN A 86 -2.00 1.80 11.42
N LEU A 87 -1.48 3.01 11.21
CA LEU A 87 -0.57 3.22 10.10
C LEU A 87 0.68 2.37 10.34
N ALA A 88 1.13 2.28 11.58
CA ALA A 88 2.26 1.44 11.91
C ALA A 88 1.91 -0.05 11.91
N GLU A 89 0.65 -0.42 12.19
CA GLU A 89 0.21 -1.80 12.25
C GLU A 89 0.11 -2.34 10.84
N ALA A 90 -0.36 -1.52 9.91
CA ALA A 90 -0.45 -1.92 8.51
C ALA A 90 0.98 -2.03 8.00
N TYR A 91 1.78 -1.00 8.22
CA TYR A 91 3.16 -0.93 7.79
C TYR A 91 4.02 -2.01 8.45
N GLU A 92 3.72 -2.45 9.67
CA GLU A 92 4.45 -3.55 10.28
C GLU A 92 3.93 -4.86 9.75
N SER A 93 2.64 -5.00 9.51
CA SER A 93 2.15 -6.26 9.00
C SER A 93 2.78 -6.48 7.62
N ILE A 94 2.92 -5.42 6.83
CA ILE A 94 3.50 -5.51 5.51
C ILE A 94 5.02 -5.65 5.63
N ALA A 95 5.68 -4.84 6.46
CA ALA A 95 7.14 -4.81 6.53
C ALA A 95 7.67 -6.12 7.11
N LYS A 96 7.03 -6.62 8.16
CA LYS A 96 7.36 -7.93 8.69
C LYS A 96 7.08 -8.96 7.62
N ILE A 97 5.94 -8.90 6.91
CA ILE A 97 5.67 -9.88 5.84
C ILE A 97 6.76 -9.83 4.77
N VAL A 98 7.31 -8.65 4.49
CA VAL A 98 8.35 -8.45 3.50
C VAL A 98 9.62 -9.18 3.94
N ASN A 99 9.92 -9.15 5.24
CA ASN A 99 11.13 -9.78 5.74
C ASN A 99 10.92 -11.28 5.86
N ASP A 100 9.71 -11.69 6.22
CA ASP A 100 9.31 -13.07 6.44
C ASP A 100 9.41 -13.80 5.10
N ASN A 101 8.93 -13.15 4.04
CA ASN A 101 9.04 -13.69 2.69
C ASN A 101 10.38 -13.35 2.06
N ASN A 102 11.17 -12.48 2.70
CA ASN A 102 12.47 -12.06 2.24
C ASN A 102 12.40 -11.48 0.84
N TYR A 103 11.40 -10.64 0.57
CA TYR A 103 11.24 -10.07 -0.76
C TYR A 103 12.38 -9.13 -1.08
N LYS A 104 12.85 -9.23 -2.32
CA LYS A 104 13.89 -8.37 -2.85
C LYS A 104 13.32 -6.98 -3.08
N SER A 105 12.05 -6.91 -3.49
CA SER A 105 11.37 -5.66 -3.80
C SER A 105 9.87 -5.89 -3.72
N VAL A 106 9.07 -4.83 -3.53
CA VAL A 106 7.62 -4.95 -3.47
C VAL A 106 6.95 -3.69 -4.04
N ALA A 107 5.82 -3.88 -4.74
CA ALA A 107 5.00 -2.78 -5.22
C ALA A 107 3.96 -2.40 -4.16
N ILE A 108 4.24 -1.30 -3.46
CA ILE A 108 3.45 -0.75 -2.37
C ILE A 108 2.90 0.59 -2.87
N PRO A 109 1.58 0.72 -3.06
CA PRO A 109 1.00 1.97 -3.55
C PRO A 109 0.92 2.97 -2.39
N LEU A 110 0.22 4.07 -2.61
CA LEU A 110 -0.01 5.08 -1.61
C LEU A 110 -1.51 5.13 -1.35
N LEU A 111 -1.85 5.25 -0.07
CA LEU A 111 -3.19 5.15 0.47
C LEU A 111 -3.30 6.21 1.58
N SER A 112 -4.53 6.46 2.06
CA SER A 112 -4.85 7.48 3.04
C SER A 112 -4.93 8.88 2.41
N THR A 113 -5.53 9.00 1.22
CA THR A 113 -5.58 10.27 0.52
C THR A 113 -6.92 10.47 -0.17
N GLY A 114 -7.71 11.46 0.30
CA GLY A 114 -9.00 11.78 -0.30
C GLY A 114 -9.95 10.58 -0.34
N ILE A 115 -9.81 9.66 0.61
CA ILE A 115 -10.59 8.44 0.67
C ILE A 115 -10.70 7.98 2.13
N PHE A 116 -9.57 7.83 2.81
CA PHE A 116 -9.51 7.32 4.17
C PHE A 116 -9.06 8.42 5.14
N SER A 117 -8.02 9.17 4.80
CA SER A 117 -7.53 10.28 5.61
C SER A 117 -8.66 11.23 6.01
N GLY A 118 -9.50 11.61 5.04
CA GLY A 118 -10.50 12.64 5.26
C GLY A 118 -9.87 14.01 5.06
N ASN A 119 -8.95 14.40 5.95
CA ASN A 119 -8.23 15.65 5.74
C ASN A 119 -6.91 15.68 6.51
N LYS A 120 -6.08 16.67 6.16
CA LYS A 120 -4.65 16.70 6.50
C LYS A 120 -3.93 15.46 5.95
N ASP A 121 -2.66 15.31 6.33
CA ASP A 121 -1.78 14.17 6.12
C ASP A 121 -1.76 13.70 4.66
N ARG A 122 -0.81 14.22 3.86
CA ARG A 122 -0.80 13.92 2.43
C ARG A 122 0.26 12.87 2.10
N LEU A 123 0.69 12.86 0.84
CA LEU A 123 1.57 11.82 0.35
C LEU A 123 2.94 12.02 0.94
N THR A 124 3.45 13.23 0.99
CA THR A 124 4.73 13.51 1.61
C THR A 124 4.81 12.92 3.01
N GLN A 125 3.67 12.84 3.72
CA GLN A 125 3.66 12.26 5.04
C GLN A 125 3.64 10.74 4.93
N SER A 126 2.70 10.22 4.15
CA SER A 126 2.46 8.79 4.08
C SER A 126 3.70 8.05 3.57
N LEU A 127 4.38 8.65 2.60
CA LEU A 127 5.65 8.24 2.02
C LEU A 127 6.74 8.36 3.06
N ASN A 128 6.73 9.39 3.89
CA ASN A 128 7.74 9.51 4.94
C ASN A 128 7.69 8.26 5.80
N HIS A 129 6.49 7.89 6.21
CA HIS A 129 6.29 6.76 7.08
C HIS A 129 6.54 5.48 6.31
N LEU A 130 6.24 5.46 5.01
CA LEU A 130 6.34 4.27 4.19
C LEU A 130 7.80 3.89 4.03
N LEU A 131 8.61 4.88 3.69
CA LEU A 131 10.03 4.74 3.51
C LEU A 131 10.68 4.54 4.86
N THR A 132 10.09 5.03 5.95
CA THR A 132 10.66 4.75 7.26
C THR A 132 10.44 3.27 7.58
N ALA A 133 9.27 2.74 7.22
CA ALA A 133 9.00 1.34 7.49
C ALA A 133 9.86 0.46 6.60
N LEU A 134 10.02 0.86 5.33
CA LEU A 134 10.77 0.10 4.35
C LEU A 134 12.25 0.44 4.40
N ASP A 135 12.68 1.42 5.19
CA ASP A 135 14.09 1.66 5.45
C ASP A 135 14.59 0.56 6.38
N THR A 136 13.72 0.11 7.28
CA THR A 136 14.00 -0.97 8.20
C THR A 136 14.23 -2.31 7.47
N THR A 137 14.01 -2.41 6.15
CA THR A 137 14.33 -3.61 5.41
C THR A 137 15.11 -3.23 4.16
N ASP A 138 16.22 -3.90 3.86
CA ASP A 138 16.91 -3.71 2.60
C ASP A 138 16.29 -4.59 1.51
N ALA A 139 14.97 -4.47 1.37
CA ALA A 139 14.23 -4.95 0.23
C ALA A 139 14.31 -3.85 -0.83
N ASP A 140 13.19 -3.24 -1.20
CA ASP A 140 13.10 -2.15 -2.16
C ASP A 140 11.67 -1.61 -2.07
N VAL A 141 11.40 -0.41 -2.56
CA VAL A 141 10.07 0.16 -2.59
C VAL A 141 9.76 0.69 -3.97
N ALA A 142 8.72 0.11 -4.56
CA ALA A 142 8.18 0.52 -5.86
C ALA A 142 6.77 1.02 -5.61
N ILE A 143 6.44 2.21 -6.09
CA ILE A 143 5.13 2.82 -5.93
C ILE A 143 4.54 2.87 -7.33
N TYR A 144 3.24 2.67 -7.47
CA TYR A 144 2.57 2.67 -8.76
C TYR A 144 1.26 3.44 -8.61
N CYS A 145 1.01 4.44 -9.46
CA CYS A 145 -0.23 5.20 -9.37
C CYS A 145 -0.50 5.96 -10.65
N ARG A 146 -1.56 5.59 -11.39
CA ARG A 146 -1.93 6.25 -12.64
C ARG A 146 -2.48 7.66 -12.42
N ASP A 147 -1.60 8.64 -12.28
CA ASP A 147 -2.02 10.04 -12.17
C ASP A 147 -0.99 11.00 -12.79
N LYS A 148 0.29 10.62 -12.77
CA LYS A 148 1.41 11.42 -13.23
C LYS A 148 1.77 12.55 -12.28
N LYS A 149 0.82 13.33 -11.76
CA LYS A 149 1.14 14.23 -10.65
C LYS A 149 1.82 13.46 -9.54
N TRP A 150 1.38 12.24 -9.24
CA TRP A 150 1.94 11.50 -8.12
C TRP A 150 3.36 11.03 -8.47
N GLU A 151 3.62 10.76 -9.75
CA GLU A 151 4.95 10.37 -10.18
C GLU A 151 5.90 11.54 -9.91
N MET A 152 5.43 12.74 -10.23
CA MET A 152 6.17 13.98 -10.10
C MET A 152 6.48 14.24 -8.64
N THR A 153 5.45 14.29 -7.80
CA THR A 153 5.63 14.56 -6.39
C THR A 153 6.50 13.54 -5.71
N LEU A 154 6.33 12.25 -6.03
CA LEU A 154 7.18 11.24 -5.45
C LEU A 154 8.60 11.45 -5.92
N LYS A 155 8.81 11.89 -7.17
CA LYS A 155 10.15 12.19 -7.63
C LYS A 155 10.73 13.39 -6.88
N GLU A 156 9.89 14.35 -6.52
CA GLU A 156 10.32 15.59 -5.90
C GLU A 156 10.74 15.32 -4.46
N ALA A 157 10.02 14.43 -3.78
CA ALA A 157 10.33 14.04 -2.42
C ALA A 157 11.49 13.06 -2.40
N VAL A 158 11.58 12.17 -3.40
CA VAL A 158 12.73 11.30 -3.53
C VAL A 158 13.96 12.14 -3.84
N ALA A 159 13.79 13.29 -4.50
CA ALA A 159 14.91 14.17 -4.78
C ALA A 159 15.33 14.88 -3.50
N ARG A 160 14.38 15.46 -2.78
CA ARG A 160 14.69 16.15 -1.54
C ARG A 160 15.04 15.18 -0.40
N ARG A 161 14.86 13.87 -0.61
CA ARG A 161 15.36 12.86 0.31
C ARG A 161 16.88 12.70 0.25
N GLU A 162 17.55 13.21 -0.79
CA GLU A 162 19.00 13.15 -0.88
C GLU A 162 19.63 13.81 0.35
N ALA A 3 17.99 -0.82 0.81
CA ALA A 3 16.75 -0.04 0.64
C ALA A 3 17.13 1.40 0.33
N PRO A 4 17.72 1.71 -0.84
CA PRO A 4 18.28 3.03 -1.06
C PRO A 4 17.15 4.03 -1.30
N SER A 5 16.10 3.66 -2.02
CA SER A 5 15.09 4.65 -2.35
C SER A 5 13.85 3.94 -2.87
N TYR A 6 12.97 4.67 -3.54
CA TYR A 6 11.67 4.20 -3.97
C TYR A 6 11.57 4.49 -5.46
N HIS A 7 11.27 3.47 -6.26
CA HIS A 7 11.19 3.60 -7.69
C HIS A 7 9.72 3.65 -8.05
N VAL A 8 9.25 4.85 -8.39
CA VAL A 8 7.88 5.05 -8.78
C VAL A 8 7.73 4.72 -10.26
N VAL A 9 6.61 4.08 -10.61
CA VAL A 9 6.28 3.72 -11.98
C VAL A 9 4.80 4.07 -12.19
N ARG A 10 4.44 4.48 -13.40
CA ARG A 10 3.03 4.61 -13.72
C ARG A 10 2.60 3.27 -14.27
N GLY A 11 1.63 2.67 -13.59
CA GLY A 11 0.96 1.48 -14.02
C GLY A 11 -0.36 1.47 -13.27
N ASP A 12 -0.88 0.29 -13.02
CA ASP A 12 -2.13 0.11 -12.31
C ASP A 12 -1.93 -1.11 -11.41
N ILE A 13 -2.81 -1.33 -10.44
CA ILE A 13 -2.66 -2.45 -9.49
C ILE A 13 -2.73 -3.77 -10.25
N ALA A 14 -3.65 -3.84 -11.22
CA ALA A 14 -3.82 -4.98 -12.10
C ALA A 14 -2.64 -5.18 -13.06
N THR A 15 -1.65 -4.28 -13.06
CA THR A 15 -0.44 -4.43 -13.84
C THR A 15 0.81 -4.25 -12.96
N ALA A 16 0.64 -4.20 -11.64
CA ALA A 16 1.71 -4.04 -10.68
C ALA A 16 2.29 -5.42 -10.35
N THR A 17 2.80 -6.09 -11.36
CA THR A 17 3.24 -7.47 -11.28
C THR A 17 4.64 -7.62 -10.66
N GLU A 18 5.00 -6.78 -9.68
CA GLU A 18 6.25 -6.75 -8.92
C GLU A 18 6.44 -7.96 -8.00
N GLY A 19 5.75 -9.07 -8.22
CA GLY A 19 5.78 -10.20 -7.31
C GLY A 19 4.66 -10.05 -6.29
N VAL A 20 4.47 -8.83 -5.79
CA VAL A 20 3.51 -8.53 -4.74
C VAL A 20 2.87 -7.18 -5.00
N ILE A 21 1.61 -7.09 -4.58
CA ILE A 21 0.68 -6.00 -4.71
C ILE A 21 0.09 -5.80 -3.32
N ILE A 22 -0.12 -4.56 -2.89
CA ILE A 22 -0.76 -4.25 -1.61
C ILE A 22 -2.07 -3.54 -1.94
N ASN A 23 -3.14 -3.93 -1.25
CA ASN A 23 -4.48 -3.41 -1.47
C ASN A 23 -5.11 -3.07 -0.12
N ALA A 24 -5.65 -1.87 0.06
CA ALA A 24 -6.19 -1.49 1.37
C ALA A 24 -7.66 -1.88 1.46
N ALA A 25 -7.90 -3.12 1.89
CA ALA A 25 -9.20 -3.78 2.06
C ALA A 25 -9.96 -3.26 3.27
N ASN A 26 -9.26 -3.09 4.41
CA ASN A 26 -9.84 -2.52 5.62
C ASN A 26 -10.81 -3.49 6.30
N SER A 27 -11.34 -3.06 7.45
CA SER A 27 -12.41 -3.79 8.14
C SER A 27 -13.71 -3.82 7.32
N LYS A 28 -13.76 -3.10 6.19
CA LYS A 28 -14.93 -3.05 5.32
C LYS A 28 -14.92 -4.26 4.40
N GLY A 29 -13.78 -4.94 4.28
CA GLY A 29 -13.62 -6.09 3.40
C GLY A 29 -13.70 -5.69 1.94
N GLN A 30 -13.25 -4.48 1.61
CA GLN A 30 -13.33 -3.98 0.26
C GLN A 30 -12.12 -3.08 -0.01
N PRO A 31 -11.26 -3.43 -0.98
CA PRO A 31 -10.12 -2.60 -1.32
C PRO A 31 -10.62 -1.26 -1.85
N GLY A 32 -10.07 -0.16 -1.33
CA GLY A 32 -10.51 1.17 -1.68
C GLY A 32 -10.25 1.47 -3.15
N GLY A 33 -11.23 2.09 -3.82
CA GLY A 33 -11.14 2.45 -5.22
C GLY A 33 -11.87 1.43 -6.08
N GLY A 34 -12.23 1.81 -7.31
CA GLY A 34 -12.87 0.89 -8.24
C GLY A 34 -11.92 -0.23 -8.71
N VAL A 35 -10.68 -0.24 -8.24
CA VAL A 35 -9.67 -1.21 -8.60
C VAL A 35 -10.06 -2.61 -8.19
N CYS A 36 -10.96 -2.75 -7.19
CA CYS A 36 -11.53 -4.03 -6.84
C CYS A 36 -12.04 -4.75 -8.10
N GLY A 37 -12.64 -3.99 -9.03
CA GLY A 37 -13.22 -4.55 -10.24
C GLY A 37 -12.15 -4.95 -11.24
N ALA A 38 -11.07 -4.17 -11.34
CA ALA A 38 -10.01 -4.46 -12.30
C ALA A 38 -9.28 -5.74 -11.88
N LEU A 39 -8.83 -5.78 -10.61
CA LEU A 39 -8.15 -6.93 -10.08
C LEU A 39 -9.07 -8.14 -10.11
N TYR A 40 -10.35 -7.99 -9.81
CA TYR A 40 -11.31 -9.06 -9.99
C TYR A 40 -11.34 -9.55 -11.44
N LYS A 41 -11.31 -8.65 -12.42
CA LYS A 41 -11.58 -9.06 -13.80
C LYS A 41 -10.40 -9.83 -14.35
N LYS A 42 -9.19 -9.47 -13.90
CA LYS A 42 -7.96 -10.06 -14.42
C LYS A 42 -7.38 -11.14 -13.49
N PHE A 43 -7.73 -11.06 -12.21
CA PHE A 43 -7.24 -11.94 -11.16
C PHE A 43 -8.39 -12.29 -10.21
N PRO A 44 -9.45 -12.96 -10.68
CA PRO A 44 -10.58 -13.29 -9.84
C PRO A 44 -10.23 -14.27 -8.72
N GLU A 45 -9.05 -14.89 -8.75
CA GLU A 45 -8.65 -15.81 -7.71
C GLU A 45 -8.16 -15.03 -6.49
N SER A 46 -7.78 -13.77 -6.71
CA SER A 46 -7.29 -12.88 -5.70
C SER A 46 -8.30 -11.73 -5.54
N PHE A 47 -9.59 -12.12 -5.46
CA PHE A 47 -10.74 -11.30 -5.08
C PHE A 47 -10.36 -10.09 -4.25
N ASP A 48 -9.77 -10.31 -3.08
CA ASP A 48 -9.43 -9.29 -2.12
C ASP A 48 -10.66 -8.69 -1.45
N LEU A 49 -11.87 -8.93 -1.99
CA LEU A 49 -13.12 -8.48 -1.37
C LEU A 49 -13.58 -9.45 -0.28
N GLN A 50 -12.71 -9.72 0.70
CA GLN A 50 -13.06 -10.50 1.88
C GLN A 50 -12.89 -9.60 3.10
N PRO A 51 -13.61 -9.84 4.20
CA PRO A 51 -13.49 -9.05 5.42
C PRO A 51 -12.17 -9.33 6.13
N ILE A 52 -11.60 -8.32 6.80
CA ILE A 52 -10.37 -8.41 7.57
C ILE A 52 -10.63 -7.71 8.90
N GLU A 53 -9.72 -7.90 9.86
CA GLU A 53 -9.80 -7.29 11.17
C GLU A 53 -9.34 -5.83 11.09
N VAL A 54 -8.92 -5.27 12.21
CA VAL A 54 -8.57 -3.86 12.32
C VAL A 54 -7.18 -3.81 12.95
N GLY A 55 -6.16 -3.71 12.11
CA GLY A 55 -4.75 -3.74 12.50
C GLY A 55 -3.99 -4.81 11.73
N LYS A 56 -4.68 -5.83 11.22
CA LYS A 56 -3.98 -7.02 10.72
C LYS A 56 -4.22 -7.19 9.24
N ALA A 57 -3.13 -7.44 8.53
CA ALA A 57 -3.16 -7.64 7.09
C ALA A 57 -3.20 -9.14 6.80
N ARG A 58 -3.83 -9.53 5.68
CA ARG A 58 -3.90 -10.90 5.23
C ARG A 58 -3.46 -10.95 3.77
N LEU A 59 -2.70 -11.97 3.41
CA LEU A 59 -2.15 -12.22 2.10
C LEU A 59 -2.90 -13.35 1.41
N VAL A 60 -3.22 -13.18 0.12
CA VAL A 60 -3.96 -14.14 -0.67
C VAL A 60 -3.03 -14.69 -1.75
N LYS A 61 -3.20 -15.95 -2.11
CA LYS A 61 -2.35 -16.56 -3.11
C LYS A 61 -3.25 -17.18 -4.16
N GLY A 62 -3.66 -16.37 -5.14
CA GLY A 62 -4.53 -16.82 -6.20
C GLY A 62 -3.66 -17.28 -7.35
N ALA A 63 -4.22 -18.16 -8.17
CA ALA A 63 -3.51 -18.76 -9.29
C ALA A 63 -3.00 -17.71 -10.27
N ALA A 64 -3.77 -16.65 -10.48
CA ALA A 64 -3.38 -15.59 -11.41
C ALA A 64 -2.12 -14.89 -10.89
N LYS A 65 -2.09 -14.46 -9.63
CA LYS A 65 -0.90 -13.94 -8.97
C LYS A 65 -1.19 -13.88 -7.46
N HIS A 66 -0.14 -13.77 -6.64
CA HIS A 66 -0.29 -13.47 -5.22
C HIS A 66 -0.62 -11.99 -5.06
N ILE A 67 -1.40 -11.66 -4.03
CA ILE A 67 -1.81 -10.31 -3.69
C ILE A 67 -1.81 -10.22 -2.17
N ILE A 68 -1.70 -9.03 -1.60
CA ILE A 68 -1.59 -8.82 -0.18
C ILE A 68 -2.57 -7.71 0.14
N HIS A 69 -3.32 -7.85 1.23
CA HIS A 69 -4.28 -6.81 1.58
C HIS A 69 -4.16 -6.46 3.05
N ALA A 70 -4.33 -5.19 3.35
CA ALA A 70 -4.18 -4.65 4.69
C ALA A 70 -5.37 -3.76 4.99
N VAL A 71 -5.43 -3.30 6.23
CA VAL A 71 -6.42 -2.41 6.73
C VAL A 71 -5.68 -1.15 7.13
N GLY A 72 -5.99 -0.04 6.45
CA GLY A 72 -5.44 1.24 6.82
C GLY A 72 -6.49 1.96 7.65
N PRO A 73 -6.07 2.86 8.55
CA PRO A 73 -7.01 3.68 9.28
C PRO A 73 -7.66 4.68 8.33
N ASN A 74 -8.84 5.16 8.70
CA ASN A 74 -9.55 6.18 7.97
C ASN A 74 -9.72 7.35 8.92
N PHE A 75 -8.82 8.35 8.95
CA PHE A 75 -9.00 9.53 9.80
C PHE A 75 -10.39 10.16 9.56
N ASN A 76 -10.96 9.95 8.38
CA ASN A 76 -12.30 10.41 8.03
C ASN A 76 -13.30 10.01 9.12
N LYS A 77 -13.20 8.77 9.63
CA LYS A 77 -14.03 8.25 10.71
C LYS A 77 -13.16 7.65 11.82
N VAL A 78 -11.95 8.16 12.03
CA VAL A 78 -11.09 7.68 13.12
C VAL A 78 -10.18 8.83 13.60
N SER A 79 -9.69 8.78 14.85
CA SER A 79 -8.85 9.84 15.39
C SER A 79 -7.39 9.54 15.15
N GLU A 80 -6.52 10.55 15.21
CA GLU A 80 -5.06 10.40 15.07
C GLU A 80 -4.50 9.39 16.06
N VAL A 81 -5.12 9.24 17.23
CA VAL A 81 -4.61 8.30 18.22
C VAL A 81 -4.77 6.87 17.70
N GLU A 82 -5.95 6.58 17.14
CA GLU A 82 -6.24 5.25 16.66
C GLU A 82 -5.58 5.03 15.31
N GLY A 83 -5.42 6.10 14.54
CA GLY A 83 -4.82 6.04 13.23
C GLY A 83 -3.31 5.96 13.32
N ASP A 84 -2.70 6.44 14.40
CA ASP A 84 -1.28 6.25 14.63
C ASP A 84 -1.05 4.75 14.81
N LYS A 85 -1.78 4.14 15.75
CA LYS A 85 -1.58 2.72 15.98
C LYS A 85 -1.93 1.93 14.73
N GLN A 86 -3.07 2.18 14.12
CA GLN A 86 -3.54 1.39 13.00
C GLN A 86 -2.64 1.62 11.78
N LEU A 87 -2.07 2.81 11.63
CA LEU A 87 -1.16 3.07 10.54
C LEU A 87 0.11 2.28 10.77
N ALA A 88 0.57 2.20 12.02
CA ALA A 88 1.76 1.44 12.35
C ALA A 88 1.48 -0.06 12.34
N GLU A 89 0.24 -0.48 12.55
CA GLU A 89 -0.16 -1.87 12.50
C GLU A 89 -0.29 -2.33 11.05
N ALA A 90 -0.73 -1.43 10.17
CA ALA A 90 -0.73 -1.71 8.75
C ALA A 90 0.72 -1.91 8.33
N TYR A 91 1.57 -0.92 8.63
CA TYR A 91 2.98 -0.94 8.33
C TYR A 91 3.72 -2.07 9.00
N GLU A 92 3.34 -2.50 10.21
CA GLU A 92 4.05 -3.61 10.83
C GLU A 92 3.68 -4.88 10.08
N SER A 93 2.41 -5.02 9.72
CA SER A 93 1.97 -6.21 9.03
C SER A 93 2.66 -6.26 7.68
N ILE A 94 2.76 -5.14 6.98
CA ILE A 94 3.32 -5.11 5.64
C ILE A 94 4.83 -5.36 5.72
N ALA A 95 5.48 -4.73 6.69
CA ALA A 95 6.94 -4.74 6.80
C ALA A 95 7.41 -6.11 7.24
N LYS A 96 6.75 -6.66 8.25
CA LYS A 96 7.00 -8.01 8.71
C LYS A 96 6.79 -8.94 7.54
N ILE A 97 5.66 -8.84 6.82
CA ILE A 97 5.41 -9.73 5.69
C ILE A 97 6.49 -9.59 4.63
N VAL A 98 7.01 -8.38 4.41
CA VAL A 98 8.02 -8.11 3.41
C VAL A 98 9.32 -8.78 3.83
N ASN A 99 9.64 -8.76 5.12
CA ASN A 99 10.91 -9.27 5.60
C ASN A 99 10.84 -10.80 5.68
N ASP A 100 9.67 -11.30 6.03
CA ASP A 100 9.33 -12.71 6.18
C ASP A 100 9.46 -13.38 4.83
N ASN A 101 8.94 -12.71 3.79
CA ASN A 101 9.09 -13.20 2.43
C ASN A 101 10.40 -12.71 1.80
N ASN A 102 11.11 -11.82 2.48
CA ASN A 102 12.36 -11.24 2.02
C ASN A 102 12.23 -10.68 0.61
N TYR A 103 11.21 -9.86 0.38
CA TYR A 103 11.00 -9.27 -0.93
C TYR A 103 12.08 -8.26 -1.27
N LYS A 104 12.52 -8.30 -2.53
CA LYS A 104 13.50 -7.40 -3.10
C LYS A 104 12.84 -6.08 -3.46
N SER A 105 11.55 -6.14 -3.80
CA SER A 105 10.72 -4.97 -4.02
C SER A 105 9.27 -5.44 -3.92
N VAL A 106 8.34 -4.52 -3.69
CA VAL A 106 6.92 -4.76 -3.65
C VAL A 106 6.27 -3.56 -4.30
N ALA A 107 5.07 -3.71 -4.88
CA ALA A 107 4.34 -2.58 -5.43
C ALA A 107 3.30 -2.09 -4.41
N ILE A 108 3.48 -0.87 -3.94
CA ILE A 108 2.58 -0.22 -2.99
C ILE A 108 1.86 0.92 -3.72
N PRO A 109 0.54 1.06 -3.51
CA PRO A 109 -0.23 2.18 -4.01
C PRO A 109 -0.08 3.38 -3.04
N LEU A 110 -0.94 4.39 -3.17
CA LEU A 110 -0.98 5.56 -2.30
C LEU A 110 -2.35 5.63 -1.67
N LEU A 111 -2.38 5.88 -0.37
CA LEU A 111 -3.57 5.97 0.46
C LEU A 111 -3.35 7.02 1.54
N SER A 112 -4.34 7.24 2.42
CA SER A 112 -4.26 8.21 3.50
C SER A 112 -4.01 9.62 2.96
N THR A 113 -4.86 10.01 2.00
CA THR A 113 -4.80 11.27 1.29
C THR A 113 -6.20 11.87 1.24
N GLY A 114 -7.02 11.43 0.29
CA GLY A 114 -8.37 11.96 0.08
C GLY A 114 -9.34 10.82 -0.14
N ILE A 115 -9.29 9.83 0.76
CA ILE A 115 -10.17 8.66 0.72
C ILE A 115 -10.24 8.07 2.13
N PHE A 116 -9.09 7.89 2.80
CA PHE A 116 -9.11 7.29 4.12
C PHE A 116 -9.11 8.39 5.16
N SER A 117 -8.14 9.31 5.09
CA SER A 117 -8.01 10.34 6.10
C SER A 117 -9.05 11.45 5.96
N GLY A 118 -9.31 11.92 4.74
CA GLY A 118 -10.33 12.92 4.41
C GLY A 118 -10.41 14.09 5.38
N ASN A 119 -9.28 14.61 5.86
CA ASN A 119 -9.26 15.69 6.84
C ASN A 119 -7.85 16.28 6.95
N LYS A 120 -6.94 15.45 7.45
CA LYS A 120 -5.54 15.78 7.70
C LYS A 120 -4.72 14.59 7.23
N ASP A 121 -3.41 14.64 7.44
CA ASP A 121 -2.45 13.64 7.00
C ASP A 121 -2.27 13.77 5.49
N ARG A 122 -1.11 13.38 4.95
CA ARG A 122 -0.90 13.39 3.50
C ARG A 122 0.06 12.28 3.13
N LEU A 123 0.30 12.12 1.83
CA LEU A 123 1.15 11.07 1.31
C LEU A 123 2.58 11.33 1.71
N THR A 124 3.02 12.56 1.79
CA THR A 124 4.33 12.88 2.29
C THR A 124 4.54 12.34 3.71
N GLN A 125 3.47 12.15 4.49
CA GLN A 125 3.60 11.51 5.79
C GLN A 125 3.52 9.99 5.65
N SER A 126 2.46 9.46 5.01
CA SER A 126 2.29 8.02 4.91
C SER A 126 3.45 7.37 4.20
N LEU A 127 4.00 8.03 3.19
CA LEU A 127 5.15 7.58 2.42
C LEU A 127 6.36 7.57 3.31
N ASN A 128 6.46 8.53 4.23
CA ASN A 128 7.56 8.57 5.17
C ASN A 128 7.54 7.36 6.08
N HIS A 129 6.35 7.02 6.59
CA HIS A 129 6.24 5.90 7.51
C HIS A 129 6.39 4.61 6.74
N LEU A 130 5.95 4.60 5.48
CA LEU A 130 5.99 3.44 4.61
C LEU A 130 7.44 3.13 4.27
N LEU A 131 8.22 4.14 3.91
CA LEU A 131 9.64 3.96 3.64
C LEU A 131 10.38 3.64 4.91
N THR A 132 9.93 4.10 6.07
CA THR A 132 10.62 3.77 7.31
C THR A 132 10.40 2.30 7.59
N ALA A 133 9.20 1.81 7.27
CA ALA A 133 8.85 0.43 7.47
C ALA A 133 9.56 -0.47 6.47
N LEU A 134 9.71 0.00 5.24
CA LEU A 134 10.32 -0.79 4.16
C LEU A 134 11.84 -0.61 4.15
N ASP A 135 12.35 0.38 4.88
CA ASP A 135 13.79 0.56 5.11
C ASP A 135 14.33 -0.64 5.90
N THR A 136 13.47 -1.35 6.62
CA THR A 136 13.80 -2.58 7.34
C THR A 136 14.27 -3.73 6.40
N THR A 137 14.14 -3.58 5.08
CA THR A 137 14.73 -4.55 4.16
C THR A 137 16.19 -4.19 3.91
N ASP A 138 16.82 -4.73 2.87
CA ASP A 138 17.92 -4.02 2.26
C ASP A 138 17.93 -4.34 0.77
N ALA A 139 16.84 -3.96 0.10
CA ALA A 139 16.77 -4.05 -1.35
C ALA A 139 16.33 -2.68 -1.85
N ASP A 140 15.15 -2.54 -2.45
CA ASP A 140 14.58 -1.32 -3.03
C ASP A 140 13.06 -1.45 -2.84
N VAL A 141 12.28 -0.44 -3.19
CA VAL A 141 10.82 -0.52 -3.04
C VAL A 141 10.15 0.09 -4.26
N ALA A 142 8.96 -0.33 -4.68
CA ALA A 142 8.38 0.16 -5.93
C ALA A 142 6.99 0.73 -5.67
N ILE A 143 6.65 1.86 -6.27
CA ILE A 143 5.38 2.53 -6.06
C ILE A 143 4.68 2.56 -7.41
N TYR A 144 3.36 2.34 -7.43
CA TYR A 144 2.53 2.23 -8.61
C TYR A 144 1.26 3.05 -8.38
N CYS A 145 1.03 4.06 -9.22
CA CYS A 145 -0.20 4.84 -9.22
C CYS A 145 -0.29 5.53 -10.58
N ARG A 146 -1.49 5.69 -11.10
CA ARG A 146 -1.72 6.56 -12.25
C ARG A 146 -1.96 7.96 -11.70
N ASP A 147 -1.43 9.00 -12.36
CA ASP A 147 -1.68 10.43 -12.06
C ASP A 147 -0.70 11.35 -12.78
N LYS A 148 0.57 10.93 -12.87
CA LYS A 148 1.70 11.68 -13.40
C LYS A 148 2.12 12.94 -12.65
N LYS A 149 1.23 13.81 -12.17
CA LYS A 149 1.69 14.91 -11.31
C LYS A 149 2.44 14.36 -10.11
N TRP A 150 2.15 13.13 -9.68
CA TRP A 150 2.77 12.53 -8.54
C TRP A 150 4.18 12.11 -8.87
N GLU A 151 4.47 11.70 -10.11
CA GLU A 151 5.83 11.31 -10.44
C GLU A 151 6.68 12.56 -10.45
N MET A 152 6.14 13.70 -10.91
CA MET A 152 6.87 14.94 -10.96
C MET A 152 7.21 15.33 -9.53
N THR A 153 6.18 15.53 -8.71
CA THR A 153 6.38 16.08 -7.39
C THR A 153 7.17 15.15 -6.51
N LEU A 154 6.84 13.86 -6.52
CA LEU A 154 7.56 12.93 -5.68
C LEU A 154 8.99 12.79 -6.20
N LYS A 155 9.24 12.93 -7.51
CA LYS A 155 10.62 12.86 -8.00
C LYS A 155 11.35 14.13 -7.61
N GLU A 156 10.66 15.26 -7.48
CA GLU A 156 11.28 16.53 -7.11
C GLU A 156 11.79 16.38 -5.69
N ALA A 157 10.94 15.86 -4.81
CA ALA A 157 11.25 15.70 -3.40
C ALA A 157 12.22 14.55 -3.16
N VAL A 158 12.13 13.49 -3.95
CA VAL A 158 13.10 12.41 -3.93
C VAL A 158 14.43 12.97 -4.42
N ALA A 159 14.41 13.90 -5.38
CA ALA A 159 15.66 14.41 -5.93
C ALA A 159 16.34 15.26 -4.88
N ARG A 160 15.58 16.16 -4.25
CA ARG A 160 16.11 17.01 -3.20
C ARG A 160 16.45 16.21 -1.94
N ARG A 161 15.93 14.99 -1.80
CA ARG A 161 16.32 14.08 -0.72
C ARG A 161 17.73 13.51 -0.91
N GLU A 162 18.27 13.46 -2.13
CA GLU A 162 19.60 12.92 -2.34
C GLU A 162 20.65 13.86 -1.75
N ALA A 3 18.46 0.50 3.53
CA ALA A 3 17.10 1.03 3.36
C ALA A 3 16.68 0.81 1.91
N PRO A 4 15.39 0.90 1.58
CA PRO A 4 14.92 0.63 0.24
C PRO A 4 15.26 1.81 -0.66
N SER A 5 15.77 1.54 -1.87
CA SER A 5 15.81 2.58 -2.90
C SER A 5 14.37 2.92 -3.31
N TYR A 6 14.16 4.08 -3.92
CA TYR A 6 12.83 4.62 -4.13
C TYR A 6 12.55 4.81 -5.62
N HIS A 7 11.46 4.23 -6.09
CA HIS A 7 11.12 4.25 -7.50
C HIS A 7 9.61 4.46 -7.65
N VAL A 8 9.22 5.39 -8.52
CA VAL A 8 7.81 5.60 -8.81
C VAL A 8 7.58 5.19 -10.24
N VAL A 9 6.46 4.54 -10.53
CA VAL A 9 6.15 4.08 -11.87
C VAL A 9 4.69 4.38 -12.17
N ARG A 10 4.43 5.03 -13.30
CA ARG A 10 3.09 5.38 -13.71
C ARG A 10 2.50 4.15 -14.39
N GLY A 11 1.70 3.39 -13.66
CA GLY A 11 1.10 2.18 -14.17
C GLY A 11 -0.25 1.99 -13.49
N ASP A 12 -0.65 0.74 -13.32
CA ASP A 12 -1.94 0.38 -12.76
C ASP A 12 -1.71 -0.83 -11.86
N ILE A 13 -2.62 -1.12 -10.94
CA ILE A 13 -2.52 -2.32 -10.13
C ILE A 13 -2.50 -3.54 -11.04
N ALA A 14 -3.35 -3.52 -12.06
CA ALA A 14 -3.53 -4.64 -12.95
C ALA A 14 -2.28 -4.89 -13.81
N THR A 15 -1.27 -4.02 -13.74
CA THR A 15 -0.02 -4.17 -14.46
C THR A 15 1.19 -4.04 -13.51
N ALA A 16 0.96 -3.96 -12.19
CA ALA A 16 1.99 -3.89 -11.16
C ALA A 16 2.51 -5.30 -10.88
N THR A 17 3.06 -5.95 -11.89
CA THR A 17 3.47 -7.34 -11.82
C THR A 17 4.82 -7.54 -11.12
N GLU A 18 5.10 -6.78 -10.06
CA GLU A 18 6.33 -6.82 -9.25
C GLU A 18 6.47 -8.09 -8.40
N GLY A 19 5.78 -9.19 -8.73
CA GLY A 19 5.83 -10.42 -7.96
C GLY A 19 4.86 -10.34 -6.80
N VAL A 20 4.77 -9.19 -6.14
CA VAL A 20 3.97 -8.96 -4.96
C VAL A 20 3.26 -7.63 -5.17
N ILE A 21 2.02 -7.56 -4.72
CA ILE A 21 1.12 -6.44 -4.89
C ILE A 21 0.40 -6.32 -3.56
N ILE A 22 0.23 -5.12 -3.02
CA ILE A 22 -0.55 -4.92 -1.82
C ILE A 22 -1.66 -3.95 -2.21
N ASN A 23 -2.86 -4.20 -1.70
CA ASN A 23 -4.01 -3.34 -1.88
C ASN A 23 -4.65 -3.14 -0.52
N ALA A 24 -5.49 -2.11 -0.40
CA ALA A 24 -6.33 -1.96 0.78
C ALA A 24 -7.27 -3.18 0.87
N ALA A 25 -7.85 -3.36 2.05
CA ALA A 25 -8.70 -4.49 2.37
C ALA A 25 -9.72 -4.11 3.45
N ASN A 26 -9.22 -3.45 4.49
CA ASN A 26 -10.03 -3.07 5.63
C ASN A 26 -10.53 -4.32 6.35
N SER A 27 -11.40 -4.14 7.34
CA SER A 27 -12.11 -5.25 7.95
C SER A 27 -12.95 -6.03 6.93
N LYS A 28 -13.23 -5.45 5.76
CA LYS A 28 -14.08 -6.03 4.74
C LYS A 28 -13.29 -6.91 3.76
N GLY A 29 -11.97 -6.98 3.88
CA GLY A 29 -11.15 -7.80 2.99
C GLY A 29 -11.19 -7.32 1.54
N GLN A 30 -11.63 -6.09 1.28
CA GLN A 30 -11.79 -5.52 -0.05
C GLN A 30 -11.18 -4.12 -0.06
N PRO A 31 -10.39 -3.77 -1.07
CA PRO A 31 -9.86 -2.42 -1.19
C PRO A 31 -10.97 -1.38 -1.30
N GLY A 32 -10.65 -0.16 -0.87
CA GLY A 32 -11.49 1.00 -1.14
C GLY A 32 -11.88 1.03 -2.62
N GLY A 33 -13.15 1.40 -2.89
CA GLY A 33 -13.71 1.37 -4.23
C GLY A 33 -12.85 2.18 -5.19
N GLY A 34 -12.55 1.61 -6.34
CA GLY A 34 -11.60 2.18 -7.29
C GLY A 34 -10.80 1.03 -7.89
N VAL A 35 -9.61 0.78 -7.36
CA VAL A 35 -8.72 -0.23 -7.91
C VAL A 35 -9.31 -1.64 -7.84
N CYS A 36 -10.23 -1.92 -6.89
CA CYS A 36 -10.93 -3.19 -6.86
C CYS A 36 -11.55 -3.54 -8.22
N GLY A 37 -11.97 -2.54 -9.01
CA GLY A 37 -12.65 -2.79 -10.27
C GLY A 37 -11.70 -3.37 -11.33
N ALA A 38 -10.59 -2.68 -11.59
CA ALA A 38 -9.62 -3.16 -12.57
C ALA A 38 -9.03 -4.49 -12.10
N LEU A 39 -8.70 -4.55 -10.80
CA LEU A 39 -8.16 -5.75 -10.21
C LEU A 39 -9.12 -6.90 -10.37
N TYR A 40 -10.41 -6.67 -10.21
CA TYR A 40 -11.43 -7.70 -10.42
C TYR A 40 -11.53 -8.08 -11.89
N LYS A 41 -11.30 -7.13 -12.81
CA LYS A 41 -11.55 -7.38 -14.22
C LYS A 41 -10.53 -8.39 -14.73
N LYS A 42 -9.31 -8.30 -14.21
CA LYS A 42 -8.19 -9.13 -14.67
C LYS A 42 -7.84 -10.24 -13.68
N PHE A 43 -8.08 -9.99 -12.40
CA PHE A 43 -7.77 -10.89 -11.31
C PHE A 43 -8.98 -10.92 -10.36
N PRO A 44 -10.13 -11.43 -10.81
CA PRO A 44 -11.33 -11.51 -9.96
C PRO A 44 -11.04 -12.27 -8.68
N GLU A 45 -10.08 -13.18 -8.68
CA GLU A 45 -9.68 -14.02 -7.56
C GLU A 45 -9.06 -13.22 -6.39
N SER A 46 -8.99 -11.89 -6.48
CA SER A 46 -8.65 -11.02 -5.37
C SER A 46 -9.87 -10.61 -4.54
N PHE A 47 -11.09 -10.98 -4.95
CA PHE A 47 -12.34 -10.69 -4.24
C PHE A 47 -12.53 -11.62 -3.06
N ASP A 48 -11.56 -11.59 -2.15
CA ASP A 48 -11.58 -12.37 -0.93
C ASP A 48 -12.73 -11.83 -0.09
N LEU A 49 -12.79 -10.50 0.01
CA LEU A 49 -13.78 -9.71 0.75
C LEU A 49 -14.20 -10.37 2.07
N GLN A 50 -13.24 -11.05 2.71
CA GLN A 50 -13.47 -11.71 3.98
C GLN A 50 -13.33 -10.73 5.15
N PRO A 51 -13.87 -11.10 6.31
CA PRO A 51 -13.65 -10.37 7.54
C PRO A 51 -12.18 -10.51 7.97
N ILE A 52 -11.38 -9.45 7.87
CA ILE A 52 -10.00 -9.43 8.33
C ILE A 52 -9.97 -8.62 9.63
N GLU A 53 -8.94 -8.84 10.46
CA GLU A 53 -8.76 -8.15 11.72
C GLU A 53 -8.43 -6.69 11.46
N VAL A 54 -8.47 -5.87 12.51
CA VAL A 54 -8.33 -4.43 12.37
C VAL A 54 -6.95 -4.02 12.85
N GLY A 55 -6.01 -4.00 11.90
CA GLY A 55 -4.61 -3.71 12.15
C GLY A 55 -3.73 -4.76 11.48
N LYS A 56 -4.24 -5.98 11.29
CA LYS A 56 -3.45 -7.04 10.71
C LYS A 56 -3.74 -7.07 9.22
N ALA A 57 -2.71 -7.33 8.42
CA ALA A 57 -2.86 -7.58 6.99
C ALA A 57 -2.91 -9.09 6.76
N ARG A 58 -3.58 -9.52 5.69
CA ARG A 58 -3.69 -10.91 5.31
C ARG A 58 -3.50 -10.99 3.80
N LEU A 59 -2.70 -11.95 3.32
CA LEU A 59 -2.54 -12.17 1.89
C LEU A 59 -3.71 -12.99 1.36
N VAL A 60 -4.02 -12.83 0.07
CA VAL A 60 -5.10 -13.54 -0.59
C VAL A 60 -4.47 -14.26 -1.77
N LYS A 61 -4.58 -15.59 -1.81
CA LYS A 61 -3.91 -16.38 -2.84
C LYS A 61 -4.95 -16.72 -3.89
N GLY A 62 -5.07 -15.89 -4.93
CA GLY A 62 -6.03 -16.06 -5.98
C GLY A 62 -5.36 -16.79 -7.13
N ALA A 63 -6.16 -17.55 -7.87
CA ALA A 63 -5.68 -18.36 -8.98
C ALA A 63 -4.94 -17.51 -10.02
N ALA A 64 -5.42 -16.28 -10.24
CA ALA A 64 -4.80 -15.37 -11.20
C ALA A 64 -3.40 -14.99 -10.74
N LYS A 65 -3.24 -14.54 -9.49
CA LYS A 65 -1.96 -14.22 -8.89
C LYS A 65 -2.15 -14.08 -7.38
N HIS A 66 -1.08 -14.16 -6.61
CA HIS A 66 -1.13 -13.82 -5.20
C HIS A 66 -1.18 -12.30 -5.07
N ILE A 67 -2.00 -11.80 -4.15
CA ILE A 67 -2.13 -10.40 -3.79
C ILE A 67 -2.01 -10.33 -2.27
N ILE A 68 -1.75 -9.14 -1.72
CA ILE A 68 -1.66 -8.91 -0.29
C ILE A 68 -2.73 -7.89 0.05
N HIS A 69 -3.39 -8.01 1.19
CA HIS A 69 -4.54 -7.18 1.53
C HIS A 69 -4.30 -6.58 2.92
N ALA A 70 -4.45 -5.27 3.07
CA ALA A 70 -4.06 -4.54 4.27
C ALA A 70 -5.25 -3.80 4.86
N VAL A 71 -5.39 -3.83 6.19
CA VAL A 71 -6.44 -3.11 6.87
C VAL A 71 -5.89 -1.76 7.28
N GLY A 72 -6.34 -0.71 6.58
CA GLY A 72 -6.06 0.67 6.92
C GLY A 72 -7.40 1.34 7.18
N PRO A 73 -7.65 1.86 8.39
CA PRO A 73 -8.89 2.54 8.71
C PRO A 73 -8.90 3.93 8.09
N ASN A 74 -9.97 4.68 8.35
CA ASN A 74 -10.21 5.94 7.68
C ASN A 74 -10.12 6.99 8.78
N PHE A 75 -9.16 7.91 8.73
CA PHE A 75 -9.09 9.02 9.69
C PHE A 75 -10.37 9.87 9.63
N ASN A 76 -11.11 9.81 8.52
CA ASN A 76 -12.42 10.44 8.44
C ASN A 76 -13.39 9.97 9.54
N LYS A 77 -13.16 8.77 10.08
CA LYS A 77 -13.94 8.14 11.13
C LYS A 77 -13.03 7.54 12.20
N VAL A 78 -11.77 7.98 12.31
CA VAL A 78 -10.86 7.47 13.32
C VAL A 78 -9.94 8.63 13.74
N SER A 79 -9.66 8.79 15.04
CA SER A 79 -8.89 9.93 15.49
C SER A 79 -7.44 9.69 15.06
N GLU A 80 -6.64 10.75 14.91
CA GLU A 80 -5.24 10.63 14.52
C GLU A 80 -4.47 9.67 15.42
N VAL A 81 -4.86 9.54 16.68
CA VAL A 81 -4.16 8.67 17.61
C VAL A 81 -4.37 7.20 17.24
N GLU A 82 -5.57 6.87 16.76
CA GLU A 82 -5.87 5.50 16.41
C GLU A 82 -5.41 5.22 14.98
N GLY A 83 -5.51 6.19 14.08
CA GLY A 83 -5.05 6.03 12.72
C GLY A 83 -3.53 6.06 12.62
N ASP A 84 -2.84 6.71 13.55
CA ASP A 84 -1.38 6.64 13.62
C ASP A 84 -1.00 5.20 13.89
N LYS A 85 -1.55 4.63 14.96
CA LYS A 85 -1.18 3.27 15.33
C LYS A 85 -1.62 2.30 14.26
N GLN A 86 -2.83 2.43 13.74
CA GLN A 86 -3.34 1.53 12.72
C GLN A 86 -2.55 1.68 11.43
N LEU A 87 -2.10 2.88 11.09
CA LEU A 87 -1.25 3.06 9.91
C LEU A 87 0.07 2.33 10.13
N ALA A 88 0.61 2.40 11.33
CA ALA A 88 1.85 1.72 11.67
C ALA A 88 1.64 0.22 11.84
N GLU A 89 0.43 -0.23 12.17
CA GLU A 89 0.09 -1.64 12.33
C GLU A 89 -0.05 -2.28 10.95
N ALA A 90 -0.60 -1.53 10.00
CA ALA A 90 -0.69 -1.96 8.62
C ALA A 90 0.73 -2.10 8.10
N TYR A 91 1.52 -1.03 8.19
CA TYR A 91 2.91 -0.99 7.81
C TYR A 91 3.77 -1.99 8.60
N GLU A 92 3.42 -2.34 9.83
CA GLU A 92 4.13 -3.37 10.58
C GLU A 92 3.81 -4.72 9.99
N SER A 93 2.55 -4.99 9.67
CA SER A 93 2.20 -6.24 9.06
C SER A 93 2.91 -6.35 7.72
N ILE A 94 2.99 -5.25 6.97
CA ILE A 94 3.50 -5.26 5.62
C ILE A 94 5.03 -5.34 5.66
N ALA A 95 5.66 -4.66 6.62
CA ALA A 95 7.10 -4.56 6.69
C ALA A 95 7.65 -5.88 7.22
N LYS A 96 7.03 -6.41 8.28
CA LYS A 96 7.39 -7.71 8.80
C LYS A 96 7.29 -8.73 7.68
N ILE A 97 6.19 -8.82 6.95
CA ILE A 97 6.10 -9.88 5.96
C ILE A 97 7.06 -9.65 4.79
N VAL A 98 7.35 -8.39 4.46
CA VAL A 98 8.29 -8.06 3.41
C VAL A 98 9.67 -8.59 3.80
N ASN A 99 9.99 -8.51 5.08
CA ASN A 99 11.30 -8.87 5.58
C ASN A 99 11.38 -10.39 5.74
N ASP A 100 10.26 -10.98 6.16
CA ASP A 100 10.11 -12.40 6.44
C ASP A 100 10.29 -13.16 5.13
N ASN A 101 9.65 -12.67 4.07
CA ASN A 101 9.78 -13.23 2.75
C ASN A 101 11.07 -12.74 2.11
N ASN A 102 11.68 -11.72 2.69
CA ASN A 102 12.95 -11.15 2.29
C ASN A 102 12.89 -10.72 0.84
N TYR A 103 11.84 -9.97 0.51
CA TYR A 103 11.71 -9.34 -0.79
C TYR A 103 12.84 -8.34 -1.02
N LYS A 104 13.24 -8.25 -2.28
CA LYS A 104 14.26 -7.34 -2.75
C LYS A 104 13.60 -6.04 -3.18
N SER A 105 12.36 -6.10 -3.66
CA SER A 105 11.65 -4.93 -4.17
C SER A 105 10.17 -5.30 -4.29
N VAL A 106 9.25 -4.40 -3.92
CA VAL A 106 7.83 -4.66 -4.07
C VAL A 106 7.10 -3.36 -4.43
N ALA A 107 6.03 -3.49 -5.22
CA ALA A 107 5.15 -2.37 -5.54
C ALA A 107 4.08 -2.25 -4.47
N ILE A 108 4.26 -1.28 -3.57
CA ILE A 108 3.39 -1.01 -2.44
C ILE A 108 2.76 0.37 -2.67
N PRO A 109 1.43 0.46 -2.82
CA PRO A 109 0.76 1.74 -2.96
C PRO A 109 0.66 2.43 -1.59
N LEU A 110 0.03 3.60 -1.56
CA LEU A 110 -0.07 4.42 -0.37
C LEU A 110 -1.55 4.50 0.00
N LEU A 111 -1.83 4.59 1.29
CA LEU A 111 -3.17 4.74 1.82
C LEU A 111 -3.29 6.17 2.34
N SER A 112 -4.42 6.50 2.95
CA SER A 112 -4.69 7.82 3.51
C SER A 112 -4.59 8.97 2.49
N THR A 113 -4.77 8.68 1.20
CA THR A 113 -4.58 9.65 0.14
C THR A 113 -5.66 9.52 -0.95
N GLY A 114 -6.78 8.88 -0.61
CA GLY A 114 -7.90 8.73 -1.52
C GLY A 114 -9.18 8.99 -0.74
N ILE A 115 -9.66 7.97 -0.02
CA ILE A 115 -10.90 8.04 0.73
C ILE A 115 -10.70 7.39 2.10
N PHE A 116 -9.62 7.75 2.80
CA PHE A 116 -9.30 7.17 4.10
C PHE A 116 -9.00 8.30 5.08
N SER A 117 -8.04 9.14 4.76
CA SER A 117 -7.65 10.26 5.59
C SER A 117 -8.78 11.28 5.82
N GLY A 118 -9.81 11.26 4.97
CA GLY A 118 -10.84 12.28 5.02
C GLY A 118 -10.27 13.55 4.41
N ASN A 119 -9.63 14.38 5.23
CA ASN A 119 -9.05 15.63 4.77
C ASN A 119 -8.02 16.14 5.78
N LYS A 120 -7.01 15.32 6.13
CA LYS A 120 -5.94 15.80 7.01
C LYS A 120 -4.68 14.94 6.97
N ASP A 121 -4.41 14.27 5.85
CA ASP A 121 -3.13 13.60 5.64
C ASP A 121 -2.80 13.70 4.15
N ARG A 122 -1.53 13.61 3.77
CA ARG A 122 -1.15 13.66 2.35
C ARG A 122 -0.14 12.59 2.01
N LEU A 123 0.23 12.50 0.74
CA LEU A 123 0.99 11.37 0.27
C LEU A 123 2.42 11.45 0.72
N THR A 124 2.96 12.65 0.81
CA THR A 124 4.27 12.89 1.35
C THR A 124 4.40 12.33 2.76
N GLN A 125 3.30 12.35 3.53
CA GLN A 125 3.29 11.85 4.89
C GLN A 125 3.16 10.33 4.85
N SER A 126 2.16 9.80 4.15
CA SER A 126 1.94 8.36 4.15
C SER A 126 3.15 7.62 3.56
N LEU A 127 3.85 8.26 2.62
CA LEU A 127 5.11 7.85 2.02
C LEU A 127 6.21 7.88 3.05
N ASN A 128 6.26 8.94 3.84
CA ASN A 128 7.22 9.03 4.90
C ASN A 128 7.10 7.84 5.83
N HIS A 129 5.88 7.52 6.23
CA HIS A 129 5.66 6.46 7.20
C HIS A 129 5.91 5.10 6.55
N LEU A 130 5.60 5.01 5.26
CA LEU A 130 5.73 3.77 4.51
C LEU A 130 7.20 3.42 4.38
N LEU A 131 7.98 4.41 3.96
CA LEU A 131 9.41 4.24 3.78
C LEU A 131 10.07 4.12 5.14
N THR A 132 9.51 4.70 6.20
CA THR A 132 10.12 4.57 7.51
C THR A 132 9.97 3.13 7.98
N ALA A 133 8.83 2.51 7.71
CA ALA A 133 8.66 1.11 8.09
C ALA A 133 9.49 0.22 7.19
N LEU A 134 9.53 0.53 5.90
CA LEU A 134 10.31 -0.27 4.95
C LEU A 134 11.80 0.04 5.07
N ASP A 135 12.19 1.11 5.75
CA ASP A 135 13.58 1.50 6.00
C ASP A 135 14.28 0.36 6.72
N THR A 136 13.50 -0.34 7.55
CA THR A 136 13.87 -1.53 8.28
C THR A 136 14.35 -2.68 7.38
N THR A 137 14.31 -2.54 6.05
CA THR A 137 14.80 -3.51 5.09
C THR A 137 15.61 -2.80 4.00
N ASP A 138 16.71 -3.40 3.54
CA ASP A 138 17.51 -2.93 2.42
C ASP A 138 16.92 -3.49 1.12
N ALA A 139 15.61 -3.32 0.92
CA ALA A 139 14.93 -3.81 -0.25
C ALA A 139 14.80 -2.66 -1.25
N ASP A 140 13.57 -2.34 -1.61
CA ASP A 140 13.22 -1.27 -2.54
C ASP A 140 11.76 -0.94 -2.28
N VAL A 141 11.32 0.24 -2.67
CA VAL A 141 9.95 0.67 -2.52
C VAL A 141 9.50 1.22 -3.86
N ALA A 142 8.52 0.53 -4.46
CA ALA A 142 7.99 0.93 -5.75
C ALA A 142 6.57 1.41 -5.50
N ILE A 143 6.19 2.57 -6.03
CA ILE A 143 4.89 3.18 -5.81
C ILE A 143 4.32 3.53 -7.17
N TYR A 144 3.05 3.21 -7.43
CA TYR A 144 2.41 3.35 -8.72
C TYR A 144 1.01 3.94 -8.57
N CYS A 145 0.70 5.01 -9.32
CA CYS A 145 -0.63 5.61 -9.42
C CYS A 145 -0.73 6.35 -10.78
N ARG A 146 -1.97 6.65 -11.18
CA ARG A 146 -2.31 7.38 -12.42
C ARG A 146 -2.31 8.87 -12.18
N ASP A 147 -1.10 9.38 -11.94
CA ASP A 147 -0.86 10.78 -11.70
C ASP A 147 0.62 10.98 -11.93
N LYS A 148 1.02 11.06 -13.19
CA LYS A 148 2.39 11.43 -13.55
C LYS A 148 2.94 12.67 -12.82
N LYS A 149 2.12 13.62 -12.36
CA LYS A 149 2.63 14.70 -11.51
C LYS A 149 3.33 14.15 -10.27
N TRP A 150 2.83 13.07 -9.69
CA TRP A 150 3.36 12.48 -8.49
C TRP A 150 4.71 11.82 -8.74
N GLU A 151 4.99 11.33 -9.95
CA GLU A 151 6.26 10.65 -10.16
C GLU A 151 7.34 11.72 -10.28
N MET A 152 6.99 12.87 -10.86
CA MET A 152 7.90 13.99 -10.91
C MET A 152 8.20 14.45 -9.49
N THR A 153 7.17 14.85 -8.74
CA THR A 153 7.38 15.39 -7.41
C THR A 153 8.07 14.40 -6.48
N LEU A 154 7.66 13.14 -6.51
CA LEU A 154 8.27 12.10 -5.69
C LEU A 154 9.70 11.89 -6.14
N LYS A 155 10.03 12.04 -7.43
CA LYS A 155 11.42 11.89 -7.85
C LYS A 155 12.24 13.09 -7.40
N GLU A 156 11.63 14.27 -7.35
CA GLU A 156 12.30 15.50 -6.95
C GLU A 156 12.70 15.37 -5.49
N ALA A 157 11.74 14.94 -4.66
CA ALA A 157 11.96 14.72 -3.25
C ALA A 157 12.93 13.58 -3.02
N VAL A 158 12.79 12.47 -3.75
CA VAL A 158 13.71 11.36 -3.66
C VAL A 158 15.10 11.84 -4.05
N ALA A 159 15.21 12.84 -4.92
CA ALA A 159 16.52 13.35 -5.31
C ALA A 159 17.08 14.19 -4.17
N ARG A 160 16.28 15.09 -3.61
CA ARG A 160 16.72 15.98 -2.56
C ARG A 160 16.94 15.22 -1.25
N ARG A 161 16.44 13.99 -1.16
CA ARG A 161 16.58 13.14 0.01
C ARG A 161 17.33 11.86 -0.33
N GLU A 162 18.19 11.93 -1.34
CA GLU A 162 19.08 10.84 -1.71
C GLU A 162 19.84 10.30 -0.49
N ALA A 3 16.07 1.05 2.49
CA ALA A 3 16.17 0.58 1.10
C ALA A 3 17.33 1.28 0.40
N PRO A 4 17.99 0.65 -0.59
CA PRO A 4 19.12 1.23 -1.30
C PRO A 4 18.67 2.39 -2.18
N SER A 5 17.52 2.27 -2.84
CA SER A 5 16.95 3.34 -3.65
C SER A 5 15.44 3.18 -3.64
N TYR A 6 14.71 3.98 -4.41
CA TYR A 6 13.27 3.94 -4.48
C TYR A 6 12.90 4.03 -5.96
N HIS A 7 12.02 3.17 -6.46
CA HIS A 7 11.67 3.14 -7.87
C HIS A 7 10.17 3.35 -8.04
N VAL A 8 9.79 4.44 -8.70
CA VAL A 8 8.41 4.76 -8.98
C VAL A 8 7.99 4.17 -10.33
N VAL A 9 6.77 3.61 -10.41
CA VAL A 9 6.25 2.93 -11.60
C VAL A 9 4.84 3.47 -11.89
N ARG A 10 4.58 3.95 -13.11
CA ARG A 10 3.35 4.67 -13.38
C ARG A 10 2.29 3.77 -14.00
N GLY A 11 1.69 2.88 -13.21
CA GLY A 11 0.62 2.01 -13.65
C GLY A 11 -0.40 1.90 -12.53
N ASP A 12 -1.42 1.10 -12.80
CA ASP A 12 -2.47 0.74 -11.87
C ASP A 12 -2.05 -0.54 -11.16
N ILE A 13 -2.81 -0.93 -10.13
CA ILE A 13 -2.51 -2.11 -9.32
C ILE A 13 -2.53 -3.38 -10.18
N ALA A 14 -3.46 -3.44 -11.13
CA ALA A 14 -3.63 -4.57 -12.05
C ALA A 14 -2.41 -4.73 -12.97
N THR A 15 -1.52 -3.75 -13.04
CA THR A 15 -0.32 -3.80 -13.85
C THR A 15 0.95 -3.81 -12.99
N ALA A 16 0.82 -3.76 -11.66
CA ALA A 16 1.92 -3.76 -10.71
C ALA A 16 2.39 -5.19 -10.48
N THR A 17 2.78 -5.88 -11.54
CA THR A 17 3.09 -7.29 -11.55
C THR A 17 4.47 -7.64 -10.96
N GLU A 18 4.95 -6.88 -9.98
CA GLU A 18 6.24 -6.99 -9.28
C GLU A 18 6.36 -8.22 -8.36
N GLY A 19 5.71 -9.33 -8.69
CA GLY A 19 5.72 -10.50 -7.83
C GLY A 19 4.63 -10.39 -6.79
N VAL A 20 4.56 -9.24 -6.13
CA VAL A 20 3.76 -9.00 -4.95
C VAL A 20 3.16 -7.60 -5.07
N ILE A 21 1.92 -7.48 -4.59
CA ILE A 21 1.12 -6.28 -4.67
C ILE A 21 0.37 -6.18 -3.35
N ILE A 22 0.19 -4.97 -2.83
CA ILE A 22 -0.56 -4.74 -1.61
C ILE A 22 -1.66 -3.76 -1.98
N ASN A 23 -2.86 -4.00 -1.47
CA ASN A 23 -3.96 -3.06 -1.60
C ASN A 23 -4.67 -2.93 -0.27
N ALA A 24 -5.51 -1.92 -0.11
CA ALA A 24 -6.35 -1.81 1.08
C ALA A 24 -7.37 -2.94 1.09
N ALA A 25 -7.99 -3.16 2.25
CA ALA A 25 -8.90 -4.26 2.49
C ALA A 25 -9.84 -3.86 3.61
N ASN A 26 -9.27 -3.52 4.77
CA ASN A 26 -10.03 -3.16 5.96
C ASN A 26 -10.84 -4.38 6.42
N SER A 27 -11.75 -4.17 7.38
CA SER A 27 -12.64 -5.22 7.84
C SER A 27 -13.50 -5.82 6.74
N LYS A 28 -13.71 -5.07 5.65
CA LYS A 28 -14.57 -5.48 4.54
C LYS A 28 -13.77 -6.18 3.43
N GLY A 29 -12.46 -6.36 3.59
CA GLY A 29 -11.63 -6.99 2.58
C GLY A 29 -11.54 -6.21 1.27
N GLN A 30 -12.05 -4.97 1.23
CA GLN A 30 -12.20 -4.21 0.00
C GLN A 30 -11.08 -3.16 -0.12
N PRO A 31 -10.41 -3.11 -1.27
CA PRO A 31 -9.49 -2.03 -1.59
C PRO A 31 -10.26 -0.74 -1.83
N GLY A 32 -10.42 0.03 -0.76
CA GLY A 32 -11.04 1.35 -0.82
C GLY A 32 -10.24 2.24 -1.77
N GLY A 33 -10.86 2.70 -2.84
CA GLY A 33 -10.20 3.57 -3.81
C GLY A 33 -11.00 3.63 -5.08
N GLY A 34 -11.13 2.50 -5.78
CA GLY A 34 -11.86 2.44 -7.04
C GLY A 34 -11.32 1.31 -7.90
N VAL A 35 -10.00 1.12 -7.91
CA VAL A 35 -9.36 0.06 -8.68
C VAL A 35 -9.74 -1.34 -8.18
N CYS A 36 -10.60 -1.48 -7.17
CA CYS A 36 -11.32 -2.70 -6.89
C CYS A 36 -11.91 -3.31 -8.15
N GLY A 37 -12.52 -2.48 -8.99
CA GLY A 37 -13.17 -2.89 -10.23
C GLY A 37 -12.18 -3.46 -11.25
N ALA A 38 -11.03 -2.81 -11.46
CA ALA A 38 -10.06 -3.31 -12.43
C ALA A 38 -9.46 -4.62 -11.90
N LEU A 39 -9.11 -4.61 -10.62
CA LEU A 39 -8.55 -5.77 -9.95
C LEU A 39 -9.52 -6.93 -9.96
N TYR A 40 -10.82 -6.68 -9.87
CA TYR A 40 -11.86 -7.66 -10.05
C TYR A 40 -11.87 -8.18 -11.48
N LYS A 41 -11.71 -7.30 -12.46
CA LYS A 41 -11.94 -7.65 -13.84
C LYS A 41 -10.80 -8.52 -14.36
N LYS A 42 -9.62 -8.40 -13.75
CA LYS A 42 -8.44 -9.16 -14.15
C LYS A 42 -8.03 -10.21 -13.12
N PHE A 43 -8.36 -9.97 -11.86
CA PHE A 43 -8.04 -10.86 -10.76
C PHE A 43 -9.29 -11.01 -9.86
N PRO A 44 -10.37 -11.62 -10.38
CA PRO A 44 -11.59 -11.84 -9.62
C PRO A 44 -11.41 -12.76 -8.40
N GLU A 45 -10.22 -13.33 -8.21
CA GLU A 45 -9.89 -14.16 -7.06
C GLU A 45 -9.34 -13.32 -5.90
N SER A 46 -8.70 -12.17 -6.16
CA SER A 46 -8.12 -11.38 -5.09
C SER A 46 -9.13 -10.43 -4.48
N PHE A 47 -10.16 -10.00 -5.23
CA PHE A 47 -11.20 -9.14 -4.67
C PHE A 47 -12.23 -9.98 -3.91
N ASP A 48 -11.79 -10.87 -3.05
CA ASP A 48 -12.62 -11.78 -2.29
C ASP A 48 -13.49 -11.02 -1.27
N LEU A 49 -13.06 -9.81 -0.92
CA LEU A 49 -13.68 -8.89 0.03
C LEU A 49 -14.12 -9.62 1.29
N GLN A 50 -13.27 -10.55 1.73
CA GLN A 50 -13.53 -11.35 2.92
C GLN A 50 -13.24 -10.51 4.17
N PRO A 51 -13.80 -10.91 5.32
CA PRO A 51 -13.53 -10.22 6.56
C PRO A 51 -12.07 -10.44 6.95
N ILE A 52 -11.39 -9.37 7.38
CA ILE A 52 -10.02 -9.39 7.83
C ILE A 52 -10.00 -8.65 9.17
N GLU A 53 -8.98 -8.91 9.99
CA GLU A 53 -8.84 -8.30 11.30
C GLU A 53 -8.50 -6.81 11.15
N VAL A 54 -8.26 -6.12 12.26
CA VAL A 54 -8.00 -4.70 12.29
C VAL A 54 -6.67 -4.47 12.96
N GLY A 55 -5.63 -4.50 12.14
CA GLY A 55 -4.24 -4.32 12.51
C GLY A 55 -3.38 -5.26 11.68
N LYS A 56 -3.94 -6.41 11.30
CA LYS A 56 -3.19 -7.45 10.62
C LYS A 56 -3.57 -7.42 9.16
N ALA A 57 -2.57 -7.54 8.29
CA ALA A 57 -2.79 -7.71 6.87
C ALA A 57 -2.75 -9.21 6.56
N ARG A 58 -3.52 -9.65 5.56
CA ARG A 58 -3.61 -11.05 5.18
C ARG A 58 -3.49 -11.10 3.66
N LEU A 59 -2.68 -12.02 3.13
CA LEU A 59 -2.68 -12.25 1.70
C LEU A 59 -3.96 -12.96 1.29
N VAL A 60 -4.39 -12.70 0.05
CA VAL A 60 -5.51 -13.35 -0.58
C VAL A 60 -4.91 -14.22 -1.69
N LYS A 61 -5.23 -15.50 -1.65
CA LYS A 61 -4.64 -16.49 -2.54
C LYS A 61 -5.32 -16.37 -3.90
N GLY A 62 -4.73 -15.63 -4.82
CA GLY A 62 -5.26 -15.49 -6.14
C GLY A 62 -4.55 -16.46 -7.07
N ALA A 63 -5.32 -17.27 -7.79
CA ALA A 63 -4.82 -18.15 -8.83
C ALA A 63 -4.06 -17.35 -9.90
N ALA A 64 -4.61 -16.20 -10.28
CA ALA A 64 -3.99 -15.27 -11.21
C ALA A 64 -2.67 -14.74 -10.63
N LYS A 65 -2.68 -14.27 -9.38
CA LYS A 65 -1.48 -13.91 -8.64
C LYS A 65 -1.85 -13.86 -7.17
N HIS A 66 -0.90 -14.18 -6.28
CA HIS A 66 -1.08 -13.85 -4.87
C HIS A 66 -1.11 -12.33 -4.73
N ILE A 67 -2.01 -11.83 -3.88
CA ILE A 67 -2.14 -10.40 -3.59
C ILE A 67 -2.11 -10.24 -2.07
N ILE A 68 -1.82 -9.06 -1.55
CA ILE A 68 -1.75 -8.80 -0.13
C ILE A 68 -2.83 -7.76 0.19
N HIS A 69 -3.54 -7.93 1.31
CA HIS A 69 -4.66 -7.08 1.65
C HIS A 69 -4.43 -6.54 3.06
N ALA A 70 -4.56 -5.22 3.23
CA ALA A 70 -4.16 -4.51 4.44
C ALA A 70 -5.31 -3.62 4.93
N VAL A 71 -5.40 -3.34 6.22
CA VAL A 71 -6.38 -2.44 6.75
C VAL A 71 -5.79 -1.04 6.65
N GLY A 72 -6.50 -0.15 5.97
CA GLY A 72 -6.15 1.26 5.94
C GLY A 72 -6.76 1.92 7.16
N PRO A 73 -6.04 2.80 7.86
CA PRO A 73 -6.60 3.60 8.93
C PRO A 73 -7.53 4.64 8.31
N ASN A 74 -8.83 4.61 8.62
CA ASN A 74 -9.75 5.53 8.02
C ASN A 74 -9.92 6.64 9.03
N PHE A 75 -9.08 7.68 9.00
CA PHE A 75 -9.21 8.78 9.97
C PHE A 75 -10.60 9.43 9.89
N ASN A 76 -11.34 9.23 8.80
CA ASN A 76 -12.73 9.65 8.72
C ASN A 76 -13.59 9.08 9.85
N LYS A 77 -13.29 7.86 10.32
CA LYS A 77 -14.00 7.20 11.38
C LYS A 77 -13.05 6.67 12.46
N VAL A 78 -11.83 7.21 12.54
CA VAL A 78 -10.86 6.77 13.54
C VAL A 78 -10.08 7.99 14.01
N SER A 79 -9.72 8.05 15.29
CA SER A 79 -8.97 9.18 15.82
C SER A 79 -7.54 9.10 15.27
N GLU A 80 -6.79 10.20 15.35
CA GLU A 80 -5.37 10.17 15.01
C GLU A 80 -4.62 9.16 15.88
N VAL A 81 -5.07 8.92 17.11
CA VAL A 81 -4.36 7.98 17.98
C VAL A 81 -4.50 6.57 17.42
N GLU A 82 -5.72 6.19 17.07
CA GLU A 82 -6.01 4.83 16.64
C GLU A 82 -5.58 4.63 15.19
N GLY A 83 -5.53 5.71 14.42
CA GLY A 83 -5.10 5.68 13.04
C GLY A 83 -3.59 5.75 12.95
N ASP A 84 -2.90 6.34 13.91
CA ASP A 84 -1.45 6.26 14.00
C ASP A 84 -1.08 4.80 14.23
N LYS A 85 -1.70 4.18 15.24
CA LYS A 85 -1.45 2.77 15.51
C LYS A 85 -1.79 1.92 14.30
N GLN A 86 -2.99 2.05 13.74
CA GLN A 86 -3.41 1.22 12.63
C GLN A 86 -2.54 1.49 11.41
N LEU A 87 -2.05 2.72 11.23
CA LEU A 87 -1.13 3.00 10.14
C LEU A 87 0.16 2.21 10.36
N ALA A 88 0.66 2.18 11.59
CA ALA A 88 1.89 1.48 11.92
C ALA A 88 1.67 -0.03 11.94
N GLU A 89 0.46 -0.50 12.21
CA GLU A 89 0.11 -1.90 12.26
C GLU A 89 0.03 -2.42 10.82
N ALA A 90 -0.47 -1.60 9.90
CA ALA A 90 -0.46 -1.92 8.49
C ALA A 90 0.99 -2.02 8.04
N TYR A 91 1.76 -0.96 8.27
CA TYR A 91 3.16 -0.88 7.90
C TYR A 91 4.00 -1.95 8.58
N GLU A 92 3.66 -2.40 9.78
CA GLU A 92 4.48 -3.43 10.43
C GLU A 92 4.04 -4.80 9.95
N SER A 93 2.78 -4.97 9.59
CA SER A 93 2.35 -6.20 8.96
C SER A 93 3.10 -6.34 7.64
N ILE A 94 3.15 -5.27 6.84
CA ILE A 94 3.76 -5.31 5.54
C ILE A 94 5.26 -5.48 5.70
N ALA A 95 5.87 -4.70 6.60
CA ALA A 95 7.33 -4.69 6.77
C ALA A 95 7.80 -6.05 7.28
N LYS A 96 7.14 -6.57 8.32
CA LYS A 96 7.47 -7.90 8.81
C LYS A 96 7.19 -8.92 7.73
N ILE A 97 6.15 -8.77 6.90
CA ILE A 97 5.89 -9.69 5.79
C ILE A 97 7.02 -9.62 4.76
N VAL A 98 7.62 -8.45 4.55
CA VAL A 98 8.70 -8.27 3.59
C VAL A 98 9.90 -9.07 4.07
N ASN A 99 10.14 -9.11 5.38
CA ASN A 99 11.30 -9.81 5.91
C ASN A 99 11.00 -11.29 5.94
N ASP A 100 9.77 -11.64 6.32
CA ASP A 100 9.31 -13.01 6.50
C ASP A 100 9.42 -13.74 5.17
N ASN A 101 9.01 -13.06 4.11
CA ASN A 101 9.06 -13.63 2.77
C ASN A 101 10.38 -13.31 2.07
N ASN A 102 11.24 -12.53 2.72
CA ASN A 102 12.58 -12.18 2.30
C ASN A 102 12.59 -11.51 0.93
N TYR A 103 11.67 -10.58 0.72
CA TYR A 103 11.55 -9.85 -0.53
C TYR A 103 12.61 -8.78 -0.67
N LYS A 104 13.15 -8.63 -1.88
CA LYS A 104 14.13 -7.64 -2.23
C LYS A 104 13.51 -6.45 -2.96
N SER A 105 12.30 -6.57 -3.51
CA SER A 105 11.57 -5.43 -4.06
C SER A 105 10.09 -5.80 -4.14
N VAL A 106 9.17 -4.87 -3.90
CA VAL A 106 7.72 -5.13 -3.91
C VAL A 106 7.00 -3.85 -4.32
N ALA A 107 5.87 -3.98 -5.02
CA ALA A 107 5.02 -2.87 -5.42
C ALA A 107 4.02 -2.54 -4.32
N ILE A 108 4.33 -1.50 -3.54
CA ILE A 108 3.60 -1.05 -2.37
C ILE A 108 2.97 0.32 -2.72
N PRO A 109 1.64 0.47 -2.72
CA PRO A 109 1.01 1.74 -3.03
C PRO A 109 1.03 2.67 -1.82
N LEU A 110 0.37 3.82 -1.96
CA LEU A 110 0.23 4.83 -0.94
C LEU A 110 -1.22 4.78 -0.49
N LEU A 111 -1.49 5.26 0.71
CA LEU A 111 -2.83 5.32 1.26
C LEU A 111 -3.04 6.76 1.76
N SER A 112 -3.97 6.97 2.68
CA SER A 112 -4.35 8.24 3.27
C SER A 112 -4.28 9.43 2.29
N THR A 113 -5.13 9.39 1.27
CA THR A 113 -5.11 10.35 0.17
C THR A 113 -6.55 10.70 -0.21
N GLY A 114 -7.28 11.33 0.71
CA GLY A 114 -8.66 11.75 0.43
C GLY A 114 -9.58 10.56 0.13
N ILE A 115 -9.49 9.52 0.96
CA ILE A 115 -10.31 8.33 0.83
C ILE A 115 -10.53 7.75 2.23
N PHE A 116 -9.46 7.28 2.88
CA PHE A 116 -9.55 6.68 4.22
C PHE A 116 -9.66 7.78 5.26
N SER A 117 -8.82 8.81 5.13
CA SER A 117 -8.84 9.96 6.01
C SER A 117 -10.10 10.81 5.79
N GLY A 118 -10.85 10.56 4.72
CA GLY A 118 -11.97 11.41 4.34
C GLY A 118 -11.41 12.67 3.68
N ASN A 119 -11.10 13.68 4.49
CA ASN A 119 -10.75 15.02 4.02
C ASN A 119 -9.46 15.52 4.66
N LYS A 120 -8.50 14.61 4.88
CA LYS A 120 -7.17 14.97 5.33
C LYS A 120 -6.16 13.94 4.81
N ASP A 121 -4.94 14.01 5.35
CA ASP A 121 -3.74 13.31 4.89
C ASP A 121 -3.38 13.66 3.45
N ARG A 122 -2.17 13.31 3.03
CA ARG A 122 -1.77 13.38 1.63
C ARG A 122 -0.78 12.27 1.33
N LEU A 123 -0.45 12.13 0.04
CA LEU A 123 0.47 11.10 -0.41
C LEU A 123 1.84 11.34 0.12
N THR A 124 2.23 12.61 0.25
CA THR A 124 3.48 13.01 0.87
C THR A 124 3.62 12.38 2.24
N GLN A 125 2.51 12.23 2.97
CA GLN A 125 2.59 11.64 4.29
C GLN A 125 2.69 10.13 4.18
N SER A 126 1.80 9.50 3.41
CA SER A 126 1.81 8.04 3.29
C SER A 126 3.16 7.54 2.76
N LEU A 127 3.76 8.31 1.86
CA LEU A 127 5.08 8.12 1.30
C LEU A 127 6.12 8.23 2.38
N ASN A 128 6.01 9.24 3.22
CA ASN A 128 6.99 9.45 4.27
C ASN A 128 7.03 8.23 5.17
N HIS A 129 5.85 7.76 5.55
CA HIS A 129 5.74 6.67 6.50
C HIS A 129 6.14 5.37 5.83
N LEU A 130 5.88 5.26 4.52
CA LEU A 130 6.21 4.09 3.74
C LEU A 130 7.72 3.94 3.66
N LEU A 131 8.43 5.02 3.30
CA LEU A 131 9.88 5.01 3.24
C LEU A 131 10.45 4.86 4.64
N THR A 132 9.76 5.30 5.67
CA THR A 132 10.27 5.07 7.02
C THR A 132 10.23 3.58 7.32
N ALA A 133 9.11 2.93 6.99
CA ALA A 133 8.99 1.51 7.25
C ALA A 133 9.99 0.72 6.42
N LEU A 134 10.16 1.10 5.14
CA LEU A 134 11.04 0.37 4.24
C LEU A 134 12.48 0.88 4.34
N ASP A 135 12.74 1.93 5.11
CA ASP A 135 14.12 2.30 5.44
C ASP A 135 14.68 1.25 6.38
N THR A 136 13.83 0.65 7.22
CA THR A 136 14.22 -0.48 8.05
C THR A 136 14.69 -1.69 7.23
N THR A 137 14.50 -1.70 5.90
CA THR A 137 14.93 -2.78 5.04
C THR A 137 15.80 -2.26 3.89
N ASP A 138 17.02 -2.73 3.80
CA ASP A 138 17.97 -2.47 2.71
C ASP A 138 17.66 -3.36 1.49
N ALA A 139 16.38 -3.59 1.21
CA ALA A 139 15.90 -4.38 0.09
C ALA A 139 15.79 -3.47 -1.14
N ASP A 140 14.60 -2.90 -1.35
CA ASP A 140 14.24 -1.92 -2.35
C ASP A 140 12.81 -1.50 -2.02
N VAL A 141 12.32 -0.42 -2.59
CA VAL A 141 10.92 -0.06 -2.46
C VAL A 141 10.41 0.35 -3.84
N ALA A 142 9.33 -0.26 -4.31
CA ALA A 142 8.76 0.10 -5.60
C ALA A 142 7.39 0.65 -5.30
N ILE A 143 7.08 1.87 -5.71
CA ILE A 143 5.79 2.47 -5.46
C ILE A 143 5.13 2.60 -6.82
N TYR A 144 3.83 2.34 -6.92
CA TYR A 144 3.08 2.50 -8.16
C TYR A 144 1.87 3.38 -7.90
N CYS A 145 1.55 4.25 -8.84
CA CYS A 145 0.28 4.94 -8.98
C CYS A 145 0.23 5.52 -10.40
N ARG A 146 -0.98 5.81 -10.89
CA ARG A 146 -1.16 6.74 -12.00
C ARG A 146 -1.32 8.14 -11.43
N ASP A 147 -0.85 9.18 -12.14
CA ASP A 147 -1.11 10.60 -11.85
C ASP A 147 -0.18 11.52 -12.65
N LYS A 148 1.07 11.09 -12.82
CA LYS A 148 2.15 11.87 -13.41
C LYS A 148 2.63 13.06 -12.57
N LYS A 149 1.76 13.94 -12.08
CA LYS A 149 2.23 14.92 -11.09
C LYS A 149 2.87 14.22 -9.90
N TRP A 150 2.45 12.99 -9.58
CA TRP A 150 3.03 12.28 -8.47
C TRP A 150 4.47 11.90 -8.77
N GLU A 151 4.82 11.56 -10.01
CA GLU A 151 6.20 11.16 -10.29
C GLU A 151 7.07 12.41 -10.30
N MET A 152 6.53 13.57 -10.67
CA MET A 152 7.29 14.80 -10.56
C MET A 152 7.65 15.02 -9.10
N THR A 153 6.64 15.10 -8.24
CA THR A 153 6.86 15.43 -6.85
C THR A 153 7.72 14.38 -6.16
N LEU A 154 7.47 13.11 -6.44
CA LEU A 154 8.25 12.02 -5.90
C LEU A 154 9.67 12.10 -6.41
N LYS A 155 9.91 12.49 -7.66
CA LYS A 155 11.30 12.55 -8.12
C LYS A 155 12.00 13.72 -7.46
N GLU A 156 11.28 14.79 -7.15
CA GLU A 156 11.84 15.99 -6.54
C GLU A 156 12.31 15.60 -5.13
N ALA A 157 11.44 14.92 -4.39
CA ALA A 157 11.73 14.50 -3.02
C ALA A 157 12.76 13.40 -2.98
N VAL A 158 12.75 12.47 -3.94
CA VAL A 158 13.77 11.47 -4.05
C VAL A 158 15.09 12.16 -4.44
N ALA A 159 15.03 13.26 -5.17
CA ALA A 159 16.24 13.97 -5.60
C ALA A 159 16.80 14.85 -4.48
N ARG A 160 15.96 15.22 -3.52
CA ARG A 160 16.39 15.87 -2.30
C ARG A 160 16.73 14.88 -1.18
N ARG A 161 16.27 13.63 -1.29
CA ARG A 161 16.60 12.60 -0.31
C ARG A 161 18.09 12.26 -0.35
N GLU A 162 18.74 12.33 -1.50
CA GLU A 162 20.14 11.98 -1.68
C GLU A 162 20.71 12.88 -2.78
N ALA A 3 16.74 1.27 3.28
CA ALA A 3 16.44 1.38 1.84
C ALA A 3 17.58 2.08 1.12
N PRO A 4 17.98 1.62 -0.08
CA PRO A 4 19.03 2.25 -0.86
C PRO A 4 18.48 3.44 -1.65
N SER A 5 17.58 3.19 -2.60
CA SER A 5 16.99 4.23 -3.42
C SER A 5 15.55 3.84 -3.71
N TYR A 6 14.86 4.60 -4.57
CA TYR A 6 13.42 4.53 -4.73
C TYR A 6 13.10 4.60 -6.21
N HIS A 7 12.13 3.84 -6.70
CA HIS A 7 11.77 3.84 -8.11
C HIS A 7 10.25 3.92 -8.28
N VAL A 8 9.78 5.04 -8.82
CA VAL A 8 8.36 5.22 -9.12
C VAL A 8 8.07 4.71 -10.53
N VAL A 9 6.91 4.10 -10.70
CA VAL A 9 6.45 3.59 -11.98
C VAL A 9 5.00 4.06 -12.14
N ARG A 10 4.59 4.23 -13.38
CA ARG A 10 3.32 4.82 -13.73
C ARG A 10 2.44 3.71 -14.29
N GLY A 11 1.47 3.26 -13.51
CA GLY A 11 0.59 2.20 -13.91
C GLY A 11 -0.43 1.98 -12.81
N ASP A 12 -0.97 0.78 -12.78
CA ASP A 12 -2.08 0.40 -11.93
C ASP A 12 -1.65 -0.76 -11.05
N ILE A 13 -2.41 -0.99 -10.00
CA ILE A 13 -2.23 -2.13 -9.11
C ILE A 13 -2.33 -3.44 -9.89
N ALA A 14 -3.23 -3.50 -10.87
CA ALA A 14 -3.45 -4.69 -11.67
C ALA A 14 -2.31 -4.93 -12.67
N THR A 15 -1.33 -4.03 -12.73
CA THR A 15 -0.11 -4.19 -13.52
C THR A 15 1.12 -4.20 -12.60
N ALA A 16 0.92 -4.20 -11.28
CA ALA A 16 1.98 -4.25 -10.30
C ALA A 16 2.35 -5.71 -10.07
N THR A 17 2.72 -6.45 -11.11
CA THR A 17 2.97 -7.88 -11.00
C THR A 17 4.37 -8.17 -10.45
N GLU A 18 4.78 -7.51 -9.35
CA GLU A 18 6.09 -7.64 -8.71
C GLU A 18 6.12 -8.84 -7.76
N GLY A 19 5.50 -9.94 -8.16
CA GLY A 19 5.40 -11.14 -7.34
C GLY A 19 4.31 -11.02 -6.28
N VAL A 20 4.22 -9.86 -5.63
CA VAL A 20 3.40 -9.55 -4.48
C VAL A 20 2.87 -8.13 -4.67
N ILE A 21 1.71 -7.83 -4.07
CA ILE A 21 1.03 -6.54 -4.16
C ILE A 21 0.42 -6.25 -2.80
N ILE A 22 0.18 -4.99 -2.46
CA ILE A 22 -0.36 -4.60 -1.18
C ILE A 22 -1.51 -3.63 -1.43
N ASN A 23 -2.67 -3.90 -0.86
CA ASN A 23 -3.82 -3.00 -0.91
C ASN A 23 -4.41 -2.87 0.49
N ALA A 24 -4.87 -1.67 0.87
CA ALA A 24 -5.64 -1.52 2.09
C ALA A 24 -7.05 -2.06 1.85
N ALA A 25 -7.23 -3.38 1.96
CA ALA A 25 -8.52 -4.05 1.94
C ALA A 25 -9.43 -3.54 3.05
N ASN A 26 -8.85 -3.18 4.20
CA ASN A 26 -9.62 -2.78 5.38
C ASN A 26 -10.51 -3.93 5.86
N SER A 27 -11.31 -3.66 6.88
CA SER A 27 -12.29 -4.62 7.35
C SER A 27 -13.35 -4.93 6.30
N LYS A 28 -13.46 -4.11 5.25
CA LYS A 28 -14.46 -4.23 4.20
C LYS A 28 -13.98 -5.11 3.05
N GLY A 29 -12.70 -5.49 3.03
CA GLY A 29 -12.17 -6.30 1.93
C GLY A 29 -11.98 -5.51 0.63
N GLN A 30 -12.06 -4.17 0.66
CA GLN A 30 -11.89 -3.33 -0.52
C GLN A 30 -11.01 -2.11 -0.24
N PRO A 31 -10.14 -1.74 -1.19
CA PRO A 31 -9.33 -0.54 -1.17
C PRO A 31 -10.21 0.70 -1.28
N GLY A 32 -10.20 1.52 -0.21
CA GLY A 32 -10.96 2.75 -0.10
C GLY A 32 -10.70 3.71 -1.27
N GLY A 33 -11.50 3.57 -2.33
CA GLY A 33 -11.40 4.35 -3.54
C GLY A 33 -12.36 3.75 -4.57
N GLY A 34 -12.01 2.58 -5.11
CA GLY A 34 -12.86 1.84 -6.03
C GLY A 34 -12.05 1.02 -7.04
N VAL A 35 -10.89 0.49 -6.63
CA VAL A 35 -9.97 -0.15 -7.55
C VAL A 35 -10.46 -1.53 -7.98
N CYS A 36 -11.57 -2.02 -7.43
CA CYS A 36 -12.29 -3.14 -8.01
C CYS A 36 -12.51 -2.94 -9.51
N GLY A 37 -12.88 -1.74 -9.92
CA GLY A 37 -13.09 -1.38 -11.32
C GLY A 37 -12.01 -1.94 -12.25
N ALA A 38 -10.73 -1.74 -11.90
CA ALA A 38 -9.61 -2.25 -12.66
C ALA A 38 -9.22 -3.66 -12.21
N LEU A 39 -8.92 -3.83 -10.92
CA LEU A 39 -8.37 -5.09 -10.42
C LEU A 39 -9.31 -6.26 -10.72
N TYR A 40 -10.61 -6.14 -10.47
CA TYR A 40 -11.59 -7.17 -10.81
C TYR A 40 -11.63 -7.40 -12.32
N LYS A 41 -11.41 -6.36 -13.12
CA LYS A 41 -11.48 -6.44 -14.57
C LYS A 41 -10.24 -7.12 -15.12
N LYS A 42 -9.12 -7.07 -14.41
CA LYS A 42 -7.90 -7.73 -14.83
C LYS A 42 -7.88 -9.15 -14.28
N PHE A 43 -8.31 -9.34 -13.04
CA PHE A 43 -8.29 -10.58 -12.30
C PHE A 43 -9.00 -10.45 -10.94
N PRO A 44 -10.27 -10.85 -10.83
CA PRO A 44 -10.95 -10.89 -9.55
C PRO A 44 -10.45 -12.03 -8.67
N GLU A 45 -9.57 -12.90 -9.17
CA GLU A 45 -9.08 -14.06 -8.43
C GLU A 45 -8.19 -13.64 -7.27
N SER A 46 -7.81 -12.36 -7.20
CA SER A 46 -7.06 -11.86 -6.06
C SER A 46 -7.92 -10.89 -5.26
N PHE A 47 -9.24 -11.05 -5.31
CA PHE A 47 -10.19 -10.23 -4.58
C PHE A 47 -11.16 -11.17 -3.85
N ASP A 48 -10.72 -11.65 -2.70
CA ASP A 48 -11.51 -12.55 -1.85
C ASP A 48 -12.61 -11.76 -1.14
N LEU A 49 -12.39 -10.44 -0.97
CA LEU A 49 -13.35 -9.48 -0.44
C LEU A 49 -13.85 -9.89 0.95
N GLN A 50 -13.07 -10.70 1.66
CA GLN A 50 -13.43 -11.15 2.99
C GLN A 50 -13.20 -10.02 3.99
N PRO A 51 -13.91 -10.06 5.12
CA PRO A 51 -13.66 -9.16 6.21
C PRO A 51 -12.29 -9.49 6.83
N ILE A 52 -11.58 -8.47 7.28
CA ILE A 52 -10.28 -8.59 7.90
C ILE A 52 -10.36 -7.82 9.22
N GLU A 53 -9.47 -8.12 10.16
CA GLU A 53 -9.40 -7.44 11.43
C GLU A 53 -8.90 -6.00 11.24
N VAL A 54 -8.52 -5.33 12.31
CA VAL A 54 -8.15 -3.93 12.25
C VAL A 54 -6.75 -3.78 12.80
N GLY A 55 -5.79 -3.62 11.87
CA GLY A 55 -4.36 -3.57 12.15
C GLY A 55 -3.66 -4.72 11.44
N LYS A 56 -4.32 -5.88 11.37
CA LYS A 56 -3.69 -7.06 10.80
C LYS A 56 -3.85 -7.02 9.30
N ALA A 57 -2.79 -7.46 8.61
CA ALA A 57 -2.83 -7.75 7.19
C ALA A 57 -2.85 -9.26 7.01
N ARG A 58 -3.62 -9.76 6.04
CA ARG A 58 -3.69 -11.17 5.70
C ARG A 58 -3.39 -11.29 4.21
N LEU A 59 -2.49 -12.18 3.81
CA LEU A 59 -2.24 -12.46 2.40
C LEU A 59 -3.43 -13.20 1.81
N VAL A 60 -3.65 -13.05 0.50
CA VAL A 60 -4.69 -13.74 -0.22
C VAL A 60 -4.02 -14.50 -1.37
N LYS A 61 -4.31 -15.80 -1.46
CA LYS A 61 -3.78 -16.64 -2.52
C LYS A 61 -4.69 -16.42 -3.72
N GLY A 62 -4.24 -15.67 -4.72
CA GLY A 62 -4.92 -15.57 -5.98
C GLY A 62 -4.30 -16.61 -6.89
N ALA A 63 -5.12 -17.24 -7.72
CA ALA A 63 -4.62 -18.16 -8.74
C ALA A 63 -3.76 -17.40 -9.75
N ALA A 64 -4.13 -16.15 -10.02
CA ALA A 64 -3.34 -15.27 -10.88
C ALA A 64 -1.98 -14.96 -10.24
N LYS A 65 -1.97 -14.48 -8.98
CA LYS A 65 -0.74 -14.16 -8.29
C LYS A 65 -1.01 -14.05 -6.78
N HIS A 66 0.04 -13.83 -5.98
CA HIS A 66 -0.09 -13.68 -4.54
C HIS A 66 -0.26 -12.19 -4.22
N ILE A 67 -1.24 -11.84 -3.39
CA ILE A 67 -1.55 -10.45 -3.07
C ILE A 67 -1.62 -10.34 -1.55
N ILE A 68 -1.54 -9.14 -0.99
CA ILE A 68 -1.55 -8.91 0.44
C ILE A 68 -2.65 -7.90 0.72
N HIS A 69 -3.50 -8.22 1.70
CA HIS A 69 -4.61 -7.37 2.08
C HIS A 69 -4.30 -6.80 3.46
N ALA A 70 -3.97 -5.52 3.50
CA ALA A 70 -3.72 -4.80 4.73
C ALA A 70 -4.99 -4.04 5.11
N VAL A 71 -5.05 -3.49 6.31
CA VAL A 71 -6.10 -2.60 6.71
C VAL A 71 -5.46 -1.24 6.91
N GLY A 72 -5.88 -0.28 6.09
CA GLY A 72 -5.43 1.09 6.24
C GLY A 72 -6.26 1.74 7.34
N PRO A 73 -5.68 2.68 8.08
CA PRO A 73 -6.42 3.50 9.01
C PRO A 73 -7.23 4.52 8.22
N ASN A 74 -8.42 4.85 8.73
CA ASN A 74 -9.27 5.83 8.10
C ASN A 74 -9.44 6.93 9.14
N PHE A 75 -8.62 7.98 9.10
CA PHE A 75 -8.74 9.06 10.07
C PHE A 75 -10.15 9.68 10.06
N ASN A 76 -10.91 9.45 9.00
CA ASN A 76 -12.30 9.88 8.91
C ASN A 76 -13.13 9.39 10.10
N LYS A 77 -12.80 8.20 10.60
CA LYS A 77 -13.49 7.58 11.73
C LYS A 77 -12.49 7.06 12.75
N VAL A 78 -11.26 7.58 12.76
CA VAL A 78 -10.25 7.14 13.71
C VAL A 78 -9.42 8.36 14.11
N SER A 79 -9.10 8.51 15.40
CA SER A 79 -8.33 9.65 15.87
C SER A 79 -6.89 9.46 15.42
N GLU A 80 -6.11 10.55 15.35
CA GLU A 80 -4.68 10.53 15.04
C GLU A 80 -3.93 9.49 15.87
N VAL A 81 -4.33 9.28 17.12
CA VAL A 81 -3.62 8.34 17.99
C VAL A 81 -3.84 6.92 17.48
N GLU A 82 -5.09 6.60 17.15
CA GLU A 82 -5.43 5.26 16.74
C GLU A 82 -5.01 5.03 15.29
N GLY A 83 -4.88 6.09 14.50
CA GLY A 83 -4.46 5.99 13.13
C GLY A 83 -2.95 5.89 13.02
N ASP A 84 -2.20 6.48 13.95
CA ASP A 84 -0.76 6.28 14.00
C ASP A 84 -0.49 4.81 14.31
N LYS A 85 -1.14 4.28 15.35
CA LYS A 85 -0.97 2.88 15.70
C LYS A 85 -1.40 2.00 14.55
N GLN A 86 -2.60 2.21 14.00
CA GLN A 86 -3.12 1.34 12.95
C GLN A 86 -2.27 1.47 11.70
N LEU A 87 -1.73 2.65 11.42
CA LEU A 87 -0.84 2.79 10.26
C LEU A 87 0.39 1.92 10.50
N ALA A 88 0.91 1.96 11.72
CA ALA A 88 2.10 1.19 12.07
C ALA A 88 1.76 -0.29 12.21
N GLU A 89 0.53 -0.66 12.52
CA GLU A 89 0.11 -2.05 12.63
C GLU A 89 0.06 -2.63 11.23
N ALA A 90 -0.44 -1.87 10.27
CA ALA A 90 -0.50 -2.31 8.89
C ALA A 90 0.93 -2.52 8.41
N TYR A 91 1.76 -1.50 8.57
CA TYR A 91 3.15 -1.50 8.21
C TYR A 91 3.97 -2.49 9.01
N GLU A 92 3.58 -2.89 10.22
CA GLU A 92 4.27 -3.93 10.98
C GLU A 92 3.93 -5.28 10.39
N SER A 93 2.66 -5.48 10.08
CA SER A 93 2.22 -6.73 9.49
C SER A 93 2.97 -6.89 8.17
N ILE A 94 3.13 -5.81 7.39
CA ILE A 94 3.81 -5.87 6.11
C ILE A 94 5.32 -6.01 6.33
N ALA A 95 5.90 -5.32 7.31
CA ALA A 95 7.34 -5.25 7.52
C ALA A 95 7.87 -6.60 8.01
N LYS A 96 7.15 -7.23 8.94
CA LYS A 96 7.49 -8.57 9.34
C LYS A 96 7.22 -9.51 8.18
N ILE A 97 6.12 -9.36 7.44
CA ILE A 97 5.90 -10.19 6.25
C ILE A 97 7.00 -9.98 5.21
N VAL A 98 7.66 -8.83 5.17
CA VAL A 98 8.74 -8.53 4.25
C VAL A 98 9.91 -9.44 4.55
N ASN A 99 10.14 -9.74 5.83
CA ASN A 99 11.24 -10.61 6.22
C ASN A 99 10.79 -12.06 6.10
N ASP A 100 9.53 -12.33 6.44
CA ASP A 100 8.97 -13.67 6.52
C ASP A 100 8.98 -14.31 5.14
N ASN A 101 8.54 -13.55 4.14
CA ASN A 101 8.53 -13.99 2.75
C ASN A 101 9.89 -13.72 2.09
N ASN A 102 10.84 -13.12 2.82
CA ASN A 102 12.19 -12.78 2.38
C ASN A 102 12.14 -11.88 1.13
N TYR A 103 11.17 -10.97 1.09
CA TYR A 103 10.86 -10.08 -0.02
C TYR A 103 10.64 -8.65 0.47
N LYS A 104 11.38 -7.72 -0.11
CA LYS A 104 11.49 -6.36 0.34
C LYS A 104 11.21 -5.38 -0.79
N SER A 105 11.79 -5.68 -1.95
CA SER A 105 11.57 -4.89 -3.15
C SER A 105 10.23 -5.33 -3.72
N VAL A 106 9.25 -4.43 -3.75
CA VAL A 106 7.91 -4.69 -4.28
C VAL A 106 7.37 -3.41 -4.87
N ALA A 107 6.19 -3.49 -5.48
CA ALA A 107 5.37 -2.34 -5.83
C ALA A 107 4.37 -2.10 -4.71
N ILE A 108 4.40 -0.92 -4.08
CA ILE A 108 3.47 -0.51 -3.03
C ILE A 108 2.78 0.78 -3.49
N PRO A 109 1.45 0.82 -3.49
CA PRO A 109 0.68 2.00 -3.88
C PRO A 109 0.61 3.00 -2.72
N LEU A 110 0.04 4.18 -2.98
CA LEU A 110 -0.01 5.28 -2.05
C LEU A 110 -1.34 5.29 -1.30
N LEU A 111 -1.33 4.85 -0.05
CA LEU A 111 -2.54 4.71 0.75
C LEU A 111 -2.92 6.08 1.35
N SER A 112 -3.90 6.09 2.27
CA SER A 112 -4.43 7.27 2.94
C SER A 112 -4.82 8.43 2.01
N THR A 113 -5.25 8.12 0.80
CA THR A 113 -5.60 9.13 -0.19
C THR A 113 -7.09 8.97 -0.50
N GLY A 114 -7.44 7.97 -1.33
CA GLY A 114 -8.77 7.71 -1.87
C GLY A 114 -9.91 8.16 -0.95
N ILE A 115 -10.24 7.35 0.06
CA ILE A 115 -11.19 7.74 1.09
C ILE A 115 -10.78 7.09 2.41
N PHE A 116 -9.74 7.63 3.06
CA PHE A 116 -9.25 7.12 4.32
C PHE A 116 -9.39 8.21 5.38
N SER A 117 -8.61 9.29 5.24
CA SER A 117 -8.60 10.38 6.19
C SER A 117 -9.91 11.17 6.15
N GLY A 118 -10.51 11.33 4.98
CA GLY A 118 -11.76 12.07 4.81
C GLY A 118 -11.47 13.56 4.80
N ASN A 119 -11.20 14.12 3.62
CA ASN A 119 -10.89 15.54 3.44
C ASN A 119 -9.72 15.99 4.33
N LYS A 120 -8.71 15.15 4.47
CA LYS A 120 -7.45 15.49 5.13
C LYS A 120 -6.39 14.48 4.70
N ASP A 121 -5.19 14.60 5.29
CA ASP A 121 -4.01 13.77 5.01
C ASP A 121 -3.70 13.76 3.50
N ARG A 122 -2.82 12.88 3.00
CA ARG A 122 -2.41 12.88 1.60
C ARG A 122 -1.36 11.80 1.34
N LEU A 123 -0.91 11.69 0.09
CA LEU A 123 0.04 10.66 -0.29
C LEU A 123 1.37 10.92 0.34
N THR A 124 1.80 12.17 0.43
CA THR A 124 3.01 12.60 1.08
C THR A 124 3.10 12.03 2.50
N GLN A 125 1.96 11.85 3.16
CA GLN A 125 1.99 11.31 4.50
C GLN A 125 2.16 9.80 4.39
N SER A 126 1.32 9.14 3.59
CA SER A 126 1.31 7.69 3.55
C SER A 126 2.63 7.15 3.01
N LEU A 127 3.26 7.91 2.10
CA LEU A 127 4.54 7.64 1.50
C LEU A 127 5.62 7.76 2.54
N ASN A 128 5.50 8.74 3.44
CA ASN A 128 6.49 8.88 4.48
C ASN A 128 6.54 7.60 5.29
N HIS A 129 5.37 7.12 5.68
CA HIS A 129 5.28 5.93 6.51
C HIS A 129 5.63 4.68 5.69
N LEU A 130 5.38 4.71 4.38
CA LEU A 130 5.72 3.64 3.46
C LEU A 130 7.22 3.48 3.42
N LEU A 131 7.93 4.59 3.21
CA LEU A 131 9.37 4.61 3.14
C LEU A 131 9.95 4.33 4.51
N THR A 132 9.23 4.58 5.60
CA THR A 132 9.72 4.17 6.90
C THR A 132 9.68 2.65 6.99
N ALA A 133 8.55 2.06 6.62
CA ALA A 133 8.42 0.61 6.72
C ALA A 133 9.41 -0.09 5.81
N LEU A 134 9.63 0.46 4.63
CA LEU A 134 10.53 -0.12 3.65
C LEU A 134 11.97 0.36 3.88
N ASP A 135 12.20 1.36 4.74
CA ASP A 135 13.58 1.70 5.10
C ASP A 135 14.22 0.54 5.85
N THR A 136 13.39 -0.20 6.59
CA THR A 136 13.77 -1.44 7.28
C THR A 136 14.34 -2.50 6.32
N THR A 137 14.31 -2.27 5.00
CA THR A 137 14.94 -3.14 4.03
C THR A 137 15.90 -2.32 3.17
N ASP A 138 17.05 -2.88 2.82
CA ASP A 138 18.10 -2.25 2.05
C ASP A 138 18.26 -2.94 0.69
N ALA A 139 17.14 -3.14 -0.01
CA ALA A 139 17.13 -3.78 -1.32
C ALA A 139 16.70 -2.78 -2.40
N ASP A 140 15.43 -2.41 -2.43
CA ASP A 140 14.89 -1.33 -3.25
C ASP A 140 13.47 -1.07 -2.78
N VAL A 141 12.86 0.05 -3.14
CA VAL A 141 11.44 0.29 -2.92
C VAL A 141 10.83 0.82 -4.21
N ALA A 142 9.79 0.16 -4.73
CA ALA A 142 9.13 0.60 -5.94
C ALA A 142 7.70 1.00 -5.63
N ILE A 143 7.18 2.01 -6.33
CA ILE A 143 5.87 2.58 -6.09
C ILE A 143 5.20 2.61 -7.45
N TYR A 144 3.90 2.32 -7.52
CA TYR A 144 3.14 2.19 -8.76
C TYR A 144 1.84 2.96 -8.59
N CYS A 145 1.76 4.16 -9.15
CA CYS A 145 0.55 4.97 -9.11
C CYS A 145 0.51 5.87 -10.33
N ARG A 146 -0.42 5.59 -11.25
CA ARG A 146 -0.79 6.51 -12.33
C ARG A 146 -1.25 7.84 -11.74
N ASP A 147 -0.67 8.95 -12.20
CA ASP A 147 -1.25 10.29 -12.00
C ASP A 147 -0.41 11.34 -12.73
N LYS A 148 0.89 11.09 -12.84
CA LYS A 148 1.91 11.93 -13.46
C LYS A 148 2.27 13.12 -12.60
N LYS A 149 1.31 13.90 -12.10
CA LYS A 149 1.65 14.89 -11.08
C LYS A 149 2.18 14.21 -9.83
N TRP A 150 1.69 13.01 -9.51
CA TRP A 150 2.15 12.31 -8.32
C TRP A 150 3.54 11.78 -8.57
N GLU A 151 3.78 11.34 -9.80
CA GLU A 151 5.07 10.77 -10.18
C GLU A 151 6.12 11.88 -10.10
N MET A 152 5.73 13.09 -10.51
CA MET A 152 6.60 14.26 -10.48
C MET A 152 6.95 14.56 -9.03
N THR A 153 5.95 14.76 -8.18
CA THR A 153 6.16 15.22 -6.83
C THR A 153 6.99 14.22 -6.06
N LEU A 154 6.69 12.93 -6.21
CA LEU A 154 7.44 11.91 -5.52
C LEU A 154 8.89 11.92 -6.00
N LYS A 155 9.14 12.21 -7.28
CA LYS A 155 10.53 12.33 -7.73
C LYS A 155 11.16 13.62 -7.18
N GLU A 156 10.40 14.68 -6.96
CA GLU A 156 10.91 15.96 -6.47
C GLU A 156 11.41 15.75 -5.05
N ALA A 157 10.61 15.07 -4.24
CA ALA A 157 10.94 14.78 -2.85
C ALA A 157 12.04 13.74 -2.78
N VAL A 158 12.04 12.74 -3.66
CA VAL A 158 13.12 11.79 -3.75
C VAL A 158 14.40 12.51 -4.18
N ALA A 159 14.30 13.61 -4.91
CA ALA A 159 15.48 14.34 -5.30
C ALA A 159 15.99 15.12 -4.10
N ARG A 160 15.11 15.85 -3.42
CA ARG A 160 15.43 16.66 -2.26
C ARG A 160 15.75 15.80 -1.04
N ARG A 161 15.50 14.49 -1.09
CA ARG A 161 15.96 13.55 -0.07
C ARG A 161 17.49 13.47 -0.07
N GLU A 162 18.14 13.63 -1.22
CA GLU A 162 19.58 13.55 -1.34
C GLU A 162 20.17 14.94 -1.10
N ALA A 3 18.56 -0.35 2.42
CA ALA A 3 17.82 0.74 1.78
C ALA A 3 18.68 1.44 0.74
N PRO A 4 18.68 1.02 -0.54
CA PRO A 4 19.55 1.59 -1.55
C PRO A 4 18.98 2.88 -2.15
N SER A 5 17.83 2.82 -2.82
CA SER A 5 17.23 4.02 -3.39
C SER A 5 15.72 3.78 -3.52
N TYR A 6 15.00 4.67 -4.18
CA TYR A 6 13.55 4.64 -4.25
C TYR A 6 13.16 4.93 -5.70
N HIS A 7 12.17 4.21 -6.23
CA HIS A 7 11.76 4.39 -7.61
C HIS A 7 10.24 4.49 -7.65
N VAL A 8 9.69 5.33 -8.52
CA VAL A 8 8.25 5.46 -8.71
C VAL A 8 7.92 5.13 -10.16
N VAL A 9 6.85 4.37 -10.38
CA VAL A 9 6.35 4.03 -11.68
C VAL A 9 4.89 4.47 -11.77
N ARG A 10 4.54 5.09 -12.89
CA ARG A 10 3.17 5.45 -13.19
C ARG A 10 2.54 4.26 -13.92
N GLY A 11 1.79 3.43 -13.20
CA GLY A 11 1.04 2.35 -13.79
C GLY A 11 -0.21 2.16 -12.95
N ASP A 12 -0.87 1.02 -13.15
CA ASP A 12 -2.12 0.71 -12.49
C ASP A 12 -1.93 -0.52 -11.61
N ILE A 13 -2.86 -0.69 -10.68
CA ILE A 13 -2.80 -1.78 -9.71
C ILE A 13 -2.97 -3.12 -10.42
N ALA A 14 -3.84 -3.17 -11.41
CA ALA A 14 -4.08 -4.39 -12.18
C ALA A 14 -2.92 -4.72 -13.12
N THR A 15 -1.88 -3.87 -13.16
CA THR A 15 -0.67 -4.10 -13.92
C THR A 15 0.56 -4.13 -13.01
N ALA A 16 0.37 -4.07 -11.69
CA ALA A 16 1.46 -3.98 -10.72
C ALA A 16 1.96 -5.38 -10.39
N THR A 17 2.45 -6.10 -11.39
CA THR A 17 2.92 -7.46 -11.21
C THR A 17 4.35 -7.51 -10.65
N GLU A 18 4.64 -6.75 -9.60
CA GLU A 18 5.96 -6.61 -8.96
C GLU A 18 6.21 -7.74 -7.96
N GLY A 19 5.82 -8.95 -8.33
CA GLY A 19 5.75 -10.05 -7.38
C GLY A 19 4.48 -9.92 -6.53
N VAL A 20 4.21 -8.74 -5.97
CA VAL A 20 3.16 -8.51 -5.00
C VAL A 20 2.54 -7.15 -5.26
N ILE A 21 1.34 -7.00 -4.73
CA ILE A 21 0.50 -5.81 -4.76
C ILE A 21 0.04 -5.64 -3.32
N ILE A 22 -0.21 -4.42 -2.86
CA ILE A 22 -0.81 -4.18 -1.56
C ILE A 22 -2.05 -3.33 -1.84
N ASN A 23 -3.17 -3.70 -1.23
CA ASN A 23 -4.41 -2.96 -1.38
C ASN A 23 -5.04 -2.74 -0.01
N ALA A 24 -5.58 -1.54 0.21
CA ALA A 24 -6.29 -1.17 1.43
C ALA A 24 -7.66 -1.85 1.44
N ALA A 25 -7.66 -3.11 1.82
CA ALA A 25 -8.79 -4.03 1.89
C ALA A 25 -9.71 -3.63 3.04
N ASN A 26 -9.13 -3.27 4.19
CA ASN A 26 -9.88 -2.76 5.33
C ASN A 26 -10.69 -3.89 5.94
N SER A 27 -11.53 -3.56 6.91
CA SER A 27 -12.40 -4.57 7.49
C SER A 27 -13.38 -5.14 6.45
N LYS A 28 -13.54 -4.49 5.29
CA LYS A 28 -14.43 -4.93 4.23
C LYS A 28 -13.73 -5.84 3.21
N GLY A 29 -12.40 -5.98 3.28
CA GLY A 29 -11.64 -6.76 2.33
C GLY A 29 -11.56 -6.10 0.93
N GLN A 30 -12.04 -4.87 0.76
CA GLN A 30 -12.24 -4.27 -0.55
C GLN A 30 -11.38 -3.01 -0.68
N PRO A 31 -10.53 -2.90 -1.70
CA PRO A 31 -9.71 -1.72 -1.92
C PRO A 31 -10.55 -0.46 -2.10
N GLY A 32 -10.48 0.42 -1.11
CA GLY A 32 -11.17 1.69 -1.11
C GLY A 32 -10.54 2.62 -2.15
N GLY A 33 -11.12 2.68 -3.34
CA GLY A 33 -10.63 3.54 -4.40
C GLY A 33 -11.46 3.35 -5.67
N GLY A 34 -11.69 2.10 -6.06
CA GLY A 34 -12.41 1.78 -7.28
C GLY A 34 -11.76 0.60 -7.98
N VAL A 35 -10.43 0.52 -7.93
CA VAL A 35 -9.66 -0.51 -8.61
C VAL A 35 -9.98 -1.93 -8.14
N CYS A 36 -10.77 -2.11 -7.07
CA CYS A 36 -11.38 -3.38 -6.75
C CYS A 36 -11.94 -4.04 -8.00
N GLY A 37 -12.69 -3.27 -8.79
CA GLY A 37 -13.32 -3.76 -10.01
C GLY A 37 -12.30 -4.29 -11.01
N ALA A 38 -11.26 -3.49 -11.32
CA ALA A 38 -10.26 -3.88 -12.31
C ALA A 38 -9.55 -5.14 -11.85
N LEU A 39 -9.12 -5.12 -10.58
CA LEU A 39 -8.41 -6.21 -9.98
C LEU A 39 -9.28 -7.46 -9.95
N TYR A 40 -10.59 -7.36 -9.76
CA TYR A 40 -11.45 -8.54 -9.83
C TYR A 40 -11.69 -8.95 -11.28
N LYS A 41 -11.60 -8.03 -12.26
CA LYS A 41 -11.89 -8.37 -13.63
C LYS A 41 -10.73 -9.15 -14.24
N LYS A 42 -9.51 -8.91 -13.74
CA LYS A 42 -8.31 -9.57 -14.23
C LYS A 42 -7.78 -10.62 -13.24
N PHE A 43 -8.06 -10.41 -11.96
CA PHE A 43 -7.65 -11.25 -10.84
C PHE A 43 -8.87 -11.47 -9.91
N PRO A 44 -9.92 -12.17 -10.37
CA PRO A 44 -11.03 -12.57 -9.51
C PRO A 44 -10.60 -13.61 -8.47
N GLU A 45 -9.35 -14.05 -8.52
CA GLU A 45 -8.77 -14.94 -7.53
C GLU A 45 -8.48 -14.18 -6.23
N SER A 46 -8.39 -12.85 -6.29
CA SER A 46 -8.17 -12.00 -5.13
C SER A 46 -9.47 -11.32 -4.69
N PHE A 47 -10.61 -12.01 -4.80
CA PHE A 47 -11.91 -11.63 -4.28
C PHE A 47 -11.94 -11.83 -2.75
N ASP A 48 -10.94 -11.31 -2.04
CA ASP A 48 -10.79 -11.32 -0.59
C ASP A 48 -11.48 -10.08 -0.04
N LEU A 49 -12.67 -9.78 -0.57
CA LEU A 49 -13.63 -8.85 -0.01
C LEU A 49 -14.42 -9.51 1.12
N GLN A 50 -13.77 -10.44 1.84
CA GLN A 50 -14.29 -10.96 3.08
C GLN A 50 -13.96 -10.00 4.23
N PRO A 51 -14.62 -10.16 5.39
CA PRO A 51 -14.36 -9.31 6.53
C PRO A 51 -12.98 -9.62 7.11
N ILE A 52 -12.02 -8.71 6.96
CA ILE A 52 -10.72 -8.81 7.60
C ILE A 52 -10.83 -8.11 8.96
N GLU A 53 -9.84 -8.37 9.82
CA GLU A 53 -9.75 -7.83 11.17
C GLU A 53 -9.46 -6.33 11.12
N VAL A 54 -8.95 -5.73 12.19
CA VAL A 54 -8.60 -4.32 12.20
C VAL A 54 -7.26 -4.23 12.93
N GLY A 55 -6.20 -3.83 12.23
CA GLY A 55 -4.86 -3.75 12.79
C GLY A 55 -3.98 -4.90 12.31
N LYS A 56 -4.48 -5.72 11.38
CA LYS A 56 -3.75 -6.83 10.83
C LYS A 56 -3.94 -6.80 9.32
N ALA A 57 -2.89 -7.09 8.56
CA ALA A 57 -3.03 -7.36 7.13
C ALA A 57 -3.10 -8.87 6.92
N ARG A 58 -3.85 -9.33 5.92
CA ARG A 58 -3.86 -10.72 5.53
C ARG A 58 -3.54 -10.83 4.05
N LEU A 59 -2.54 -11.61 3.69
CA LEU A 59 -2.25 -11.86 2.28
C LEU A 59 -3.31 -12.80 1.69
N VAL A 60 -3.52 -12.72 0.38
CA VAL A 60 -4.57 -13.45 -0.31
C VAL A 60 -3.89 -14.22 -1.43
N LYS A 61 -3.97 -15.55 -1.38
CA LYS A 61 -3.29 -16.38 -2.36
C LYS A 61 -4.22 -16.59 -3.53
N GLY A 62 -4.26 -15.64 -4.45
CA GLY A 62 -5.05 -15.76 -5.66
C GLY A 62 -4.19 -16.46 -6.70
N ALA A 63 -4.76 -17.47 -7.35
CA ALA A 63 -4.08 -18.23 -8.39
C ALA A 63 -3.65 -17.33 -9.56
N ALA A 64 -4.33 -16.19 -9.76
CA ALA A 64 -3.94 -15.24 -10.77
C ALA A 64 -2.56 -14.67 -10.43
N LYS A 65 -2.39 -14.09 -9.24
CA LYS A 65 -1.11 -13.74 -8.66
C LYS A 65 -1.27 -13.47 -7.17
N HIS A 66 -0.17 -13.57 -6.40
CA HIS A 66 -0.19 -13.35 -4.96
C HIS A 66 -0.45 -11.88 -4.64
N ILE A 67 -1.53 -11.57 -3.91
CA ILE A 67 -1.93 -10.19 -3.68
C ILE A 67 -2.12 -10.00 -2.19
N ILE A 68 -1.47 -9.00 -1.60
CA ILE A 68 -1.55 -8.78 -0.18
C ILE A 68 -2.65 -7.76 0.06
N HIS A 69 -3.40 -7.97 1.14
CA HIS A 69 -4.50 -7.14 1.54
C HIS A 69 -4.19 -6.65 2.95
N ALA A 70 -4.41 -5.36 3.18
CA ALA A 70 -4.07 -4.72 4.44
C ALA A 70 -5.26 -3.89 4.87
N VAL A 71 -5.46 -3.75 6.17
CA VAL A 71 -6.59 -3.06 6.69
C VAL A 71 -6.20 -1.59 6.76
N GLY A 72 -6.94 -0.75 6.04
CA GLY A 72 -6.79 0.70 6.01
C GLY A 72 -8.13 1.38 6.31
N PRO A 73 -8.49 1.55 7.59
CA PRO A 73 -9.68 2.27 7.99
C PRO A 73 -9.51 3.74 7.65
N ASN A 74 -10.46 4.57 8.06
CA ASN A 74 -10.66 5.88 7.48
C ASN A 74 -10.72 6.88 8.61
N PHE A 75 -9.66 7.68 8.78
CA PHE A 75 -9.60 8.71 9.81
C PHE A 75 -10.80 9.65 9.74
N ASN A 76 -11.49 9.72 8.60
CA ASN A 76 -12.74 10.46 8.48
C ASN A 76 -13.73 10.13 9.61
N LYS A 77 -13.73 8.88 10.08
CA LYS A 77 -14.49 8.42 11.25
C LYS A 77 -13.61 7.67 12.26
N VAL A 78 -12.29 7.82 12.20
CA VAL A 78 -11.37 7.15 13.14
C VAL A 78 -10.50 8.21 13.80
N SER A 79 -10.31 8.14 15.11
CA SER A 79 -9.52 9.10 15.85
C SER A 79 -8.08 8.93 15.40
N GLU A 80 -7.31 10.02 15.39
CA GLU A 80 -5.90 9.97 15.02
C GLU A 80 -5.13 9.00 15.91
N VAL A 81 -5.62 8.77 17.13
CA VAL A 81 -4.96 7.85 18.04
C VAL A 81 -5.05 6.45 17.45
N GLU A 82 -6.25 6.06 17.01
CA GLU A 82 -6.39 4.69 16.56
C GLU A 82 -5.77 4.57 15.19
N GLY A 83 -5.91 5.57 14.32
CA GLY A 83 -5.29 5.53 13.01
C GLY A 83 -3.78 5.65 13.05
N ASP A 84 -3.20 6.22 14.09
CA ASP A 84 -1.75 6.21 14.28
C ASP A 84 -1.31 4.76 14.44
N LYS A 85 -1.90 4.09 15.43
CA LYS A 85 -1.47 2.72 15.72
C LYS A 85 -1.81 1.83 14.56
N GLN A 86 -2.97 1.99 13.94
CA GLN A 86 -3.38 1.17 12.82
C GLN A 86 -2.41 1.40 11.68
N LEU A 87 -1.98 2.66 11.45
CA LEU A 87 -1.09 2.94 10.33
C LEU A 87 0.22 2.21 10.57
N ALA A 88 0.70 2.19 11.81
CA ALA A 88 1.93 1.49 12.13
C ALA A 88 1.71 -0.02 12.10
N GLU A 89 0.53 -0.51 12.42
CA GLU A 89 0.21 -1.92 12.47
C GLU A 89 0.10 -2.49 11.06
N ALA A 90 -0.45 -1.69 10.15
CA ALA A 90 -0.55 -2.04 8.75
C ALA A 90 0.87 -2.08 8.19
N TYR A 91 1.63 -1.02 8.44
CA TYR A 91 3.00 -0.86 7.98
C TYR A 91 3.90 -1.92 8.61
N GLU A 92 3.63 -2.38 9.82
CA GLU A 92 4.39 -3.46 10.45
C GLU A 92 3.96 -4.79 9.87
N SER A 93 2.69 -4.97 9.55
CA SER A 93 2.26 -6.20 8.91
C SER A 93 2.96 -6.29 7.55
N ILE A 94 3.00 -5.19 6.81
CA ILE A 94 3.55 -5.18 5.46
C ILE A 94 5.06 -5.37 5.58
N ALA A 95 5.71 -4.61 6.46
CA ALA A 95 7.17 -4.59 6.56
C ALA A 95 7.66 -5.94 7.01
N LYS A 96 7.04 -6.50 8.04
CA LYS A 96 7.38 -7.83 8.50
C LYS A 96 7.11 -8.81 7.37
N ILE A 97 6.01 -8.69 6.63
CA ILE A 97 5.74 -9.63 5.54
C ILE A 97 6.81 -9.52 4.46
N VAL A 98 7.33 -8.32 4.21
CA VAL A 98 8.31 -8.07 3.18
C VAL A 98 9.61 -8.78 3.56
N ASN A 99 9.96 -8.78 4.84
CA ASN A 99 11.20 -9.38 5.29
C ASN A 99 11.02 -10.90 5.36
N ASP A 100 9.84 -11.34 5.77
CA ASP A 100 9.46 -12.73 5.99
C ASP A 100 9.46 -13.45 4.65
N ASN A 101 8.98 -12.77 3.60
CA ASN A 101 9.01 -13.29 2.25
C ASN A 101 10.32 -12.91 1.56
N ASN A 102 11.08 -12.02 2.19
CA ASN A 102 12.40 -11.61 1.80
C ASN A 102 12.40 -11.03 0.39
N TYR A 103 11.44 -10.16 0.10
CA TYR A 103 11.34 -9.56 -1.23
C TYR A 103 12.55 -8.70 -1.56
N LYS A 104 12.94 -8.76 -2.84
CA LYS A 104 14.03 -7.98 -3.40
C LYS A 104 13.52 -6.62 -3.86
N SER A 105 12.28 -6.58 -4.33
CA SER A 105 11.58 -5.35 -4.61
C SER A 105 10.10 -5.71 -4.57
N VAL A 106 9.25 -4.76 -4.25
CA VAL A 106 7.83 -4.89 -4.39
C VAL A 106 7.27 -3.51 -4.65
N ALA A 107 6.09 -3.44 -5.28
CA ALA A 107 5.46 -2.16 -5.52
C ALA A 107 4.64 -1.83 -4.28
N ILE A 108 4.86 -0.66 -3.69
CA ILE A 108 4.09 -0.15 -2.57
C ILE A 108 3.21 1.01 -3.03
N PRO A 109 1.94 1.04 -2.63
CA PRO A 109 1.06 2.15 -2.92
C PRO A 109 1.26 3.20 -1.82
N LEU A 110 0.34 4.15 -1.70
CA LEU A 110 0.25 5.00 -0.52
C LEU A 110 -1.20 4.99 -0.08
N LEU A 111 -1.41 5.03 1.23
CA LEU A 111 -2.72 5.09 1.85
C LEU A 111 -2.80 6.44 2.54
N SER A 112 -3.98 6.80 3.08
CA SER A 112 -4.25 8.14 3.58
C SER A 112 -3.73 9.21 2.61
N THR A 113 -4.06 9.04 1.34
CA THR A 113 -4.02 10.04 0.31
C THR A 113 -5.01 9.60 -0.76
N GLY A 114 -6.29 9.65 -0.43
CA GLY A 114 -7.33 9.13 -1.30
C GLY A 114 -8.67 9.37 -0.66
N ILE A 115 -9.26 8.34 -0.07
CA ILE A 115 -10.57 8.46 0.57
C ILE A 115 -10.54 7.75 1.93
N PHE A 116 -9.54 8.10 2.75
CA PHE A 116 -9.34 7.52 4.07
C PHE A 116 -9.54 8.60 5.14
N SER A 117 -8.72 9.65 5.12
CA SER A 117 -8.88 10.74 6.07
C SER A 117 -10.16 11.55 5.82
N GLY A 118 -10.63 11.60 4.58
CA GLY A 118 -11.67 12.52 4.20
C GLY A 118 -11.00 13.83 3.82
N ASN A 119 -10.49 14.58 4.82
CA ASN A 119 -9.78 15.81 4.55
C ASN A 119 -8.85 16.13 5.72
N LYS A 120 -7.56 15.78 5.57
CA LYS A 120 -6.40 15.99 6.46
C LYS A 120 -5.48 14.77 6.37
N ASP A 121 -4.87 14.54 5.20
CA ASP A 121 -3.81 13.56 5.05
C ASP A 121 -2.92 13.98 3.89
N ARG A 122 -1.71 13.42 3.76
CA ARG A 122 -0.74 13.82 2.75
C ARG A 122 0.23 12.68 2.45
N LEU A 123 0.74 12.66 1.22
CA LEU A 123 1.60 11.57 0.78
C LEU A 123 2.94 11.74 1.44
N THR A 124 3.45 12.95 1.56
CA THR A 124 4.72 13.25 2.16
C THR A 124 4.81 12.74 3.60
N GLN A 125 3.66 12.49 4.24
CA GLN A 125 3.66 11.84 5.54
C GLN A 125 3.64 10.33 5.36
N SER A 126 2.68 9.81 4.59
CA SER A 126 2.50 8.37 4.51
C SER A 126 3.73 7.68 3.93
N LEU A 127 4.39 8.30 2.95
CA LEU A 127 5.61 7.86 2.32
C LEU A 127 6.75 7.96 3.31
N ASN A 128 6.77 8.99 4.15
CA ASN A 128 7.78 9.10 5.18
C ASN A 128 7.78 7.84 6.02
N HIS A 129 6.59 7.47 6.51
CA HIS A 129 6.45 6.34 7.41
C HIS A 129 6.67 5.05 6.64
N LEU A 130 6.35 5.02 5.35
CA LEU A 130 6.35 3.80 4.59
C LEU A 130 7.76 3.44 4.20
N LEU A 131 8.58 4.46 3.91
CA LEU A 131 10.00 4.31 3.68
C LEU A 131 10.70 4.03 4.99
N THR A 132 10.20 4.51 6.12
CA THR A 132 10.81 4.16 7.39
C THR A 132 10.61 2.67 7.66
N ALA A 133 9.41 2.17 7.39
CA ALA A 133 9.13 0.75 7.46
C ALA A 133 9.99 -0.02 6.45
N LEU A 134 10.11 0.47 5.23
CA LEU A 134 10.82 -0.24 4.18
C LEU A 134 12.33 -0.02 4.29
N ASP A 135 12.77 0.89 5.15
CA ASP A 135 14.19 1.06 5.45
C ASP A 135 14.69 -0.14 6.25
N THR A 136 13.78 -0.92 6.84
CA THR A 136 14.09 -2.19 7.46
C THR A 136 14.51 -3.26 6.42
N THR A 137 14.31 -3.00 5.13
CA THR A 137 14.78 -3.88 4.06
C THR A 137 16.13 -3.40 3.56
N ASP A 138 16.76 -4.18 2.68
CA ASP A 138 18.01 -3.79 2.08
C ASP A 138 18.10 -4.29 0.66
N ALA A 139 17.05 -4.02 -0.12
CA ALA A 139 16.94 -4.55 -1.47
C ALA A 139 16.57 -3.47 -2.49
N ASP A 140 15.38 -2.89 -2.41
CA ASP A 140 14.96 -1.70 -3.16
C ASP A 140 13.55 -1.33 -2.68
N VAL A 141 13.03 -0.16 -3.06
CA VAL A 141 11.63 0.15 -2.88
C VAL A 141 11.06 0.75 -4.17
N ALA A 142 10.08 0.07 -4.78
CA ALA A 142 9.36 0.60 -5.91
C ALA A 142 8.00 1.08 -5.42
N ILE A 143 7.45 2.14 -6.00
CA ILE A 143 6.19 2.73 -5.63
C ILE A 143 5.37 2.82 -6.92
N TYR A 144 4.06 2.61 -6.86
CA TYR A 144 3.17 2.56 -8.01
C TYR A 144 1.91 3.33 -7.70
N CYS A 145 1.54 4.27 -8.58
CA CYS A 145 0.17 4.75 -8.64
C CYS A 145 -0.06 5.42 -9.99
N ARG A 146 -1.33 5.51 -10.37
CA ARG A 146 -1.80 6.23 -11.55
C ARG A 146 -2.02 7.69 -11.16
N ASP A 147 -1.33 8.62 -11.82
CA ASP A 147 -1.58 10.05 -11.65
C ASP A 147 -0.67 10.89 -12.56
N LYS A 148 0.56 10.43 -12.77
CA LYS A 148 1.65 11.14 -13.44
C LYS A 148 2.17 12.33 -12.62
N LYS A 149 1.33 13.30 -12.25
CA LYS A 149 1.76 14.36 -11.34
C LYS A 149 2.43 13.77 -10.11
N TRP A 150 1.99 12.59 -9.66
CA TRP A 150 2.52 12.04 -8.42
C TRP A 150 3.95 11.56 -8.60
N GLU A 151 4.29 11.08 -9.79
CA GLU A 151 5.62 10.55 -10.00
C GLU A 151 6.57 11.70 -10.26
N MET A 152 6.07 12.80 -10.83
CA MET A 152 6.89 13.98 -10.99
C MET A 152 7.27 14.46 -9.60
N THR A 153 6.29 14.81 -8.78
CA THR A 153 6.55 15.38 -7.47
C THR A 153 7.34 14.42 -6.59
N LEU A 154 7.01 13.14 -6.63
CA LEU A 154 7.76 12.16 -5.85
C LEU A 154 9.18 12.06 -6.37
N LYS A 155 9.43 12.19 -7.68
CA LYS A 155 10.80 12.15 -8.18
C LYS A 155 11.53 13.41 -7.75
N GLU A 156 10.83 14.54 -7.69
CA GLU A 156 11.41 15.83 -7.36
C GLU A 156 11.86 15.82 -5.90
N ALA A 157 11.04 15.20 -5.04
CA ALA A 157 11.32 15.09 -3.61
C ALA A 157 12.31 13.97 -3.34
N VAL A 158 12.28 12.88 -4.11
CA VAL A 158 13.30 11.86 -4.02
C VAL A 158 14.63 12.47 -4.42
N ALA A 159 14.64 13.42 -5.34
CA ALA A 159 15.88 14.09 -5.74
C ALA A 159 16.34 14.98 -4.60
N ARG A 160 15.43 15.80 -4.07
CA ARG A 160 15.72 16.65 -2.92
C ARG A 160 15.97 15.86 -1.63
N ARG A 161 15.70 14.55 -1.61
CA ARG A 161 16.07 13.71 -0.48
C ARG A 161 17.55 13.35 -0.49
N GLU A 162 18.25 13.49 -1.61
CA GLU A 162 19.70 13.27 -1.66
C GLU A 162 20.41 14.36 -0.86
#